data_7CYC
#
_entry.id   7CYC
#
_cell.length_a   1.00
_cell.length_b   1.00
_cell.length_c   1.00
_cell.angle_alpha   90.00
_cell.angle_beta   90.00
_cell.angle_gamma   90.00
#
_symmetry.space_group_name_H-M   'P 1'
#
loop_
_entity.id
_entity.type
_entity.pdbx_description
1 polymer 'Spike glycoprotein'
2 branched alpha-D-mannopyranose-(1-2)-alpha-D-mannopyranose-(1-3)-[alpha-D-mannopyranose-(1-2)-alpha-D-mannopyranose-(1-6)]beta-D-mannopyranose-(1-4)-2-acetamido-2-deoxy-beta-D-glucopyranose-(1-4)-2-acetamido-2-deoxy-beta-D-glucopyranose
3 branched beta-D-mannopyranose-(1-4)-2-acetamido-2-deoxy-beta-D-glucopyranose-(1-4)-2-acetamido-2-deoxy-beta-D-glucopyranose
4 branched 2-acetamido-2-deoxy-beta-D-glucopyranose-(1-4)-2-acetamido-2-deoxy-beta-D-glucopyranose
5 non-polymer 2-acetamido-2-deoxy-beta-D-glucopyranose
#
_entity_poly.entity_id   1
_entity_poly.type   'polypeptide(L)'
_entity_poly.pdbx_seq_one_letter_code
;MFVLLVAYALLHIAGCQTTNGLNTSYSVCNGCVGYSENVFAVESGGYIPSDFAFNNWFLLTNTSSVVDGVVRSFQPLLLN
CLWSVSGLRFTTGFVYFNGTGRGDCKGFSSDVLSDVIRYNLNFEENLRRGTILFKTSYGVVVFYCTNNTLVSGDAHIPFG
TVLGNFYCFVNTTIGNETTSAFVGALPKTVREFVISRTGHFYINGYRYFTLGNVEAVNFNVTTAETTDFCTVALASYADV
LVNVSQTSIANIIYCNSVINRLRCDQLSFDVPDGFYSTSPIQSVELPVSIVSLPVYHKHTFIVLYVDFKPQSGGGKCFNC
YPAGVNITLANFNETKGPLCVDTSHFTTKYVAVYANVGRWSASINTGNCPFSFGKVNNFVKFGSVCFSLKDIPGGCAMPI
VANWAYSKYYTIGSLYVSWSDGDGITGVPQPVEGVSSFMNVTLDKCTKYNIYDVSGVGVIRVSNDTFLNGITYTSTSGNL
LGFKDVTKGTIYSITPCNPPDQLVVYQQAVVGAMLSENFTSYGFSNVVELPKFFYASNGTYNCTDAVLTYSSFGVCADGS
IIAVQPRNVSYDSVSAIVTANLSIPSNWTTSVQVEYLQITSTPIVVDCSTYVCNGNVRCVELLKQYTSACKTIEDALRNS
AMLESADVSEMLTFDKKAFTLANVSSFGDYNLSSVIPSLPRSGSRVAGRSAIEDILFSKLVTSGLGTVDADYKKCTKGLS
IADLACAQYYNGIMVLPGVADAERMAMYTGSLIGGIALGGLTSAASIPFSLAIQSRLNYVALQTDVLQENQKILAASFNK
AMTNIVDAFTGVNDAITQTSQALQTVATALNKIQDVVNQQGNSLNHLTSQLRQNFQAISSSIQAIYDRLDIIQADQQVDR
LITGRLAALNVFVSHTLTKYTEVRASRQLAQQKVNECVKSQSKRYGFCGNGTHIFSLVNAAPEGLVFLHTVLLPTQYKDV
EAWSGLCVDGRNGYVLRQPNLALYKEGNYYRITSRIMFEPRIPTIADFVQIENCNVTFVNISRSELQTIVPEYIDVNKTL
QELSYKLPNYTVPDLVVEQYNQTILNLTSEISTLENKSAELNYTVQKLQTLIDNINSTLVDLKWLNRVETYIKWPW
;
_entity_poly.pdbx_strand_id   A,B,C
#
loop_
_chem_comp.id
_chem_comp.type
_chem_comp.name
_chem_comp.formula
BMA D-saccharide, beta linking beta-D-mannopyranose 'C6 H12 O6'
MAN D-saccharide, alpha linking alpha-D-mannopyranose 'C6 H12 O6'
NAG D-saccharide, beta linking 2-acetamido-2-deoxy-beta-D-glucopyranose 'C8 H15 N O6'
#
# COMPACT_ATOMS: atom_id res chain seq x y z
N ILE A 48 43.26 -4.20 18.80
CA ILE A 48 43.14 -3.76 20.18
C ILE A 48 42.63 -4.90 21.05
N PRO A 49 43.31 -5.12 22.18
CA PRO A 49 42.93 -6.23 23.05
C PRO A 49 41.55 -6.02 23.65
N SER A 50 40.82 -7.12 23.80
CA SER A 50 39.51 -7.08 24.40
C SER A 50 39.60 -6.79 25.89
N ASP A 51 38.50 -6.28 26.45
CA ASP A 51 38.29 -5.97 27.86
C ASP A 51 38.90 -4.62 28.23
N PHE A 52 39.40 -3.88 27.26
CA PHE A 52 39.98 -2.57 27.55
C PHE A 52 38.87 -1.61 27.98
N ALA A 53 39.08 -0.92 29.10
CA ALA A 53 38.08 -0.02 29.63
C ALA A 53 37.87 1.18 28.71
N PHE A 54 38.97 1.81 28.29
CA PHE A 54 38.98 2.99 27.41
C PHE A 54 37.97 4.05 27.84
N ASN A 55 37.96 4.34 29.13
CA ASN A 55 37.04 5.33 29.67
C ASN A 55 37.28 6.71 29.05
N ASN A 56 38.55 7.09 28.90
CA ASN A 56 38.86 8.39 28.30
C ASN A 56 38.48 8.42 26.83
N TRP A 57 38.81 7.34 26.12
CA TRP A 57 38.57 7.19 24.70
C TRP A 57 37.14 7.61 24.33
N PHE A 58 37.00 8.35 23.24
CA PHE A 58 35.71 8.92 22.83
C PHE A 58 35.42 8.61 21.37
N LEU A 59 34.15 8.78 21.01
CA LEU A 59 33.72 8.77 19.62
C LEU A 59 34.09 10.08 18.93
N LEU A 60 33.92 10.12 17.61
CA LEU A 60 34.07 11.33 16.82
C LEU A 60 32.84 11.53 15.96
N THR A 61 32.22 12.70 16.08
CA THR A 61 31.01 12.97 15.31
C THR A 61 30.95 14.45 14.93
N ASN A 62 30.75 14.73 13.64
CA ASN A 62 30.49 16.12 13.25
C ASN A 62 29.13 16.58 13.74
N THR A 63 28.12 15.74 13.59
CA THR A 63 26.76 16.03 13.96
C THR A 63 26.47 15.58 15.38
N SER A 64 25.21 15.76 15.80
CA SER A 64 24.79 15.43 17.15
C SER A 64 25.09 13.98 17.50
N SER A 65 25.61 13.76 18.70
CA SER A 65 25.99 12.44 19.15
C SER A 65 24.78 11.61 19.52
N VAL A 66 24.83 10.32 19.17
CA VAL A 66 23.82 9.38 19.64
C VAL A 66 24.15 8.95 21.06
N VAL A 67 23.14 8.44 21.75
CA VAL A 67 23.29 7.98 23.13
C VAL A 67 22.73 6.56 23.23
N ASP A 68 23.49 5.67 23.88
CA ASP A 68 23.05 4.32 24.23
C ASP A 68 22.48 3.53 23.06
N GLY A 69 23.25 3.48 21.97
CA GLY A 69 22.85 2.78 20.78
C GLY A 69 23.95 1.90 20.22
N VAL A 70 23.58 1.08 19.25
CA VAL A 70 24.53 0.22 18.54
C VAL A 70 24.72 0.81 17.16
N VAL A 71 25.96 1.16 16.82
CA VAL A 71 26.23 1.82 15.55
C VAL A 71 27.54 1.33 14.95
N ARG A 72 27.52 0.95 13.68
CA ARG A 72 28.74 0.67 12.93
C ARG A 72 29.19 1.92 12.18
N SER A 73 30.49 2.21 12.23
CA SER A 73 31.02 3.41 11.61
C SER A 73 32.53 3.27 11.37
N PHE A 74 33.09 4.32 10.77
CA PHE A 74 34.53 4.43 10.51
C PHE A 74 35.20 5.21 11.63
N GLN A 75 36.18 4.59 12.27
CA GLN A 75 36.90 5.26 13.33
C GLN A 75 38.40 5.06 13.16
N PRO A 76 39.21 5.97 13.68
CA PRO A 76 40.67 5.84 13.68
C PRO A 76 41.16 4.98 14.83
N LEU A 77 41.10 3.67 14.65
CA LEU A 77 41.32 2.78 15.78
C LEU A 77 42.52 1.82 15.65
N LEU A 78 43.40 2.11 14.68
CA LEU A 78 44.60 1.28 14.42
C LEU A 78 45.52 1.39 15.64
N LEU A 79 45.96 0.25 16.18
CA LEU A 79 46.84 0.28 17.39
C LEU A 79 48.14 1.02 17.03
N ASN A 80 48.73 0.72 15.88
CA ASN A 80 49.99 1.39 15.45
C ASN A 80 51.02 1.25 16.56
N CYS A 81 51.66 2.36 16.95
CA CYS A 81 52.62 2.36 18.08
C CYS A 81 51.81 2.15 19.36
N LEU A 82 52.20 1.20 20.21
CA LEU A 82 51.45 0.87 21.45
C LEU A 82 51.16 2.14 22.26
N TRP A 83 52.22 2.80 22.73
CA TRP A 83 52.13 4.02 23.52
C TRP A 83 52.67 5.21 22.76
N SER A 84 53.99 5.23 22.57
CA SER A 84 54.77 6.20 21.84
C SER A 84 54.94 7.48 22.63
N VAL A 85 54.44 7.56 23.87
CA VAL A 85 54.53 8.80 24.63
C VAL A 85 54.92 8.55 26.08
N SER A 86 55.33 7.34 26.42
CA SER A 86 55.60 7.03 27.82
C SER A 86 56.64 7.99 28.41
N GLY A 87 56.30 8.56 29.57
CA GLY A 87 57.16 9.53 30.23
C GLY A 87 57.18 10.90 29.58
N LEU A 88 56.12 11.26 28.87
CA LEU A 88 55.97 12.54 28.17
C LEU A 88 56.44 13.74 28.99
N ARG A 89 57.28 14.56 28.37
CA ARG A 89 57.88 15.76 28.95
C ARG A 89 57.59 16.92 27.99
N PHE A 90 57.97 18.13 28.38
CA PHE A 90 57.66 19.30 27.55
C PHE A 90 58.34 19.20 26.19
N THR A 91 59.55 18.66 26.13
CA THR A 91 60.25 18.52 24.85
C THR A 91 59.79 17.23 24.18
N THR A 92 58.53 17.22 23.76
CA THR A 92 57.96 16.04 23.13
C THR A 92 58.45 15.83 21.72
N GLY A 93 59.02 16.87 21.11
CA GLY A 93 59.56 16.75 19.74
C GLY A 93 58.47 16.82 18.68
N PHE A 94 58.87 16.72 17.41
CA PHE A 94 57.90 16.81 16.29
C PHE A 94 57.73 15.42 15.67
N VAL A 95 56.50 14.92 15.63
CA VAL A 95 56.24 13.62 14.96
C VAL A 95 55.39 13.92 13.72
N TYR A 96 55.76 13.40 12.56
CA TYR A 96 55.00 13.75 11.34
C TYR A 96 54.45 12.49 10.69
N PHE A 97 53.37 11.93 11.23
CA PHE A 97 52.75 10.76 10.58
C PHE A 97 53.85 9.78 10.16
N ASN A 98 54.78 9.49 11.06
CA ASN A 98 55.87 8.52 10.79
C ASN A 98 55.99 7.60 11.99
N GLY A 99 56.86 6.60 11.90
CA GLY A 99 57.09 5.69 13.03
C GLY A 99 58.04 6.35 14.00
N THR A 100 58.39 7.62 13.75
CA THR A 100 59.39 8.31 14.59
C THR A 100 58.72 8.74 15.89
N GLY A 101 58.23 7.77 16.68
CA GLY A 101 57.63 8.06 17.98
C GLY A 101 58.44 7.39 19.06
N ARG A 102 58.87 8.15 20.07
CA ARG A 102 59.76 7.58 21.12
C ARG A 102 58.92 6.74 22.08
N GLY A 103 58.55 5.55 21.64
CA GLY A 103 57.72 4.67 22.46
C GLY A 103 57.78 3.23 22.02
N ASP A 104 57.14 2.39 22.83
CA ASP A 104 57.06 0.95 22.58
C ASP A 104 55.90 0.71 21.63
N CYS A 105 56.22 0.53 20.35
CA CYS A 105 55.20 0.22 19.36
C CYS A 105 54.59 -1.16 19.58
N LYS A 106 55.36 -2.11 20.12
CA LYS A 106 55.02 -3.50 20.44
C LYS A 106 55.14 -4.39 19.20
N GLY A 107 55.56 -3.84 18.06
CA GLY A 107 55.79 -4.64 16.88
C GLY A 107 54.56 -5.06 16.11
N PHE A 108 53.38 -4.73 16.60
CA PHE A 108 52.15 -4.97 15.85
C PHE A 108 51.90 -3.79 14.93
N SER A 109 52.71 -2.74 15.09
CA SER A 109 52.57 -1.49 14.29
C SER A 109 53.33 -1.62 12.95
N SER A 110 52.62 -1.43 11.84
CA SER A 110 53.23 -1.51 10.49
C SER A 110 54.28 -0.39 10.34
N ASP A 111 53.96 0.81 10.85
CA ASP A 111 54.80 2.04 10.85
C ASP A 111 54.82 2.70 9.47
N VAL A 112 53.92 2.30 8.57
CA VAL A 112 53.85 2.87 7.19
C VAL A 112 53.40 4.33 7.28
N LEU A 113 52.18 4.57 7.79
CA LEU A 113 51.65 5.92 7.92
C LEU A 113 50.52 5.86 8.93
N SER A 114 50.21 7.02 9.52
CA SER A 114 49.10 7.16 10.45
C SER A 114 48.21 8.28 9.96
N ASP A 115 46.94 7.98 9.73
CA ASP A 115 46.04 9.03 9.28
C ASP A 115 45.80 10.09 10.35
N VAL A 116 45.72 9.70 11.64
CA VAL A 116 45.38 10.65 12.69
C VAL A 116 46.23 10.46 13.94
N ILE A 117 46.26 11.51 14.76
CA ILE A 117 46.97 11.53 16.03
C ILE A 117 45.98 11.74 17.16
N ARG A 118 46.02 10.86 18.16
CA ARG A 118 45.14 10.92 19.32
C ARG A 118 45.93 11.08 20.60
N TYR A 119 45.53 12.05 21.44
CA TYR A 119 46.15 12.30 22.72
C TYR A 119 45.15 11.95 23.82
N ASN A 120 45.56 11.07 24.72
CA ASN A 120 44.77 10.64 25.86
C ASN A 120 45.49 11.16 27.09
N LEU A 121 44.74 11.86 27.93
CA LEU A 121 45.27 12.55 29.09
C LEU A 121 44.79 11.89 30.38
N ASN A 122 45.75 11.59 31.24
CA ASN A 122 45.58 10.95 32.53
C ASN A 122 46.27 11.80 33.59
N PHE A 123 45.62 12.89 33.95
CA PHE A 123 46.14 13.82 34.93
C PHE A 123 45.01 14.13 35.90
N GLU A 124 45.37 14.68 37.05
CA GLU A 124 44.32 15.05 37.98
C GLU A 124 43.64 16.28 37.42
N GLU A 125 42.44 16.60 37.92
CA GLU A 125 41.72 17.71 37.30
C GLU A 125 42.30 19.02 37.82
N ASN A 126 43.46 19.36 37.25
CA ASN A 126 44.19 20.58 37.53
C ASN A 126 44.64 21.22 36.22
N LEU A 127 44.91 22.52 36.28
CA LEU A 127 45.34 23.27 35.11
C LEU A 127 46.85 23.34 35.14
N ARG A 128 47.48 22.90 34.05
CA ARG A 128 48.92 22.94 33.92
C ARG A 128 49.27 23.61 32.61
N ARG A 129 50.25 24.51 32.66
CA ARG A 129 50.62 25.30 31.50
C ARG A 129 51.09 24.41 30.35
N GLY A 130 50.56 24.69 29.18
CA GLY A 130 50.89 23.94 27.98
C GLY A 130 50.70 24.79 26.76
N THR A 131 51.34 24.37 25.67
CA THR A 131 51.23 25.03 24.39
C THR A 131 51.15 23.96 23.31
N ILE A 132 50.53 24.31 22.19
CA ILE A 132 50.39 23.39 21.08
C ILE A 132 51.01 24.02 19.85
N LEU A 133 51.88 23.29 19.16
CA LEU A 133 52.53 23.81 17.97
C LEU A 133 52.20 22.94 16.79
N PHE A 134 51.73 23.56 15.71
CA PHE A 134 51.42 22.91 14.46
C PHE A 134 52.34 23.48 13.39
N LYS A 135 53.01 22.60 12.67
CA LYS A 135 53.94 22.99 11.63
C LYS A 135 53.36 22.61 10.28
N THR A 136 53.27 23.59 9.38
CA THR A 136 52.79 23.36 8.03
C THR A 136 53.69 24.14 7.09
N SER A 137 53.78 23.67 5.85
CA SER A 137 54.67 24.32 4.89
C SER A 137 54.29 25.78 4.71
N TYR A 138 53.00 26.06 4.57
CA TYR A 138 52.58 27.45 4.46
C TYR A 138 52.85 28.21 5.75
N GLY A 139 52.54 27.62 6.91
CA GLY A 139 52.76 28.38 8.12
C GLY A 139 52.84 27.55 9.37
N VAL A 140 53.31 28.21 10.44
CA VAL A 140 53.43 27.61 11.75
C VAL A 140 52.38 28.29 12.63
N VAL A 141 51.53 27.50 13.26
CA VAL A 141 50.45 28.00 14.10
C VAL A 141 50.65 27.47 15.51
N VAL A 142 50.52 28.35 16.50
CA VAL A 142 50.69 27.91 17.87
C VAL A 142 49.46 28.32 18.68
N PHE A 143 49.18 27.52 19.70
CA PHE A 143 48.07 27.69 20.62
C PHE A 143 48.66 27.92 21.99
N TYR A 144 48.28 29.03 22.62
CA TYR A 144 48.76 29.39 23.94
C TYR A 144 47.60 29.87 24.80
N CYS A 145 47.66 29.59 26.10
CA CYS A 145 46.68 30.11 27.02
C CYS A 145 47.36 30.64 28.28
N THR A 146 46.88 31.79 28.74
CA THR A 146 47.39 32.46 29.94
C THR A 146 46.32 32.45 31.01
N ASN A 147 46.67 31.91 32.18
CA ASN A 147 45.76 31.88 33.31
C ASN A 147 45.47 33.29 33.81
N ASN A 148 46.48 34.14 33.85
CA ASN A 148 46.30 35.48 34.37
C ASN A 148 45.48 36.34 33.41
N THR A 149 44.88 37.39 33.98
CA THR A 149 44.02 38.29 33.22
C THR A 149 44.77 38.99 32.08
N LEU A 150 46.01 39.38 32.31
CA LEU A 150 46.79 40.05 31.28
C LEU A 150 46.95 39.18 30.05
N VAL A 151 46.95 39.81 28.88
CA VAL A 151 47.05 39.05 27.63
C VAL A 151 48.32 38.21 27.64
N SER A 152 49.43 38.80 28.07
CA SER A 152 50.66 38.02 28.24
C SER A 152 50.45 36.98 29.32
N GLY A 153 49.82 37.39 30.43
CA GLY A 153 49.49 36.50 31.53
C GLY A 153 50.70 35.77 32.09
N ASP A 154 50.55 34.46 32.25
CA ASP A 154 51.59 33.61 32.80
C ASP A 154 52.00 32.55 31.78
N ALA A 155 53.30 32.42 31.56
CA ALA A 155 53.83 31.44 30.61
C ALA A 155 54.00 30.07 31.27
N ASN A 165 39.83 34.51 35.48
CA ASN A 165 39.79 34.98 34.10
C ASN A 165 40.98 34.42 33.33
N PHE A 166 40.69 33.52 32.39
CA PHE A 166 41.72 32.86 31.57
C PHE A 166 41.54 33.26 30.12
N TYR A 167 42.61 33.71 29.49
CA TYR A 167 42.57 34.11 28.09
C TYR A 167 43.52 33.26 27.28
N CYS A 168 43.03 32.65 26.20
CA CYS A 168 43.86 31.84 25.33
C CYS A 168 43.92 32.47 23.95
N PHE A 169 45.14 32.64 23.44
CA PHE A 169 45.36 33.17 22.11
C PHE A 169 46.16 32.17 21.28
N VAL A 170 45.65 31.85 20.09
CA VAL A 170 46.38 31.00 19.16
C VAL A 170 46.82 31.93 18.04
N ASN A 171 48.12 32.02 17.80
CA ASN A 171 48.64 32.88 16.74
C ASN A 171 49.33 32.04 15.67
N THR A 172 48.93 32.27 14.42
CA THR A 172 49.44 31.57 13.26
C THR A 172 50.22 32.54 12.37
N THR A 173 51.45 32.18 12.04
CA THR A 173 52.32 32.99 11.21
C THR A 173 52.71 32.23 9.96
N ILE A 174 52.52 32.87 8.81
CA ILE A 174 52.86 32.31 7.50
C ILE A 174 54.04 33.10 6.95
N GLY A 175 55.11 32.39 6.62
CA GLY A 175 56.32 33.05 6.14
C GLY A 175 56.84 34.02 7.16
N ASN A 176 57.10 35.26 6.74
CA ASN A 176 57.58 36.29 7.65
C ASN A 176 56.46 37.09 8.28
N GLU A 177 55.20 36.80 7.95
CA GLU A 177 54.06 37.53 8.48
C GLU A 177 53.50 36.78 9.67
N THR A 178 53.26 37.51 10.76
CA THR A 178 52.71 36.96 11.99
C THR A 178 51.30 37.49 12.19
N THR A 179 50.36 36.59 12.48
CA THR A 179 48.96 36.96 12.67
C THR A 179 48.48 36.46 14.02
N SER A 180 47.44 37.09 14.54
CA SER A 180 46.88 36.78 15.84
C SER A 180 45.44 36.30 15.67
N ALA A 181 45.09 35.23 16.36
CA ALA A 181 43.77 34.63 16.29
C ALA A 181 43.16 34.56 17.69
N PHE A 182 41.84 34.42 17.71
CA PHE A 182 41.06 34.46 18.94
C PHE A 182 40.53 33.07 19.32
N VAL A 183 40.87 32.62 20.53
CA VAL A 183 40.40 31.34 21.01
C VAL A 183 38.90 31.36 21.27
N GLY A 184 38.39 32.47 21.79
CA GLY A 184 36.98 32.51 22.16
C GLY A 184 36.70 31.59 23.34
N ALA A 185 35.74 30.68 23.15
CA ALA A 185 35.32 29.77 24.21
C ALA A 185 36.48 28.91 24.72
N LEU A 186 36.55 28.75 26.04
CA LEU A 186 37.61 27.94 26.61
C LEU A 186 36.97 26.83 27.44
N PRO A 187 37.31 25.57 27.18
CA PRO A 187 36.72 24.47 27.95
C PRO A 187 37.15 24.44 29.40
N LYS A 188 36.20 24.09 30.27
CA LYS A 188 36.49 23.94 31.68
C LYS A 188 37.47 22.80 31.90
N THR A 189 37.22 21.65 31.28
CA THR A 189 38.13 20.52 31.35
C THR A 189 38.05 19.75 30.04
N VAL A 190 39.21 19.30 29.55
CA VAL A 190 39.30 18.52 28.33
C VAL A 190 39.93 17.18 28.69
N ARG A 191 39.21 16.10 28.43
CA ARG A 191 39.76 14.78 28.72
C ARG A 191 40.41 14.10 27.53
N GLU A 192 40.21 14.57 26.31
CA GLU A 192 40.83 13.90 25.17
C GLU A 192 41.11 14.91 24.07
N PHE A 193 42.12 14.62 23.25
CA PHE A 193 42.52 15.52 22.17
C PHE A 193 42.67 14.77 20.86
N VAL A 194 42.11 15.27 19.75
CA VAL A 194 42.26 14.59 18.46
C VAL A 194 42.72 15.57 17.38
N ILE A 195 43.58 15.08 16.48
CA ILE A 195 44.11 15.84 15.36
C ILE A 195 44.27 14.91 14.16
N SER A 196 44.38 15.51 12.97
CA SER A 196 44.48 14.70 11.77
C SER A 196 45.34 15.38 10.73
N ARG A 197 45.82 14.58 9.77
CA ARG A 197 46.62 15.12 8.68
C ARG A 197 45.82 16.09 7.83
N THR A 198 44.54 15.80 7.63
CA THR A 198 43.68 16.72 6.90
C THR A 198 43.60 18.06 7.62
N GLY A 199 43.78 18.03 8.94
CA GLY A 199 43.69 19.22 9.75
C GLY A 199 42.44 19.37 10.56
N HIS A 200 41.56 18.37 10.56
CA HIS A 200 40.38 18.42 11.41
C HIS A 200 40.83 18.41 12.87
N PHE A 201 40.19 19.25 13.69
CA PHE A 201 40.53 19.36 15.10
C PHE A 201 39.34 18.95 15.95
N TYR A 202 39.53 17.93 16.79
CA TYR A 202 38.44 17.39 17.62
C TYR A 202 38.79 17.45 19.09
N ILE A 203 37.89 18.02 19.88
CA ILE A 203 38.02 18.01 21.33
C ILE A 203 36.80 17.30 21.88
N ASN A 204 37.02 16.22 22.62
CA ASN A 204 35.94 15.44 23.20
C ASN A 204 34.92 15.04 22.14
N GLY A 205 35.42 14.53 21.03
CA GLY A 205 34.60 14.10 19.92
C GLY A 205 34.16 15.14 18.91
N TYR A 206 33.51 16.22 19.32
CA TYR A 206 33.09 17.19 18.31
C TYR A 206 34.31 17.90 17.75
N ARG A 207 34.16 18.43 16.55
CA ARG A 207 35.23 19.10 15.83
C ARG A 207 34.97 20.59 15.84
N TYR A 208 35.87 21.33 16.49
CA TYR A 208 35.68 22.78 16.50
C TYR A 208 35.94 23.42 15.15
N PHE A 209 37.06 23.08 14.53
CA PHE A 209 37.47 23.68 13.26
C PHE A 209 38.51 22.79 12.62
N THR A 210 38.74 23.00 11.33
CA THR A 210 39.71 22.20 10.60
C THR A 210 40.77 23.10 9.95
N LEU A 211 42.03 22.82 10.26
CA LEU A 211 43.16 23.50 9.66
C LEU A 211 43.39 22.96 8.25
N GLY A 212 43.99 23.79 7.40
CA GLY A 212 44.21 23.37 6.02
C GLY A 212 45.10 22.15 5.88
N ASN A 213 46.25 22.14 6.54
CA ASN A 213 47.12 20.98 6.51
C ASN A 213 48.14 21.06 7.64
N VAL A 214 48.65 19.90 8.04
CA VAL A 214 49.69 19.82 9.06
C VAL A 214 50.79 18.87 8.61
N GLU A 215 51.99 19.40 8.38
CA GLU A 215 53.13 18.56 8.05
C GLU A 215 53.58 17.75 9.27
N ALA A 216 53.69 18.40 10.42
CA ALA A 216 54.17 17.77 11.64
C ALA A 216 53.47 18.40 12.84
N VAL A 217 53.44 17.65 13.94
CA VAL A 217 52.80 18.09 15.18
C VAL A 217 53.78 18.00 16.34
N ASN A 218 53.85 19.06 17.14
CA ASN A 218 54.69 19.10 18.32
C ASN A 218 53.80 19.46 19.50
N PHE A 219 53.91 18.69 20.58
CA PHE A 219 53.10 18.85 21.77
C PHE A 219 53.90 19.45 22.93
N ASN A 220 53.62 20.70 23.27
CA ASN A 220 54.28 21.42 24.35
C ASN A 220 53.49 21.33 25.65
N VAL A 221 53.55 20.17 26.29
CA VAL A 221 52.87 19.92 27.55
C VAL A 221 53.93 19.59 28.58
N THR A 222 53.90 20.29 29.71
CA THR A 222 54.88 20.05 30.78
C THR A 222 54.14 19.71 32.06
N THR A 223 54.49 18.56 32.64
CA THR A 223 53.87 18.08 33.86
C THR A 223 54.95 17.74 34.88
N ALA A 224 54.93 18.43 36.03
CA ALA A 224 55.84 18.07 37.11
C ALA A 224 55.63 16.63 37.57
N GLU A 225 54.39 16.15 37.53
CA GLU A 225 54.07 14.80 37.97
C GLU A 225 54.80 13.74 37.15
N THR A 226 55.44 12.81 37.85
CA THR A 226 56.11 11.70 37.18
C THR A 226 55.11 10.84 36.41
N THR A 227 53.95 10.55 37.02
CA THR A 227 52.85 9.85 36.35
C THR A 227 52.07 10.90 35.56
N ASP A 228 52.76 11.41 34.55
CA ASP A 228 52.29 12.56 33.80
C ASP A 228 50.99 12.30 33.04
N PHE A 229 50.94 11.25 32.23
CA PHE A 229 49.79 11.03 31.38
C PHE A 229 49.77 9.59 30.90
N CYS A 230 48.69 9.21 30.23
CA CYS A 230 48.59 7.85 29.70
C CYS A 230 49.02 7.67 28.24
N THR A 231 48.76 8.60 27.33
CA THR A 231 49.10 8.18 25.98
C THR A 231 49.02 9.34 25.00
N VAL A 232 49.89 9.30 24.01
CA VAL A 232 49.79 10.15 22.84
C VAL A 232 50.26 9.27 21.70
N ALA A 233 49.34 8.84 20.84
CA ALA A 233 49.61 7.79 19.89
C ALA A 233 49.14 8.22 18.51
N LEU A 234 49.54 7.43 17.53
CA LEU A 234 49.14 7.57 16.15
C LEU A 234 48.19 6.43 15.79
N ALA A 235 47.45 6.60 14.70
CA ALA A 235 46.43 5.61 14.36
C ALA A 235 45.92 5.87 12.96
N SER A 236 45.09 4.93 12.49
CA SER A 236 44.55 4.99 11.14
C SER A 236 43.09 4.57 11.15
N TYR A 237 42.40 4.92 10.07
CA TYR A 237 40.99 4.60 9.90
C TYR A 237 40.76 3.11 9.83
N ALA A 238 39.53 2.72 10.15
CA ALA A 238 39.07 1.36 10.05
C ALA A 238 37.56 1.37 10.18
N ASP A 239 36.96 0.23 9.88
CA ASP A 239 35.52 0.03 9.92
C ASP A 239 35.18 -0.90 11.07
N VAL A 240 34.39 -0.42 12.02
CA VAL A 240 34.10 -1.18 13.23
C VAL A 240 32.66 -0.91 13.64
N LEU A 241 32.23 -1.62 14.68
CA LEU A 241 30.93 -1.45 15.30
C LEU A 241 31.12 -1.15 16.77
N VAL A 242 30.16 -0.46 17.38
CA VAL A 242 30.30 -0.04 18.76
C VAL A 242 28.95 -0.08 19.46
N ASN A 243 29.02 -0.32 20.76
CA ASN A 243 27.91 -0.31 21.69
C ASN A 243 28.11 0.85 22.64
N VAL A 244 27.13 1.75 22.71
CA VAL A 244 27.26 3.00 23.42
C VAL A 244 26.19 3.08 24.50
N SER A 245 26.61 3.39 25.73
CA SER A 245 25.71 3.55 26.87
C SER A 245 25.92 4.94 27.43
N GLN A 246 24.84 5.73 27.51
CA GLN A 246 24.91 7.10 27.99
C GLN A 246 25.95 7.89 27.20
N THR A 247 25.98 7.63 25.89
CA THR A 247 26.85 8.29 24.93
C THR A 247 28.31 7.91 25.13
N SER A 248 28.60 6.90 25.95
CA SER A 248 29.96 6.48 26.25
C SER A 248 30.20 5.06 25.78
N ILE A 249 31.36 4.82 25.17
CA ILE A 249 31.64 3.53 24.56
C ILE A 249 31.71 2.42 25.60
N ALA A 250 31.29 1.22 25.21
CA ALA A 250 31.42 0.02 26.03
C ALA A 250 32.35 -1.02 25.43
N ASN A 251 32.26 -1.27 24.13
CA ASN A 251 33.07 -2.29 23.46
C ASN A 251 32.87 -2.16 21.96
N ILE A 252 33.73 -2.84 21.20
CA ILE A 252 33.76 -2.72 19.75
C ILE A 252 34.03 -4.10 19.14
N ILE A 253 33.83 -4.20 17.82
CA ILE A 253 33.99 -5.44 17.07
C ILE A 253 34.61 -5.12 15.73
N TYR A 254 35.84 -5.57 15.50
CA TYR A 254 36.49 -5.33 14.22
C TYR A 254 35.79 -6.13 13.12
N CYS A 255 35.54 -5.48 11.99
CA CYS A 255 34.86 -6.11 10.86
C CYS A 255 35.87 -6.68 9.86
N ASN A 256 36.60 -7.70 10.30
CA ASN A 256 37.60 -8.34 9.46
C ASN A 256 37.19 -9.72 8.96
N SER A 257 36.82 -10.63 9.86
CA SER A 257 36.48 -11.99 9.46
C SER A 257 35.11 -12.01 8.79
N VAL A 258 34.83 -13.10 8.08
CA VAL A 258 33.54 -13.23 7.41
C VAL A 258 32.41 -13.25 8.43
N ILE A 259 32.59 -14.04 9.49
CA ILE A 259 31.54 -14.14 10.51
C ILE A 259 31.34 -12.80 11.18
N ASN A 260 32.43 -12.10 11.49
CA ASN A 260 32.31 -10.77 12.06
C ASN A 260 31.64 -9.81 11.09
N ARG A 261 31.94 -9.96 9.81
CA ARG A 261 31.31 -9.13 8.79
C ARG A 261 29.81 -9.29 8.83
N LEU A 262 29.35 -10.54 8.87
CA LEU A 262 27.92 -10.77 8.94
C LEU A 262 27.35 -10.22 10.23
N ARG A 263 28.07 -10.41 11.34
CA ARG A 263 27.57 -9.96 12.64
C ARG A 263 27.41 -8.44 12.65
N CYS A 264 28.41 -7.73 12.14
CA CYS A 264 28.31 -6.27 12.09
C CYS A 264 27.19 -5.86 11.17
N ASP A 265 27.03 -6.55 10.06
CA ASP A 265 25.93 -6.25 9.16
C ASP A 265 24.60 -6.41 9.87
N GLN A 266 24.53 -7.32 10.85
CA GLN A 266 23.29 -7.53 11.56
C GLN A 266 22.97 -6.43 12.56
N LEU A 267 23.83 -5.43 12.71
CA LEU A 267 23.61 -4.35 13.67
C LEU A 267 23.33 -4.92 15.06
N SER A 268 23.93 -6.08 15.36
CA SER A 268 23.69 -6.72 16.68
C SER A 268 24.83 -7.66 17.04
N PHE A 269 24.75 -8.34 18.16
CA PHE A 269 25.74 -9.43 18.35
C PHE A 269 24.94 -10.73 18.46
N ASP A 270 25.63 -11.87 18.40
CA ASP A 270 24.99 -13.18 18.60
C ASP A 270 23.75 -13.38 17.72
N VAL A 271 23.89 -13.30 16.42
CA VAL A 271 22.71 -13.52 15.53
C VAL A 271 22.22 -14.93 15.78
N PRO A 272 20.90 -15.18 15.84
CA PRO A 272 20.38 -16.52 16.11
C PRO A 272 20.77 -17.47 14.97
N ASP A 273 21.07 -18.73 15.30
CA ASP A 273 21.41 -19.75 14.28
C ASP A 273 20.37 -19.72 13.16
N GLY A 274 20.82 -19.70 11.91
CA GLY A 274 19.87 -19.73 10.78
C GLY A 274 20.50 -19.59 9.42
N PHE A 275 19.83 -18.90 8.50
CA PHE A 275 20.26 -18.74 7.11
C PHE A 275 20.44 -17.27 6.80
N TYR A 276 21.56 -16.92 6.19
CA TYR A 276 21.78 -15.54 5.76
C TYR A 276 22.40 -15.57 4.36
N SER A 277 22.39 -14.41 3.70
CA SER A 277 22.91 -14.29 2.35
C SER A 277 24.06 -13.32 2.34
N THR A 278 25.05 -13.59 1.49
CA THR A 278 26.24 -12.76 1.45
C THR A 278 26.76 -12.69 0.03
N SER A 279 27.49 -11.62 -0.25
CA SER A 279 28.10 -11.39 -1.55
C SER A 279 29.56 -11.02 -1.38
N PRO A 280 30.49 -11.91 -1.66
CA PRO A 280 31.90 -11.55 -1.57
C PRO A 280 32.37 -10.96 -2.88
N ILE A 281 32.99 -9.78 -2.83
CA ILE A 281 33.27 -9.01 -4.04
C ILE A 281 34.74 -8.67 -4.12
N GLN A 282 35.30 -8.85 -5.31
CA GLN A 282 36.66 -8.39 -5.59
C GLN A 282 36.70 -6.88 -5.59
N SER A 283 37.79 -6.32 -5.05
CA SER A 283 37.95 -4.87 -4.92
C SER A 283 39.31 -4.44 -5.47
N VAL A 284 39.59 -4.77 -6.72
CA VAL A 284 40.83 -4.38 -7.37
C VAL A 284 40.55 -4.03 -8.81
N GLU A 285 41.52 -3.35 -9.42
CA GLU A 285 41.41 -2.99 -10.83
C GLU A 285 41.30 -4.25 -11.67
N LEU A 286 40.49 -4.17 -12.71
CA LEU A 286 40.29 -5.29 -13.62
C LEU A 286 40.58 -4.84 -15.03
N PRO A 287 40.94 -5.76 -15.92
CA PRO A 287 41.18 -5.38 -17.31
C PRO A 287 39.94 -4.75 -17.91
N VAL A 288 40.16 -3.80 -18.80
CA VAL A 288 39.08 -3.03 -19.41
C VAL A 288 38.93 -3.49 -20.86
N SER A 289 37.70 -3.75 -21.27
CA SER A 289 37.40 -4.22 -22.61
C SER A 289 36.43 -3.27 -23.27
N ILE A 290 36.64 -3.03 -24.56
CA ILE A 290 35.78 -2.12 -25.31
C ILE A 290 35.38 -2.80 -26.60
N VAL A 291 34.20 -2.44 -27.09
CA VAL A 291 33.71 -2.91 -28.37
C VAL A 291 32.79 -1.84 -28.93
N SER A 292 32.99 -1.50 -30.20
CA SER A 292 32.19 -0.50 -30.87
C SER A 292 31.97 -0.94 -32.31
N LEU A 293 31.07 -0.26 -32.99
CA LEU A 293 30.87 -0.58 -34.39
C LEU A 293 32.09 -0.10 -35.17
N PRO A 294 32.69 -0.95 -36.00
CA PRO A 294 33.87 -0.53 -36.79
C PRO A 294 33.50 0.51 -37.84
N VAL A 295 34.07 1.70 -37.67
CA VAL A 295 34.01 2.76 -38.68
C VAL A 295 35.35 3.47 -38.67
N TYR A 296 35.96 3.66 -39.84
CA TYR A 296 37.31 4.18 -39.93
C TYR A 296 37.39 5.56 -39.30
N HIS A 297 38.12 5.64 -38.19
CA HIS A 297 38.09 6.78 -37.30
C HIS A 297 38.62 8.05 -37.98
N LYS A 298 37.80 9.10 -38.00
CA LYS A 298 38.25 10.43 -38.37
C LYS A 298 38.21 11.34 -37.15
N HIS A 299 39.38 11.85 -36.75
CA HIS A 299 39.54 12.44 -35.43
C HIS A 299 39.17 13.92 -35.40
N THR A 300 38.94 14.41 -34.18
CA THR A 300 38.92 15.84 -33.89
C THR A 300 39.54 16.08 -32.51
N PHE A 301 40.59 16.90 -32.46
CA PHE A 301 41.29 17.22 -31.21
C PHE A 301 40.90 18.59 -30.69
N ILE A 302 40.26 18.64 -29.52
CA ILE A 302 40.03 19.90 -28.82
C ILE A 302 40.96 19.97 -27.59
N VAL A 303 41.79 21.01 -27.59
CA VAL A 303 42.92 21.23 -26.69
C VAL A 303 42.83 22.67 -26.19
N LEU A 304 43.20 22.93 -24.94
CA LEU A 304 43.15 24.29 -24.42
C LEU A 304 44.44 24.63 -23.68
N TYR A 305 44.89 25.87 -23.82
CA TYR A 305 46.21 26.28 -23.34
C TYR A 305 46.13 27.30 -22.21
N VAL A 306 45.74 26.85 -21.03
CA VAL A 306 45.77 27.73 -19.87
C VAL A 306 47.23 27.94 -19.49
N ASP A 307 47.65 29.21 -19.40
CA ASP A 307 49.04 29.53 -19.05
C ASP A 307 48.99 30.61 -17.95
N PHE A 308 48.69 30.17 -16.72
CA PHE A 308 48.45 31.12 -15.62
C PHE A 308 49.65 32.01 -15.36
N LYS A 309 50.84 31.40 -15.26
CA LYS A 309 52.15 32.04 -15.09
C LYS A 309 52.18 33.38 -14.35
N PRO A 310 51.78 33.44 -13.09
CA PRO A 310 51.85 34.71 -12.35
C PRO A 310 53.24 34.92 -11.78
N GLN A 311 53.47 36.12 -11.25
CA GLN A 311 54.77 36.43 -10.64
C GLN A 311 54.71 35.97 -9.17
N SER A 312 54.76 34.66 -9.03
CA SER A 312 54.73 33.92 -7.77
C SER A 312 53.39 34.02 -7.06
N GLY A 313 53.01 35.22 -6.62
CA GLY A 313 51.76 35.42 -5.92
C GLY A 313 51.80 35.29 -4.41
N GLY A 314 52.95 34.93 -3.83
CA GLY A 314 53.04 34.82 -2.39
C GLY A 314 53.46 36.08 -1.69
N GLY A 315 53.85 37.10 -2.44
CA GLY A 315 54.31 38.35 -1.87
C GLY A 315 53.24 39.42 -1.77
N LYS A 316 52.20 39.29 -2.59
CA LYS A 316 51.10 40.29 -2.55
C LYS A 316 49.77 39.56 -2.68
N CYS A 317 49.63 38.72 -3.71
CA CYS A 317 48.37 38.07 -3.98
C CYS A 317 48.51 37.03 -5.08
N PHE A 318 47.93 35.86 -4.88
CA PHE A 318 47.86 34.84 -5.91
C PHE A 318 46.55 34.88 -6.67
N ASN A 319 45.46 35.16 -5.97
CA ASN A 319 44.12 35.21 -6.55
C ASN A 319 43.83 36.54 -7.24
N CYS A 320 44.83 37.36 -7.49
CA CYS A 320 44.68 38.64 -8.17
C CYS A 320 44.78 38.51 -9.69
N TYR A 321 44.98 37.30 -10.20
CA TYR A 321 45.05 37.00 -11.63
C TYR A 321 46.18 37.76 -12.33
N PRO A 322 47.40 37.75 -11.78
CA PRO A 322 48.52 38.44 -12.44
C PRO A 322 49.07 37.52 -13.52
N ALA A 323 49.30 38.08 -14.72
CA ALA A 323 49.82 37.35 -15.90
C ALA A 323 48.99 36.08 -16.14
N GLY A 324 47.82 36.13 -15.51
CA GLY A 324 46.76 35.15 -15.63
C GLY A 324 46.25 35.02 -17.05
N VAL A 325 46.08 36.17 -17.71
CA VAL A 325 45.68 36.43 -19.09
C VAL A 325 45.51 35.27 -20.06
N ASN A 326 45.83 35.47 -21.34
CA ASN A 326 45.47 34.51 -22.38
C ASN A 326 45.60 33.05 -21.98
N ILE A 327 44.45 32.39 -22.16
CA ILE A 327 44.13 30.98 -22.04
C ILE A 327 43.18 30.78 -23.21
N THR A 328 43.63 30.08 -24.24
CA THR A 328 42.79 29.93 -25.42
C THR A 328 43.19 28.71 -26.22
N LEU A 329 42.26 28.29 -27.07
CA LEU A 329 42.40 27.12 -27.92
C LEU A 329 42.16 27.49 -29.36
N ALA A 330 43.04 27.01 -30.23
CA ALA A 330 42.97 27.34 -31.65
C ALA A 330 41.79 26.63 -32.29
N ASN A 331 40.75 27.41 -32.58
CA ASN A 331 39.49 26.96 -33.15
C ASN A 331 38.57 28.16 -33.19
N PHE A 332 39.00 29.24 -32.55
CA PHE A 332 38.23 30.47 -32.52
C PHE A 332 38.20 31.06 -33.92
N ASN A 333 37.07 31.63 -34.31
CA ASN A 333 36.93 32.18 -35.63
C ASN A 333 36.80 33.69 -35.50
N GLU A 334 37.34 34.43 -36.47
CA GLU A 334 37.11 35.86 -36.48
C GLU A 334 35.62 36.18 -36.38
N THR A 335 34.77 35.46 -37.13
CA THR A 335 33.33 35.57 -36.94
C THR A 335 32.91 35.00 -35.60
N LYS A 336 33.68 34.01 -35.11
CA LYS A 336 33.49 33.42 -33.80
C LYS A 336 32.12 32.76 -33.65
N GLY A 337 31.68 32.09 -34.71
CA GLY A 337 30.54 31.23 -34.62
C GLY A 337 30.89 30.06 -33.73
N PRO A 338 29.94 29.61 -32.90
CA PRO A 338 30.22 28.50 -31.99
C PRO A 338 30.76 27.30 -32.73
N LEU A 339 31.83 26.72 -32.19
CA LEU A 339 32.56 25.65 -32.87
C LEU A 339 31.99 24.31 -32.44
N CYS A 340 31.18 23.71 -33.31
CA CYS A 340 30.63 22.38 -33.06
C CYS A 340 31.28 21.40 -34.01
N VAL A 341 31.76 20.28 -33.46
CA VAL A 341 32.46 19.32 -34.29
C VAL A 341 31.47 18.61 -35.21
N ASP A 342 31.99 18.11 -36.32
CA ASP A 342 31.20 17.38 -37.30
C ASP A 342 31.59 15.90 -37.36
N THR A 343 32.88 15.60 -37.42
CA THR A 343 33.33 14.21 -37.36
C THR A 343 32.92 13.63 -36.02
N SER A 344 32.36 12.43 -36.05
CA SER A 344 31.83 11.83 -34.83
C SER A 344 32.90 11.60 -33.79
N HIS A 345 34.08 11.14 -34.20
CA HIS A 345 35.13 10.77 -33.27
C HIS A 345 36.00 11.97 -32.90
N PHE A 346 36.03 12.28 -31.61
CA PHE A 346 36.87 13.36 -31.14
C PHE A 346 37.38 13.04 -29.74
N THR A 347 38.61 13.44 -29.47
CA THR A 347 39.21 13.23 -28.16
C THR A 347 39.44 14.57 -27.49
N THR A 348 38.60 14.91 -26.51
CA THR A 348 38.85 16.11 -25.73
C THR A 348 40.00 15.86 -24.77
N LYS A 349 40.90 16.83 -24.66
CA LYS A 349 41.98 16.63 -23.69
C LYS A 349 42.21 17.95 -22.98
N TYR A 350 42.74 17.88 -21.76
CA TYR A 350 42.92 19.16 -21.08
C TYR A 350 44.00 19.98 -21.71
N VAL A 351 45.06 19.33 -22.18
CA VAL A 351 46.20 19.93 -22.87
C VAL A 351 47.33 20.09 -21.87
N ALA A 352 48.41 20.73 -22.31
CA ALA A 352 49.56 20.95 -21.46
C ALA A 352 49.21 22.01 -20.43
N VAL A 353 50.03 22.10 -19.39
CA VAL A 353 49.85 23.08 -18.33
C VAL A 353 51.05 24.01 -18.30
N TYR A 354 50.85 25.17 -17.68
CA TYR A 354 51.86 26.20 -17.60
C TYR A 354 52.96 25.73 -16.66
N ALA A 355 54.14 26.33 -16.79
CA ALA A 355 55.22 26.02 -15.86
C ALA A 355 54.71 26.19 -14.44
N ASN A 356 54.88 25.15 -13.63
CA ASN A 356 54.32 25.09 -12.30
C ASN A 356 55.39 25.39 -11.25
N VAL A 357 55.08 26.29 -10.34
CA VAL A 357 55.98 26.58 -9.23
C VAL A 357 55.44 25.94 -7.95
N GLY A 358 56.22 26.04 -6.88
CA GLY A 358 55.89 25.32 -5.67
C GLY A 358 54.57 25.72 -5.03
N ARG A 359 53.88 24.72 -4.50
CA ARG A 359 52.66 24.80 -3.70
C ARG A 359 51.42 25.39 -4.34
N TRP A 360 51.46 25.86 -5.57
CA TRP A 360 50.26 26.47 -6.14
C TRP A 360 49.98 25.92 -7.53
N SER A 361 48.72 26.01 -7.92
CA SER A 361 48.28 25.40 -9.17
C SER A 361 46.96 26.01 -9.60
N ALA A 362 46.51 25.65 -10.79
CA ALA A 362 45.19 25.99 -11.28
C ALA A 362 44.63 24.80 -12.02
N SER A 363 43.31 24.68 -12.03
CA SER A 363 42.67 23.54 -12.69
C SER A 363 41.20 23.84 -12.96
N ILE A 364 40.60 22.99 -13.80
CA ILE A 364 39.19 23.06 -14.15
C ILE A 364 38.34 22.47 -13.05
N ASN A 365 37.11 22.97 -12.93
CA ASN A 365 36.16 22.48 -11.95
C ASN A 365 34.88 22.03 -12.64
N THR A 366 34.20 21.08 -12.02
CA THR A 366 32.90 20.64 -12.53
C THR A 366 31.90 21.79 -12.44
N GLY A 367 31.14 21.96 -13.50
CA GLY A 367 30.14 23.00 -13.58
C GLY A 367 28.75 22.47 -13.27
N ASN A 368 27.75 23.05 -13.92
CA ASN A 368 26.37 22.63 -13.75
C ASN A 368 25.88 21.77 -14.89
N CYS A 369 26.75 21.42 -15.83
CA CYS A 369 26.32 20.61 -16.95
C CYS A 369 26.20 19.15 -16.52
N PRO A 370 25.48 18.34 -17.28
CA PRO A 370 25.36 16.93 -16.92
C PRO A 370 26.67 16.18 -16.95
N PHE A 371 27.53 16.51 -17.89
CA PHE A 371 28.76 15.77 -18.15
C PHE A 371 29.96 16.57 -17.66
N SER A 372 30.81 15.92 -16.86
CA SER A 372 32.02 16.56 -16.36
C SER A 372 33.09 16.58 -17.44
N PHE A 373 33.68 17.76 -17.67
CA PHE A 373 34.72 17.87 -18.67
C PHE A 373 35.93 17.02 -18.29
N GLY A 374 36.47 16.32 -19.26
CA GLY A 374 37.61 15.46 -19.02
C GLY A 374 37.16 14.02 -19.01
N LYS A 375 35.96 13.79 -18.51
CA LYS A 375 35.34 12.50 -18.63
C LYS A 375 34.49 12.39 -19.89
N VAL A 376 34.27 13.51 -20.59
CA VAL A 376 33.43 13.49 -21.78
C VAL A 376 33.96 12.51 -22.80
N ASN A 377 35.28 12.42 -22.92
CA ASN A 377 35.88 11.53 -23.90
C ASN A 377 35.58 10.06 -23.62
N ASN A 378 35.16 9.75 -22.39
CA ASN A 378 34.90 8.37 -21.99
C ASN A 378 33.53 7.91 -22.49
N PHE A 379 33.44 7.63 -23.78
CA PHE A 379 32.24 7.02 -24.37
C PHE A 379 30.96 7.76 -24.01
N VAL A 380 30.89 8.97 -24.53
CA VAL A 380 29.73 9.84 -24.38
C VAL A 380 29.10 10.08 -25.75
N LYS A 381 27.87 10.57 -25.73
CA LYS A 381 27.07 10.81 -26.92
C LYS A 381 26.67 12.28 -26.90
N PHE A 382 26.42 12.84 -28.08
CA PHE A 382 26.06 14.23 -28.10
C PHE A 382 25.44 14.53 -29.46
N GLY A 383 24.50 15.46 -29.51
CA GLY A 383 23.95 15.76 -30.82
C GLY A 383 24.65 16.90 -31.52
N SER A 384 25.18 17.83 -30.73
CA SER A 384 25.90 18.99 -31.22
C SER A 384 26.66 19.58 -30.04
N VAL A 385 27.99 19.49 -30.07
CA VAL A 385 28.87 20.02 -28.99
C VAL A 385 28.74 21.55 -28.94
N CYS A 386 29.15 22.23 -30.02
CA CYS A 386 29.08 23.71 -30.14
C CYS A 386 29.83 24.40 -28.98
N PHE A 387 31.01 23.89 -28.63
CA PHE A 387 31.83 24.48 -27.53
C PHE A 387 32.28 25.89 -27.92
N SER A 388 32.09 26.86 -27.03
CA SER A 388 32.47 28.24 -27.27
C SER A 388 33.19 28.86 -26.09
N LEU A 389 34.08 29.80 -26.41
CA LEU A 389 34.92 30.47 -25.43
C LEU A 389 34.14 31.60 -24.75
N LYS A 390 33.29 32.29 -25.50
CA LYS A 390 32.47 33.35 -24.96
C LYS A 390 31.18 32.73 -24.47
N ASP A 391 30.22 33.56 -24.05
CA ASP A 391 28.96 33.01 -23.59
C ASP A 391 28.11 32.49 -24.74
N ILE A 392 27.34 31.45 -24.46
CA ILE A 392 26.39 30.88 -25.40
C ILE A 392 25.01 30.98 -24.76
N PRO A 393 24.00 31.47 -25.48
CA PRO A 393 22.68 31.59 -24.88
C PRO A 393 22.12 30.24 -24.46
N GLY A 394 21.54 30.21 -23.26
CA GLY A 394 20.94 29.01 -22.73
C GLY A 394 21.89 27.83 -22.65
N GLY A 395 23.09 28.04 -22.15
CA GLY A 395 24.07 26.97 -22.07
C GLY A 395 24.83 26.99 -20.76
N CYS A 396 25.31 25.80 -20.39
CA CYS A 396 26.10 25.57 -19.20
C CYS A 396 27.50 26.16 -19.35
N ALA A 397 28.13 26.47 -18.22
CA ALA A 397 29.49 27.00 -18.23
C ALA A 397 30.29 26.41 -17.09
N MET A 398 31.60 26.40 -17.25
CA MET A 398 32.45 25.82 -16.22
C MET A 398 33.49 26.82 -15.76
N PRO A 399 33.94 26.71 -14.51
CA PRO A 399 34.96 27.63 -14.00
C PRO A 399 36.33 27.03 -13.72
N ILE A 400 37.40 27.70 -14.14
CA ILE A 400 38.76 27.28 -13.79
C ILE A 400 39.20 28.14 -12.61
N VAL A 401 39.82 27.51 -11.62
CA VAL A 401 40.23 28.23 -10.43
C VAL A 401 41.67 27.92 -10.13
N ALA A 402 42.29 28.80 -9.34
CA ALA A 402 43.68 28.64 -8.94
C ALA A 402 43.78 28.66 -7.42
N ASN A 403 44.69 27.86 -6.91
CA ASN A 403 44.92 27.69 -5.48
C ASN A 403 46.36 28.04 -5.17
N TRP A 404 46.55 28.80 -4.10
CA TRP A 404 47.87 29.09 -3.55
C TRP A 404 47.94 28.27 -2.26
N ALA A 405 48.57 27.11 -2.35
CA ALA A 405 48.68 26.21 -1.20
C ALA A 405 47.31 25.94 -0.59
N TYR A 406 46.32 25.75 -1.47
CA TYR A 406 44.95 25.43 -1.08
C TYR A 406 44.41 26.45 -0.08
N SER A 407 44.75 27.71 -0.29
CA SER A 407 44.32 28.77 0.61
C SER A 407 43.59 29.92 -0.08
N LYS A 408 43.75 30.12 -1.38
CA LYS A 408 43.07 31.17 -2.12
C LYS A 408 42.38 30.54 -3.32
N TYR A 409 41.11 30.88 -3.52
CA TYR A 409 40.32 30.35 -4.62
C TYR A 409 39.85 31.52 -5.46
N TYR A 410 40.29 31.57 -6.72
CA TYR A 410 39.89 32.63 -7.64
C TYR A 410 39.48 32.01 -8.97
N THR A 411 38.24 32.24 -9.38
CA THR A 411 37.71 31.58 -10.56
C THR A 411 37.83 32.51 -11.78
N ILE A 412 37.64 31.90 -12.95
CA ILE A 412 37.71 32.59 -14.23
C ILE A 412 36.58 32.07 -15.11
N GLY A 413 35.85 32.98 -15.75
CA GLY A 413 34.81 32.54 -16.69
C GLY A 413 35.43 31.79 -17.84
N SER A 414 34.92 30.56 -17.99
CA SER A 414 35.57 29.61 -18.91
C SER A 414 34.59 28.57 -19.44
N LEU A 415 34.79 28.21 -20.71
CA LEU A 415 34.12 27.11 -21.42
C LEU A 415 32.59 27.18 -21.44
N TYR A 416 32.03 28.19 -22.09
CA TYR A 416 30.61 28.10 -22.27
C TYR A 416 30.32 26.94 -23.23
N VAL A 417 29.45 26.05 -22.83
CA VAL A 417 29.12 24.91 -23.64
C VAL A 417 27.62 24.69 -23.56
N SER A 418 27.03 24.40 -24.70
CA SER A 418 25.62 24.09 -24.82
C SER A 418 25.61 22.86 -25.70
N TRP A 419 24.59 22.05 -25.58
CA TRP A 419 24.66 20.84 -26.36
C TRP A 419 23.31 20.31 -26.72
N SER A 420 23.27 19.59 -27.83
CA SER A 420 22.06 18.86 -28.20
C SER A 420 22.37 17.39 -27.98
N ASP A 421 21.34 16.59 -27.73
CA ASP A 421 21.61 15.18 -27.55
C ASP A 421 21.51 14.46 -28.89
N GLY A 422 22.33 13.44 -29.06
CA GLY A 422 22.39 12.76 -30.33
C GLY A 422 23.33 11.58 -30.25
N ASP A 423 23.29 10.80 -31.33
CA ASP A 423 24.00 9.54 -31.43
C ASP A 423 25.14 9.63 -32.44
N GLY A 424 25.27 10.75 -33.14
CA GLY A 424 26.32 10.87 -34.12
C GLY A 424 27.65 11.15 -33.46
N ILE A 425 27.72 12.18 -32.65
CA ILE A 425 28.99 12.56 -32.04
C ILE A 425 29.23 11.68 -30.84
N THR A 426 30.47 11.22 -30.69
CA THR A 426 30.82 10.41 -29.52
C THR A 426 32.28 10.61 -29.15
N GLY A 427 32.51 10.94 -27.87
CA GLY A 427 33.86 11.12 -27.38
C GLY A 427 34.55 9.78 -27.20
N VAL A 428 35.79 9.68 -27.68
CA VAL A 428 36.57 8.45 -27.61
C VAL A 428 37.83 8.75 -26.79
N PRO A 429 38.15 7.94 -25.79
CA PRO A 429 39.36 8.21 -24.98
C PRO A 429 40.64 8.06 -25.77
N GLN A 430 40.74 7.03 -26.59
CA GLN A 430 42.00 6.74 -27.27
C GLN A 430 42.35 7.87 -28.23
N PRO A 431 43.52 8.50 -28.08
CA PRO A 431 43.85 9.61 -28.97
C PRO A 431 43.97 9.18 -30.42
N VAL A 432 44.62 8.05 -30.69
CA VAL A 432 44.80 7.63 -32.08
C VAL A 432 43.45 7.33 -32.68
N GLU A 433 43.17 7.94 -33.83
CA GLU A 433 41.96 7.65 -34.60
C GLU A 433 42.33 7.55 -36.07
N GLY A 434 42.05 6.41 -36.72
CA GLY A 434 42.42 6.22 -38.14
C GLY A 434 41.86 4.95 -38.76
N VAL A 435 42.43 4.52 -39.90
CA VAL A 435 42.00 3.27 -40.58
C VAL A 435 42.76 2.11 -39.94
N SER A 436 42.22 1.52 -38.87
CA SER A 436 42.94 0.45 -38.12
C SER A 436 41.97 -0.62 -37.62
N SER A 437 42.48 -1.78 -37.20
CA SER A 437 41.61 -2.86 -36.64
C SER A 437 41.85 -3.05 -35.13
N PHE A 438 40.83 -2.82 -34.30
CA PHE A 438 40.96 -3.08 -32.84
C PHE A 438 39.63 -3.47 -32.20
N MET A 439 39.62 -4.50 -31.35
CA MET A 439 38.42 -4.88 -30.58
C MET A 439 38.88 -5.69 -29.36
N ASN A 440 39.54 -5.06 -28.39
CA ASN A 440 40.09 -5.83 -27.26
C ASN A 440 38.93 -6.50 -26.53
N VAL A 441 39.09 -7.77 -26.15
CA VAL A 441 37.98 -8.50 -25.49
C VAL A 441 38.54 -9.58 -24.56
N THR A 442 38.79 -9.25 -23.28
CA THR A 442 39.22 -10.30 -22.38
C THR A 442 38.04 -11.25 -22.17
N LEU A 443 38.32 -12.55 -22.14
CA LEU A 443 37.22 -13.49 -22.21
C LEU A 443 36.68 -13.89 -20.84
N ASP A 444 37.51 -14.54 -20.03
CA ASP A 444 37.02 -15.33 -18.92
C ASP A 444 37.44 -14.78 -17.57
N LYS A 445 37.53 -13.46 -17.44
CA LYS A 445 37.83 -12.83 -16.17
C LYS A 445 36.84 -11.70 -15.92
N CYS A 446 36.81 -11.25 -14.67
CA CYS A 446 35.99 -10.09 -14.34
C CYS A 446 36.58 -8.87 -15.04
N THR A 447 35.73 -8.09 -15.69
CA THR A 447 36.24 -6.94 -16.41
C THR A 447 35.19 -5.84 -16.44
N LYS A 448 35.64 -4.64 -16.75
CA LYS A 448 34.74 -3.59 -17.19
C LYS A 448 34.46 -3.77 -18.68
N TYR A 449 33.46 -3.05 -19.17
CA TYR A 449 33.18 -3.15 -20.58
C TYR A 449 32.31 -2.01 -21.06
N ASN A 450 32.49 -1.66 -22.32
CA ASN A 450 31.63 -0.74 -23.07
C ASN A 450 31.35 -1.41 -24.40
N ILE A 451 30.11 -1.81 -24.61
CA ILE A 451 29.68 -2.45 -25.84
C ILE A 451 28.57 -1.60 -26.41
N TYR A 452 28.83 -1.00 -27.56
CA TYR A 452 27.83 -0.23 -28.29
C TYR A 452 27.12 0.73 -27.36
N ASP A 453 27.93 1.49 -26.63
CA ASP A 453 27.49 2.59 -25.78
C ASP A 453 26.79 2.13 -24.52
N VAL A 454 26.89 0.85 -24.16
CA VAL A 454 26.34 0.34 -22.91
C VAL A 454 27.51 -0.13 -22.07
N SER A 455 27.55 0.29 -20.82
CA SER A 455 28.69 0.02 -19.96
C SER A 455 28.30 -0.93 -18.82
N GLY A 456 29.32 -1.55 -18.24
CA GLY A 456 29.07 -2.42 -17.10
C GLY A 456 30.29 -3.23 -16.75
N VAL A 457 30.07 -4.27 -15.95
CA VAL A 457 31.14 -5.10 -15.41
C VAL A 457 30.63 -6.55 -15.37
N GLY A 458 31.51 -7.50 -15.68
CA GLY A 458 31.11 -8.89 -15.67
C GLY A 458 32.12 -9.79 -16.36
N VAL A 459 31.63 -10.97 -16.80
CA VAL A 459 32.45 -11.95 -17.50
C VAL A 459 31.73 -12.44 -18.75
N ILE A 460 32.51 -12.73 -19.80
CA ILE A 460 31.99 -13.01 -21.13
C ILE A 460 32.11 -14.50 -21.42
N ARG A 461 31.03 -15.10 -21.92
CA ARG A 461 30.98 -16.51 -22.26
C ARG A 461 30.62 -16.69 -23.73
N VAL A 462 31.40 -17.52 -24.45
CA VAL A 462 31.03 -17.88 -25.81
C VAL A 462 29.82 -18.83 -25.80
N SER A 463 28.91 -18.63 -26.75
CA SER A 463 27.68 -19.40 -26.89
C SER A 463 27.52 -19.85 -28.34
N ASN A 464 26.52 -20.71 -28.58
CA ASN A 464 26.26 -21.23 -29.94
C ASN A 464 24.79 -20.95 -30.26
N ASP A 465 24.50 -19.78 -30.81
CA ASP A 465 23.11 -19.50 -31.14
C ASP A 465 23.07 -18.58 -32.35
N THR A 466 22.33 -18.99 -33.37
CA THR A 466 22.37 -18.29 -34.64
C THR A 466 21.94 -16.85 -34.45
N PHE A 467 20.68 -16.63 -34.08
CA PHE A 467 20.16 -15.33 -33.69
C PHE A 467 20.71 -14.22 -34.58
N LEU A 468 20.38 -14.31 -35.86
CA LEU A 468 20.88 -13.34 -36.83
C LEU A 468 19.90 -12.20 -37.02
N ASN A 469 18.88 -12.15 -36.18
CA ASN A 469 17.87 -11.11 -36.28
C ASN A 469 18.43 -9.73 -35.97
N GLY A 470 19.28 -9.62 -34.96
CA GLY A 470 19.76 -8.31 -34.56
C GLY A 470 21.16 -8.27 -34.01
N ILE A 471 21.49 -7.24 -33.22
CA ILE A 471 22.85 -7.04 -32.75
C ILE A 471 22.97 -6.96 -31.24
N THR A 472 21.89 -6.73 -30.50
CA THR A 472 21.98 -6.64 -29.05
C THR A 472 20.76 -7.28 -28.41
N TYR A 473 20.97 -7.93 -27.27
CA TYR A 473 19.92 -8.61 -26.54
C TYR A 473 19.91 -8.14 -25.10
N THR A 474 18.76 -7.66 -24.64
CA THR A 474 18.63 -7.12 -23.30
C THR A 474 17.50 -7.82 -22.55
N SER A 475 17.69 -7.96 -21.25
CA SER A 475 16.69 -8.57 -20.39
C SER A 475 15.53 -7.62 -20.12
N THR A 476 14.49 -8.14 -19.48
CA THR A 476 13.35 -7.29 -19.13
C THR A 476 13.76 -6.19 -18.18
N SER A 477 14.73 -6.45 -17.31
CA SER A 477 15.18 -5.43 -16.37
C SER A 477 15.89 -4.28 -17.05
N GLY A 478 16.42 -4.50 -18.24
CA GLY A 478 17.24 -3.50 -18.90
C GLY A 478 18.72 -3.81 -18.93
N ASN A 479 19.15 -4.90 -18.31
CA ASN A 479 20.54 -5.29 -18.32
C ASN A 479 20.79 -6.21 -19.51
N LEU A 480 21.81 -5.90 -20.30
CA LEU A 480 22.09 -6.69 -21.49
C LEU A 480 22.52 -8.09 -21.09
N LEU A 481 22.11 -9.06 -21.90
CA LEU A 481 22.47 -10.45 -21.66
C LEU A 481 23.55 -10.95 -22.60
N GLY A 482 23.45 -10.65 -23.89
CA GLY A 482 24.47 -11.09 -24.83
C GLY A 482 24.52 -10.21 -26.05
N PHE A 483 25.64 -10.32 -26.75
CA PHE A 483 25.84 -9.54 -27.96
C PHE A 483 26.49 -10.41 -29.03
N LYS A 484 26.32 -10.00 -30.28
CA LYS A 484 26.88 -10.70 -31.43
C LYS A 484 27.94 -9.84 -32.10
N ASP A 485 29.06 -10.46 -32.45
CA ASP A 485 30.12 -9.74 -33.16
C ASP A 485 29.65 -9.37 -34.56
N VAL A 486 30.06 -8.17 -35.00
CA VAL A 486 29.75 -7.79 -36.36
C VAL A 486 30.56 -8.60 -37.34
N THR A 487 31.75 -9.06 -36.94
CA THR A 487 32.66 -9.69 -37.88
C THR A 487 32.08 -10.98 -38.43
N LYS A 488 31.82 -11.94 -37.55
CA LYS A 488 31.53 -13.31 -37.98
C LYS A 488 30.11 -13.74 -37.67
N GLY A 489 29.66 -13.60 -36.44
CA GLY A 489 28.33 -14.08 -36.09
C GLY A 489 28.26 -14.77 -34.75
N THR A 490 29.40 -15.05 -34.15
CA THR A 490 29.41 -15.61 -32.81
C THR A 490 28.75 -14.64 -31.84
N ILE A 491 28.19 -15.17 -30.77
CA ILE A 491 27.57 -14.34 -29.76
C ILE A 491 28.05 -14.77 -28.38
N TYR A 492 28.07 -13.82 -27.46
CA TYR A 492 28.61 -14.02 -26.13
C TYR A 492 27.64 -13.48 -25.08
N SER A 493 27.49 -14.25 -24.01
CA SER A 493 26.71 -13.85 -22.84
C SER A 493 27.60 -13.09 -21.85
N ILE A 494 26.93 -12.41 -20.92
CA ILE A 494 27.60 -11.54 -19.95
C ILE A 494 27.12 -11.94 -18.55
N THR A 495 27.79 -12.90 -17.95
CA THR A 495 27.40 -13.33 -16.61
C THR A 495 27.94 -12.34 -15.57
N PRO A 496 27.16 -12.06 -14.52
CA PRO A 496 27.65 -11.16 -13.47
C PRO A 496 28.75 -11.82 -12.66
N CYS A 497 29.63 -10.98 -12.11
CA CYS A 497 30.84 -11.50 -11.47
C CYS A 497 30.53 -12.25 -10.18
N ASN A 498 29.69 -11.70 -9.31
CA ASN A 498 29.51 -12.22 -7.96
C ASN A 498 28.05 -12.42 -7.62
N PRO A 499 27.45 -13.54 -8.03
CA PRO A 499 26.09 -13.83 -7.65
C PRO A 499 25.99 -14.10 -6.17
N PRO A 500 24.88 -13.75 -5.53
CA PRO A 500 24.76 -13.95 -4.08
C PRO A 500 24.84 -15.42 -3.69
N ASP A 501 25.48 -15.66 -2.55
CA ASP A 501 25.66 -16.99 -1.99
C ASP A 501 24.89 -17.12 -0.69
N GLN A 502 24.40 -18.33 -0.41
CA GLN A 502 23.55 -18.56 0.75
C GLN A 502 24.37 -19.31 1.77
N LEU A 503 24.52 -18.75 2.97
CA LEU A 503 25.31 -19.43 3.98
C LEU A 503 24.48 -19.64 5.25
N VAL A 504 24.99 -20.53 6.10
CA VAL A 504 24.27 -20.99 7.28
C VAL A 504 25.16 -20.76 8.49
N VAL A 505 24.55 -20.42 9.62
CA VAL A 505 25.30 -20.22 10.86
C VAL A 505 24.58 -20.93 11.99
N TYR A 506 25.37 -21.44 12.93
CA TYR A 506 24.84 -22.19 14.07
C TYR A 506 25.80 -22.09 15.24
N GLN A 507 25.25 -21.78 16.41
CA GLN A 507 26.02 -21.58 17.63
C GLN A 507 27.09 -20.51 17.43
N GLN A 508 26.69 -19.42 16.77
CA GLN A 508 27.53 -18.25 16.58
C GLN A 508 28.82 -18.60 15.83
N ALA A 509 28.75 -19.59 14.96
CA ALA A 509 29.81 -19.85 13.99
C ALA A 509 29.18 -20.28 12.69
N VAL A 510 29.87 -20.00 11.59
CA VAL A 510 29.34 -20.36 10.28
C VAL A 510 29.62 -21.84 10.03
N VAL A 511 28.66 -22.51 9.42
CA VAL A 511 28.84 -23.91 9.05
C VAL A 511 28.04 -24.15 7.79
N GLY A 512 28.64 -24.88 6.84
CA GLY A 512 27.97 -25.24 5.61
C GLY A 512 27.71 -24.06 4.71
N ALA A 513 27.41 -24.32 3.44
CA ALA A 513 27.13 -23.22 2.52
C ALA A 513 26.50 -23.66 1.20
N MET A 514 25.41 -23.01 0.81
CA MET A 514 24.78 -23.23 -0.49
C MET A 514 25.41 -22.29 -1.50
N LEU A 515 25.93 -22.87 -2.59
CA LEU A 515 26.64 -22.11 -3.60
C LEU A 515 26.09 -22.34 -4.99
N SER A 516 26.82 -21.87 -6.00
CA SER A 516 26.48 -22.05 -7.39
C SER A 516 27.59 -22.70 -8.20
N GLU A 517 28.83 -22.67 -7.71
CA GLU A 517 29.97 -23.15 -8.46
C GLU A 517 30.52 -24.42 -7.81
N ASN A 518 30.97 -25.36 -8.64
CA ASN A 518 31.53 -26.61 -8.16
C ASN A 518 32.97 -26.32 -7.72
N PHE A 519 33.07 -25.62 -6.60
CA PHE A 519 34.37 -25.25 -6.06
C PHE A 519 34.24 -24.99 -4.58
N THR A 520 35.35 -25.17 -3.86
CA THR A 520 35.39 -24.94 -2.41
C THR A 520 35.89 -23.52 -2.20
N SER A 521 34.96 -22.57 -2.14
CA SER A 521 35.34 -21.18 -1.94
C SER A 521 35.93 -20.96 -0.56
N TYR A 522 35.31 -21.49 0.47
CA TYR A 522 35.79 -21.28 1.83
C TYR A 522 36.68 -22.45 2.23
N GLY A 523 37.07 -22.49 3.50
CA GLY A 523 37.92 -23.57 3.91
C GLY A 523 37.23 -24.90 4.07
N PHE A 524 35.99 -25.00 3.60
CA PHE A 524 35.24 -26.24 3.68
C PHE A 524 35.93 -27.30 2.84
N SER A 525 35.98 -28.53 3.37
CA SER A 525 36.69 -29.62 2.73
C SER A 525 35.86 -30.45 1.76
N ASN A 526 34.56 -30.17 1.60
CA ASN A 526 33.78 -30.98 0.69
C ASN A 526 32.69 -30.13 0.04
N VAL A 527 32.46 -30.37 -1.24
CA VAL A 527 31.40 -29.64 -1.96
C VAL A 527 30.47 -30.62 -2.64
N VAL A 528 29.55 -31.18 -1.85
CA VAL A 528 28.60 -32.18 -2.30
C VAL A 528 27.62 -31.58 -3.30
N GLU A 529 27.69 -32.07 -4.53
CA GLU A 529 26.76 -31.65 -5.58
C GLU A 529 25.37 -32.13 -5.19
N LEU A 530 24.35 -31.29 -5.34
CA LEU A 530 23.02 -31.69 -4.96
C LEU A 530 22.06 -31.13 -6.00
N PRO A 531 20.86 -31.68 -6.11
CA PRO A 531 19.93 -31.14 -7.11
C PRO A 531 19.68 -29.66 -6.82
N LYS A 532 19.54 -28.91 -7.90
CA LYS A 532 19.30 -27.47 -7.87
C LYS A 532 20.38 -26.66 -7.17
N PHE A 533 21.39 -27.27 -6.53
CA PHE A 533 22.46 -26.42 -5.99
C PHE A 533 23.64 -27.26 -5.53
N PHE A 534 24.74 -26.56 -5.25
CA PHE A 534 25.91 -27.18 -4.66
C PHE A 534 25.99 -26.81 -3.19
N TYR A 535 26.77 -27.60 -2.44
CA TYR A 535 26.81 -27.36 -1.01
C TYR A 535 28.17 -27.73 -0.47
N ALA A 536 28.77 -26.82 0.26
CA ALA A 536 30.03 -27.08 0.92
C ALA A 536 29.80 -27.33 2.40
N SER A 537 30.72 -28.13 2.96
CA SER A 537 30.69 -28.52 4.35
C SER A 537 32.11 -28.93 4.72
N ASN A 538 32.38 -28.87 6.02
CA ASN A 538 33.71 -29.16 6.53
C ASN A 538 33.72 -30.41 7.39
N GLY A 539 32.63 -31.19 7.37
CA GLY A 539 32.51 -32.33 8.24
C GLY A 539 32.01 -33.54 7.48
N THR A 540 32.27 -34.70 8.06
CA THR A 540 31.85 -35.95 7.45
C THR A 540 30.35 -36.15 7.62
N TYR A 541 29.83 -37.13 6.92
CA TYR A 541 28.40 -37.42 6.94
C TYR A 541 28.20 -38.63 7.85
N ASN A 542 27.46 -38.42 8.93
CA ASN A 542 27.13 -39.51 9.82
C ASN A 542 25.64 -39.60 10.09
N CYS A 543 24.87 -38.61 9.66
CA CYS A 543 23.40 -38.59 9.72
C CYS A 543 22.83 -38.89 11.10
N THR A 544 23.47 -38.37 12.13
CA THR A 544 22.99 -38.64 13.48
C THR A 544 21.63 -38.01 13.72
N ASP A 545 21.50 -36.71 13.46
CA ASP A 545 20.27 -35.98 13.74
C ASP A 545 20.34 -34.62 13.07
N ALA A 546 19.25 -33.86 13.18
CA ALA A 546 19.14 -32.52 12.61
C ALA A 546 18.97 -31.49 13.70
N VAL A 547 19.78 -30.43 13.65
CA VAL A 547 19.68 -29.33 14.60
C VAL A 547 19.06 -28.11 13.97
N LEU A 548 18.74 -28.18 12.68
CA LEU A 548 18.01 -27.13 12.00
C LEU A 548 17.26 -27.82 10.88
N THR A 549 16.16 -27.21 10.43
CA THR A 549 15.37 -27.86 9.40
C THR A 549 14.63 -26.87 8.52
N TYR A 550 14.48 -27.26 7.28
CA TYR A 550 13.67 -26.61 6.28
C TYR A 550 12.87 -27.71 5.60
N SER A 551 11.80 -27.31 4.92
CA SER A 551 10.84 -28.28 4.41
C SER A 551 11.50 -29.40 3.62
N SER A 552 12.40 -29.06 2.70
CA SER A 552 13.04 -30.10 1.93
C SER A 552 14.02 -30.91 2.77
N PHE A 553 14.82 -30.28 3.61
CA PHE A 553 15.89 -31.01 4.29
C PHE A 553 16.35 -30.30 5.55
N GLY A 554 17.13 -31.03 6.35
CA GLY A 554 17.66 -30.50 7.59
C GLY A 554 19.16 -30.66 7.64
N VAL A 555 19.79 -29.93 8.54
CA VAL A 555 21.25 -29.99 8.64
C VAL A 555 21.67 -30.65 9.94
N CYS A 556 22.78 -31.37 9.88
CA CYS A 556 23.38 -32.03 11.03
C CYS A 556 24.16 -31.02 11.88
N ALA A 557 24.60 -31.49 13.04
CA ALA A 557 25.34 -30.63 13.95
C ALA A 557 26.63 -30.15 13.32
N ASP A 558 27.32 -31.02 12.59
CA ASP A 558 28.57 -30.66 11.94
C ASP A 558 28.39 -30.07 10.56
N GLY A 559 27.16 -29.87 10.12
CA GLY A 559 26.88 -29.35 8.80
C GLY A 559 26.51 -30.38 7.76
N SER A 560 26.50 -31.66 8.11
CA SER A 560 26.05 -32.68 7.17
C SER A 560 24.57 -32.50 6.86
N ILE A 561 24.21 -32.69 5.61
CA ILE A 561 22.84 -32.49 5.19
C ILE A 561 22.08 -33.81 5.23
N ILE A 562 20.78 -33.74 5.51
CA ILE A 562 19.97 -34.92 5.74
C ILE A 562 18.60 -34.67 5.13
N ALA A 563 18.00 -35.72 4.58
CA ALA A 563 16.62 -35.67 4.11
C ALA A 563 15.67 -36.00 5.25
N VAL A 564 14.63 -35.19 5.39
CA VAL A 564 13.72 -35.32 6.53
C VAL A 564 12.77 -36.50 6.30
N GLN A 565 12.52 -37.26 7.36
CA GLN A 565 11.47 -38.26 7.38
C GLN A 565 10.29 -37.69 8.14
N PRO A 566 9.14 -37.48 7.50
CA PRO A 566 8.02 -36.84 8.20
C PRO A 566 7.65 -37.58 9.47
N ARG A 567 6.82 -36.92 10.26
CA ARG A 567 6.46 -37.32 11.61
C ARG A 567 5.76 -38.67 11.68
N ASN A 568 6.45 -39.68 12.20
CA ASN A 568 5.83 -40.99 12.40
C ASN A 568 4.70 -40.87 13.41
N VAL A 569 3.47 -41.15 12.97
CA VAL A 569 2.31 -41.09 13.85
C VAL A 569 1.47 -42.31 13.58
N SER A 570 0.29 -42.38 14.21
CA SER A 570 -0.68 -43.41 13.87
C SER A 570 -2.03 -42.99 14.38
N TYR A 571 -3.07 -43.41 13.68
CA TYR A 571 -4.43 -43.06 14.06
C TYR A 571 -5.33 -44.27 13.90
N ASP A 572 -6.60 -44.04 14.16
CA ASP A 572 -7.65 -45.04 14.22
C ASP A 572 -8.76 -44.70 13.23
N SER A 573 -9.78 -45.54 13.19
CA SER A 573 -10.90 -45.36 12.28
C SER A 573 -12.06 -46.22 12.75
N VAL A 574 -13.13 -46.20 11.98
CA VAL A 574 -14.33 -46.94 12.32
C VAL A 574 -14.01 -48.42 12.47
N SER A 575 -14.72 -49.07 13.37
CA SER A 575 -14.50 -50.47 13.70
C SER A 575 -15.69 -51.23 13.13
N ALA A 576 -15.57 -51.62 11.86
CA ALA A 576 -16.66 -52.31 11.21
C ALA A 576 -16.97 -53.63 11.90
N ILE A 577 -18.25 -53.87 12.20
CA ILE A 577 -18.62 -55.14 12.79
C ILE A 577 -18.32 -56.23 11.77
N VAL A 578 -17.51 -57.21 12.17
CA VAL A 578 -17.09 -58.23 11.23
C VAL A 578 -17.12 -59.62 11.83
N THR A 579 -17.55 -59.73 13.09
CA THR A 579 -17.60 -61.03 13.77
C THR A 579 -16.24 -61.70 13.71
N ALA A 580 -15.21 -60.97 14.15
CA ALA A 580 -13.85 -61.49 14.14
C ALA A 580 -13.01 -60.73 15.16
N ASN A 581 -11.74 -61.11 15.23
CA ASN A 581 -10.83 -60.58 16.24
C ASN A 581 -10.61 -59.07 16.07
N LEU A 582 -10.65 -58.33 17.19
CA LEU A 582 -10.41 -56.90 17.14
C LEU A 582 -9.91 -56.44 18.50
N SER A 583 -9.33 -55.24 18.54
CA SER A 583 -8.69 -54.73 19.73
C SER A 583 -9.25 -53.36 20.13
N ILE A 584 -9.50 -53.18 21.42
CA ILE A 584 -10.01 -51.93 21.96
C ILE A 584 -8.93 -51.27 22.82
N PRO A 585 -8.88 -49.95 22.89
CA PRO A 585 -7.86 -49.30 23.72
C PRO A 585 -8.09 -49.50 25.22
N SER A 586 -7.00 -49.74 25.94
CA SER A 586 -6.96 -49.87 27.39
C SER A 586 -6.59 -48.51 27.99
N ASN A 587 -6.40 -48.49 29.30
CA ASN A 587 -6.01 -47.30 30.06
C ASN A 587 -4.98 -46.43 29.35
N TRP A 588 -5.25 -45.12 29.33
CA TRP A 588 -4.53 -44.07 28.64
C TRP A 588 -3.51 -43.38 29.56
N THR A 589 -2.85 -42.38 28.98
CA THR A 589 -1.93 -41.51 29.70
C THR A 589 -2.22 -40.07 29.31
N THR A 590 -1.96 -39.15 30.22
CA THR A 590 -2.28 -37.75 29.98
C THR A 590 -1.21 -37.06 29.16
N SER A 591 -1.57 -35.88 28.63
CA SER A 591 -0.65 -35.01 27.92
C SER A 591 -1.24 -33.61 27.87
N VAL A 592 -0.40 -32.64 27.56
CA VAL A 592 -0.81 -31.24 27.48
C VAL A 592 -0.31 -30.64 26.17
N GLN A 593 -1.20 -29.94 25.48
CA GLN A 593 -0.87 -29.23 24.25
C GLN A 593 -1.12 -27.74 24.46
N VAL A 594 -0.28 -26.90 23.86
CA VAL A 594 -0.38 -25.46 24.03
C VAL A 594 -0.64 -24.79 22.69
N GLU A 595 -1.57 -23.83 22.70
CA GLU A 595 -1.86 -23.00 21.53
C GLU A 595 -1.83 -21.54 21.94
N TYR A 596 -1.76 -20.67 20.93
CA TYR A 596 -1.77 -19.24 21.16
C TYR A 596 -2.60 -18.56 20.08
N LEU A 597 -3.43 -17.62 20.48
CA LEU A 597 -4.29 -16.88 19.56
C LEU A 597 -4.15 -15.38 19.76
N GLN A 598 -3.93 -14.67 18.66
CA GLN A 598 -3.98 -13.22 18.67
C GLN A 598 -5.39 -12.76 19.01
N ILE A 599 -5.52 -11.79 19.91
CA ILE A 599 -6.85 -11.37 20.31
C ILE A 599 -7.10 -9.87 20.14
N THR A 600 -6.06 -9.05 20.24
CA THR A 600 -6.27 -7.62 20.20
C THR A 600 -5.05 -6.92 19.62
N SER A 601 -5.25 -5.68 19.18
CA SER A 601 -4.17 -4.85 18.67
C SER A 601 -4.15 -3.52 19.42
N THR A 602 -2.97 -3.10 19.85
CA THR A 602 -2.83 -1.83 20.54
C THR A 602 -3.21 -0.67 19.63
N PRO A 603 -4.29 0.02 19.92
CA PRO A 603 -4.72 1.12 19.05
C PRO A 603 -3.77 2.30 19.12
N ILE A 604 -3.69 3.03 18.01
CA ILE A 604 -2.85 4.22 17.89
C ILE A 604 -3.69 5.35 17.32
N VAL A 605 -3.44 6.57 17.80
CA VAL A 605 -4.16 7.73 17.31
C VAL A 605 -3.15 8.78 16.92
N VAL A 606 -3.53 9.64 15.97
CA VAL A 606 -2.62 10.61 15.37
C VAL A 606 -3.33 11.95 15.27
N ASP A 607 -2.59 13.02 15.53
CA ASP A 607 -3.08 14.39 15.33
C ASP A 607 -2.51 14.96 14.05
N CYS A 608 -3.37 15.04 13.02
CA CYS A 608 -3.00 15.58 11.72
C CYS A 608 -2.15 16.85 11.83
N SER A 609 -2.67 17.85 12.52
CA SER A 609 -2.08 19.16 12.43
C SER A 609 -0.77 19.24 13.19
N THR A 610 -0.67 18.53 14.31
CA THR A 610 0.63 18.48 14.97
C THR A 610 1.63 17.78 14.07
N TYR A 611 1.26 16.60 13.57
CA TYR A 611 2.19 15.77 12.83
C TYR A 611 2.81 16.51 11.67
N VAL A 612 2.00 17.23 10.90
CA VAL A 612 2.54 17.86 9.71
C VAL A 612 2.96 19.30 9.95
N CYS A 613 2.13 20.09 10.63
CA CYS A 613 2.46 21.49 10.84
C CYS A 613 3.68 21.66 11.74
N ASN A 614 3.73 20.92 12.84
CA ASN A 614 4.82 21.02 13.81
C ASN A 614 4.90 22.43 14.40
N GLY A 615 3.74 23.05 14.59
CA GLY A 615 3.66 24.28 15.35
C GLY A 615 3.89 25.58 14.61
N ASN A 616 4.02 25.57 13.30
CA ASN A 616 4.18 26.81 12.55
C ASN A 616 2.82 27.34 12.14
N VAL A 617 2.53 28.57 12.55
CA VAL A 617 1.20 29.12 12.32
C VAL A 617 0.94 29.27 10.83
N ARG A 618 1.96 29.68 10.07
CA ARG A 618 1.78 29.84 8.64
C ARG A 618 1.55 28.49 7.97
N CYS A 619 2.28 27.47 8.40
CA CYS A 619 2.00 26.13 7.91
C CYS A 619 0.58 25.72 8.22
N VAL A 620 0.10 26.04 9.43
CA VAL A 620 -1.27 25.70 9.79
C VAL A 620 -2.25 26.39 8.86
N GLU A 621 -1.91 27.61 8.44
CA GLU A 621 -2.87 28.35 7.63
C GLU A 621 -2.87 27.84 6.20
N LEU A 622 -1.70 27.53 5.66
CA LEU A 622 -1.68 26.86 4.36
C LEU A 622 -2.38 25.52 4.41
N LEU A 623 -2.32 24.82 5.54
CA LEU A 623 -3.04 23.56 5.64
C LEU A 623 -4.54 23.78 5.72
N LYS A 624 -4.95 24.95 6.20
CA LYS A 624 -6.35 25.19 6.51
C LYS A 624 -7.25 24.92 5.32
N GLN A 625 -6.75 25.08 4.10
CA GLN A 625 -7.54 24.78 2.92
C GLN A 625 -7.60 23.31 2.58
N TYR A 626 -6.88 22.45 3.29
CA TYR A 626 -6.91 21.02 3.02
C TYR A 626 -7.67 20.23 4.06
N THR A 627 -8.44 20.89 4.93
CA THR A 627 -9.13 20.17 5.99
C THR A 627 -10.10 19.15 5.41
N SER A 628 -10.58 19.40 4.20
CA SER A 628 -11.35 18.38 3.50
C SER A 628 -10.60 17.07 3.38
N ALA A 629 -9.27 17.14 3.24
CA ALA A 629 -8.51 15.92 3.03
C ALA A 629 -8.24 15.17 4.33
N CYS A 630 -7.51 15.80 5.26
CA CYS A 630 -6.94 14.99 6.33
C CYS A 630 -7.94 14.68 7.42
N LYS A 631 -9.16 15.20 7.33
CA LYS A 631 -10.18 14.84 8.30
C LYS A 631 -10.47 13.35 8.26
N THR A 632 -10.44 12.77 7.06
CA THR A 632 -10.82 11.37 6.91
C THR A 632 -9.89 10.47 7.68
N ILE A 633 -8.62 10.85 7.79
CA ILE A 633 -7.63 9.99 8.41
C ILE A 633 -7.97 9.77 9.88
N GLU A 634 -8.02 10.87 10.64
CA GLU A 634 -8.29 10.74 12.05
C GLU A 634 -9.70 10.25 12.31
N ASP A 635 -10.65 10.58 11.41
CA ASP A 635 -12.00 10.08 11.63
C ASP A 635 -12.02 8.56 11.53
N ALA A 636 -11.30 8.00 10.55
CA ALA A 636 -11.27 6.56 10.40
C ALA A 636 -10.59 5.91 11.59
N LEU A 637 -9.44 6.45 12.00
CA LEU A 637 -8.70 5.81 13.08
C LEU A 637 -9.51 5.83 14.36
N ARG A 638 -10.19 6.95 14.63
CA ARG A 638 -10.92 7.06 15.88
C ARG A 638 -12.14 6.16 15.88
N ASN A 639 -12.87 6.13 14.77
CA ASN A 639 -14.07 5.29 14.75
C ASN A 639 -13.71 3.83 14.85
N SER A 640 -12.58 3.43 14.24
CA SER A 640 -12.20 2.03 14.31
C SER A 640 -11.77 1.66 15.72
N ALA A 641 -11.05 2.58 16.38
CA ALA A 641 -10.59 2.29 17.72
C ALA A 641 -11.77 2.11 18.66
N MET A 642 -12.72 3.05 18.64
CA MET A 642 -13.84 2.91 19.55
C MET A 642 -14.69 1.69 19.23
N LEU A 643 -14.77 1.31 17.95
CA LEU A 643 -15.54 0.12 17.60
C LEU A 643 -14.91 -1.13 18.20
N GLU A 644 -13.62 -1.33 17.94
CA GLU A 644 -12.99 -2.56 18.41
C GLU A 644 -12.96 -2.59 19.93
N SER A 645 -12.78 -1.44 20.57
CA SER A 645 -12.78 -1.45 22.02
C SER A 645 -14.16 -1.79 22.57
N ALA A 646 -15.21 -1.38 21.86
CA ALA A 646 -16.54 -1.78 22.31
C ALA A 646 -16.71 -3.28 22.18
N ASP A 647 -16.20 -3.86 21.11
CA ASP A 647 -16.33 -5.30 20.94
C ASP A 647 -15.59 -6.07 22.04
N VAL A 648 -14.33 -5.74 22.24
CA VAL A 648 -13.55 -6.48 23.23
C VAL A 648 -14.10 -6.27 24.61
N SER A 649 -14.71 -5.11 24.88
CA SER A 649 -15.36 -4.94 26.17
C SER A 649 -16.68 -5.69 26.24
N GLU A 650 -17.32 -5.97 25.11
CA GLU A 650 -18.52 -6.77 25.14
C GLU A 650 -18.24 -8.24 25.35
N MET A 651 -17.01 -8.68 25.09
CA MET A 651 -16.78 -10.11 25.16
C MET A 651 -16.47 -10.63 26.57
N LEU A 652 -16.09 -9.77 27.50
CA LEU A 652 -15.52 -10.18 28.78
C LEU A 652 -16.58 -10.25 29.88
N THR A 653 -17.00 -11.46 30.24
CA THR A 653 -18.01 -11.66 31.27
C THR A 653 -17.36 -11.84 32.64
N PHE A 654 -18.17 -12.12 33.67
CA PHE A 654 -17.66 -12.27 35.03
C PHE A 654 -18.68 -12.97 35.91
N ASP A 655 -18.19 -13.79 36.85
CA ASP A 655 -19.04 -14.45 37.84
C ASP A 655 -18.40 -14.36 39.22
N LYS A 656 -19.02 -13.58 40.11
CA LYS A 656 -18.51 -13.51 41.47
C LYS A 656 -18.75 -14.81 42.22
N LYS A 657 -19.83 -15.53 41.89
CA LYS A 657 -20.09 -16.82 42.51
C LYS A 657 -18.92 -17.76 42.32
N ALA A 658 -18.32 -17.75 41.13
CA ALA A 658 -17.30 -18.72 40.80
C ALA A 658 -15.89 -18.20 41.01
N PHE A 659 -15.69 -16.87 40.99
CA PHE A 659 -14.34 -16.34 41.20
C PHE A 659 -13.78 -16.78 42.54
N THR A 660 -14.63 -16.83 43.56
CA THR A 660 -14.16 -17.25 44.88
C THR A 660 -13.68 -18.69 44.87
N LEU A 661 -14.22 -19.51 43.96
CA LEU A 661 -13.88 -20.92 43.90
C LEU A 661 -12.45 -21.17 43.42
N ALA A 662 -11.75 -20.15 42.93
CA ALA A 662 -10.42 -20.34 42.39
C ALA A 662 -9.38 -20.66 43.47
N ASN A 663 -9.79 -20.81 44.71
CA ASN A 663 -8.87 -21.16 45.78
C ASN A 663 -8.28 -22.54 45.58
N VAL A 664 -6.95 -22.65 45.67
CA VAL A 664 -6.30 -23.87 45.25
C VAL A 664 -6.70 -25.03 46.14
N SER A 665 -7.16 -24.72 47.36
CA SER A 665 -7.56 -25.77 48.29
C SER A 665 -8.68 -26.61 47.71
N SER A 666 -9.45 -26.06 46.78
CA SER A 666 -10.59 -26.77 46.23
C SER A 666 -10.17 -27.87 45.28
N PHE A 667 -8.98 -27.75 44.70
CA PHE A 667 -8.64 -28.72 43.63
C PHE A 667 -8.24 -30.06 44.23
N GLY A 668 -6.97 -30.26 44.56
CA GLY A 668 -6.56 -31.59 45.02
C GLY A 668 -5.16 -31.93 44.55
N ASP A 669 -4.94 -33.17 44.13
CA ASP A 669 -3.57 -33.62 43.75
C ASP A 669 -3.05 -32.84 42.56
N TYR A 670 -3.93 -32.23 41.77
CA TYR A 670 -3.48 -31.59 40.52
C TYR A 670 -2.49 -30.45 40.76
N ASN A 671 -2.65 -29.66 41.81
CA ASN A 671 -1.63 -28.63 42.13
C ASN A 671 -1.36 -27.76 40.92
N LEU A 672 -2.41 -27.24 40.30
CA LEU A 672 -2.24 -26.28 39.17
C LEU A 672 -1.90 -24.92 39.75
N SER A 673 -0.91 -24.85 40.62
CA SER A 673 -0.63 -23.60 41.32
C SER A 673 -0.40 -22.46 40.34
N SER A 674 0.25 -22.74 39.22
CA SER A 674 0.65 -21.66 38.32
C SER A 674 -0.55 -20.89 37.79
N VAL A 675 -1.59 -21.60 37.39
CA VAL A 675 -2.71 -20.98 36.70
C VAL A 675 -3.49 -20.07 37.63
N ILE A 676 -3.70 -20.47 38.88
CA ILE A 676 -4.64 -19.74 39.73
C ILE A 676 -4.14 -18.31 39.93
N PRO A 677 -5.02 -17.32 39.98
CA PRO A 677 -4.58 -15.94 40.15
C PRO A 677 -4.04 -15.68 41.54
N SER A 678 -3.07 -14.77 41.62
CA SER A 678 -2.45 -14.45 42.88
C SER A 678 -3.34 -13.52 43.71
N LEU A 679 -3.21 -13.65 45.02
CA LEU A 679 -3.97 -12.82 45.93
C LEU A 679 -3.42 -11.39 45.94
N PRO A 680 -4.22 -10.41 46.37
CA PRO A 680 -3.72 -9.03 46.42
C PRO A 680 -2.57 -8.90 47.39
N ARG A 681 -1.56 -8.13 46.99
CA ARG A 681 -0.37 -7.93 47.82
C ARG A 681 -0.61 -6.77 48.80
N SER A 682 -1.44 -7.07 49.80
CA SER A 682 -1.82 -6.08 50.82
C SER A 682 -2.36 -4.81 50.19
N GLY A 683 -3.17 -4.98 49.14
CA GLY A 683 -3.74 -3.84 48.44
C GLY A 683 -5.19 -4.12 48.10
N SER A 684 -5.91 -3.04 47.80
CA SER A 684 -7.31 -3.16 47.41
C SER A 684 -7.40 -3.34 45.90
N ARG A 685 -6.89 -4.49 45.46
CA ARG A 685 -6.91 -4.90 44.06
C ARG A 685 -7.66 -6.21 43.99
N VAL A 686 -8.57 -6.34 43.03
CA VAL A 686 -9.42 -7.51 42.99
C VAL A 686 -8.60 -8.76 42.73
N ALA A 687 -7.61 -8.64 41.85
CA ALA A 687 -6.84 -9.84 41.49
C ALA A 687 -5.41 -9.53 41.06
N GLY A 688 -4.57 -10.56 40.97
CA GLY A 688 -3.18 -10.39 40.55
C GLY A 688 -2.79 -11.40 39.50
N ARG A 689 -1.80 -11.08 38.67
CA ARG A 689 -1.43 -11.97 37.54
C ARG A 689 -0.90 -13.29 38.06
N SER A 690 -1.15 -14.38 37.33
CA SER A 690 -0.70 -15.73 37.73
C SER A 690 0.77 -15.96 37.38
N ALA A 691 1.32 -17.09 37.81
CA ALA A 691 2.77 -17.31 37.61
C ALA A 691 3.10 -17.36 36.13
N ILE A 692 2.34 -18.12 35.37
CA ILE A 692 2.78 -18.22 33.96
C ILE A 692 2.64 -16.85 33.34
N GLU A 693 2.02 -15.92 34.06
CA GLU A 693 1.78 -14.64 33.41
C GLU A 693 3.03 -13.76 33.48
N ASP A 694 3.59 -13.61 34.68
CA ASP A 694 4.72 -12.72 34.81
C ASP A 694 5.97 -13.36 34.23
N ILE A 695 6.03 -14.69 34.18
CA ILE A 695 7.15 -15.33 33.49
C ILE A 695 7.13 -14.94 32.03
N LEU A 696 5.95 -14.97 31.43
CA LEU A 696 5.82 -14.61 30.02
C LEU A 696 6.16 -13.15 29.81
N PHE A 697 5.66 -12.28 30.69
CA PHE A 697 5.95 -10.85 30.52
C PHE A 697 7.43 -10.56 30.75
N SER A 698 8.02 -11.17 31.75
CA SER A 698 9.44 -11.01 32.03
C SER A 698 10.28 -11.39 30.82
N LYS A 699 10.04 -12.58 30.27
CA LYS A 699 10.80 -13.00 29.10
C LYS A 699 10.61 -12.02 27.95
N LEU A 700 9.39 -11.51 27.78
CA LEU A 700 9.16 -10.51 26.74
C LEU A 700 10.15 -9.35 26.84
N ALA A 710 4.99 5.88 28.03
CA ALA A 710 5.05 6.22 29.49
C ALA A 710 4.07 7.35 29.79
N ASP A 711 3.97 7.74 31.06
CA ASP A 711 3.05 8.84 31.48
C ASP A 711 3.51 10.15 30.84
N TYR A 712 2.59 10.94 30.28
CA TYR A 712 2.97 12.24 29.67
C TYR A 712 3.13 13.26 30.80
N LYS A 713 2.50 12.91 31.93
CA LYS A 713 2.44 13.62 33.22
C LYS A 713 3.87 14.06 33.51
N LYS A 714 4.83 13.25 33.11
CA LYS A 714 6.27 13.50 33.33
C LYS A 714 6.86 14.00 32.02
N CYS A 715 6.05 14.33 31.03
CA CYS A 715 6.72 14.78 29.79
C CYS A 715 6.47 16.23 29.47
N THR A 716 6.17 17.02 30.48
CA THR A 716 6.01 18.47 30.25
C THR A 716 6.61 19.08 31.50
N LYS A 717 6.88 18.19 32.44
CA LYS A 717 7.40 18.55 33.74
C LYS A 717 8.55 17.61 34.00
N GLY A 718 9.24 17.84 35.12
CA GLY A 718 10.35 16.96 35.53
C GLY A 718 11.72 17.54 35.23
N LEU A 719 12.77 16.80 35.54
CA LEU A 719 14.17 17.27 35.31
C LEU A 719 14.91 16.27 34.41
N SER A 720 14.26 15.17 34.00
CA SER A 720 14.97 14.22 33.15
C SER A 720 14.89 14.63 31.68
N ILE A 721 15.83 14.12 30.89
CA ILE A 721 15.73 14.22 29.44
C ILE A 721 14.62 13.30 28.94
N ALA A 722 13.93 13.74 27.90
CA ALA A 722 12.75 13.03 27.43
C ALA A 722 13.09 11.62 26.96
N ASP A 723 12.20 10.66 27.15
CA ASP A 723 12.44 9.26 26.69
C ASP A 723 11.97 9.09 25.24
N LEU A 724 12.26 7.94 24.63
CA LEU A 724 11.90 7.74 23.21
C LEU A 724 10.39 7.82 23.07
N ALA A 725 9.67 7.15 23.96
CA ALA A 725 8.20 7.14 23.84
C ALA A 725 7.73 8.57 24.01
N CYS A 726 8.35 9.24 24.96
CA CYS A 726 7.92 10.61 25.28
C CYS A 726 8.09 11.42 24.01
N ALA A 727 9.15 11.16 23.27
CA ALA A 727 9.41 11.98 22.09
C ALA A 727 8.25 11.80 21.12
N GLN A 728 7.77 10.58 21.01
CA GLN A 728 6.74 10.36 19.98
C GLN A 728 5.56 11.27 20.29
N TYR A 729 5.23 11.45 21.56
CA TYR A 729 4.05 12.27 21.88
C TYR A 729 4.32 13.64 21.30
N TYR A 730 5.55 14.10 21.43
CA TYR A 730 5.83 15.47 20.98
C TYR A 730 5.52 15.55 19.50
N ASN A 731 5.95 14.53 18.77
CA ASN A 731 5.72 14.55 17.31
C ASN A 731 4.23 14.46 17.02
N GLY A 732 3.49 13.66 17.78
CA GLY A 732 2.02 13.62 17.57
C GLY A 732 1.43 12.24 17.53
N ILE A 733 2.23 11.20 17.48
CA ILE A 733 1.64 9.85 17.58
C ILE A 733 1.24 9.69 19.04
N MET A 734 0.27 8.83 19.34
CA MET A 734 -0.23 8.71 20.72
C MET A 734 -0.80 7.31 20.93
N VAL A 735 -0.14 6.45 21.72
CA VAL A 735 -0.60 5.04 21.83
C VAL A 735 -1.59 4.99 22.98
N LEU A 736 -2.81 4.57 22.69
CA LEU A 736 -3.87 4.59 23.72
C LEU A 736 -3.61 3.49 24.74
N PRO A 737 -4.10 3.56 26.01
CA PRO A 737 -3.91 2.47 26.93
C PRO A 737 -4.60 1.23 26.35
N GLY A 738 -3.99 0.06 26.51
CA GLY A 738 -4.53 -1.17 25.90
C GLY A 738 -5.89 -1.57 26.43
N VAL A 739 -6.71 -2.16 25.57
CA VAL A 739 -8.09 -2.57 25.96
C VAL A 739 -8.04 -3.65 27.04
N ALA A 740 -7.10 -4.59 26.95
CA ALA A 740 -7.08 -5.71 27.91
C ALA A 740 -6.30 -5.36 29.18
N ASP A 741 -6.90 -4.60 30.10
CA ASP A 741 -6.27 -4.28 31.37
C ASP A 741 -6.27 -5.48 32.30
N ALA A 742 -5.28 -5.48 33.22
CA ALA A 742 -5.00 -6.66 34.00
C ALA A 742 -6.09 -6.99 34.99
N GLU A 743 -6.80 -5.98 35.51
CA GLU A 743 -7.78 -6.25 36.55
C GLU A 743 -8.91 -7.12 36.03
N ARG A 744 -9.64 -6.61 35.05
CA ARG A 744 -10.76 -7.39 34.55
C ARG A 744 -10.28 -8.56 33.72
N MET A 745 -9.07 -8.48 33.15
CA MET A 745 -8.54 -9.64 32.45
C MET A 745 -8.36 -10.80 33.42
N ALA A 746 -7.74 -10.52 34.57
CA ALA A 746 -7.50 -11.55 35.56
C ALA A 746 -8.80 -12.04 36.16
N MET A 747 -9.77 -11.14 36.36
CA MET A 747 -11.06 -11.60 36.86
C MET A 747 -11.70 -12.57 35.88
N TYR A 748 -11.64 -12.25 34.58
CA TYR A 748 -12.22 -13.11 33.58
C TYR A 748 -11.54 -14.48 33.57
N THR A 749 -10.21 -14.48 33.53
CA THR A 749 -9.48 -15.74 33.51
C THR A 749 -9.76 -16.56 34.76
N GLY A 750 -9.77 -15.91 35.92
CA GLY A 750 -10.03 -16.63 37.15
C GLY A 750 -11.43 -17.19 37.20
N SER A 751 -12.40 -16.46 36.67
CA SER A 751 -13.76 -16.96 36.68
C SER A 751 -13.89 -18.17 35.77
N LEU A 752 -13.24 -18.12 34.61
CA LEU A 752 -13.27 -19.27 33.73
C LEU A 752 -12.63 -20.47 34.40
N ILE A 753 -11.51 -20.26 35.07
CA ILE A 753 -10.83 -21.38 35.73
C ILE A 753 -11.71 -21.93 36.84
N GLY A 754 -12.42 -21.06 37.54
CA GLY A 754 -13.30 -21.54 38.58
C GLY A 754 -14.59 -22.14 38.08
N GLY A 755 -14.89 -21.97 36.81
CA GLY A 755 -16.06 -22.64 36.29
C GLY A 755 -15.92 -24.13 36.10
N ILE A 756 -14.76 -24.68 36.42
CA ILE A 756 -14.53 -26.11 36.20
C ILE A 756 -14.96 -26.92 37.40
N ALA A 757 -14.72 -26.40 38.60
CA ALA A 757 -15.03 -27.12 39.83
C ALA A 757 -16.43 -26.86 40.33
N LEU A 758 -17.22 -26.09 39.61
CA LEU A 758 -18.57 -25.75 40.03
C LEU A 758 -19.57 -26.55 39.21
N GLY A 759 -20.45 -27.28 39.91
CA GLY A 759 -21.50 -28.02 39.25
C GLY A 759 -22.83 -27.67 39.88
N GLY A 760 -23.89 -27.98 39.15
CA GLY A 760 -25.21 -27.63 39.61
C GLY A 760 -25.58 -28.31 40.91
N LEU A 761 -25.75 -27.52 41.96
CA LEU A 761 -26.06 -28.04 43.28
C LEU A 761 -27.15 -27.16 43.89
N THR A 762 -27.98 -27.75 44.75
CA THR A 762 -28.96 -26.95 45.45
C THR A 762 -28.28 -25.90 46.32
N SER A 763 -27.23 -26.31 47.02
CA SER A 763 -26.41 -25.38 47.76
C SER A 763 -25.36 -24.78 46.84
N ALA A 764 -24.65 -23.78 47.35
CA ALA A 764 -23.58 -23.14 46.60
C ALA A 764 -22.22 -23.76 46.85
N ALA A 765 -22.13 -24.79 47.68
CA ALA A 765 -20.83 -25.35 48.03
C ALA A 765 -20.29 -26.21 46.89
N SER A 766 -18.97 -26.41 46.92
CA SER A 766 -18.28 -27.21 45.91
C SER A 766 -18.34 -28.69 46.26
N ILE A 767 -17.80 -29.49 45.32
CA ILE A 767 -17.71 -30.96 45.49
C ILE A 767 -16.27 -31.35 45.15
N PRO A 768 -15.77 -32.55 45.52
CA PRO A 768 -14.38 -32.89 45.27
C PRO A 768 -14.06 -32.88 43.77
N PHE A 769 -12.88 -32.39 43.39
CA PHE A 769 -12.51 -32.27 41.96
C PHE A 769 -12.51 -33.65 41.34
N SER A 770 -12.20 -34.66 42.12
CA SER A 770 -12.08 -36.02 41.53
C SER A 770 -13.41 -36.41 40.90
N LEU A 771 -14.51 -36.14 41.58
CA LEU A 771 -15.79 -36.61 41.02
C LEU A 771 -15.98 -35.93 39.69
N ALA A 772 -15.57 -34.68 39.59
CA ALA A 772 -15.87 -33.93 38.36
C ALA A 772 -15.21 -34.61 37.17
N ILE A 773 -13.97 -35.03 37.31
CA ILE A 773 -13.35 -35.57 36.08
C ILE A 773 -14.16 -36.77 35.66
N GLN A 774 -14.63 -37.56 36.62
CA GLN A 774 -15.33 -38.80 36.22
C GLN A 774 -16.53 -38.40 35.39
N SER A 775 -17.22 -37.35 35.79
CA SER A 775 -18.46 -37.02 35.05
C SER A 775 -18.10 -36.68 33.62
N ARG A 776 -17.04 -35.91 33.44
CA ARG A 776 -16.68 -35.47 32.08
C ARG A 776 -16.37 -36.72 31.26
N LEU A 777 -15.73 -37.71 31.88
CA LEU A 777 -15.37 -38.97 31.17
C LEU A 777 -16.66 -39.63 30.73
N ASN A 778 -17.69 -39.56 31.56
CA ASN A 778 -18.92 -40.30 31.24
C ASN A 778 -19.37 -39.80 29.88
N TYR A 779 -19.11 -38.55 29.56
CA TYR A 779 -19.63 -38.01 28.29
C TYR A 779 -19.10 -38.88 27.17
N VAL A 780 -17.82 -39.22 27.19
CA VAL A 780 -17.31 -40.01 26.03
C VAL A 780 -17.97 -41.37 26.11
N ALA A 781 -18.08 -41.93 27.31
CA ALA A 781 -18.77 -43.22 27.47
C ALA A 781 -19.10 -43.49 28.94
N LEU A 782 -20.02 -44.41 29.20
CA LEU A 782 -20.47 -44.67 30.59
C LEU A 782 -19.39 -45.34 31.42
N GLN A 783 -18.45 -44.58 31.96
CA GLN A 783 -17.50 -45.26 32.84
C GLN A 783 -18.25 -46.11 33.85
N THR A 784 -17.91 -47.38 33.94
CA THR A 784 -18.69 -48.35 34.69
C THR A 784 -17.95 -48.97 35.88
N ASP A 785 -16.80 -48.44 36.25
CA ASP A 785 -16.00 -49.05 37.31
C ASP A 785 -16.33 -48.44 38.67
N VAL A 786 -16.23 -49.27 39.72
CA VAL A 786 -16.50 -48.79 41.07
C VAL A 786 -15.24 -48.32 41.79
N LEU A 787 -14.07 -48.86 41.46
CA LEU A 787 -12.81 -48.45 42.07
C LEU A 787 -12.01 -47.76 40.97
N GLN A 788 -11.95 -46.44 41.04
CA GLN A 788 -11.60 -45.62 39.88
C GLN A 788 -10.10 -45.39 39.86
N GLU A 789 -9.39 -46.26 39.16
CA GLU A 789 -7.94 -46.17 39.10
C GLU A 789 -7.47 -44.99 38.26
N ASN A 790 -8.28 -44.56 37.29
CA ASN A 790 -7.86 -43.50 36.38
C ASN A 790 -7.67 -42.19 37.14
N GLN A 791 -8.65 -41.84 37.99
CA GLN A 791 -8.58 -40.61 38.76
C GLN A 791 -7.24 -40.49 39.48
N LYS A 792 -6.74 -41.60 40.00
CA LYS A 792 -5.54 -41.57 40.83
C LYS A 792 -4.28 -41.74 40.00
N ILE A 793 -4.34 -42.37 38.84
CA ILE A 793 -3.13 -42.59 38.07
C ILE A 793 -2.81 -41.37 37.22
N LEU A 794 -3.81 -40.82 36.54
CA LEU A 794 -3.51 -39.79 35.54
C LEU A 794 -2.98 -38.52 36.17
N ALA A 795 -3.29 -38.25 37.44
CA ALA A 795 -2.83 -37.02 38.07
C ALA A 795 -1.32 -37.00 38.21
N ALA A 796 -0.72 -38.14 38.53
CA ALA A 796 0.73 -38.20 38.65
C ALA A 796 1.42 -37.88 37.34
N SER A 797 0.83 -38.28 36.22
CA SER A 797 1.38 -37.87 34.95
C SER A 797 1.06 -36.43 34.64
N PHE A 798 -0.08 -35.95 35.13
CA PHE A 798 -0.55 -34.62 34.79
C PHE A 798 0.32 -33.55 35.41
N ASN A 799 0.48 -33.61 36.73
CA ASN A 799 1.28 -32.60 37.40
C ASN A 799 2.73 -32.66 36.96
N LYS A 800 3.22 -33.86 36.62
CA LYS A 800 4.58 -33.96 36.12
C LYS A 800 4.71 -33.30 34.76
N ALA A 801 3.74 -33.51 33.87
CA ALA A 801 3.78 -32.86 32.58
C ALA A 801 3.72 -31.35 32.75
N MET A 802 2.94 -30.88 33.71
CA MET A 802 2.83 -29.45 33.92
C MET A 802 4.14 -28.87 34.41
N THR A 803 4.80 -29.55 35.36
CA THR A 803 6.09 -29.05 35.81
C THR A 803 7.10 -29.07 34.67
N ASN A 804 7.00 -30.08 33.81
CA ASN A 804 7.89 -30.16 32.68
C ASN A 804 7.68 -28.99 31.73
N ILE A 805 6.42 -28.60 31.51
CA ILE A 805 6.20 -27.56 30.51
C ILE A 805 6.49 -26.18 31.10
N VAL A 806 6.23 -25.97 32.39
CA VAL A 806 6.62 -24.68 32.94
C VAL A 806 8.13 -24.57 32.98
N ASP A 807 8.84 -25.69 33.15
CA ASP A 807 10.28 -25.65 33.01
C ASP A 807 10.68 -25.33 31.58
N ALA A 808 9.93 -25.87 30.61
CA ALA A 808 10.21 -25.55 29.22
C ALA A 808 10.08 -24.06 28.97
N PHE A 809 9.06 -23.45 29.55
CA PHE A 809 8.97 -21.99 29.53
C PHE A 809 10.22 -21.37 30.13
N THR A 810 10.60 -21.79 31.33
CA THR A 810 11.69 -21.15 32.03
C THR A 810 12.97 -21.97 31.91
N SER A 820 9.81 -34.89 22.45
CA SER A 820 8.53 -34.43 23.00
C SER A 820 7.99 -33.25 22.19
N GLN A 821 7.00 -33.55 21.37
CA GLN A 821 6.43 -32.55 20.47
C GLN A 821 5.89 -31.34 21.23
N ALA A 822 5.28 -31.57 22.39
CA ALA A 822 4.78 -30.47 23.20
C ALA A 822 5.82 -29.36 23.32
N LEU A 823 7.09 -29.74 23.45
CA LEU A 823 8.17 -28.77 23.55
C LEU A 823 8.26 -27.90 22.31
N GLN A 824 8.23 -28.52 21.13
CA GLN A 824 8.26 -27.73 19.91
C GLN A 824 7.02 -26.87 19.77
N THR A 825 5.89 -27.35 20.29
CA THR A 825 4.68 -26.54 20.26
C THR A 825 4.89 -25.27 21.08
N VAL A 826 5.47 -25.41 22.26
CA VAL A 826 5.74 -24.25 23.11
C VAL A 826 6.73 -23.32 22.43
N ALA A 827 7.74 -23.90 21.77
CA ALA A 827 8.68 -23.07 21.02
C ALA A 827 7.98 -22.30 19.91
N THR A 828 6.98 -22.92 19.30
CA THR A 828 6.27 -22.25 18.21
C THR A 828 5.47 -21.09 18.75
N ALA A 829 4.80 -21.31 19.88
CA ALA A 829 4.01 -20.24 20.47
C ALA A 829 4.91 -19.06 20.85
N LEU A 830 6.03 -19.34 21.52
CA LEU A 830 6.94 -18.27 21.90
C LEU A 830 7.45 -17.52 20.69
N ASN A 831 7.77 -18.26 19.62
CA ASN A 831 8.23 -17.60 18.41
C ASN A 831 7.14 -16.72 17.83
N LYS A 832 5.89 -17.11 18.02
CA LYS A 832 4.81 -16.37 17.42
C LYS A 832 4.58 -15.09 18.20
N ILE A 833 4.80 -15.15 19.51
CA ILE A 833 4.59 -13.98 20.35
C ILE A 833 5.65 -12.93 20.04
N GLN A 834 6.91 -13.36 19.98
CA GLN A 834 7.93 -12.38 19.65
C GLN A 834 7.77 -11.87 18.23
N ASP A 835 7.15 -12.68 17.36
CA ASP A 835 6.87 -12.24 16.02
C ASP A 835 5.87 -11.09 16.03
N VAL A 836 4.75 -11.27 16.72
CA VAL A 836 3.73 -10.23 16.70
C VAL A 836 4.26 -8.96 17.36
N VAL A 837 5.11 -9.10 18.38
CA VAL A 837 5.59 -7.89 19.04
C VAL A 837 6.53 -7.11 18.13
N ASN A 838 7.41 -7.80 17.40
CA ASN A 838 8.27 -7.10 16.45
C ASN A 838 7.43 -6.48 15.35
N GLN A 839 6.41 -7.21 14.90
CA GLN A 839 5.55 -6.74 13.82
C GLN A 839 4.80 -5.49 14.23
N GLN A 840 4.50 -5.37 15.52
CA GLN A 840 3.80 -4.17 15.97
C GLN A 840 4.76 -2.99 16.10
N GLY A 841 5.95 -3.22 16.65
CA GLY A 841 6.84 -2.10 16.88
C GLY A 841 7.37 -1.47 15.61
N ASN A 842 7.81 -2.30 14.66
CA ASN A 842 8.49 -1.65 13.54
C ASN A 842 7.56 -0.91 12.60
N SER A 843 6.25 -0.92 12.84
CA SER A 843 5.36 -0.11 12.03
C SER A 843 5.59 1.37 12.31
N LEU A 844 5.45 1.78 13.55
CA LEU A 844 5.68 3.18 13.83
C LEU A 844 7.17 3.49 13.87
N ASN A 845 8.02 2.48 14.09
CA ASN A 845 9.44 2.74 13.92
C ASN A 845 9.76 3.11 12.49
N HIS A 846 8.99 2.60 11.53
CA HIS A 846 9.12 3.08 10.17
C HIS A 846 8.42 4.41 9.94
N LEU A 847 7.29 4.62 10.59
CA LEU A 847 6.56 5.87 10.35
C LEU A 847 7.39 7.06 10.78
N THR A 848 7.81 7.08 12.04
CA THR A 848 8.39 8.29 12.60
C THR A 848 9.71 8.66 11.94
N SER A 849 10.28 7.79 11.13
CA SER A 849 11.53 8.09 10.47
C SER A 849 11.35 8.91 9.19
N GLN A 850 10.19 8.88 8.57
CA GLN A 850 10.08 9.47 7.24
C GLN A 850 10.05 10.99 7.25
N LEU A 851 9.70 11.62 8.36
CA LEU A 851 9.73 13.08 8.34
C LEU A 851 11.13 13.65 8.45
N ARG A 852 12.11 12.83 8.80
CA ARG A 852 13.49 13.31 8.84
C ARG A 852 14.04 13.61 7.45
N GLN A 853 13.41 13.10 6.40
CA GLN A 853 13.88 13.33 5.04
C GLN A 853 12.92 14.26 4.33
N ASN A 854 13.48 15.19 3.56
CA ASN A 854 12.71 16.18 2.83
C ASN A 854 12.59 15.75 1.37
N PHE A 855 11.35 15.63 0.90
CA PHE A 855 11.13 15.06 -0.42
C PHE A 855 11.82 15.89 -1.49
N GLN A 856 11.51 17.18 -1.53
CA GLN A 856 12.15 18.02 -2.53
C GLN A 856 12.58 19.37 -1.98
N ALA A 857 12.17 19.72 -0.77
CA ALA A 857 12.46 21.02 -0.20
C ALA A 857 13.92 21.16 0.16
N ILE A 858 14.35 22.41 0.33
CA ILE A 858 15.74 22.69 0.68
C ILE A 858 16.11 21.98 1.98
N SER A 859 15.24 22.08 2.99
CA SER A 859 15.48 21.40 4.25
C SER A 859 14.17 21.02 4.91
N SER A 860 14.26 20.07 5.83
CA SER A 860 13.06 19.62 6.54
C SER A 860 12.47 20.71 7.42
N SER A 861 13.31 21.49 8.09
CA SER A 861 12.82 22.45 9.08
C SER A 861 11.97 23.53 8.42
N ILE A 862 10.68 23.54 8.75
CA ILE A 862 9.80 24.57 8.21
C ILE A 862 10.22 25.93 8.72
N GLN A 863 10.61 26.00 9.99
CA GLN A 863 11.03 27.27 10.56
C GLN A 863 12.25 27.80 9.82
N ALA A 864 13.20 26.92 9.52
CA ALA A 864 14.36 27.33 8.75
C ALA A 864 13.95 27.77 7.35
N ILE A 865 13.00 27.08 6.75
CA ILE A 865 12.57 27.44 5.41
C ILE A 865 12.02 28.86 5.41
N TYR A 866 11.24 29.19 6.43
CA TYR A 866 10.74 30.55 6.53
C TYR A 866 11.87 31.54 6.74
N ASP A 867 12.89 31.16 7.52
CA ASP A 867 14.00 32.07 7.72
C ASP A 867 14.75 32.34 6.42
N ARG A 868 14.90 31.32 5.59
CA ARG A 868 15.72 31.44 4.39
C ARG A 868 15.02 32.09 3.21
N LEU A 869 13.74 32.45 3.32
CA LEU A 869 13.00 32.92 2.16
C LEU A 869 11.97 33.97 2.56
N ASP A 870 11.58 34.77 1.56
CA ASP A 870 10.55 35.83 1.74
C ASP A 870 9.16 35.21 1.57
N ILE A 871 8.05 35.96 1.75
CA ILE A 871 6.70 35.37 1.67
C ILE A 871 6.34 34.72 0.31
N ILE A 872 6.71 35.33 -0.85
CA ILE A 872 6.38 34.76 -2.16
C ILE A 872 6.96 33.38 -2.52
N GLN A 873 8.22 33.11 -2.16
CA GLN A 873 8.87 31.83 -2.57
C GLN A 873 9.07 30.86 -1.40
N ALA A 874 8.50 31.13 -0.23
CA ALA A 874 8.67 30.23 0.90
C ALA A 874 7.55 29.21 0.95
N ASP A 875 6.31 29.68 0.89
CA ASP A 875 5.19 28.76 0.90
C ASP A 875 5.23 27.84 -0.31
N GLN A 876 5.77 28.34 -1.41
CA GLN A 876 5.83 27.55 -2.63
C GLN A 876 6.76 26.35 -2.44
N GLN A 877 7.87 26.54 -1.77
CA GLN A 877 8.69 25.37 -1.47
C GLN A 877 8.28 24.64 -0.21
N VAL A 878 7.40 25.24 0.59
CA VAL A 878 6.89 24.56 1.77
C VAL A 878 5.94 23.45 1.37
N ASP A 879 4.92 23.80 0.60
CA ASP A 879 3.77 22.92 0.45
C ASP A 879 4.13 21.54 -0.09
N ARG A 880 5.24 21.42 -0.82
CA ARG A 880 5.61 20.12 -1.33
C ARG A 880 6.09 19.18 -0.23
N LEU A 881 6.45 19.69 0.94
CA LEU A 881 6.62 18.83 2.09
C LEU A 881 5.31 18.16 2.47
N ILE A 882 4.29 18.96 2.74
CA ILE A 882 3.07 18.39 3.26
C ILE A 882 2.42 17.52 2.21
N THR A 883 2.65 17.84 0.94
CA THR A 883 2.09 17.00 -0.12
C THR A 883 2.62 15.58 -0.06
N GLY A 884 3.82 15.39 0.47
CA GLY A 884 4.36 14.05 0.64
C GLY A 884 3.96 13.43 1.95
N ARG A 885 3.97 14.27 2.98
CA ARG A 885 3.68 13.78 4.31
C ARG A 885 2.26 13.22 4.39
N LEU A 886 1.31 13.91 3.78
CA LEU A 886 -0.06 13.41 3.78
C LEU A 886 -0.14 12.05 3.10
N ALA A 887 0.62 11.85 2.04
CA ALA A 887 0.61 10.56 1.37
C ALA A 887 1.11 9.47 2.29
N ALA A 888 2.24 9.72 2.96
CA ALA A 888 2.75 8.73 3.88
C ALA A 888 1.75 8.41 4.97
N LEU A 889 1.04 9.43 5.44
CA LEU A 889 0.06 9.23 6.49
C LEU A 889 -1.09 8.37 6.00
N ASN A 890 -1.54 8.64 4.77
CA ASN A 890 -2.62 7.85 4.22
C ASN A 890 -2.21 6.40 4.01
N VAL A 891 -0.94 6.17 3.73
CA VAL A 891 -0.46 4.80 3.63
C VAL A 891 -0.55 4.13 4.99
N PHE A 892 -0.11 4.82 6.03
CA PHE A 892 -0.14 4.24 7.37
C PHE A 892 -1.56 3.89 7.79
N VAL A 893 -2.51 4.79 7.55
CA VAL A 893 -3.88 4.48 7.98
C VAL A 893 -4.44 3.32 7.18
N SER A 894 -4.15 3.29 5.88
CA SER A 894 -4.69 2.21 5.06
C SER A 894 -4.10 0.87 5.44
N HIS A 895 -2.94 0.86 6.07
CA HIS A 895 -2.42 -0.42 6.55
C HIS A 895 -2.90 -0.76 7.94
N THR A 896 -3.28 0.24 8.73
CA THR A 896 -3.81 -0.11 10.05
C THR A 896 -5.20 -0.71 9.91
N LEU A 897 -6.02 -0.14 9.02
CA LEU A 897 -7.33 -0.74 8.82
C LEU A 897 -7.20 -2.18 8.35
N THR A 898 -6.18 -2.47 7.56
CA THR A 898 -5.97 -3.82 7.09
C THR A 898 -5.42 -4.71 8.19
N LYS A 899 -4.91 -4.14 9.27
CA LYS A 899 -4.58 -5.00 10.39
C LYS A 899 -5.83 -5.33 11.22
N TYR A 900 -6.69 -4.34 11.42
CA TYR A 900 -7.89 -4.59 12.22
C TYR A 900 -8.83 -5.58 11.54
N THR A 901 -9.07 -5.36 10.25
CA THR A 901 -10.08 -6.17 9.58
C THR A 901 -9.67 -7.63 9.52
N GLU A 902 -8.37 -7.90 9.62
CA GLU A 902 -7.92 -9.27 9.61
C GLU A 902 -7.85 -9.87 11.00
N VAL A 903 -7.44 -9.09 12.00
CA VAL A 903 -7.39 -9.64 13.36
C VAL A 903 -8.79 -9.99 13.83
N ARG A 904 -9.81 -9.32 13.29
CA ARG A 904 -11.18 -9.65 13.66
C ARG A 904 -11.51 -11.12 13.45
N ALA A 905 -10.92 -11.75 12.45
CA ALA A 905 -11.16 -13.18 12.23
C ALA A 905 -10.59 -14.00 13.37
N SER A 906 -9.38 -13.68 13.80
CA SER A 906 -8.79 -14.43 14.90
C SER A 906 -9.60 -14.24 16.16
N ARG A 907 -10.15 -13.04 16.34
CA ARG A 907 -11.05 -12.83 17.48
C ARG A 907 -12.24 -13.75 17.39
N GLN A 908 -12.84 -13.85 16.20
CA GLN A 908 -13.99 -14.74 16.03
C GLN A 908 -13.64 -16.15 16.41
N LEU A 909 -12.51 -16.65 15.91
CA LEU A 909 -12.13 -18.02 16.20
C LEU A 909 -11.87 -18.22 17.69
N ALA A 910 -11.19 -17.27 18.32
CA ALA A 910 -10.88 -17.39 19.73
C ALA A 910 -12.15 -17.46 20.55
N GLN A 911 -13.08 -16.54 20.32
CA GLN A 911 -14.33 -16.59 21.05
C GLN A 911 -15.11 -17.85 20.71
N GLN A 912 -14.88 -18.41 19.52
CA GLN A 912 -15.64 -19.57 19.13
C GLN A 912 -15.12 -20.83 19.80
N LYS A 913 -13.84 -20.84 20.15
CA LYS A 913 -13.32 -22.05 20.77
C LYS A 913 -13.17 -21.94 22.28
N VAL A 914 -13.06 -20.73 22.83
CA VAL A 914 -12.96 -20.65 24.28
C VAL A 914 -14.25 -21.10 24.92
N ASN A 915 -15.39 -20.69 24.36
CA ASN A 915 -16.68 -21.10 24.88
C ASN A 915 -17.02 -22.53 24.52
N GLU A 916 -16.29 -23.13 23.59
CA GLU A 916 -16.56 -24.53 23.25
C GLU A 916 -15.68 -25.45 24.10
N CYS A 917 -14.36 -25.37 23.91
CA CYS A 917 -13.47 -26.26 24.66
C CYS A 917 -13.48 -25.91 26.14
N VAL A 918 -13.45 -24.62 26.48
CA VAL A 918 -13.34 -24.23 27.88
C VAL A 918 -14.56 -24.65 28.67
N LYS A 919 -15.74 -24.62 28.06
CA LYS A 919 -16.95 -24.89 28.81
C LYS A 919 -17.41 -26.35 28.70
N SER A 920 -17.59 -26.86 27.49
CA SER A 920 -18.18 -28.19 27.31
C SER A 920 -17.36 -29.01 26.33
N GLN A 921 -16.91 -30.19 26.76
CA GLN A 921 -16.13 -31.08 25.93
C GLN A 921 -16.71 -31.19 24.52
N SER A 922 -15.84 -31.08 23.54
CA SER A 922 -16.22 -31.23 22.14
C SER A 922 -16.20 -32.68 21.71
N LYS A 923 -17.11 -33.03 20.82
CA LYS A 923 -17.05 -34.30 20.12
C LYS A 923 -16.45 -34.16 18.74
N ARG A 924 -15.83 -33.02 18.45
CA ARG A 924 -15.25 -32.78 17.14
C ARG A 924 -13.79 -33.19 17.16
N TYR A 925 -13.39 -34.01 16.21
CA TYR A 925 -12.03 -34.48 16.15
C TYR A 925 -11.09 -33.38 15.74
N GLY A 926 -9.96 -33.27 16.45
CA GLY A 926 -8.93 -32.35 16.05
C GLY A 926 -9.20 -30.90 16.38
N PHE A 927 -10.28 -30.60 17.08
CA PHE A 927 -10.51 -29.21 17.45
C PHE A 927 -9.96 -28.85 18.81
N CYS A 928 -9.81 -29.82 19.71
CA CYS A 928 -9.36 -29.53 21.05
C CYS A 928 -8.03 -30.17 21.39
N GLY A 929 -7.57 -31.14 20.61
CA GLY A 929 -6.29 -31.78 20.84
C GLY A 929 -6.13 -32.95 19.89
N ASN A 930 -5.02 -33.68 20.05
CA ASN A 930 -4.79 -34.76 19.11
C ASN A 930 -5.87 -35.82 19.23
N GLY A 931 -6.24 -36.16 20.46
CA GLY A 931 -7.21 -37.20 20.71
C GLY A 931 -8.42 -36.77 21.50
N THR A 932 -9.05 -37.70 22.22
CA THR A 932 -10.20 -37.36 23.02
C THR A 932 -9.85 -36.30 24.06
N HIS A 933 -10.77 -35.38 24.26
CA HIS A 933 -10.56 -34.18 25.04
C HIS A 933 -11.31 -34.27 26.35
N ILE A 934 -10.67 -33.83 27.44
CA ILE A 934 -11.28 -33.85 28.75
C ILE A 934 -11.60 -32.45 29.25
N PHE A 935 -10.61 -31.57 29.30
CA PHE A 935 -10.83 -30.20 29.73
C PHE A 935 -9.65 -29.36 29.30
N SER A 936 -9.84 -28.04 29.39
CA SER A 936 -8.84 -27.10 28.91
C SER A 936 -8.78 -25.90 29.83
N LEU A 937 -7.56 -25.46 30.12
CA LEU A 937 -7.32 -24.24 30.87
C LEU A 937 -6.99 -23.10 29.93
N VAL A 938 -7.10 -21.88 30.46
CA VAL A 938 -6.84 -20.67 29.68
C VAL A 938 -6.10 -19.67 30.55
N ASN A 939 -5.13 -18.98 29.96
CA ASN A 939 -4.52 -17.82 30.59
C ASN A 939 -4.32 -16.71 29.57
N ALA A 940 -3.97 -15.54 30.07
CA ALA A 940 -3.74 -14.38 29.22
C ALA A 940 -2.29 -14.33 28.78
N ALA A 941 -2.01 -13.40 27.88
CA ALA A 941 -0.70 -13.27 27.26
C ALA A 941 -0.73 -11.97 26.45
N PRO A 942 0.41 -11.44 26.02
CA PRO A 942 0.39 -10.15 25.34
C PRO A 942 -0.51 -10.16 24.13
N GLU A 943 -1.60 -9.39 24.21
CA GLU A 943 -2.56 -9.26 23.12
C GLU A 943 -3.13 -10.60 22.71
N GLY A 944 -3.24 -11.54 23.63
CA GLY A 944 -3.68 -12.86 23.22
C GLY A 944 -3.92 -13.77 24.40
N LEU A 945 -4.33 -14.98 24.10
CA LEU A 945 -4.57 -16.00 25.09
C LEU A 945 -3.65 -17.19 24.85
N VAL A 946 -3.65 -18.10 25.82
CA VAL A 946 -2.92 -19.35 25.71
C VAL A 946 -3.77 -20.43 26.36
N PHE A 947 -3.81 -21.60 25.73
CA PHE A 947 -4.65 -22.68 26.19
C PHE A 947 -3.83 -23.87 26.66
N LEU A 948 -4.48 -24.71 27.45
CA LEU A 948 -3.87 -25.92 28.01
C LEU A 948 -4.89 -27.04 27.84
N HIS A 949 -4.82 -27.71 26.70
CA HIS A 949 -5.74 -28.78 26.32
C HIS A 949 -5.28 -30.12 26.89
N THR A 950 -5.86 -30.54 28.00
CA THR A 950 -5.52 -31.86 28.52
C THR A 950 -6.30 -32.93 27.75
N VAL A 951 -5.61 -34.00 27.35
CA VAL A 951 -6.13 -34.99 26.43
C VAL A 951 -5.79 -36.39 26.94
N LEU A 952 -6.15 -37.40 26.17
CA LEU A 952 -5.93 -38.79 26.55
C LEU A 952 -5.32 -39.55 25.39
N LEU A 953 -4.31 -40.37 25.66
CA LEU A 953 -3.62 -41.07 24.54
C LEU A 953 -3.50 -42.53 24.94
N PRO A 954 -3.82 -43.50 24.05
CA PRO A 954 -3.84 -44.89 24.48
C PRO A 954 -2.47 -45.52 24.75
N THR A 955 -2.25 -45.98 25.98
CA THR A 955 -0.98 -46.65 26.34
C THR A 955 -0.87 -48.01 25.67
N GLN A 956 -1.94 -48.79 25.71
CA GLN A 956 -1.88 -50.18 25.15
C GLN A 956 -3.27 -50.58 24.68
N TYR A 957 -3.37 -51.61 23.86
CA TYR A 957 -4.67 -52.03 23.30
C TYR A 957 -4.96 -53.45 23.78
N LYS A 958 -6.23 -53.76 24.04
CA LYS A 958 -6.57 -55.15 24.44
C LYS A 958 -7.35 -55.81 23.31
N ASP A 959 -6.89 -56.98 22.86
CA ASP A 959 -7.56 -57.69 21.73
C ASP A 959 -8.78 -58.45 22.23
N VAL A 960 -9.71 -58.81 21.35
CA VAL A 960 -10.93 -59.49 21.76
C VAL A 960 -11.63 -60.03 20.51
N GLU A 961 -12.43 -61.07 20.70
CA GLU A 961 -13.07 -61.82 19.62
C GLU A 961 -14.58 -61.59 19.66
N ALA A 962 -15.13 -61.02 18.59
CA ALA A 962 -16.47 -60.49 18.57
C ALA A 962 -17.41 -61.28 17.66
N TRP A 963 -18.65 -60.81 17.62
CA TRP A 963 -19.72 -61.37 16.80
C TRP A 963 -20.51 -60.17 16.28
N SER A 964 -20.79 -60.15 14.98
CA SER A 964 -21.46 -59.00 14.39
C SER A 964 -22.95 -58.94 14.67
N GLY A 965 -23.54 -60.00 15.19
CA GLY A 965 -24.94 -59.96 15.57
C GLY A 965 -25.35 -61.25 16.23
N LEU A 966 -26.66 -61.46 16.33
CA LEU A 966 -27.16 -62.65 16.98
C LEU A 966 -28.32 -63.19 16.17
N CYS A 967 -28.46 -64.51 16.18
CA CYS A 967 -29.60 -65.17 15.55
C CYS A 967 -30.22 -66.12 16.56
N VAL A 968 -31.52 -65.98 16.77
CA VAL A 968 -32.23 -66.86 17.69
C VAL A 968 -32.54 -68.14 16.92
N ASP A 969 -33.00 -69.17 17.63
CA ASP A 969 -33.41 -70.40 16.94
C ASP A 969 -34.49 -70.10 15.91
N GLY A 970 -35.38 -69.19 16.24
CA GLY A 970 -36.31 -68.69 15.27
C GLY A 970 -35.63 -67.80 14.26
N ARG A 971 -36.36 -67.51 13.19
CA ARG A 971 -35.81 -66.74 12.10
C ARG A 971 -35.24 -65.41 12.60
N ASN A 972 -35.84 -64.84 13.62
CA ASN A 972 -35.46 -63.52 14.11
C ASN A 972 -33.99 -63.46 14.49
N GLY A 973 -33.32 -62.42 13.98
CA GLY A 973 -31.97 -62.09 14.37
C GLY A 973 -32.00 -60.78 15.15
N TYR A 974 -31.20 -60.72 16.20
CA TYR A 974 -31.10 -59.53 17.03
C TYR A 974 -29.81 -58.78 16.76
N VAL A 975 -29.90 -57.46 16.90
CA VAL A 975 -28.76 -56.57 16.77
C VAL A 975 -28.82 -55.57 17.91
N LEU A 976 -27.87 -54.65 17.91
CA LEU A 976 -27.72 -53.70 19.02
C LEU A 976 -28.41 -52.39 18.70
N ARG A 977 -28.82 -51.69 19.75
CA ARG A 977 -29.65 -50.52 19.55
C ARG A 977 -28.85 -49.34 19.00
N GLN A 978 -27.55 -49.31 19.25
CA GLN A 978 -26.71 -48.27 18.70
C GLN A 978 -25.37 -48.89 18.35
N PRO A 979 -24.62 -48.27 17.43
CA PRO A 979 -23.44 -48.95 16.89
C PRO A 979 -22.29 -49.02 17.86
N ASN A 980 -22.19 -48.08 18.79
CA ASN A 980 -20.96 -47.92 19.57
C ASN A 980 -20.66 -49.08 20.48
N LEU A 981 -21.50 -50.11 20.50
CA LEU A 981 -21.27 -51.25 21.36
C LEU A 981 -20.80 -52.42 20.52
N ALA A 982 -20.31 -53.46 21.20
CA ALA A 982 -19.83 -54.63 20.48
C ALA A 982 -19.80 -55.82 21.43
N LEU A 983 -20.40 -56.92 21.01
CA LEU A 983 -20.35 -58.15 21.77
C LEU A 983 -18.95 -58.75 21.68
N TYR A 984 -18.65 -59.66 22.60
CA TYR A 984 -17.49 -60.53 22.47
C TYR A 984 -17.64 -61.66 23.47
N LYS A 985 -16.94 -62.75 23.18
CA LYS A 985 -16.92 -63.92 24.06
C LYS A 985 -15.72 -63.78 24.97
N GLU A 986 -15.95 -63.20 26.15
CA GLU A 986 -14.87 -63.05 27.12
C GLU A 986 -14.43 -64.40 27.65
N GLY A 987 -15.38 -65.23 28.03
CA GLY A 987 -15.09 -66.56 28.53
C GLY A 987 -16.20 -67.47 28.10
N ASN A 988 -16.69 -68.29 29.02
CA ASN A 988 -17.88 -69.06 28.72
C ASN A 988 -19.05 -68.12 28.43
N TYR A 989 -19.21 -67.10 29.27
CA TYR A 989 -20.24 -66.10 29.10
C TYR A 989 -19.82 -65.05 28.08
N TYR A 990 -20.80 -64.30 27.59
CA TYR A 990 -20.60 -63.24 26.60
C TYR A 990 -20.70 -61.88 27.28
N ARG A 991 -19.79 -60.99 26.94
CA ARG A 991 -19.79 -59.64 27.47
C ARG A 991 -19.81 -58.64 26.32
N ILE A 992 -20.58 -57.58 26.48
CA ILE A 992 -20.68 -56.53 25.47
C ILE A 992 -20.00 -55.27 26.01
N THR A 993 -19.01 -54.78 25.27
CA THR A 993 -18.24 -53.62 25.70
C THR A 993 -18.48 -52.42 24.79
N SER A 994 -18.05 -51.28 25.29
CA SER A 994 -17.98 -50.07 24.48
C SER A 994 -16.94 -50.21 23.39
N ARG A 995 -17.14 -49.45 22.32
CA ARG A 995 -16.18 -49.46 21.24
C ARG A 995 -14.98 -48.57 21.50
N ILE A 996 -15.07 -47.64 22.46
CA ILE A 996 -14.01 -46.67 22.68
C ILE A 996 -13.28 -46.88 23.99
N MET A 997 -13.80 -47.72 24.88
CA MET A 997 -13.12 -48.01 26.13
C MET A 997 -13.35 -49.47 26.44
N PHE A 998 -12.49 -50.04 27.27
CA PHE A 998 -12.61 -51.45 27.59
C PHE A 998 -13.58 -51.72 28.73
N GLU A 999 -14.26 -50.70 29.23
CA GLU A 999 -15.22 -50.93 30.30
C GLU A 999 -16.25 -51.96 29.84
N PRO A 1000 -16.50 -52.99 30.62
CA PRO A 1000 -17.48 -54.00 30.21
C PRO A 1000 -18.82 -53.81 30.87
N ARG A 1001 -19.91 -54.12 30.17
CA ARG A 1001 -21.25 -54.00 30.73
C ARG A 1001 -21.97 -55.33 30.61
N ILE A 1002 -22.84 -55.59 31.59
CA ILE A 1002 -23.62 -56.82 31.68
C ILE A 1002 -24.55 -56.94 30.47
N PRO A 1003 -24.79 -58.14 29.96
CA PRO A 1003 -25.84 -58.30 28.94
C PRO A 1003 -27.23 -58.26 29.54
N THR A 1004 -28.18 -57.81 28.71
CA THR A 1004 -29.58 -57.74 29.09
C THR A 1004 -30.40 -57.78 27.81
N ILE A 1005 -31.69 -58.04 27.96
CA ILE A 1005 -32.53 -58.16 26.77
C ILE A 1005 -32.89 -56.79 26.22
N ALA A 1006 -32.92 -55.77 27.08
CA ALA A 1006 -33.35 -54.46 26.63
C ALA A 1006 -32.39 -53.83 25.65
N ASP A 1007 -31.17 -54.35 25.56
CA ASP A 1007 -30.16 -53.79 24.69
C ASP A 1007 -30.20 -54.31 23.26
N PHE A 1008 -31.19 -55.12 22.92
CA PHE A 1008 -31.26 -55.71 21.59
C PHE A 1008 -32.46 -55.19 20.81
N VAL A 1009 -32.50 -55.57 19.52
CA VAL A 1009 -33.59 -55.19 18.64
C VAL A 1009 -33.74 -56.29 17.60
N GLN A 1010 -34.97 -56.46 17.12
CA GLN A 1010 -35.38 -57.59 16.30
C GLN A 1010 -35.44 -57.25 14.82
N ILE A 1011 -34.97 -58.19 13.99
CA ILE A 1011 -35.09 -58.11 12.54
C ILE A 1011 -35.34 -59.54 12.02
N GLU A 1012 -36.36 -59.69 11.18
CA GLU A 1012 -36.81 -61.04 10.82
C GLU A 1012 -35.70 -61.85 10.15
N ASN A 1013 -35.18 -61.34 9.03
CA ASN A 1013 -34.24 -62.10 8.22
C ASN A 1013 -32.96 -62.40 8.98
N CYS A 1014 -32.66 -63.69 9.16
CA CYS A 1014 -31.46 -64.12 9.87
C CYS A 1014 -30.27 -64.18 8.93
N ASN A 1015 -29.21 -63.44 9.24
CA ASN A 1015 -27.92 -63.65 8.60
C ASN A 1015 -27.13 -64.72 9.33
N VAL A 1016 -26.64 -65.71 8.57
CA VAL A 1016 -25.90 -66.82 9.16
C VAL A 1016 -24.59 -66.34 9.79
N THR A 1017 -24.06 -65.21 9.34
CA THR A 1017 -22.75 -64.74 9.75
C THR A 1017 -22.68 -64.30 11.22
N PHE A 1018 -23.77 -64.38 11.98
CA PHE A 1018 -23.81 -63.87 13.35
C PHE A 1018 -23.66 -65.03 14.33
N VAL A 1019 -23.79 -64.72 15.62
CA VAL A 1019 -23.78 -65.80 16.60
C VAL A 1019 -25.02 -66.62 16.32
N ASN A 1020 -24.90 -67.92 16.43
CA ASN A 1020 -26.02 -68.82 16.20
C ASN A 1020 -26.41 -69.44 17.53
N ILE A 1021 -27.53 -69.01 18.09
CA ILE A 1021 -27.93 -69.45 19.43
C ILE A 1021 -29.43 -69.68 19.46
N SER A 1022 -29.85 -70.73 20.14
CA SER A 1022 -31.25 -71.10 20.18
C SER A 1022 -31.91 -70.48 21.41
N ARG A 1023 -33.19 -70.80 21.60
CA ARG A 1023 -33.89 -70.24 22.75
C ARG A 1023 -33.42 -70.87 24.04
N SER A 1024 -32.90 -72.09 23.99
CA SER A 1024 -32.45 -72.74 25.21
C SER A 1024 -31.26 -72.01 25.80
N GLU A 1025 -30.17 -71.92 25.05
CA GLU A 1025 -29.00 -71.20 25.54
C GLU A 1025 -29.26 -69.70 25.59
N LEU A 1026 -30.32 -69.23 24.96
CA LEU A 1026 -30.74 -67.85 25.17
C LEU A 1026 -31.04 -67.62 26.64
N GLN A 1027 -31.74 -68.55 27.29
CA GLN A 1027 -31.96 -68.41 28.72
C GLN A 1027 -30.66 -68.42 29.50
N THR A 1028 -29.61 -69.02 28.94
CA THR A 1028 -28.32 -69.02 29.61
C THR A 1028 -27.59 -67.69 29.44
N ILE A 1029 -27.93 -66.92 28.41
CA ILE A 1029 -27.33 -65.61 28.20
C ILE A 1029 -28.20 -64.50 28.77
N VAL A 1030 -29.46 -64.43 28.36
CA VAL A 1030 -30.42 -63.48 28.88
C VAL A 1030 -31.55 -64.25 29.53
N PRO A 1031 -31.99 -63.88 30.73
CA PRO A 1031 -33.05 -64.66 31.41
C PRO A 1031 -34.43 -64.35 30.84
N GLU A 1032 -34.68 -64.85 29.63
CA GLU A 1032 -35.96 -64.62 28.98
C GLU A 1032 -37.11 -65.28 29.71
N TYR A 1033 -36.93 -66.54 30.12
CA TYR A 1033 -38.02 -67.30 30.68
C TYR A 1033 -37.50 -68.44 31.55
N ILE B 48 -23.30 38.81 13.94
CA ILE B 48 -24.53 38.85 13.15
C ILE B 48 -25.60 37.97 13.76
N PRO B 49 -26.80 38.52 13.91
CA PRO B 49 -27.87 37.75 14.55
C PRO B 49 -28.27 36.53 13.73
N SER B 50 -28.61 35.47 14.42
CA SER B 50 -29.05 34.24 13.78
C SER B 50 -30.44 34.44 13.16
N ASP B 51 -30.74 33.60 12.19
CA ASP B 51 -32.01 33.50 11.46
C ASP B 51 -32.10 34.56 10.37
N PHE B 52 -31.03 35.30 10.12
CA PHE B 52 -31.05 36.30 9.07
C PHE B 52 -31.12 35.63 7.70
N ALA B 53 -32.06 36.06 6.87
CA ALA B 53 -32.26 35.45 5.56
C ALA B 53 -31.07 35.68 4.65
N PHE B 54 -30.61 36.94 4.56
CA PHE B 54 -29.47 37.38 3.75
C PHE B 54 -29.54 36.82 2.32
N ASN B 55 -30.72 36.91 1.72
CA ASN B 55 -30.91 36.41 0.37
C ASN B 55 -30.00 37.13 -0.63
N ASN B 56 -29.88 38.45 -0.50
CA ASN B 56 -29.03 39.20 -1.40
C ASN B 56 -27.56 38.87 -1.17
N TRP B 57 -27.16 38.79 0.09
CA TRP B 57 -25.80 38.51 0.51
C TRP B 57 -25.21 37.33 -0.26
N PHE B 58 -23.96 37.47 -0.70
CA PHE B 58 -23.31 36.47 -1.54
C PHE B 58 -21.95 36.09 -0.99
N LEU B 59 -21.43 34.98 -1.49
CA LEU B 59 -20.05 34.58 -1.27
C LEU B 59 -19.11 35.39 -2.15
N LEU B 60 -17.81 35.24 -1.90
CA LEU B 60 -16.77 35.84 -2.73
C LEU B 60 -15.78 34.75 -3.12
N THR B 61 -15.53 34.59 -4.41
CA THR B 61 -14.61 33.57 -4.88
C THR B 61 -13.89 34.04 -6.13
N ASN B 62 -12.55 33.96 -6.12
CA ASN B 62 -11.82 34.23 -7.35
C ASN B 62 -12.05 33.12 -8.37
N THR B 63 -12.00 31.87 -7.92
CA THR B 63 -12.16 30.70 -8.76
C THR B 63 -13.62 30.27 -8.82
N SER B 64 -13.85 29.16 -9.53
CA SER B 64 -15.20 28.64 -9.73
C SER B 64 -15.91 28.40 -8.40
N SER B 65 -17.18 28.81 -8.34
CA SER B 65 -17.97 28.69 -7.13
C SER B 65 -18.41 27.25 -6.90
N VAL B 66 -18.39 26.84 -5.64
CA VAL B 66 -18.98 25.56 -5.26
C VAL B 66 -20.49 25.71 -5.13
N VAL B 67 -21.18 24.58 -5.20
CA VAL B 67 -22.62 24.54 -5.08
C VAL B 67 -23.01 23.51 -4.03
N ASP B 68 -23.93 23.90 -3.13
CA ASP B 68 -24.56 23.00 -2.16
C ASP B 68 -23.56 22.19 -1.34
N GLY B 69 -22.59 22.90 -0.74
CA GLY B 69 -21.57 22.27 0.05
C GLY B 69 -21.36 22.99 1.38
N VAL B 70 -20.58 22.35 2.24
CA VAL B 70 -20.19 22.92 3.52
C VAL B 70 -18.74 23.32 3.42
N VAL B 71 -18.44 24.61 3.63
CA VAL B 71 -17.08 25.09 3.45
C VAL B 71 -16.76 26.14 4.52
N ARG B 72 -15.61 25.99 5.16
CA ARG B 72 -15.06 27.03 6.04
C ARG B 72 -14.08 27.91 5.26
N SER B 73 -14.19 29.21 5.45
CA SER B 73 -13.36 30.15 4.70
C SER B 73 -13.30 31.51 5.42
N PHE B 74 -12.51 32.41 4.83
CA PHE B 74 -12.38 33.79 5.28
C PHE B 74 -13.34 34.70 4.53
N GLN B 75 -14.20 35.38 5.26
CA GLN B 75 -15.13 36.29 4.63
C GLN B 75 -15.16 37.62 5.38
N PRO B 76 -15.53 38.70 4.70
CA PRO B 76 -15.69 40.02 5.33
C PRO B 76 -17.06 40.17 5.97
N LEU B 77 -17.19 39.63 7.17
CA LEU B 77 -18.52 39.52 7.77
C LEU B 77 -18.74 40.29 9.08
N LEU B 78 -17.82 41.21 9.37
CA LEU B 78 -17.89 42.05 10.61
C LEU B 78 -19.13 42.93 10.51
N LEU B 79 -19.97 42.93 11.54
CA LEU B 79 -21.20 43.77 11.50
C LEU B 79 -20.81 45.24 11.39
N ASN B 80 -19.82 45.69 12.16
CA ASN B 80 -19.36 47.11 12.11
C ASN B 80 -20.58 48.02 12.31
N CYS B 81 -20.74 49.01 11.41
CA CYS B 81 -21.93 49.91 11.48
C CYS B 81 -23.14 49.06 11.04
N LEU B 82 -24.23 49.09 11.81
CA LEU B 82 -25.44 48.26 11.52
C LEU B 82 -25.88 48.45 10.06
N TRP B 83 -26.28 49.67 9.72
CA TRP B 83 -26.73 50.03 8.38
C TRP B 83 -25.76 50.97 7.69
N SER B 84 -25.71 52.20 8.19
CA SER B 84 -24.84 53.29 7.78
C SER B 84 -25.32 53.91 6.47
N VAL B 85 -26.44 53.45 5.91
CA VAL B 85 -26.88 53.99 4.62
C VAL B 85 -28.39 54.25 4.60
N SER B 86 -29.04 54.20 5.75
CA SER B 86 -30.49 54.34 5.77
C SER B 86 -30.94 55.65 5.09
N GLY B 87 -31.89 55.54 4.18
CA GLY B 87 -32.36 56.68 3.42
C GLY B 87 -31.42 57.20 2.36
N LEU B 88 -30.53 56.33 1.86
CA LEU B 88 -29.53 56.67 0.83
C LEU B 88 -30.09 57.54 -0.30
N ARG B 89 -29.37 58.61 -0.59
CA ARG B 89 -29.69 59.59 -1.62
C ARG B 89 -28.46 59.76 -2.50
N PHE B 90 -28.59 60.55 -3.57
CA PHE B 90 -27.47 60.68 -4.51
C PHE B 90 -26.24 61.28 -3.84
N THR B 91 -26.43 62.21 -2.91
CA THR B 91 -25.30 62.82 -2.21
C THR B 91 -24.92 61.93 -1.03
N THR B 92 -24.40 60.75 -1.36
CA THR B 92 -24.03 59.78 -0.33
C THR B 92 -22.75 60.18 0.41
N GLY B 93 -21.97 61.09 -0.18
CA GLY B 93 -20.73 61.55 0.47
C GLY B 93 -19.58 60.57 0.31
N PHE B 94 -18.41 60.90 0.86
CA PHE B 94 -17.22 60.04 0.74
C PHE B 94 -16.94 59.38 2.09
N VAL B 95 -16.90 58.05 2.12
CA VAL B 95 -16.55 57.34 3.39
C VAL B 95 -15.20 56.66 3.14
N TYR B 96 -14.24 56.82 4.04
CA TYR B 96 -12.90 56.23 3.76
C TYR B 96 -12.52 55.28 4.88
N PHE B 97 -13.09 54.07 4.88
CA PHE B 97 -12.68 53.07 5.89
C PHE B 97 -12.60 53.75 7.26
N ASN B 98 -13.64 54.50 7.61
CA ASN B 98 -13.72 55.18 8.93
C ASN B 98 -15.11 54.95 9.50
N GLY B 99 -15.34 55.40 10.72
CA GLY B 99 -16.69 55.29 11.32
C GLY B 99 -17.55 56.42 10.81
N THR B 100 -17.03 57.18 9.85
CA THR B 100 -17.77 58.37 9.36
C THR B 100 -18.86 57.89 8.40
N GLY B 101 -19.81 57.10 8.90
CA GLY B 101 -20.94 56.64 8.09
C GLY B 101 -22.23 57.14 8.70
N ARG B 102 -23.05 57.82 7.90
CA ARG B 102 -24.29 58.44 8.45
C ARG B 102 -25.34 57.35 8.66
N GLY B 103 -25.17 56.56 9.72
CA GLY B 103 -26.09 55.48 10.01
C GLY B 103 -26.02 55.02 11.44
N ASP B 104 -26.94 54.13 11.77
CA ASP B 104 -27.04 53.53 13.10
C ASP B 104 -26.07 52.37 13.17
N CYS B 105 -24.92 52.59 13.78
CA CYS B 105 -23.93 51.53 13.95
C CYS B 105 -24.41 50.46 14.93
N LYS B 106 -25.24 50.85 15.91
CA LYS B 106 -25.85 50.02 16.96
C LYS B 106 -24.88 49.82 18.12
N GLY B 107 -23.69 50.40 18.08
CA GLY B 107 -22.77 50.34 19.19
C GLY B 107 -22.00 49.06 19.33
N PHE B 108 -22.28 48.06 18.51
CA PHE B 108 -21.51 46.84 18.48
C PHE B 108 -20.30 47.02 17.57
N SER B 109 -20.28 48.17 16.86
CA SER B 109 -19.18 48.47 15.91
C SER B 109 -18.01 49.14 16.62
N SER B 110 -16.82 48.56 16.50
CA SER B 110 -15.59 49.10 17.13
C SER B 110 -15.29 50.48 16.53
N ASP B 111 -15.46 50.61 15.20
CA ASP B 111 -15.24 51.84 14.39
C ASP B 111 -13.75 52.10 14.16
N VAL B 112 -12.89 51.12 14.44
CA VAL B 112 -11.41 51.27 14.26
C VAL B 112 -11.09 51.37 12.77
N LEU B 113 -11.43 50.33 11.99
CA LEU B 113 -11.16 50.30 10.56
C LEU B 113 -12.05 49.23 9.95
N SER B 114 -12.31 49.36 8.65
CA SER B 114 -13.06 48.37 7.91
C SER B 114 -12.25 47.94 6.71
N ASP B 115 -11.96 46.65 6.60
CA ASP B 115 -11.19 46.18 5.45
C ASP B 115 -11.95 46.35 4.15
N VAL B 116 -13.27 46.12 4.13
CA VAL B 116 -14.02 46.15 2.87
C VAL B 116 -15.36 46.86 3.02
N ILE B 117 -15.91 47.26 1.88
CA ILE B 117 -17.19 47.94 1.77
C ILE B 117 -18.14 47.09 0.94
N ARG B 118 -19.32 46.80 1.50
CA ARG B 118 -20.33 45.99 0.84
C ARG B 118 -21.62 46.79 0.63
N TYR B 119 -22.15 46.76 -0.60
CA TYR B 119 -23.39 47.44 -0.95
C TYR B 119 -24.44 46.37 -1.27
N ASN B 120 -25.56 46.43 -0.56
CA ASN B 120 -26.69 45.54 -0.74
C ASN B 120 -27.82 46.39 -1.28
N LEU B 121 -28.39 45.94 -2.39
CA LEU B 121 -29.40 46.67 -3.13
C LEU B 121 -30.76 46.00 -3.03
N ASN B 122 -31.75 46.78 -2.65
CA ASN B 122 -33.14 46.38 -2.48
C ASN B 122 -34.01 47.33 -3.27
N PHE B 123 -34.04 47.11 -4.57
CA PHE B 123 -34.81 47.93 -5.49
C PHE B 123 -35.56 46.99 -6.41
N GLU B 124 -36.58 47.52 -7.08
CA GLU B 124 -37.29 46.68 -8.02
C GLU B 124 -36.38 46.47 -9.23
N GLU B 125 -36.67 45.48 -10.05
CA GLU B 125 -35.74 45.20 -11.14
C GLU B 125 -35.97 46.21 -12.25
N ASN B 126 -35.46 47.42 -12.00
CA ASN B 126 -35.51 48.53 -12.94
C ASN B 126 -34.12 49.19 -13.01
N LEU B 127 -33.89 49.91 -14.10
CA LEU B 127 -32.62 50.58 -14.33
C LEU B 127 -32.78 52.02 -13.87
N ARG B 128 -31.90 52.45 -12.98
CA ARG B 128 -31.91 53.82 -12.48
C ARG B 128 -30.51 54.39 -12.63
N ARG B 129 -30.44 55.62 -13.10
CA ARG B 129 -29.17 56.26 -13.38
C ARG B 129 -28.32 56.38 -12.13
N GLY B 130 -27.06 55.98 -12.25
CA GLY B 130 -26.12 56.03 -11.15
C GLY B 130 -24.70 56.16 -11.67
N THR B 131 -23.82 56.62 -10.79
CA THR B 131 -22.42 56.75 -11.10
C THR B 131 -21.63 56.29 -9.88
N ILE B 132 -20.40 55.84 -10.12
CA ILE B 132 -19.54 55.39 -9.04
C ILE B 132 -18.26 56.20 -9.07
N LEU B 133 -17.86 56.73 -7.93
CA LEU B 133 -16.65 57.54 -7.88
C LEU B 133 -15.68 56.92 -6.89
N PHE B 134 -14.43 56.71 -7.34
CA PHE B 134 -13.35 56.19 -6.53
C PHE B 134 -12.28 57.25 -6.45
N LYS B 135 -11.86 57.56 -5.24
CA LYS B 135 -10.84 58.59 -5.00
C LYS B 135 -9.58 57.91 -4.51
N THR B 136 -8.47 58.17 -5.18
CA THR B 136 -7.17 57.65 -4.79
C THR B 136 -6.17 58.77 -4.94
N SER B 137 -5.09 58.69 -4.16
CA SER B 137 -4.09 59.76 -4.19
C SER B 137 -3.53 59.93 -5.59
N TYR B 138 -3.21 58.83 -6.26
CA TYR B 138 -2.71 58.94 -7.62
C TYR B 138 -3.81 59.45 -8.56
N GLY B 139 -5.03 58.96 -8.42
CA GLY B 139 -6.04 59.42 -9.35
C GLY B 139 -7.47 59.20 -8.91
N VAL B 140 -8.37 59.88 -9.60
CA VAL B 140 -9.81 59.76 -9.37
C VAL B 140 -10.39 59.04 -10.57
N VAL B 141 -11.11 57.95 -10.31
CA VAL B 141 -11.68 57.11 -11.36
C VAL B 141 -13.20 57.11 -11.18
N VAL B 142 -13.93 57.31 -12.28
CA VAL B 142 -15.38 57.29 -12.19
C VAL B 142 -15.94 56.29 -13.18
N PHE B 143 -17.09 55.74 -12.82
CA PHE B 143 -17.83 54.76 -13.59
C PHE B 143 -19.16 55.40 -13.96
N TYR B 144 -19.47 55.44 -15.26
CA TYR B 144 -20.69 56.01 -15.76
C TYR B 144 -21.29 55.10 -16.81
N CYS B 145 -22.62 55.06 -16.87
CA CYS B 145 -23.30 54.32 -17.94
C CYS B 145 -24.45 55.15 -18.50
N THR B 146 -24.58 55.12 -19.82
CA THR B 146 -25.61 55.83 -20.55
C THR B 146 -26.54 54.82 -21.21
N ASN B 147 -27.83 54.95 -20.89
CA ASN B 147 -28.85 54.09 -21.48
C ASN B 147 -28.97 54.31 -22.98
N ASN B 148 -28.90 55.57 -23.41
CA ASN B 148 -29.06 55.88 -24.81
C ASN B 148 -27.85 55.42 -25.63
N THR B 149 -28.08 55.24 -26.93
CA THR B 149 -27.04 54.77 -27.84
C THR B 149 -25.85 55.72 -27.91
N LEU B 150 -26.10 57.02 -27.89
CA LEU B 150 -25.02 58.00 -27.96
C LEU B 150 -24.06 57.83 -26.79
N VAL B 151 -22.77 58.07 -27.06
CA VAL B 151 -21.77 57.89 -26.01
C VAL B 151 -22.09 58.77 -24.82
N SER B 152 -22.47 60.02 -25.08
CA SER B 152 -22.94 60.87 -24.00
C SER B 152 -24.23 60.31 -23.41
N GLY B 153 -25.12 59.87 -24.28
CA GLY B 153 -26.38 59.23 -23.88
C GLY B 153 -27.21 60.09 -22.95
N ASP B 154 -27.67 59.48 -21.87
CA ASP B 154 -28.50 60.15 -20.88
C ASP B 154 -27.82 60.15 -19.52
N ALA B 155 -27.76 61.32 -18.89
CA ALA B 155 -27.13 61.47 -17.58
C ALA B 155 -28.11 61.11 -16.46
N ASN B 165 -29.74 49.50 -26.47
CA ASN B 165 -28.29 49.62 -26.55
C ASN B 165 -27.80 50.54 -25.42
N PHE B 166 -27.07 49.96 -24.47
CA PHE B 166 -26.55 50.66 -23.31
C PHE B 166 -25.04 50.65 -23.35
N TYR B 167 -24.42 51.81 -23.22
CA TYR B 167 -22.97 51.92 -23.24
C TYR B 167 -22.48 52.51 -21.92
N CYS B 168 -21.54 51.82 -21.27
CA CYS B 168 -20.98 52.32 -20.03
C CYS B 168 -19.50 52.61 -20.22
N PHE B 169 -19.08 53.80 -19.81
CA PHE B 169 -17.68 54.21 -19.86
C PHE B 169 -17.20 54.59 -18.47
N VAL B 170 -16.08 54.02 -18.05
CA VAL B 170 -15.46 54.39 -16.79
C VAL B 170 -14.20 55.13 -17.19
N ASN B 171 -14.07 56.38 -16.75
CA ASN B 171 -12.89 57.18 -17.07
C ASN B 171 -12.12 57.52 -15.80
N THR B 172 -10.82 57.24 -15.83
CA THR B 172 -9.92 57.47 -14.71
C THR B 172 -8.90 58.53 -15.08
N THR B 173 -8.78 59.56 -14.24
CA THR B 173 -7.88 60.67 -14.46
C THR B 173 -6.89 60.76 -13.31
N ILE B 174 -5.60 60.82 -13.65
CA ILE B 174 -4.51 60.94 -12.69
C ILE B 174 -3.90 62.32 -12.86
N GLY B 175 -3.86 63.08 -11.77
CA GLY B 175 -3.34 64.44 -11.81
C GLY B 175 -4.15 65.28 -12.77
N ASN B 176 -3.47 65.95 -13.68
CA ASN B 176 -4.15 66.77 -14.68
C ASN B 176 -4.46 66.01 -15.96
N GLU B 177 -4.09 64.74 -16.04
CA GLU B 177 -4.31 63.94 -17.24
C GLU B 177 -5.59 63.13 -17.07
N THR B 178 -6.44 63.18 -18.09
CA THR B 178 -7.71 62.45 -18.10
C THR B 178 -7.63 61.34 -19.12
N THR B 179 -8.04 60.14 -18.72
CA THR B 179 -8.00 58.97 -19.58
C THR B 179 -9.38 58.33 -19.64
N SER B 180 -9.62 57.59 -20.71
CA SER B 180 -10.90 56.94 -20.96
C SER B 180 -10.72 55.43 -20.99
N ALA B 181 -11.61 54.72 -20.32
CA ALA B 181 -11.56 53.27 -20.23
C ALA B 181 -12.87 52.67 -20.73
N PHE B 182 -12.81 51.40 -21.08
CA PHE B 182 -13.90 50.66 -21.70
C PHE B 182 -14.55 49.68 -20.72
N VAL B 183 -15.86 49.83 -20.52
CA VAL B 183 -16.60 48.92 -19.66
C VAL B 183 -16.70 47.52 -20.26
N GLY B 184 -16.87 47.45 -21.58
CA GLY B 184 -17.09 46.15 -22.20
C GLY B 184 -18.42 45.56 -21.77
N ALA B 185 -18.36 44.34 -21.23
CA ALA B 185 -19.57 43.61 -20.83
C ALA B 185 -20.38 44.38 -19.80
N LEU B 186 -21.70 44.39 -19.96
CA LEU B 186 -22.55 45.08 -19.02
C LEU B 186 -23.57 44.09 -18.45
N PRO B 187 -23.65 43.94 -17.13
CA PRO B 187 -24.59 43.00 -16.54
C PRO B 187 -26.05 43.39 -16.74
N LYS B 188 -26.88 42.37 -16.99
CA LYS B 188 -28.30 42.59 -17.12
C LYS B 188 -28.89 43.09 -15.80
N THR B 189 -28.54 42.44 -14.69
CA THR B 189 -28.97 42.88 -13.38
C THR B 189 -27.88 42.53 -12.37
N VAL B 190 -27.63 43.44 -11.44
CA VAL B 190 -26.65 43.26 -10.38
C VAL B 190 -27.37 43.36 -9.04
N ARG B 191 -27.32 42.30 -8.25
CA ARG B 191 -27.98 42.34 -6.96
C ARG B 191 -27.06 42.71 -5.80
N GLU B 192 -25.73 42.70 -5.98
CA GLU B 192 -24.86 43.03 -4.86
C GLU B 192 -23.58 43.66 -5.39
N PHE B 193 -22.95 44.50 -4.58
CA PHE B 193 -21.73 45.20 -4.97
C PHE B 193 -20.65 45.08 -3.89
N VAL B 194 -19.42 44.73 -4.25
CA VAL B 194 -18.35 44.65 -3.25
C VAL B 194 -17.12 45.42 -3.70
N ILE B 195 -16.46 46.05 -2.71
CA ILE B 195 -15.23 46.83 -2.93
C ILE B 195 -14.32 46.64 -1.73
N SER B 196 -13.03 46.96 -1.92
CA SER B 196 -12.07 46.77 -0.84
C SER B 196 -10.99 47.83 -0.89
N ARG B 197 -10.31 47.98 0.25
CA ARG B 197 -9.19 48.93 0.33
C ARG B 197 -8.07 48.53 -0.62
N THR B 198 -7.81 47.24 -0.73
CA THR B 198 -6.81 46.77 -1.67
C THR B 198 -7.17 47.17 -3.10
N GLY B 199 -8.47 47.32 -3.36
CA GLY B 199 -8.96 47.68 -4.67
C GLY B 199 -9.58 46.55 -5.45
N HIS B 200 -9.74 45.37 -4.85
CA HIS B 200 -10.44 44.29 -5.53
C HIS B 200 -11.89 44.70 -5.75
N PHE B 201 -12.42 44.41 -6.94
CA PHE B 201 -13.78 44.75 -7.27
C PHE B 201 -14.59 43.49 -7.55
N TYR B 202 -15.66 43.29 -6.77
CA TYR B 202 -16.49 42.09 -6.89
C TYR B 202 -17.93 42.43 -7.20
N ILE B 203 -18.47 41.79 -8.22
CA ILE B 203 -19.89 41.92 -8.55
C ILE B 203 -20.48 40.52 -8.48
N ASN B 204 -21.46 40.33 -7.62
CA ASN B 204 -22.12 39.04 -7.44
C ASN B 204 -21.09 37.94 -7.17
N GLY B 205 -20.18 38.23 -6.24
CA GLY B 205 -19.13 37.31 -5.85
C GLY B 205 -17.86 37.28 -6.67
N TYR B 206 -17.94 37.05 -7.98
CA TYR B 206 -16.70 37.02 -8.73
C TYR B 206 -16.10 38.42 -8.81
N ARG B 207 -14.80 38.46 -9.02
CA ARG B 207 -14.05 39.71 -9.07
C ARG B 207 -13.68 40.01 -10.50
N TYR B 208 -14.19 41.11 -11.04
CA TYR B 208 -13.85 41.46 -12.41
C TYR B 208 -12.41 41.92 -12.54
N PHE B 209 -12.01 42.85 -11.69
CA PHE B 209 -10.68 43.46 -11.75
C PHE B 209 -10.38 44.11 -10.41
N THR B 210 -9.10 44.41 -10.20
CA THR B 210 -8.67 45.03 -8.95
C THR B 210 -7.94 46.33 -9.23
N LEU B 211 -8.42 47.41 -8.62
CA LEU B 211 -7.78 48.70 -8.68
C LEU B 211 -6.57 48.73 -7.75
N GLY B 212 -5.61 49.59 -8.06
CA GLY B 212 -4.40 49.66 -7.26
C GLY B 212 -4.65 50.05 -5.80
N ASN B 213 -5.40 51.12 -5.58
CA ASN B 213 -5.73 51.51 -4.21
C ASN B 213 -6.90 52.49 -4.23
N VAL B 214 -7.62 52.54 -3.11
CA VAL B 214 -8.72 53.48 -2.94
C VAL B 214 -8.63 54.16 -1.59
N GLU B 215 -8.39 55.47 -1.59
CA GLU B 215 -8.39 56.24 -0.35
C GLU B 215 -9.80 56.36 0.22
N ALA B 216 -10.76 56.69 -0.64
CA ALA B 216 -12.14 56.90 -0.22
C ALA B 216 -13.08 56.49 -1.33
N VAL B 217 -14.32 56.19 -0.95
CA VAL B 217 -15.34 55.74 -1.89
C VAL B 217 -16.59 56.62 -1.78
N ASN B 218 -17.11 57.06 -2.93
CA ASN B 218 -18.32 57.86 -2.96
C ASN B 218 -19.29 57.15 -3.90
N PHE B 219 -20.52 56.98 -3.45
CA PHE B 219 -21.57 56.28 -4.20
C PHE B 219 -22.61 57.23 -4.75
N ASN B 220 -22.60 57.42 -6.07
CA ASN B 220 -23.55 58.30 -6.77
C ASN B 220 -24.75 57.51 -7.30
N VAL B 221 -25.65 57.17 -6.40
CA VAL B 221 -26.86 56.43 -6.74
C VAL B 221 -28.04 57.30 -6.35
N THR B 222 -28.96 57.52 -7.26
CA THR B 222 -30.13 58.34 -7.00
C THR B 222 -31.38 57.52 -7.27
N THR B 223 -32.25 57.44 -6.28
CA THR B 223 -33.50 56.68 -6.37
C THR B 223 -34.66 57.57 -5.96
N ALA B 224 -35.60 57.79 -6.88
CA ALA B 224 -36.83 58.51 -6.53
C ALA B 224 -37.60 57.79 -5.42
N GLU B 225 -37.55 56.46 -5.40
CA GLU B 225 -38.28 55.68 -4.41
C GLU B 225 -37.81 55.98 -2.99
N THR B 226 -38.77 56.24 -2.11
CA THR B 226 -38.45 56.46 -0.69
C THR B 226 -37.82 55.21 -0.08
N THR B 227 -38.37 54.04 -0.38
CA THR B 227 -37.80 52.77 0.05
C THR B 227 -36.70 52.41 -0.96
N ASP B 228 -35.67 53.25 -0.93
CA ASP B 228 -34.62 53.22 -1.93
C ASP B 228 -33.82 51.92 -1.94
N PHE B 229 -33.29 51.50 -0.80
CA PHE B 229 -32.40 50.34 -0.79
C PHE B 229 -32.29 49.81 0.63
N CYS B 230 -31.62 48.66 0.77
CA CYS B 230 -31.44 48.08 2.10
C CYS B 230 -30.13 48.42 2.79
N THR B 231 -28.99 48.52 2.09
CA THR B 231 -27.81 48.70 2.95
C THR B 231 -26.59 49.03 2.13
N VAL B 232 -25.72 49.84 2.73
CA VAL B 232 -24.37 50.05 2.23
C VAL B 232 -23.53 50.17 3.48
N ALA B 233 -22.73 49.16 3.76
CA ALA B 233 -22.08 49.05 5.05
C ALA B 233 -20.59 48.77 4.86
N LEU B 234 -19.88 48.87 5.97
CA LEU B 234 -18.47 48.53 6.07
C LEU B 234 -18.31 47.24 6.85
N ALA B 235 -17.15 46.62 6.73
CA ALA B 235 -16.96 45.32 7.36
C ALA B 235 -15.49 44.93 7.30
N SER B 236 -15.18 43.82 7.99
CA SER B 236 -13.82 43.34 8.10
C SER B 236 -13.79 41.83 7.97
N TYR B 237 -12.59 41.31 7.69
CA TYR B 237 -12.37 39.89 7.53
C TYR B 237 -12.65 39.13 8.82
N ALA B 238 -12.92 37.84 8.65
CA ALA B 238 -13.11 36.92 9.76
C ALA B 238 -13.10 35.52 9.18
N ASP B 239 -13.02 34.54 10.08
CA ASP B 239 -12.96 33.13 9.75
C ASP B 239 -14.28 32.49 10.17
N VAL B 240 -15.00 31.91 9.22
CA VAL B 240 -16.32 31.37 9.50
C VAL B 240 -16.52 30.11 8.65
N LEU B 241 -17.65 29.47 8.86
CA LEU B 241 -18.08 28.30 8.10
C LEU B 241 -19.45 28.59 7.51
N VAL B 242 -19.77 27.93 6.40
CA VAL B 242 -21.03 28.21 5.71
C VAL B 242 -21.57 26.94 5.10
N ASN B 243 -22.90 26.92 5.00
CA ASN B 243 -23.69 25.87 4.36
C ASN B 243 -24.35 26.47 3.14
N VAL B 244 -24.09 25.89 1.98
CA VAL B 244 -24.49 26.47 0.70
C VAL B 244 -25.41 25.48 -0.02
N SER B 245 -26.56 25.98 -0.47
CA SER B 245 -27.53 25.20 -1.23
C SER B 245 -27.77 25.89 -2.56
N GLN B 246 -27.55 25.17 -3.65
CA GLN B 246 -27.70 25.73 -4.99
C GLN B 246 -26.83 26.98 -5.15
N THR B 247 -25.65 26.93 -4.56
CA THR B 247 -24.63 27.97 -4.59
C THR B 247 -25.06 29.21 -3.80
N SER B 248 -26.12 29.11 -3.01
CA SER B 248 -26.64 30.23 -2.24
C SER B 248 -26.56 29.93 -0.75
N ILE B 249 -26.14 30.94 0.03
CA ILE B 249 -25.88 30.74 1.45
C ILE B 249 -27.17 30.41 2.20
N ALA B 250 -27.04 29.58 3.24
CA ALA B 250 -28.13 29.26 4.14
C ALA B 250 -27.89 29.74 5.57
N ASN B 251 -26.68 29.58 6.10
CA ASN B 251 -26.37 29.97 7.47
C ASN B 251 -24.87 29.84 7.68
N ILE B 252 -24.39 30.40 8.79
CA ILE B 252 -22.96 30.47 9.07
C ILE B 252 -22.74 30.24 10.56
N ILE B 253 -21.46 30.02 10.92
CA ILE B 253 -21.05 29.72 12.30
C ILE B 253 -19.73 30.41 12.57
N TYR B 254 -19.74 31.40 13.45
CA TYR B 254 -18.51 32.09 13.80
C TYR B 254 -17.58 31.16 14.57
N CYS B 255 -16.29 31.16 14.19
CA CYS B 255 -15.30 30.30 14.82
C CYS B 255 -14.57 31.04 15.94
N ASN B 256 -15.31 31.35 17.00
CA ASN B 256 -14.75 32.06 18.14
C ASN B 256 -14.56 31.18 19.37
N SER B 257 -15.61 30.51 19.83
CA SER B 257 -15.52 29.71 21.03
C SER B 257 -14.75 28.42 20.76
N VAL B 258 -14.29 27.77 21.82
CA VAL B 258 -13.55 26.52 21.67
C VAL B 258 -14.44 25.45 21.03
N ILE B 259 -15.67 25.33 21.53
CA ILE B 259 -16.57 24.33 20.99
C ILE B 259 -16.88 24.61 19.53
N ASN B 260 -17.11 25.88 19.20
CA ASN B 260 -17.34 26.24 17.80
C ASN B 260 -16.10 25.98 16.97
N ARG B 261 -14.92 26.19 17.54
CA ARG B 261 -13.68 25.91 16.85
C ARG B 261 -13.62 24.45 16.46
N LEU B 262 -13.92 23.57 17.41
CA LEU B 262 -13.90 22.15 17.10
C LEU B 262 -14.96 21.83 16.06
N ARG B 263 -16.15 22.42 16.21
CA ARG B 263 -17.23 22.12 15.28
C ARG B 263 -16.87 22.51 13.87
N CYS B 264 -16.30 23.71 13.70
CA CYS B 264 -15.89 24.14 12.37
C CYS B 264 -14.80 23.24 11.84
N ASP B 265 -13.87 22.84 12.70
CA ASP B 265 -12.83 21.93 12.28
C ASP B 265 -13.43 20.63 11.78
N GLN B 266 -14.58 20.23 12.32
CA GLN B 266 -15.21 18.99 11.89
C GLN B 266 -15.87 19.10 10.53
N LEU B 267 -15.86 20.27 9.89
CA LEU B 267 -16.51 20.43 8.60
C LEU B 267 -17.96 19.97 8.64
N SER B 268 -18.59 20.11 9.82
CA SER B 268 -19.99 19.65 9.97
C SER B 268 -20.67 20.37 11.13
N PHE B 269 -21.91 20.05 11.41
CA PHE B 269 -22.45 20.58 12.69
C PHE B 269 -22.79 19.36 13.56
N ASP B 270 -23.08 19.61 14.84
CA ASP B 270 -23.53 18.52 15.76
C ASP B 270 -22.61 17.30 15.74
N VAL B 271 -21.33 17.47 16.03
CA VAL B 271 -20.44 16.30 16.05
C VAL B 271 -20.96 15.32 17.11
N PRO B 272 -20.95 14.00 16.85
CA PRO B 272 -21.48 13.04 17.81
C PRO B 272 -20.66 13.06 19.10
N ASP B 273 -21.30 12.89 20.25
CA ASP B 273 -20.60 12.84 21.55
C ASP B 273 -19.41 11.88 21.46
N GLY B 274 -18.24 12.31 21.91
CA GLY B 274 -17.07 11.41 21.91
C GLY B 274 -15.78 12.06 22.35
N PHE B 275 -14.66 11.68 21.75
CA PHE B 275 -13.33 12.15 22.10
C PHE B 275 -12.68 12.84 20.92
N TYR B 276 -12.11 14.03 21.15
CA TYR B 276 -11.39 14.73 20.11
C TYR B 276 -10.11 15.30 20.70
N SER B 277 -9.19 15.70 19.82
CA SER B 277 -7.90 16.23 20.24
C SER B 277 -7.76 17.66 19.78
N THR B 278 -7.12 18.49 20.59
CA THR B 278 -6.99 19.90 20.26
C THR B 278 -5.65 20.41 20.75
N SER B 279 -5.19 21.48 20.11
CA SER B 279 -3.93 22.14 20.46
C SER B 279 -4.15 23.63 20.58
N PRO B 280 -4.18 24.18 21.78
CA PRO B 280 -4.32 25.62 21.91
C PRO B 280 -2.96 26.28 21.88
N ILE B 281 -2.79 27.28 21.03
CA ILE B 281 -1.46 27.82 20.74
C ILE B 281 -1.44 29.32 20.97
N GLN B 282 -0.38 29.78 21.64
CA GLN B 282 -0.13 31.21 21.76
C GLN B 282 0.22 31.80 20.41
N SER B 283 -0.26 33.01 20.15
CA SER B 283 -0.05 33.69 18.87
C SER B 283 0.45 35.10 19.08
N VAL B 284 1.55 35.24 19.82
CA VAL B 284 2.15 36.55 20.06
C VAL B 284 3.66 36.42 20.03
N GLU B 285 4.32 37.57 19.91
CA GLU B 285 5.77 37.59 19.90
C GLU B 285 6.30 37.05 21.22
N LEU B 286 7.40 36.33 21.15
CA LEU B 286 8.02 35.73 22.32
C LEU B 286 9.46 36.17 22.38
N PRO B 287 10.06 36.18 23.56
CA PRO B 287 11.47 36.55 23.67
C PRO B 287 12.32 35.62 22.82
N VAL B 288 13.41 36.17 22.27
CA VAL B 288 14.28 35.44 21.37
C VAL B 288 15.57 35.14 22.10
N SER B 289 16.02 33.90 22.02
CA SER B 289 17.23 33.45 22.69
C SER B 289 18.20 32.90 21.66
N ILE B 290 19.49 33.18 21.85
CA ILE B 290 20.51 32.71 20.94
C ILE B 290 21.62 32.09 21.74
N VAL B 291 22.29 31.11 21.13
CA VAL B 291 23.47 30.50 21.72
C VAL B 291 24.36 30.03 20.58
N SER B 292 25.64 30.32 20.67
CA SER B 292 26.61 29.95 19.66
C SER B 292 27.91 29.59 20.36
N LEU B 293 28.83 29.00 19.62
CA LEU B 293 30.12 28.71 20.20
C LEU B 293 30.87 30.02 20.39
N PRO B 294 31.42 30.28 21.58
CA PRO B 294 32.15 31.52 21.82
C PRO B 294 33.45 31.56 21.03
N VAL B 295 33.53 32.52 20.11
CA VAL B 295 34.77 32.84 19.40
C VAL B 295 34.79 34.36 19.22
N TYR B 296 35.92 34.98 19.56
CA TYR B 296 36.00 36.44 19.59
C TYR B 296 35.72 37.02 18.21
N HIS B 297 34.60 37.71 18.10
CA HIS B 297 34.01 38.10 16.83
C HIS B 297 34.92 39.05 16.05
N LYS B 298 35.28 38.67 14.82
CA LYS B 298 35.92 39.57 13.87
C LYS B 298 34.96 39.85 12.71
N HIS B 299 34.58 41.11 12.56
CA HIS B 299 33.43 41.48 11.74
C HIS B 299 33.79 41.66 10.28
N THR B 300 32.76 41.63 9.44
CA THR B 300 32.83 42.12 8.07
C THR B 300 31.49 42.78 7.71
N PHE B 301 31.54 44.06 7.31
CA PHE B 301 30.35 44.82 6.95
C PHE B 301 30.20 44.95 5.43
N ILE B 302 29.15 44.36 4.86
CA ILE B 302 28.80 44.61 3.48
C ILE B 302 27.54 45.49 3.41
N VAL B 303 27.71 46.65 2.76
CA VAL B 303 26.79 47.78 2.73
C VAL B 303 26.67 48.21 1.27
N LEU B 304 25.49 48.63 0.83
CA LEU B 304 25.32 49.09 -0.55
C LEU B 304 24.57 50.41 -0.60
N TYR B 305 24.95 51.28 -1.53
CA TYR B 305 24.46 52.66 -1.55
C TYR B 305 23.64 52.94 -2.80
N VAL B 306 22.41 52.41 -2.83
CA VAL B 306 21.50 52.75 -3.92
C VAL B 306 21.04 54.19 -3.71
N ASP B 307 21.22 55.05 -4.72
CA ASP B 307 20.82 56.45 -4.63
C ASP B 307 20.03 56.78 -5.89
N PHE B 308 18.77 56.35 -5.93
CA PHE B 308 17.96 56.46 -7.14
C PHE B 308 17.81 57.90 -7.59
N LYS B 309 17.45 58.79 -6.67
CA LYS B 309 17.31 60.24 -6.83
C LYS B 309 16.92 60.75 -8.22
N PRO B 310 15.75 60.40 -8.74
CA PRO B 310 15.33 60.91 -10.05
C PRO B 310 14.70 62.28 -9.91
N GLN B 311 14.47 62.94 -11.04
CA GLN B 311 13.82 64.24 -11.04
C GLN B 311 12.30 64.03 -11.03
N SER B 312 11.83 63.60 -9.85
CA SER B 312 10.44 63.31 -9.53
C SER B 312 9.91 62.09 -10.28
N GLY B 313 9.81 62.17 -11.60
CA GLY B 313 9.31 61.07 -12.39
C GLY B 313 7.81 61.06 -12.66
N GLY B 314 7.06 61.99 -12.07
CA GLY B 314 5.64 62.04 -12.33
C GLY B 314 5.22 62.88 -13.50
N GLY B 315 6.15 63.61 -14.08
CA GLY B 315 5.87 64.49 -15.20
C GLY B 315 6.12 63.87 -16.56
N LYS B 316 6.98 62.87 -16.60
CA LYS B 316 7.29 62.20 -17.89
C LYS B 316 7.36 60.69 -17.66
N CYS B 317 8.17 60.27 -16.68
CA CYS B 317 8.40 58.84 -16.46
C CYS B 317 9.20 58.62 -15.19
N PHE B 318 8.78 57.65 -14.39
CA PHE B 318 9.54 57.23 -13.22
C PHE B 318 10.41 56.02 -13.52
N ASN B 319 9.90 55.09 -14.34
CA ASN B 319 10.60 53.88 -14.69
C ASN B 319 11.62 54.07 -15.81
N CYS B 320 11.96 55.32 -16.14
CA CYS B 320 12.95 55.62 -17.17
C CYS B 320 14.37 55.69 -16.62
N TYR B 321 14.54 55.43 -15.33
CA TYR B 321 15.84 55.40 -14.67
C TYR B 321 16.60 56.72 -14.78
N PRO B 322 15.95 57.86 -14.48
CA PRO B 322 16.64 59.15 -14.54
C PRO B 322 17.42 59.34 -13.24
N ALA B 323 18.69 59.76 -13.36
CA ALA B 323 19.60 59.98 -12.21
C ALA B 323 19.61 58.75 -11.29
N GLY B 324 19.12 57.68 -11.91
CA GLY B 324 19.11 56.34 -11.35
C GLY B 324 20.50 55.82 -11.05
N VAL B 325 21.42 56.08 -11.98
CA VAL B 325 22.86 55.80 -11.99
C VAL B 325 23.53 55.22 -10.74
N ASN B 326 24.78 55.61 -10.49
CA ASN B 326 25.59 54.92 -9.48
C ASN B 326 24.84 54.51 -8.22
N ILE B 327 24.96 53.21 -7.98
CA ILE B 327 24.53 52.40 -6.84
C ILE B 327 25.71 51.45 -6.69
N THR B 328 26.49 51.62 -5.63
CA THR B 328 27.67 50.77 -5.49
C THR B 328 28.11 50.72 -4.04
N LEU B 329 28.92 49.70 -3.77
CA LEU B 329 29.44 49.41 -2.45
C LEU B 329 30.95 49.33 -2.48
N ALA B 330 31.60 49.99 -1.52
CA ALA B 330 33.05 50.03 -1.48
C ALA B 330 33.61 48.68 -1.08
N ASN B 331 34.18 47.99 -2.06
CA ASN B 331 34.74 46.65 -1.94
C ASN B 331 35.16 46.23 -3.35
N PHE B 332 34.75 47.02 -4.34
CA PHE B 332 35.11 46.73 -5.72
C PHE B 332 36.60 46.93 -5.89
N ASN B 333 37.21 46.09 -6.69
CA ASN B 333 38.65 46.15 -6.90
C ASN B 333 38.89 46.57 -8.34
N GLU B 334 39.96 47.35 -8.56
CA GLU B 334 40.34 47.64 -9.94
C GLU B 334 40.46 46.37 -10.77
N THR B 335 41.10 45.33 -10.22
CA THR B 335 41.07 44.02 -10.87
C THR B 335 39.68 43.42 -10.84
N LYS B 336 38.90 43.78 -9.82
CA LYS B 336 37.50 43.39 -9.68
C LYS B 336 37.34 41.87 -9.60
N GLY B 337 38.24 41.23 -8.87
CA GLY B 337 38.05 39.84 -8.53
C GLY B 337 36.87 39.75 -7.58
N PRO B 338 36.05 38.70 -7.72
CA PRO B 338 34.88 38.56 -6.86
C PRO B 338 35.25 38.64 -5.40
N LEU B 339 34.49 39.43 -4.64
CA LEU B 339 34.82 39.72 -3.25
C LEU B 339 34.14 38.70 -2.35
N CYS B 340 34.91 37.73 -1.86
CA CYS B 340 34.40 36.74 -0.93
C CYS B 340 35.01 37.00 0.44
N VAL B 341 34.17 37.03 1.47
CA VAL B 341 34.68 37.35 2.80
C VAL B 341 35.49 36.17 3.33
N ASP B 342 36.39 36.48 4.25
CA ASP B 342 37.24 35.49 4.89
C ASP B 342 36.90 35.31 6.37
N THR B 343 36.76 36.41 7.10
CA THR B 343 36.33 36.33 8.49
C THR B 343 34.93 35.73 8.52
N SER B 344 34.72 34.78 9.42
CA SER B 344 33.45 34.07 9.46
C SER B 344 32.28 34.99 9.77
N HIS B 345 32.46 35.91 10.71
CA HIS B 345 31.37 36.76 11.16
C HIS B 345 31.21 38.00 10.28
N PHE B 346 30.04 38.14 9.68
CA PHE B 346 29.77 39.32 8.88
C PHE B 346 28.29 39.67 8.97
N THR B 347 28.01 40.96 8.98
CA THR B 347 26.63 41.43 9.02
C THR B 347 26.28 42.14 7.72
N THR B 348 25.51 41.47 6.88
CA THR B 348 25.02 42.12 5.67
C THR B 348 23.92 43.11 6.04
N LYS B 349 23.96 44.31 5.47
CA LYS B 349 22.88 45.24 5.76
C LYS B 349 22.49 45.92 4.47
N TYR B 350 21.24 46.40 4.40
CA TYR B 350 20.86 47.01 3.13
C TYR B 350 21.58 48.32 2.93
N VAL B 351 21.77 49.08 4.01
CA VAL B 351 22.48 50.36 4.04
C VAL B 351 21.44 51.47 4.02
N ALA B 352 21.91 52.70 3.94
CA ALA B 352 21.04 53.86 3.92
C ALA B 352 20.33 53.91 2.57
N VAL B 353 19.27 54.70 2.51
CA VAL B 353 18.49 54.87 1.29
C VAL B 353 18.57 56.33 0.85
N TYR B 354 18.28 56.56 -0.42
CA TYR B 354 18.35 57.88 -1.01
C TYR B 354 17.23 58.73 -0.45
N ALA B 355 17.38 60.05 -0.55
CA ALA B 355 16.32 60.94 -0.13
C ALA B 355 15.03 60.52 -0.84
N ASN B 356 13.98 60.30 -0.05
CA ASN B 356 12.73 59.75 -0.54
C ASN B 356 11.70 60.86 -0.71
N VAL B 357 11.05 60.89 -1.87
CA VAL B 357 9.97 61.83 -2.10
C VAL B 357 8.64 61.10 -2.04
N GLY B 358 7.55 61.85 -2.14
CA GLY B 358 6.23 61.29 -1.92
C GLY B 358 5.84 60.20 -2.91
N ARG B 359 5.16 59.18 -2.38
CA ARG B 359 4.51 58.08 -3.09
C ARG B 359 5.40 57.13 -3.89
N TRP B 360 6.70 57.34 -3.96
CA TRP B 360 7.50 56.45 -4.79
C TRP B 360 8.74 55.99 -4.03
N SER B 361 9.26 54.86 -4.45
CA SER B 361 10.37 54.23 -3.73
C SER B 361 11.05 53.21 -4.63
N ALA B 362 12.16 52.67 -4.14
CA ALA B 362 12.84 51.56 -4.79
C ALA B 362 13.32 50.61 -3.71
N SER B 363 13.43 49.33 -4.06
CA SER B 363 13.85 48.33 -3.08
C SER B 363 14.33 47.07 -3.79
N ILE B 364 14.99 46.21 -3.01
CA ILE B 364 15.48 44.92 -3.48
C ILE B 364 14.36 43.91 -3.52
N ASN B 365 14.48 42.94 -4.43
CA ASN B 365 13.50 41.88 -4.57
C ASN B 365 14.19 40.52 -4.44
N THR B 366 13.43 39.54 -3.98
CA THR B 366 13.94 38.18 -3.90
C THR B 366 14.23 37.66 -5.29
N GLY B 367 15.37 37.01 -5.44
CA GLY B 367 15.79 36.45 -6.71
C GLY B 367 15.49 34.97 -6.79
N ASN B 368 16.36 34.25 -7.49
CA ASN B 368 16.21 32.80 -7.63
C ASN B 368 17.18 32.04 -6.74
N CYS B 369 17.91 32.73 -5.88
CA CYS B 369 18.83 32.03 -5.00
C CYS B 369 18.07 31.40 -3.85
N PRO B 370 18.69 30.43 -3.16
CA PRO B 370 18.00 29.81 -2.03
C PRO B 370 17.73 30.77 -0.89
N PHE B 371 18.63 31.69 -0.64
CA PHE B 371 18.59 32.57 0.52
C PHE B 371 18.19 33.98 0.09
N SER B 372 17.19 34.53 0.75
CA SER B 372 16.73 35.89 0.47
C SER B 372 17.68 36.91 1.10
N PHE B 373 18.13 37.87 0.31
CA PHE B 373 19.02 38.90 0.83
C PHE B 373 18.33 39.70 1.90
N GLY B 374 19.05 39.96 2.98
CA GLY B 374 18.50 40.72 4.09
C GLY B 374 18.18 39.79 5.23
N LYS B 375 17.77 38.58 4.89
CA LYS B 375 17.63 37.53 5.87
C LYS B 375 18.90 36.70 6.00
N VAL B 376 19.87 36.91 5.10
CA VAL B 376 21.09 36.12 5.13
C VAL B 376 21.79 36.26 6.46
N ASN B 377 21.76 37.46 7.03
CA ASN B 377 22.43 37.70 8.30
C ASN B 377 21.83 36.89 9.44
N ASN B 378 20.62 36.39 9.27
CA ASN B 378 19.91 35.65 10.31
C ASN B 378 20.41 34.20 10.37
N PHE B 379 21.61 34.02 10.93
CA PHE B 379 22.15 32.69 11.23
C PHE B 379 22.10 31.76 10.01
N VAL B 380 22.91 32.12 9.03
CA VAL B 380 23.08 31.36 7.82
C VAL B 380 24.52 30.87 7.74
N LYS B 381 24.74 29.90 6.86
CA LYS B 381 26.02 29.24 6.67
C LYS B 381 26.39 29.38 5.21
N PHE B 382 27.69 29.36 4.93
CA PHE B 382 28.08 29.53 3.55
C PHE B 382 29.53 29.06 3.42
N GLY B 383 29.89 28.52 2.26
CA GLY B 383 31.28 28.12 2.15
C GLY B 383 32.17 29.18 1.54
N SER B 384 31.56 30.01 0.69
CA SER B 384 32.27 31.10 0.02
C SER B 384 31.19 32.02 -0.56
N VAL B 385 31.07 33.23 0.00
CA VAL B 385 30.06 34.23 -0.46
C VAL B 385 30.41 34.67 -1.90
N CYS B 386 31.57 35.30 -2.08
CA CYS B 386 32.05 35.77 -3.42
C CYS B 386 31.02 36.71 -4.08
N PHE B 387 30.44 37.63 -3.30
CA PHE B 387 29.45 38.59 -3.84
C PHE B 387 30.13 39.52 -4.85
N SER B 388 29.51 39.70 -6.02
CA SER B 388 30.05 40.55 -7.07
C SER B 388 28.98 41.44 -7.69
N LEU B 389 29.45 42.62 -8.14
CA LEU B 389 28.58 43.64 -8.72
C LEU B 389 28.26 43.31 -10.17
N LYS B 390 29.24 42.77 -10.89
CA LYS B 390 29.05 42.39 -12.28
C LYS B 390 28.55 40.95 -12.29
N ASP B 391 28.43 40.36 -13.47
CA ASP B 391 27.98 38.98 -13.55
C ASP B 391 29.05 38.01 -13.07
N ILE B 392 28.60 36.91 -12.47
CA ILE B 392 29.47 35.82 -12.04
C ILE B 392 29.01 34.58 -12.78
N PRO B 393 29.91 33.81 -13.38
CA PRO B 393 29.49 32.61 -14.11
C PRO B 393 28.81 31.61 -13.19
N GLY B 394 27.70 31.05 -13.68
CA GLY B 394 26.95 30.06 -12.94
C GLY B 394 26.51 30.51 -11.56
N GLY B 395 25.96 31.72 -11.46
CA GLY B 395 25.52 32.24 -10.19
C GLY B 395 24.19 32.96 -10.28
N CYS B 396 23.50 32.98 -9.14
CA CYS B 396 22.21 33.62 -8.97
C CYS B 396 22.37 35.15 -8.99
N ALA B 397 21.29 35.84 -9.33
CA ALA B 397 21.31 37.30 -9.34
C ALA B 397 19.99 37.82 -8.82
N MET B 398 20.00 39.05 -8.31
CA MET B 398 18.79 39.63 -7.77
C MET B 398 18.49 40.97 -8.42
N PRO B 399 17.22 41.34 -8.49
CA PRO B 399 16.86 42.61 -9.10
C PRO B 399 16.30 43.67 -8.16
N ILE B 400 16.76 44.92 -8.28
CA ILE B 400 16.20 46.03 -7.53
C ILE B 400 15.22 46.74 -8.45
N VAL B 401 14.05 47.09 -7.93
CA VAL B 401 13.05 47.73 -8.75
C VAL B 401 12.53 48.97 -8.04
N ALA B 402 11.92 49.86 -8.82
CA ALA B 402 11.37 51.10 -8.31
C ALA B 402 9.90 51.20 -8.69
N ASN B 403 9.12 51.75 -7.77
CA ASN B 403 7.68 51.91 -7.91
C ASN B 403 7.33 53.38 -7.81
N TRP B 404 6.46 53.83 -8.71
CA TRP B 404 5.86 55.15 -8.66
C TRP B 404 4.42 54.92 -8.23
N ALA B 405 4.15 55.09 -6.94
CA ALA B 405 2.82 54.86 -6.39
C ALA B 405 2.31 53.49 -6.77
N TYR B 406 3.20 52.51 -6.72
CA TYR B 406 2.88 51.11 -7.01
C TYR B 406 2.20 50.97 -8.37
N SER B 407 2.68 51.74 -9.34
CA SER B 407 2.12 51.71 -10.68
C SER B 407 3.13 51.44 -11.79
N LYS B 408 4.42 51.68 -11.57
CA LYS B 408 5.45 51.41 -12.57
C LYS B 408 6.52 50.55 -11.92
N TYR B 409 6.92 49.50 -12.61
CA TYR B 409 7.94 48.57 -12.13
C TYR B 409 9.08 48.56 -13.13
N TYR B 410 10.25 48.99 -12.70
CA TYR B 410 11.43 49.00 -13.54
C TYR B 410 12.61 48.40 -12.78
N THR B 411 13.17 47.32 -13.31
CA THR B 411 14.22 46.60 -12.61
C THR B 411 15.60 47.05 -13.07
N ILE B 412 16.60 46.65 -12.30
CA ILE B 412 18.01 46.96 -12.56
C ILE B 412 18.84 45.73 -12.24
N GLY B 413 19.74 45.36 -13.16
CA GLY B 413 20.64 44.26 -12.88
C GLY B 413 21.51 44.56 -11.69
N SER B 414 21.41 43.65 -10.72
CA SER B 414 22.00 43.90 -9.40
C SER B 414 22.36 42.62 -8.66
N LEU B 415 23.48 42.69 -7.94
CA LEU B 415 23.96 41.66 -6.99
C LEU B 415 24.15 40.27 -7.59
N TYR B 416 25.07 40.10 -8.52
CA TYR B 416 25.36 38.75 -8.89
C TYR B 416 26.03 38.08 -7.70
N VAL B 417 25.51 36.93 -7.30
CA VAL B 417 26.05 36.21 -6.17
C VAL B 417 26.08 34.74 -6.52
N SER B 418 27.17 34.08 -6.16
CA SER B 418 27.33 32.66 -6.34
C SER B 418 27.89 32.20 -5.00
N TRP B 419 27.68 30.95 -4.66
CA TRP B 419 28.14 30.60 -3.34
C TRP B 419 28.49 29.15 -3.24
N SER B 420 29.38 28.85 -2.31
CA SER B 420 29.68 27.47 -1.98
C SER B 420 29.09 27.23 -0.61
N ASP B 421 28.75 25.98 -0.31
CA ASP B 421 28.20 25.71 1.01
C ASP B 421 29.33 25.37 1.96
N GLY B 422 29.16 25.77 3.22
CA GLY B 422 30.23 25.57 4.18
C GLY B 422 29.79 26.04 5.55
N ASP B 423 30.64 25.71 6.52
CA ASP B 423 30.36 25.94 7.92
C ASP B 423 31.25 27.03 8.51
N GLY B 424 32.17 27.55 7.72
CA GLY B 424 33.06 28.57 8.24
C GLY B 424 32.36 29.92 8.27
N ILE B 425 31.82 30.36 7.15
CA ILE B 425 31.20 31.67 7.09
C ILE B 425 29.80 31.58 7.67
N THR B 426 29.43 32.56 8.48
CA THR B 426 28.07 32.60 9.02
C THR B 426 27.61 34.03 9.25
N GLY B 427 26.45 34.36 8.70
CA GLY B 427 25.88 35.69 8.88
C GLY B 427 25.32 35.85 10.28
N VAL B 428 25.65 36.96 10.91
CA VAL B 428 25.20 37.26 12.27
C VAL B 428 24.36 38.53 12.23
N PRO B 429 23.16 38.54 12.82
CA PRO B 429 22.34 39.75 12.78
C PRO B 429 22.94 40.91 13.56
N GLN B 430 23.48 40.63 14.73
CA GLN B 430 23.94 41.70 15.61
C GLN B 430 25.11 42.44 14.97
N PRO B 431 25.00 43.76 14.77
CA PRO B 431 26.10 44.47 14.11
C PRO B 431 27.38 44.43 14.92
N VAL B 432 27.31 44.63 16.24
CA VAL B 432 28.53 44.65 17.03
C VAL B 432 29.18 43.28 17.00
N GLU B 433 30.45 43.23 16.64
CA GLU B 433 31.24 42.02 16.68
C GLU B 433 32.60 42.33 17.28
N GLY B 434 32.98 41.65 18.39
CA GLY B 434 34.27 41.94 19.05
C GLY B 434 34.62 40.96 20.17
N VAL B 435 35.57 41.34 21.04
CA VAL B 435 35.96 40.49 22.21
C VAL B 435 34.99 40.79 23.35
N SER B 436 33.87 40.07 23.41
CA SER B 436 32.81 40.35 24.43
C SER B 436 32.16 39.05 24.93
N SER B 437 31.42 39.11 26.04
CA SER B 437 30.71 37.91 26.56
C SER B 437 29.19 38.06 26.42
N PHE B 438 28.54 37.19 25.64
CA PHE B 438 27.05 37.22 25.55
C PHE B 438 26.47 35.82 25.29
N MET B 439 25.40 35.46 25.98
CA MET B 439 24.67 34.18 25.69
C MET B 439 23.26 34.32 26.27
N ASN B 440 22.41 35.16 25.68
CA ASN B 440 21.08 35.40 26.28
C ASN B 440 20.32 34.07 26.30
N VAL B 441 19.63 33.76 27.39
CA VAL B 441 18.93 32.46 27.49
C VAL B 441 17.72 32.60 28.42
N THR B 442 16.54 32.94 27.88
CA THR B 442 15.37 32.96 28.74
C THR B 442 15.05 31.52 29.13
N LEU B 443 14.69 31.31 30.38
CA LEU B 443 14.63 29.94 30.87
C LEU B 443 13.26 29.29 30.69
N ASP B 444 12.24 29.83 31.35
CA ASP B 444 11.03 29.08 31.60
C ASP B 444 9.81 29.67 30.90
N LYS B 445 10.01 30.24 29.72
CA LYS B 445 8.90 30.74 28.91
C LYS B 445 9.03 30.22 27.50
N CYS B 446 7.93 30.34 26.75
CA CYS B 446 7.98 30.00 25.34
C CYS B 446 8.88 31.00 24.63
N THR B 447 9.78 30.48 23.79
CA THR B 447 10.71 31.38 23.12
C THR B 447 11.10 30.79 21.78
N LYS B 448 11.65 31.65 20.93
CA LYS B 448 12.42 31.18 19.79
C LYS B 448 13.83 30.85 20.24
N TYR B 449 14.58 30.19 19.36
CA TYR B 449 15.95 29.90 19.74
C TYR B 449 16.76 29.49 18.52
N ASN B 450 18.06 29.79 18.61
CA ASN B 450 19.06 29.33 17.68
C ASN B 450 20.23 28.82 18.52
N ILE B 451 20.45 27.52 18.50
CA ILE B 451 21.53 26.89 19.25
C ILE B 451 22.39 26.17 18.25
N TYR B 452 23.63 26.63 18.09
CA TYR B 452 24.61 25.98 17.25
C TYR B 452 24.01 25.66 15.89
N ASP B 453 23.40 26.68 15.30
CA ASP B 453 22.89 26.67 13.93
C ASP B 453 21.63 25.84 13.78
N VAL B 454 20.97 25.48 14.87
CA VAL B 454 19.70 24.77 14.81
C VAL B 454 18.65 25.70 15.43
N SER B 455 17.53 25.88 14.74
CA SER B 455 16.54 26.84 15.15
C SER B 455 15.25 26.14 15.58
N GLY B 456 14.44 26.86 16.34
CA GLY B 456 13.16 26.32 16.75
C GLY B 456 12.50 27.16 17.82
N VAL B 457 11.49 26.57 18.46
CA VAL B 457 10.68 27.27 19.45
C VAL B 457 10.35 26.28 20.55
N GLY B 458 10.31 26.76 21.80
CA GLY B 458 10.01 25.88 22.92
C GLY B 458 10.37 26.50 24.25
N VAL B 459 10.54 25.62 25.25
CA VAL B 459 10.91 26.04 26.61
C VAL B 459 12.08 25.19 27.12
N ILE B 460 12.94 25.82 27.93
CA ILE B 460 14.21 25.23 28.34
C ILE B 460 14.12 24.82 29.81
N ARG B 461 14.56 23.59 30.10
CA ARG B 461 14.55 23.04 31.45
C ARG B 461 15.96 22.64 31.87
N VAL B 462 16.38 23.07 33.07
CA VAL B 462 17.64 22.59 33.63
C VAL B 462 17.51 21.13 34.05
N SER B 463 18.57 20.36 33.80
CA SER B 463 18.63 18.94 34.11
C SER B 463 19.94 18.62 34.84
N ASN B 464 20.08 17.38 35.32
CA ASN B 464 21.27 16.96 36.05
C ASN B 464 21.80 15.69 35.37
N ASP B 465 22.63 15.84 34.36
CA ASP B 465 23.16 14.65 33.71
C ASP B 465 24.55 14.95 33.19
N THR B 466 25.50 14.10 33.56
CA THR B 466 26.90 14.40 33.28
C THR B 466 27.11 14.52 31.77
N PHE B 467 26.92 13.42 31.05
CA PHE B 467 26.92 13.39 29.59
C PHE B 467 27.99 14.31 29.02
N LEU B 468 29.23 13.98 29.33
CA LEU B 468 30.35 14.79 28.88
C LEU B 468 30.90 14.30 27.55
N ASN B 469 30.21 13.36 26.94
CA ASN B 469 30.65 12.78 25.68
C ASN B 469 30.63 13.80 24.54
N GLY B 470 29.60 14.64 24.48
CA GLY B 470 29.48 15.56 23.36
C GLY B 470 28.83 16.88 23.67
N ILE B 471 28.29 17.55 22.65
CA ILE B 471 27.75 18.89 22.82
C ILE B 471 26.30 19.02 22.39
N THR B 472 25.74 18.10 21.62
CA THR B 472 24.35 18.21 21.18
C THR B 472 23.70 16.85 21.18
N TYR B 473 22.42 16.81 21.55
CA TYR B 473 21.65 15.57 21.60
C TYR B 473 20.37 15.73 20.79
N THR B 474 20.16 14.82 19.85
CA THR B 474 19.00 14.90 18.96
C THR B 474 18.23 13.59 19.01
N SER B 475 16.91 13.70 18.87
CA SER B 475 16.03 12.55 18.85
C SER B 475 16.12 11.83 17.52
N THR B 476 15.47 10.66 17.45
CA THR B 476 15.45 9.90 16.21
C THR B 476 14.76 10.68 15.10
N SER B 477 13.75 11.48 15.45
CA SER B 477 13.05 12.26 14.45
C SER B 477 13.93 13.34 13.83
N GLY B 478 14.97 13.77 14.52
CA GLY B 478 15.77 14.89 14.08
C GLY B 478 15.58 16.16 14.88
N ASN B 479 14.68 16.16 15.86
CA ASN B 479 14.46 17.32 16.69
C ASN B 479 15.36 17.23 17.91
N LEU B 480 16.09 18.30 18.19
CA LEU B 480 17.03 18.27 19.30
C LEU B 480 16.27 18.18 20.61
N LEU B 481 16.85 17.44 21.56
CA LEU B 481 16.25 17.28 22.87
C LEU B 481 16.93 18.12 23.94
N GLY B 482 18.26 18.12 23.97
CA GLY B 482 18.96 18.91 24.97
C GLY B 482 20.35 19.28 24.52
N PHE B 483 20.90 20.30 25.18
CA PHE B 483 22.23 20.78 24.86
C PHE B 483 22.99 21.06 26.15
N LYS B 484 24.31 21.05 26.05
CA LYS B 484 25.19 21.33 27.16
C LYS B 484 25.95 22.64 26.94
N ASP B 485 26.03 23.46 27.97
CA ASP B 485 26.79 24.70 27.88
C ASP B 485 28.27 24.40 27.74
N VAL B 486 28.95 25.21 26.92
CA VAL B 486 30.39 25.07 26.82
C VAL B 486 31.07 25.53 28.09
N THR B 487 30.46 26.48 28.80
CA THR B 487 31.13 27.11 29.93
C THR B 487 31.39 26.10 31.04
N LYS B 488 30.34 25.51 31.60
CA LYS B 488 30.44 24.75 32.83
C LYS B 488 30.18 23.27 32.65
N GLY B 489 29.07 22.89 32.05
CA GLY B 489 28.75 21.48 31.94
C GLY B 489 27.29 21.16 32.17
N THR B 490 26.54 22.13 32.67
CA THR B 490 25.10 21.93 32.83
C THR B 490 24.47 21.66 31.47
N ILE B 491 23.36 20.95 31.48
CA ILE B 491 22.64 20.65 30.25
C ILE B 491 21.16 20.95 30.45
N TYR B 492 20.50 21.30 29.36
CA TYR B 492 19.12 21.74 29.38
C TYR B 492 18.33 21.03 28.28
N SER B 493 17.12 20.59 28.64
CA SER B 493 16.16 20.02 27.72
C SER B 493 15.30 21.10 27.08
N ILE B 494 14.63 20.72 25.99
CA ILE B 494 13.84 21.66 25.19
C ILE B 494 12.44 21.08 25.02
N THR B 495 11.57 21.35 25.97
CA THR B 495 10.21 20.83 25.87
C THR B 495 9.39 21.68 24.90
N PRO B 496 8.52 21.05 24.11
CA PRO B 496 7.67 21.83 23.19
C PRO B 496 6.63 22.61 23.95
N CYS B 497 6.22 23.73 23.36
CA CYS B 497 5.35 24.67 24.08
C CYS B 497 3.95 24.12 24.32
N ASN B 498 3.33 23.53 23.29
CA ASN B 498 1.91 23.17 23.35
C ASN B 498 1.68 21.72 22.94
N PRO B 499 1.87 20.78 23.86
CA PRO B 499 1.56 19.39 23.53
C PRO B 499 0.07 19.20 23.36
N PRO B 500 -0.36 18.29 22.51
CA PRO B 500 -1.79 18.10 22.26
C PRO B 500 -2.53 17.66 23.50
N ASP B 501 -3.75 18.16 23.65
CA ASP B 501 -4.62 17.84 24.76
C ASP B 501 -5.84 17.07 24.28
N GLN B 502 -6.35 16.18 25.12
CA GLN B 502 -7.45 15.30 24.73
C GLN B 502 -8.70 15.80 25.43
N LEU B 503 -9.74 16.12 24.67
CA LEU B 503 -10.95 16.62 25.29
C LEU B 503 -12.15 15.78 24.87
N VAL B 504 -13.24 15.92 25.61
CA VAL B 504 -14.41 15.08 25.48
C VAL B 504 -15.61 15.99 25.26
N VAL B 505 -16.56 15.55 24.45
CA VAL B 505 -17.78 16.30 24.21
C VAL B 505 -18.98 15.37 24.31
N TYR B 506 -20.09 15.92 24.80
CA TYR B 506 -21.30 15.17 24.99
C TYR B 506 -22.51 16.09 24.92
N GLN B 507 -23.52 15.67 24.16
CA GLN B 507 -24.72 16.47 23.93
C GLN B 507 -24.37 17.85 23.39
N GLN B 508 -23.44 17.87 22.44
CA GLN B 508 -23.05 19.08 21.74
C GLN B 508 -22.52 20.15 22.67
N ALA B 509 -21.92 19.74 23.79
CA ALA B 509 -21.16 20.63 24.62
C ALA B 509 -19.93 19.90 25.14
N VAL B 510 -18.88 20.64 25.42
CA VAL B 510 -17.65 20.03 25.89
C VAL B 510 -17.79 19.76 27.37
N VAL B 511 -17.26 18.63 27.82
CA VAL B 511 -17.26 18.30 29.23
C VAL B 511 -16.03 17.45 29.51
N GLY B 512 -15.35 17.76 30.61
CA GLY B 512 -14.19 17.00 31.02
C GLY B 512 -13.00 17.19 30.10
N ALA B 513 -11.80 16.83 30.57
CA ALA B 513 -10.63 16.96 29.71
C ALA B 513 -9.40 16.22 30.23
N MET B 514 -8.77 15.43 29.38
CA MET B 514 -7.50 14.77 29.69
C MET B 514 -6.36 15.70 29.33
N LEU B 515 -5.50 15.99 30.31
CA LEU B 515 -4.41 16.92 30.14
C LEU B 515 -3.07 16.32 30.52
N SER B 516 -2.05 17.17 30.60
CA SER B 516 -0.71 16.79 31.01
C SER B 516 -0.19 17.61 32.19
N GLU B 517 -0.78 18.77 32.47
CA GLU B 517 -0.29 19.67 33.49
C GLU B 517 -1.27 19.72 34.66
N ASN B 518 -0.74 19.81 35.87
CA ASN B 518 -1.56 19.88 37.08
C ASN B 518 -2.06 21.32 37.20
N PHE B 519 -2.98 21.66 36.31
CA PHE B 519 -3.53 23.01 36.29
C PHE B 519 -4.89 22.98 35.62
N THR B 520 -5.74 23.94 35.99
CA THR B 520 -7.07 24.05 35.41
C THR B 520 -6.98 25.04 34.25
N SER B 521 -6.73 24.50 33.06
CA SER B 521 -6.62 25.36 31.89
C SER B 521 -7.96 26.00 31.53
N TYR B 522 -9.02 25.22 31.53
CA TYR B 522 -10.32 25.75 31.15
C TYR B 522 -11.07 26.15 32.41
N GLY B 523 -12.35 26.49 32.25
CA GLY B 523 -13.10 26.89 33.41
C GLY B 523 -13.50 25.77 34.33
N PHE B 524 -12.95 24.58 34.11
CA PHE B 524 -13.26 23.44 34.96
C PHE B 524 -12.76 23.70 36.37
N SER B 525 -13.57 23.32 37.35
CA SER B 525 -13.30 23.58 38.76
C SER B 525 -12.47 22.50 39.46
N ASN B 526 -12.13 21.40 38.80
CA ASN B 526 -11.37 20.37 39.49
C ASN B 526 -10.45 19.68 38.51
N VAL B 527 -9.23 19.37 38.97
CA VAL B 527 -8.26 18.65 38.15
C VAL B 527 -7.75 17.42 38.88
N VAL B 528 -8.56 16.36 38.87
CA VAL B 528 -8.29 15.12 39.56
C VAL B 528 -7.07 14.43 38.93
N GLU B 529 -6.00 14.32 39.71
CA GLU B 529 -4.81 13.60 39.29
C GLU B 529 -5.16 12.12 39.14
N LEU B 530 -4.72 11.49 38.06
CA LEU B 530 -5.06 10.09 37.87
C LEU B 530 -3.82 9.41 37.30
N PRO B 531 -3.72 8.09 37.42
CA PRO B 531 -2.55 7.42 36.85
C PRO B 531 -2.45 7.71 35.37
N LYS B 532 -1.21 7.86 34.92
CA LYS B 532 -0.87 8.15 33.54
C LYS B 532 -1.45 9.45 32.99
N PHE B 533 -2.31 10.17 33.72
CA PHE B 533 -2.73 11.48 33.20
C PHE B 533 -3.50 12.27 34.23
N PHE B 534 -3.71 13.54 33.92
CA PHE B 534 -4.54 14.41 34.74
C PHE B 534 -5.87 14.63 34.05
N TYR B 535 -6.86 15.06 34.82
CA TYR B 535 -8.19 15.18 34.25
C TYR B 535 -8.93 16.31 34.92
N ALA B 536 -9.47 17.20 34.12
CA ALA B 536 -10.29 18.28 34.61
C ALA B 536 -11.76 17.96 34.39
N SER B 537 -12.58 18.54 35.26
CA SER B 537 -14.02 18.37 35.25
C SER B 537 -14.61 19.54 36.01
N ASN B 538 -15.88 19.82 35.72
CA ASN B 538 -16.57 20.95 36.31
C ASN B 538 -17.70 20.51 37.22
N GLY B 539 -17.76 19.22 37.55
CA GLY B 539 -18.87 18.68 38.30
C GLY B 539 -18.38 17.79 39.42
N THR B 540 -19.24 17.60 40.41
CA THR B 540 -18.92 16.77 41.54
C THR B 540 -18.98 15.30 41.16
N TYR B 541 -18.49 14.45 42.05
CA TYR B 541 -18.45 13.02 41.81
C TYR B 541 -19.60 12.40 42.59
N ASN B 542 -20.52 11.78 41.86
CA ASN B 542 -21.61 11.08 42.51
C ASN B 542 -21.76 9.65 41.99
N CYS B 543 -21.02 9.28 40.94
CA CYS B 543 -20.93 7.93 40.41
C CYS B 543 -22.30 7.28 40.12
N THR B 544 -23.22 8.07 39.60
CA THR B 544 -24.55 7.52 39.34
C THR B 544 -24.49 6.47 38.23
N ASP B 545 -23.91 6.82 37.08
CA ASP B 545 -23.89 5.93 35.92
C ASP B 545 -22.92 6.49 34.89
N ALA B 546 -22.74 5.74 33.80
CA ALA B 546 -21.85 6.13 32.72
C ALA B 546 -22.64 6.34 31.44
N VAL B 547 -22.41 7.48 30.78
CA VAL B 547 -23.05 7.77 29.50
C VAL B 547 -22.09 7.64 28.36
N LEU B 548 -20.83 7.32 28.63
CA LEU B 548 -19.86 7.01 27.61
C LEU B 548 -18.86 6.07 28.27
N THR B 549 -18.17 5.27 27.46
CA THR B 549 -17.27 4.29 28.03
C THR B 549 -16.11 3.97 27.10
N TYR B 550 -14.98 3.70 27.73
CA TYR B 550 -13.78 3.16 27.12
C TYR B 550 -13.33 2.03 28.01
N SER B 551 -12.46 1.18 27.46
CA SER B 551 -12.10 -0.07 28.13
C SER B 551 -11.69 0.16 29.58
N SER B 552 -10.80 1.11 29.82
CA SER B 552 -10.37 1.34 31.18
C SER B 552 -11.47 1.95 32.04
N PHE B 553 -12.21 2.94 31.52
CA PHE B 553 -13.14 3.66 32.38
C PHE B 553 -14.23 4.34 31.58
N GLY B 554 -15.26 4.80 32.30
CA GLY B 554 -16.37 5.49 31.68
C GLY B 554 -16.60 6.83 32.33
N VAL B 555 -17.36 7.68 31.66
CA VAL B 555 -17.61 9.02 32.19
C VAL B 555 -19.06 9.17 32.58
N CYS B 556 -19.28 9.94 33.65
CA CYS B 556 -20.61 10.27 34.14
C CYS B 556 -21.26 11.34 33.28
N ALA B 557 -22.54 11.60 33.56
CA ALA B 557 -23.28 12.59 32.80
C ALA B 557 -22.69 13.98 32.98
N ASP B 558 -22.25 14.30 34.20
CA ASP B 558 -21.66 15.60 34.48
C ASP B 558 -20.17 15.65 34.25
N GLY B 559 -19.58 14.56 33.74
CA GLY B 559 -18.15 14.50 33.52
C GLY B 559 -17.36 13.79 34.59
N SER B 560 -18.01 13.31 35.65
CA SER B 560 -17.30 12.54 36.66
C SER B 560 -16.82 11.22 36.06
N ILE B 561 -15.62 10.82 36.43
CA ILE B 561 -15.03 9.61 35.89
C ILE B 561 -15.32 8.44 36.81
N ILE B 562 -15.45 7.25 36.22
CA ILE B 562 -15.87 6.06 36.95
C ILE B 562 -15.10 4.87 36.40
N ALA B 563 -14.75 3.93 37.28
CA ALA B 563 -14.16 2.66 36.88
C ALA B 563 -15.25 1.65 36.55
N VAL B 564 -15.10 0.97 35.42
CA VAL B 564 -16.14 0.08 34.93
C VAL B 564 -16.10 -1.22 35.72
N GLN B 565 -17.30 -1.73 36.04
CA GLN B 565 -17.45 -3.07 36.58
C GLN B 565 -17.92 -3.98 35.45
N PRO B 566 -17.14 -4.97 35.04
CA PRO B 566 -17.56 -5.79 33.89
C PRO B 566 -18.94 -6.40 34.09
N ARG B 567 -19.45 -6.94 33.00
CA ARG B 567 -20.82 -7.43 32.89
C ARG B 567 -21.15 -8.56 33.85
N ASN B 568 -21.97 -8.29 34.86
CA ASN B 568 -22.41 -9.34 35.78
C ASN B 568 -23.25 -10.36 35.02
N VAL B 569 -22.78 -11.60 34.96
CA VAL B 569 -23.49 -12.66 34.26
C VAL B 569 -23.45 -13.89 35.15
N SER B 570 -23.96 -15.00 34.64
CA SER B 570 -23.80 -16.28 35.32
C SER B 570 -24.05 -17.39 34.32
N TYR B 571 -23.39 -18.52 34.54
CA TYR B 571 -23.54 -19.66 33.66
C TYR B 571 -23.58 -20.93 34.47
N ASP B 572 -23.65 -22.04 33.75
CA ASP B 572 -23.85 -23.37 34.28
C ASP B 572 -22.71 -24.28 33.84
N SER B 573 -22.78 -25.54 34.26
CA SER B 573 -21.75 -26.52 33.95
C SER B 573 -22.30 -27.91 34.20
N VAL B 574 -21.44 -28.91 34.00
CA VAL B 574 -21.84 -30.28 34.17
C VAL B 574 -22.37 -30.52 35.57
N SER B 575 -23.33 -31.42 35.68
CA SER B 575 -24.00 -31.72 36.93
C SER B 575 -23.52 -33.10 37.36
N ALA B 576 -22.41 -33.12 38.08
CA ALA B 576 -21.84 -34.40 38.49
C ALA B 576 -22.80 -35.15 39.39
N ILE B 577 -23.01 -36.43 39.08
CA ILE B 577 -23.85 -37.24 39.95
C ILE B 577 -23.17 -37.34 41.29
N VAL B 578 -23.86 -36.96 42.36
CA VAL B 578 -23.24 -36.93 43.67
C VAL B 578 -24.16 -37.45 44.75
N THR B 579 -25.35 -37.90 44.38
CA THR B 579 -26.32 -38.42 45.35
C THR B 579 -26.56 -37.38 46.45
N ALA B 580 -26.90 -36.16 46.03
CA ALA B 580 -27.15 -35.09 46.98
C ALA B 580 -28.04 -34.04 46.31
N ASN B 581 -28.32 -32.98 47.08
CA ASN B 581 -29.25 -31.93 46.65
C ASN B 581 -28.74 -31.20 45.41
N LEU B 582 -29.64 -30.98 44.45
CA LEU B 582 -29.27 -30.22 43.25
C LEU B 582 -30.53 -29.60 42.65
N SER B 583 -30.33 -28.63 41.76
CA SER B 583 -31.42 -27.85 41.21
C SER B 583 -31.41 -27.88 39.70
N ILE B 584 -32.59 -28.05 39.10
CA ILE B 584 -32.76 -28.08 37.65
C ILE B 584 -33.54 -26.85 37.22
N PRO B 585 -33.29 -26.31 36.03
CA PRO B 585 -34.04 -25.13 35.57
C PRO B 585 -35.50 -25.42 35.29
N SER B 586 -36.37 -24.50 35.70
CA SER B 586 -37.80 -24.51 35.45
C SER B 586 -38.09 -23.68 34.20
N ASN B 587 -39.37 -23.50 33.90
CA ASN B 587 -39.85 -22.71 32.77
C ASN B 587 -39.05 -21.43 32.52
N TRP B 588 -38.70 -21.21 31.26
CA TRP B 588 -37.85 -20.15 30.74
C TRP B 588 -38.66 -18.97 30.24
N THR B 589 -37.93 -17.98 29.72
CA THR B 589 -38.51 -16.81 29.06
C THR B 589 -37.75 -16.57 27.76
N THR B 590 -38.44 -15.98 26.78
CA THR B 590 -37.84 -15.79 25.48
C THR B 590 -36.96 -14.54 25.43
N SER B 591 -36.14 -14.46 24.39
CA SER B 591 -35.33 -13.28 24.11
C SER B 591 -34.89 -13.33 22.66
N VAL B 592 -34.44 -12.19 22.15
CA VAL B 592 -33.98 -12.07 20.77
C VAL B 592 -32.62 -11.38 20.75
N GLN B 593 -31.70 -11.95 19.99
CA GLN B 593 -30.37 -11.39 19.77
C GLN B 593 -30.18 -11.09 18.29
N VAL B 594 -29.48 -10.01 17.98
CA VAL B 594 -29.30 -9.58 16.60
C VAL B 594 -27.82 -9.57 16.26
N GLU B 595 -27.50 -10.08 15.07
CA GLU B 595 -26.16 -10.06 14.53
C GLU B 595 -26.18 -9.51 13.11
N TYR B 596 -25.02 -9.13 12.61
CA TYR B 596 -24.88 -8.62 11.26
C TYR B 596 -23.60 -9.15 10.65
N LEU B 597 -23.69 -9.59 9.40
CA LEU B 597 -22.54 -10.12 8.68
C LEU B 597 -22.38 -9.45 7.33
N GLN B 598 -21.17 -8.98 7.05
CA GLN B 598 -20.83 -8.50 5.72
C GLN B 598 -20.90 -9.66 4.73
N ILE B 599 -21.53 -9.43 3.57
CA ILE B 599 -21.68 -10.53 2.62
C ILE B 599 -21.13 -10.22 1.24
N THR B 600 -21.12 -8.96 0.84
CA THR B 600 -20.73 -8.64 -0.52
C THR B 600 -20.11 -7.25 -0.57
N SER B 601 -19.37 -6.99 -1.65
CA SER B 601 -18.79 -5.68 -1.89
C SER B 601 -19.18 -5.19 -3.28
N THR B 602 -19.61 -3.94 -3.36
CA THR B 602 -19.99 -3.34 -4.64
C THR B 602 -18.79 -3.27 -5.57
N PRO B 603 -18.80 -4.03 -6.65
CA PRO B 603 -17.66 -4.04 -7.56
C PRO B 603 -17.52 -2.73 -8.31
N ILE B 604 -16.28 -2.39 -8.66
CA ILE B 604 -15.97 -1.18 -9.40
C ILE B 604 -15.07 -1.55 -10.56
N VAL B 605 -15.26 -0.88 -11.70
CA VAL B 605 -14.44 -1.14 -12.87
C VAL B 605 -13.89 0.20 -13.36
N VAL B 606 -12.74 0.14 -14.02
CA VAL B 606 -12.01 1.34 -14.43
C VAL B 606 -11.54 1.17 -15.86
N ASP B 607 -11.58 2.24 -16.64
CA ASP B 607 -11.03 2.28 -17.98
C ASP B 607 -9.70 3.01 -17.97
N CYS B 608 -8.60 2.25 -18.06
CA CYS B 608 -7.25 2.79 -18.09
C CYS B 608 -7.14 4.04 -18.97
N SER B 609 -7.51 3.90 -20.24
CA SER B 609 -7.16 4.93 -21.19
C SER B 609 -8.01 6.18 -21.00
N THR B 610 -9.26 6.03 -20.61
CA THR B 610 -10.04 7.21 -20.29
C THR B 610 -9.44 7.89 -19.08
N TYR B 611 -9.21 7.12 -18.02
CA TYR B 611 -8.78 7.69 -16.75
C TYR B 611 -7.54 8.53 -16.90
N VAL B 612 -6.55 8.05 -17.63
CA VAL B 612 -5.29 8.78 -17.70
C VAL B 612 -5.22 9.69 -18.92
N CYS B 613 -5.60 9.20 -20.09
CA CYS B 613 -5.50 10.01 -21.30
C CYS B 613 -6.44 11.21 -21.26
N ASN B 614 -7.69 10.98 -20.85
CA ASN B 614 -8.70 12.04 -20.83
C ASN B 614 -8.94 12.61 -22.22
N GLY B 615 -8.86 11.76 -23.23
CA GLY B 615 -9.30 12.12 -24.56
C GLY B 615 -8.30 12.81 -25.46
N ASN B 616 -7.04 12.93 -25.06
CA ASN B 616 -6.02 13.53 -25.93
C ASN B 616 -5.38 12.45 -26.78
N VAL B 617 -5.45 12.62 -28.09
CA VAL B 617 -4.97 11.58 -28.99
C VAL B 617 -3.47 11.39 -28.83
N ARG B 618 -2.74 12.49 -28.65
CA ARG B 618 -1.30 12.38 -28.49
C ARG B 618 -0.95 11.70 -27.18
N CYS B 619 -1.69 12.00 -26.12
CA CYS B 619 -1.50 11.26 -24.88
C CYS B 619 -1.77 9.78 -25.08
N VAL B 620 -2.82 9.45 -25.85
CA VAL B 620 -3.11 8.05 -26.10
C VAL B 620 -1.96 7.39 -26.84
N GLU B 621 -1.29 8.14 -27.71
CA GLU B 621 -0.24 7.52 -28.49
C GLU B 621 1.03 7.33 -27.67
N LEU B 622 1.37 8.32 -26.83
CA LEU B 622 2.45 8.09 -25.89
C LEU B 622 2.14 6.95 -24.93
N LEU B 623 0.88 6.76 -24.58
CA LEU B 623 0.54 5.65 -23.72
C LEU B 623 0.66 4.33 -24.45
N LYS B 624 0.53 4.36 -25.78
CA LYS B 624 0.41 3.14 -26.56
C LYS B 624 1.59 2.20 -26.32
N GLN B 625 2.75 2.72 -25.97
CA GLN B 625 3.90 1.89 -25.68
C GLN B 625 3.89 1.30 -24.28
N TYR B 626 2.92 1.67 -23.45
CA TYR B 626 2.84 1.13 -22.10
C TYR B 626 1.71 0.13 -21.92
N THR B 627 1.12 -0.35 -23.00
CA THR B 627 -0.02 -1.26 -22.86
C THR B 627 0.38 -2.52 -22.14
N SER B 628 1.66 -2.89 -22.20
CA SER B 628 2.17 -3.97 -21.38
C SER B 628 1.89 -3.73 -19.90
N ALA B 629 1.92 -2.47 -19.46
CA ALA B 629 1.75 -2.21 -18.05
C ALA B 629 0.29 -2.23 -17.63
N CYS B 630 -0.52 -1.33 -18.17
CA CYS B 630 -1.80 -1.08 -17.52
C CYS B 630 -2.84 -2.14 -17.87
N LYS B 631 -2.52 -3.08 -18.75
CA LYS B 631 -3.44 -4.17 -19.03
C LYS B 631 -3.73 -4.99 -17.78
N THR B 632 -2.72 -5.15 -16.92
CA THR B 632 -2.87 -6.01 -15.77
C THR B 632 -3.93 -5.47 -14.82
N ILE B 633 -4.06 -4.15 -14.76
CA ILE B 633 -4.97 -3.53 -13.81
C ILE B 633 -6.40 -3.94 -14.11
N GLU B 634 -6.86 -3.58 -15.30
CA GLU B 634 -8.23 -3.89 -15.65
C GLU B 634 -8.46 -5.38 -15.77
N ASP B 635 -7.43 -6.14 -16.15
CA ASP B 635 -7.63 -7.58 -16.22
C ASP B 635 -7.89 -8.16 -14.84
N ALA B 636 -7.16 -7.67 -13.84
CA ALA B 636 -7.36 -8.17 -12.49
C ALA B 636 -8.73 -7.77 -11.98
N LEU B 637 -9.11 -6.50 -12.17
CA LEU B 637 -10.38 -6.05 -11.61
C LEU B 637 -11.54 -6.81 -12.24
N ARG B 638 -11.46 -7.03 -13.56
CA ARG B 638 -12.56 -7.68 -14.25
C ARG B 638 -12.67 -9.15 -13.86
N ASN B 639 -11.53 -9.84 -13.80
CA ASN B 639 -11.60 -11.25 -13.45
C ASN B 639 -12.08 -11.44 -12.03
N SER B 640 -11.70 -10.54 -11.13
CA SER B 640 -12.14 -10.68 -9.74
C SER B 640 -13.63 -10.41 -9.62
N ALA B 641 -14.11 -9.42 -10.38
CA ALA B 641 -15.53 -9.10 -10.31
C ALA B 641 -16.36 -10.27 -10.80
N MET B 642 -16.02 -10.81 -11.96
CA MET B 642 -16.83 -11.91 -12.47
C MET B 642 -16.72 -13.14 -11.58
N LEU B 643 -15.58 -13.35 -10.93
CA LEU B 643 -15.46 -14.50 -10.03
C LEU B 643 -16.40 -14.35 -8.85
N GLU B 644 -16.32 -13.22 -8.16
CA GLU B 644 -17.13 -13.08 -6.96
C GLU B 644 -18.60 -13.07 -7.30
N SER B 645 -18.96 -12.49 -8.44
CA SER B 645 -20.38 -12.50 -8.81
C SER B 645 -20.85 -13.91 -9.12
N ALA B 646 -19.97 -14.74 -9.67
CA ALA B 646 -20.36 -16.12 -9.90
C ALA B 646 -20.59 -16.83 -8.58
N ASP B 647 -19.74 -16.56 -7.59
CA ASP B 647 -19.92 -17.19 -6.29
C ASP B 647 -21.24 -16.79 -5.64
N VAL B 648 -21.48 -15.48 -5.55
CA VAL B 648 -22.67 -15.02 -4.85
C VAL B 648 -23.92 -15.46 -5.60
N SER B 649 -23.82 -15.63 -6.92
CA SER B 649 -24.97 -16.18 -7.64
C SER B 649 -25.10 -17.67 -7.44
N GLU B 650 -24.01 -18.36 -7.11
CA GLU B 650 -24.12 -19.78 -6.82
C GLU B 650 -24.70 -20.05 -5.45
N MET B 651 -24.68 -19.05 -4.57
CA MET B 651 -25.11 -19.36 -3.21
C MET B 651 -26.62 -19.26 -3.00
N LEU B 652 -27.35 -18.59 -3.89
CA LEU B 652 -28.75 -18.21 -3.65
C LEU B 652 -29.72 -19.23 -4.24
N THR B 653 -30.31 -20.06 -3.39
CA THR B 653 -31.26 -21.08 -3.84
C THR B 653 -32.69 -20.53 -3.79
N PHE B 654 -33.67 -21.39 -4.09
CA PHE B 654 -35.07 -20.97 -4.13
C PHE B 654 -35.99 -22.18 -4.09
N ASP B 655 -37.15 -22.02 -3.43
CA ASP B 655 -38.19 -23.06 -3.37
C ASP B 655 -39.56 -22.43 -3.59
N LYS B 656 -40.17 -22.74 -4.74
CA LYS B 656 -41.52 -22.25 -4.98
C LYS B 656 -42.53 -22.94 -4.09
N LYS B 657 -42.27 -24.20 -3.73
CA LYS B 657 -43.17 -24.90 -2.82
C LYS B 657 -43.32 -24.15 -1.51
N ALA B 658 -42.23 -23.59 -1.01
CA ALA B 658 -42.24 -22.97 0.31
C ALA B 658 -42.46 -21.48 0.26
N PHE B 659 -42.13 -20.82 -0.84
CA PHE B 659 -42.33 -19.37 -0.92
C PHE B 659 -43.79 -19.00 -0.68
N THR B 660 -44.71 -19.82 -1.18
CA THR B 660 -46.12 -19.53 -1.00
C THR B 660 -46.50 -19.61 0.47
N LEU B 661 -45.78 -20.40 1.26
CA LEU B 661 -46.10 -20.59 2.66
C LEU B 661 -45.83 -19.35 3.51
N ALA B 662 -45.17 -18.33 2.96
CA ALA B 662 -44.84 -17.15 3.74
C ALA B 662 -46.04 -16.30 4.11
N ASN B 663 -47.25 -16.73 3.78
CA ASN B 663 -48.45 -16.00 4.13
C ASN B 663 -48.65 -15.96 5.64
N VAL B 664 -48.89 -14.75 6.16
CA VAL B 664 -48.85 -14.59 7.61
C VAL B 664 -49.95 -15.38 8.28
N SER B 665 -51.00 -15.70 7.53
CA SER B 665 -52.11 -16.46 8.09
C SER B 665 -51.64 -17.80 8.61
N SER B 666 -50.53 -18.31 8.08
CA SER B 666 -50.07 -19.62 8.47
C SER B 666 -49.45 -19.64 9.86
N PHE B 667 -48.98 -18.49 10.30
CA PHE B 667 -48.23 -18.50 11.58
C PHE B 667 -49.16 -18.62 12.78
N GLY B 668 -49.64 -17.51 13.31
CA GLY B 668 -50.45 -17.61 14.53
C GLY B 668 -50.21 -16.42 15.45
N ASP B 669 -50.13 -16.65 16.75
CA ASP B 669 -50.01 -15.55 17.73
C ASP B 669 -48.71 -14.78 17.52
N TYR B 670 -47.73 -15.37 16.86
CA TYR B 670 -46.40 -14.72 16.76
C TYR B 670 -46.45 -13.38 16.02
N ASN B 671 -47.26 -13.26 14.98
CA ASN B 671 -47.42 -11.93 14.33
C ASN B 671 -46.06 -11.38 13.95
N LEU B 672 -45.24 -12.16 13.28
CA LEU B 672 -43.94 -11.66 12.77
C LEU B 672 -44.20 -10.84 11.51
N SER B 673 -45.12 -9.89 11.56
CA SER B 673 -45.52 -9.19 10.36
C SER B 673 -44.32 -8.57 9.65
N SER B 674 -43.37 -8.05 10.42
CA SER B 674 -42.28 -7.28 9.82
C SER B 674 -41.46 -8.13 8.86
N VAL B 675 -41.15 -9.35 9.24
CA VAL B 675 -40.23 -10.17 8.47
C VAL B 675 -40.83 -10.58 7.13
N ILE B 676 -42.12 -10.92 7.10
CA ILE B 676 -42.67 -11.54 5.90
C ILE B 676 -42.57 -10.55 4.73
N PRO B 677 -42.29 -11.02 3.51
CA PRO B 677 -42.17 -10.11 2.38
C PRO B 677 -43.50 -9.52 1.98
N SER B 678 -43.44 -8.28 1.47
CA SER B 678 -44.65 -7.59 1.07
C SER B 678 -45.14 -8.09 -0.28
N LEU B 679 -46.45 -8.02 -0.48
CA LEU B 679 -47.05 -8.44 -1.74
C LEU B 679 -46.77 -7.41 -2.83
N PRO B 680 -46.87 -7.81 -4.09
CA PRO B 680 -46.63 -6.85 -5.18
C PRO B 680 -47.65 -5.72 -5.14
N ARG B 681 -47.17 -4.51 -5.39
CA ARG B 681 -48.04 -3.33 -5.37
C ARG B 681 -48.67 -3.13 -6.74
N SER B 682 -49.64 -4.02 -7.04
CA SER B 682 -50.36 -4.03 -8.32
C SER B 682 -49.38 -4.07 -9.48
N GLY B 683 -48.33 -4.87 -9.35
CA GLY B 683 -47.34 -5.00 -10.38
C GLY B 683 -46.92 -6.46 -10.55
N SER B 684 -46.31 -6.74 -11.69
CA SER B 684 -45.83 -8.09 -11.97
C SER B 684 -44.40 -8.22 -11.44
N ARG B 685 -44.30 -8.16 -10.12
CA ARG B 685 -43.05 -8.33 -9.40
C ARG B 685 -43.23 -9.49 -8.45
N VAL B 686 -42.25 -10.38 -8.41
CA VAL B 686 -42.40 -11.61 -7.63
C VAL B 686 -42.54 -11.29 -6.15
N ALA B 687 -41.75 -10.32 -5.69
CA ALA B 687 -41.77 -10.03 -4.24
C ALA B 687 -41.41 -8.58 -3.92
N GLY B 688 -41.65 -8.17 -2.68
CA GLY B 688 -41.34 -6.80 -2.25
C GLY B 688 -40.61 -6.81 -0.92
N ARG B 689 -39.82 -5.77 -0.66
CA ARG B 689 -38.98 -5.74 0.57
C ARG B 689 -39.86 -5.72 1.82
N SER B 690 -39.39 -6.34 2.90
CA SER B 690 -40.15 -6.41 4.17
C SER B 690 -40.01 -5.12 4.97
N ALA B 691 -40.76 -5.01 6.07
CA ALA B 691 -40.75 -3.74 6.82
C ALA B 691 -39.37 -3.45 7.37
N ILE B 692 -38.74 -4.43 7.98
CA ILE B 692 -37.43 -4.06 8.60
C ILE B 692 -36.50 -3.68 7.47
N GLU B 693 -36.91 -3.93 6.23
CA GLU B 693 -35.95 -3.68 5.16
C GLU B 693 -35.93 -2.21 4.79
N ASP B 694 -37.11 -1.64 4.53
CA ASP B 694 -37.12 -0.26 4.09
C ASP B 694 -36.84 0.68 5.25
N ILE B 695 -37.11 0.25 6.49
CA ILE B 695 -36.71 1.07 7.63
C ILE B 695 -35.20 1.19 7.65
N LEU B 696 -34.52 0.08 7.42
CA LEU B 696 -33.07 0.11 7.42
C LEU B 696 -32.54 0.95 6.28
N PHE B 697 -33.12 0.79 5.10
CA PHE B 697 -32.66 1.57 3.95
C PHE B 697 -32.93 3.05 4.14
N SER B 698 -34.12 3.39 4.64
CA SER B 698 -34.47 4.77 4.92
C SER B 698 -33.48 5.41 5.86
N LYS B 699 -33.21 4.76 6.99
CA LYS B 699 -32.26 5.33 7.93
C LYS B 699 -30.90 5.51 7.28
N LEU B 700 -30.49 4.56 6.45
CA LEU B 700 -29.22 4.70 5.73
C LEU B 700 -29.13 6.04 5.01
N ALA B 710 -26.12 6.71 -10.82
CA ALA B 710 -27.44 6.88 -11.47
C ALA B 710 -27.37 6.37 -12.92
N ASP B 711 -28.50 6.41 -13.63
CA ASP B 711 -28.55 5.95 -15.05
C ASP B 711 -27.65 6.86 -15.90
N TYR B 712 -26.83 6.28 -16.78
CA TYR B 712 -25.96 7.11 -17.67
C TYR B 712 -26.83 7.62 -18.83
N LYS B 713 -27.94 6.90 -19.02
CA LYS B 713 -29.01 7.10 -20.02
C LYS B 713 -29.33 8.59 -20.00
N LYS B 714 -29.22 9.19 -18.82
CA LYS B 714 -29.50 10.62 -18.63
C LYS B 714 -28.19 11.37 -18.52
N CYS B 715 -27.07 10.73 -18.85
CA CYS B 715 -25.82 11.51 -18.68
C CYS B 715 -25.14 11.82 -20.01
N THR B 716 -25.91 11.80 -21.08
CA THR B 716 -25.31 12.17 -22.38
C THR B 716 -26.43 12.96 -23.04
N LYS B 717 -27.57 12.89 -22.40
CA LYS B 717 -28.80 13.49 -22.88
C LYS B 717 -29.39 14.23 -21.70
N GLY B 718 -30.49 14.96 -21.96
CA GLY B 718 -31.20 15.67 -20.88
C GLY B 718 -30.90 17.16 -20.87
N LEU B 719 -31.48 17.88 -19.91
CA LEU B 719 -31.27 19.35 -19.79
C LEU B 719 -30.71 19.68 -18.40
N SER B 720 -30.52 18.68 -17.53
CA SER B 720 -29.99 19.00 -16.20
C SER B 720 -28.48 19.07 -16.22
N ILE B 721 -27.93 19.77 -15.22
CA ILE B 721 -26.49 19.72 -14.97
C ILE B 721 -26.13 18.35 -14.40
N ALA B 722 -24.95 17.87 -14.77
CA ALA B 722 -24.55 16.52 -14.40
C ALA B 722 -24.47 16.33 -12.90
N ASP B 723 -24.81 15.15 -12.40
CA ASP B 723 -24.72 14.87 -10.93
C ASP B 723 -23.32 14.38 -10.56
N LEU B 724 -23.04 14.24 -9.27
CA LEU B 724 -21.67 13.83 -8.84
C LEU B 724 -21.38 12.44 -9.40
N ALA B 725 -22.32 11.54 -9.28
CA ALA B 725 -22.07 10.17 -9.75
C ALA B 725 -21.86 10.24 -11.24
N CYS B 726 -22.67 11.06 -11.88
CA CYS B 726 -22.59 11.15 -13.35
C CYS B 726 -21.19 11.61 -13.69
N ALA B 727 -20.65 12.50 -12.90
CA ALA B 727 -19.32 13.04 -13.24
C ALA B 727 -18.33 11.90 -13.22
N GLN B 728 -18.47 11.00 -12.26
CA GLN B 728 -17.43 9.98 -12.15
C GLN B 728 -17.39 9.20 -13.47
N TYR B 729 -18.54 8.95 -14.07
CA TYR B 729 -18.53 8.15 -15.30
C TYR B 729 -17.67 8.90 -16.30
N TYR B 730 -17.81 10.20 -16.31
CA TYR B 730 -17.07 10.96 -17.34
C TYR B 730 -15.60 10.70 -17.12
N ASN B 731 -15.17 10.73 -15.87
CA ASN B 731 -13.74 10.53 -15.59
C ASN B 731 -13.33 9.11 -15.94
N GLY B 732 -14.20 8.13 -15.68
CA GLY B 732 -13.85 6.76 -16.11
C GLY B 732 -14.10 5.69 -15.06
N ILE B 733 -14.37 6.08 -13.82
CA ILE B 733 -14.74 5.03 -12.84
C ILE B 733 -16.14 4.59 -13.21
N MET B 734 -16.55 3.39 -12.85
CA MET B 734 -17.88 2.87 -13.28
C MET B 734 -18.35 1.84 -12.26
N VAL B 735 -19.38 2.15 -11.47
CA VAL B 735 -19.79 1.21 -10.39
C VAL B 735 -20.81 0.26 -10.98
N LEU B 736 -20.52 -1.03 -10.95
CA LEU B 736 -21.41 -2.00 -11.61
C LEU B 736 -22.69 -2.18 -10.78
N PRO B 737 -23.84 -2.60 -11.35
CA PRO B 737 -25.01 -2.82 -10.54
C PRO B 737 -24.68 -3.91 -9.51
N GLY B 738 -25.19 -3.78 -8.29
CA GLY B 738 -24.84 -4.71 -7.21
C GLY B 738 -25.31 -6.12 -7.46
N VAL B 739 -24.54 -7.11 -6.98
CA VAL B 739 -24.90 -8.54 -7.20
C VAL B 739 -26.21 -8.88 -6.49
N ALA B 740 -26.44 -8.34 -5.30
CA ALA B 740 -27.64 -8.74 -4.53
C ALA B 740 -28.85 -7.88 -4.90
N ASP B 741 -29.49 -8.16 -6.03
CA ASP B 741 -30.70 -7.47 -6.43
C ASP B 741 -31.90 -7.90 -5.59
N ALA B 742 -32.87 -6.99 -5.49
CA ALA B 742 -33.94 -7.14 -4.53
C ALA B 742 -34.87 -8.29 -4.88
N GLU B 743 -35.06 -8.59 -6.16
CA GLU B 743 -36.04 -9.60 -6.53
C GLU B 743 -35.64 -10.96 -6.00
N ARG B 744 -34.50 -11.46 -6.45
CA ARG B 744 -34.09 -12.79 -6.02
C ARG B 744 -33.62 -12.75 -4.57
N MET B 745 -33.17 -11.60 -4.08
CA MET B 745 -32.84 -11.52 -2.67
C MET B 745 -34.06 -11.77 -1.82
N ALA B 746 -35.16 -11.10 -2.15
CA ALA B 746 -36.39 -11.24 -1.39
C ALA B 746 -36.96 -12.63 -1.56
N MET B 747 -36.85 -13.21 -2.76
CA MET B 747 -37.32 -14.58 -2.92
C MET B 747 -36.54 -15.53 -2.03
N TYR B 748 -35.21 -15.35 -1.95
CA TYR B 748 -34.39 -16.20 -1.11
C TYR B 748 -34.78 -16.06 0.35
N THR B 749 -34.88 -14.81 0.83
CA THR B 749 -35.23 -14.59 2.22
C THR B 749 -36.61 -15.16 2.54
N GLY B 750 -37.57 -14.94 1.65
CA GLY B 750 -38.91 -15.44 1.89
C GLY B 750 -38.96 -16.94 1.90
N SER B 751 -38.17 -17.58 1.04
CA SER B 751 -38.17 -19.04 1.01
C SER B 751 -37.57 -19.59 2.29
N LEU B 752 -36.50 -18.96 2.77
CA LEU B 752 -35.92 -19.40 4.04
C LEU B 752 -36.93 -19.24 5.17
N ILE B 753 -37.64 -18.11 5.19
CA ILE B 753 -38.61 -17.90 6.25
C ILE B 753 -39.72 -18.92 6.17
N GLY B 754 -40.13 -19.26 4.96
CA GLY B 754 -41.16 -20.27 4.81
C GLY B 754 -40.70 -21.67 5.04
N GLY B 755 -39.40 -21.90 5.12
CA GLY B 755 -38.95 -23.23 5.43
C GLY B 755 -39.13 -23.63 6.87
N ILE B 756 -39.68 -22.75 7.70
CA ILE B 756 -39.84 -23.04 9.12
C ILE B 756 -41.16 -23.74 9.39
N ALA B 757 -42.22 -23.33 8.69
CA ALA B 757 -43.54 -23.88 8.91
C ALA B 757 -43.84 -25.09 8.05
N LEU B 758 -42.87 -25.57 7.29
CA LEU B 758 -43.07 -26.70 6.41
C LEU B 758 -42.37 -27.91 7.00
N GLY B 759 -43.14 -28.99 7.16
CA GLY B 759 -42.59 -30.24 7.63
C GLY B 759 -42.97 -31.36 6.69
N GLY B 760 -42.24 -32.46 6.80
CA GLY B 760 -42.48 -33.57 5.90
C GLY B 760 -43.86 -34.16 6.05
N LEU B 761 -44.67 -34.05 5.00
CA LEU B 761 -46.04 -34.52 5.01
C LEU B 761 -46.31 -35.21 3.70
N THR B 762 -47.21 -36.20 3.71
CA THR B 762 -47.60 -36.84 2.46
C THR B 762 -48.24 -35.82 1.54
N SER B 763 -49.13 -35.01 2.09
CA SER B 763 -49.70 -33.90 1.34
C SER B 763 -48.76 -32.70 1.41
N ALA B 764 -49.09 -31.69 0.62
CA ALA B 764 -48.30 -30.45 0.61
C ALA B 764 -48.83 -29.40 1.56
N ALA B 765 -49.88 -29.69 2.31
CA ALA B 765 -50.48 -28.69 3.18
C ALA B 765 -49.64 -28.48 4.43
N SER B 766 -49.84 -27.33 5.07
CA SER B 766 -49.13 -26.97 6.28
C SER B 766 -49.82 -27.56 7.51
N ILE B 767 -49.15 -27.34 8.66
CA ILE B 767 -49.69 -27.78 9.98
C ILE B 767 -49.59 -26.58 10.91
N PRO B 768 -50.28 -26.55 12.07
CA PRO B 768 -50.26 -25.36 12.92
C PRO B 768 -48.84 -25.06 13.41
N PHE B 769 -48.47 -23.78 13.48
CA PHE B 769 -47.09 -23.39 13.88
C PHE B 769 -46.82 -23.88 15.28
N SER B 770 -47.85 -23.97 16.10
CA SER B 770 -47.62 -24.34 17.52
C SER B 770 -46.98 -25.72 17.57
N LEU B 771 -47.46 -26.66 16.77
CA LEU B 771 -46.92 -28.03 16.89
C LEU B 771 -45.45 -27.94 16.56
N ALA B 772 -45.09 -27.11 15.59
CA ALA B 772 -43.69 -27.11 15.15
C ALA B 772 -42.76 -26.75 16.29
N ILE B 773 -43.13 -25.73 17.06
CA ILE B 773 -42.12 -25.34 18.08
C ILE B 773 -41.94 -26.55 19.00
N GLN B 774 -43.00 -27.26 19.30
CA GLN B 774 -42.86 -28.35 20.28
C GLN B 774 -41.85 -29.34 19.71
N SER B 775 -41.91 -29.61 18.42
CA SER B 775 -40.99 -30.64 17.89
C SER B 775 -39.56 -30.18 18.07
N ARG B 776 -39.31 -28.91 17.79
CA ARG B 776 -37.92 -28.41 17.89
C ARG B 776 -37.46 -28.56 19.33
N LEU B 777 -38.35 -28.33 20.28
CA LEU B 777 -38.01 -28.45 21.71
C LEU B 777 -37.62 -29.89 22.00
N ASN B 778 -38.31 -30.82 21.35
CA ASN B 778 -38.06 -32.23 21.68
C ASN B 778 -36.58 -32.47 21.43
N TYR B 779 -36.00 -31.77 20.47
CA TYR B 779 -34.59 -32.06 20.12
C TYR B 779 -33.77 -31.88 21.40
N VAL B 780 -33.99 -30.80 22.14
CA VAL B 780 -33.12 -30.61 23.33
C VAL B 780 -33.46 -31.73 24.30
N ALA B 781 -34.74 -32.02 24.47
CA ALA B 781 -35.15 -33.14 25.34
C ALA B 781 -36.59 -33.54 25.09
N LEU B 782 -36.98 -34.73 25.53
CA LEU B 782 -38.34 -35.25 25.25
C LEU B 782 -39.41 -34.49 26.01
N GLN B 783 -39.83 -33.34 25.51
CA GLN B 783 -40.94 -32.70 26.21
C GLN B 783 -42.05 -33.71 26.45
N THR B 784 -42.48 -33.84 27.71
CA THR B 784 -43.36 -34.93 28.11
C THR B 784 -44.72 -34.46 28.62
N ASP B 785 -45.07 -33.20 28.46
CA ASP B 785 -46.32 -32.68 29.00
C ASP B 785 -47.45 -32.77 27.98
N VAL B 786 -48.67 -32.97 28.48
CA VAL B 786 -49.83 -33.06 27.62
C VAL B 786 -50.54 -31.72 27.43
N LEU B 787 -50.47 -30.82 28.41
CA LEU B 787 -51.07 -29.50 28.32
C LEU B 787 -49.92 -28.50 28.27
N GLN B 788 -49.67 -27.96 27.08
CA GLN B 788 -48.40 -27.35 26.76
C GLN B 788 -48.46 -25.86 27.08
N GLU B 789 -48.06 -25.52 28.30
CA GLU B 789 -48.12 -24.12 28.73
C GLU B 789 -47.07 -23.26 28.04
N ASN B 790 -45.95 -23.86 27.63
CA ASN B 790 -44.86 -23.08 27.06
C ASN B 790 -45.29 -22.44 25.75
N GLN B 791 -45.94 -23.22 24.87
CA GLN B 791 -46.39 -22.72 23.59
C GLN B 791 -47.18 -21.43 23.75
N LYS B 792 -48.01 -21.37 24.80
CA LYS B 792 -48.91 -20.24 24.97
C LYS B 792 -48.28 -19.11 25.77
N ILE B 793 -47.30 -19.41 26.63
CA ILE B 793 -46.73 -18.35 27.45
C ILE B 793 -45.64 -17.61 26.68
N LEU B 794 -44.75 -18.34 26.00
CA LEU B 794 -43.58 -17.69 25.45
C LEU B 794 -43.92 -16.73 24.31
N ALA B 795 -45.06 -16.93 23.65
CA ALA B 795 -45.41 -16.06 22.52
C ALA B 795 -45.69 -14.64 22.99
N ALA B 796 -46.33 -14.50 24.15
CA ALA B 796 -46.60 -13.16 24.67
C ALA B 796 -45.32 -12.40 24.96
N SER B 797 -44.29 -13.10 25.41
CA SER B 797 -43.00 -12.43 25.57
C SER B 797 -42.33 -12.21 24.23
N PHE B 798 -42.57 -13.11 23.28
CA PHE B 798 -41.88 -13.07 22.01
C PHE B 798 -42.31 -11.86 21.18
N ASN B 799 -43.61 -11.75 20.94
CA ASN B 799 -44.10 -10.63 20.14
C ASN B 799 -43.82 -9.30 20.82
N LYS B 800 -43.84 -9.28 22.15
CA LYS B 800 -43.49 -8.05 22.85
C LYS B 800 -42.04 -7.68 22.65
N ALA B 801 -41.15 -8.67 22.73
CA ALA B 801 -39.74 -8.38 22.49
C ALA B 801 -39.53 -7.89 21.07
N MET B 802 -40.27 -8.46 20.13
CA MET B 802 -40.12 -8.04 18.74
C MET B 802 -40.58 -6.61 18.55
N THR B 803 -41.72 -6.25 19.14
CA THR B 803 -42.16 -4.87 19.02
C THR B 803 -41.16 -3.93 19.68
N ASN B 804 -40.56 -4.38 20.79
CA ASN B 804 -39.57 -3.57 21.46
C ASN B 804 -38.36 -3.35 20.58
N ILE B 805 -37.93 -4.38 19.85
CA ILE B 805 -36.70 -4.21 19.09
C ILE B 805 -36.95 -3.45 17.80
N VAL B 806 -38.13 -3.61 17.19
CA VAL B 806 -38.39 -2.79 16.01
C VAL B 806 -38.55 -1.34 16.43
N ASP B 807 -39.05 -1.08 17.64
CA ASP B 807 -39.04 0.28 18.15
C ASP B 807 -37.61 0.76 18.36
N ALA B 808 -36.74 -0.12 18.84
CA ALA B 808 -35.35 0.26 19.01
C ALA B 808 -34.74 0.67 17.69
N PHE B 809 -35.05 -0.05 16.63
CA PHE B 809 -34.68 0.38 15.29
C PHE B 809 -35.23 1.77 15.01
N THR B 810 -36.51 1.97 15.21
CA THR B 810 -37.14 3.22 14.83
C THR B 810 -37.34 4.11 16.04
N SER B 820 -31.02 -3.47 29.04
CA SER B 820 -31.32 -4.47 28.05
C SER B 820 -30.21 -4.56 27.01
N GLN B 821 -29.38 -5.59 27.16
CA GLN B 821 -28.22 -5.76 26.29
C GLN B 821 -28.62 -5.84 24.81
N ALA B 822 -29.73 -6.49 24.51
CA ALA B 822 -30.21 -6.56 23.13
C ALA B 822 -30.15 -5.20 22.45
N LEU B 823 -30.49 -4.15 23.21
CA LEU B 823 -30.47 -2.79 22.67
C LEU B 823 -29.06 -2.40 22.24
N GLN B 824 -28.06 -2.64 23.10
CA GLN B 824 -26.70 -2.31 22.72
C GLN B 824 -26.24 -3.17 21.56
N THR B 825 -26.74 -4.40 21.46
CA THR B 825 -26.41 -5.23 20.30
C THR B 825 -26.91 -4.58 19.03
N VAL B 826 -28.15 -4.09 19.05
CA VAL B 826 -28.71 -3.43 17.88
C VAL B 826 -27.92 -2.17 17.57
N ALA B 827 -27.52 -1.42 18.60
CA ALA B 827 -26.69 -0.26 18.38
C ALA B 827 -25.36 -0.63 17.73
N THR B 828 -24.82 -1.79 18.10
CA THR B 828 -23.55 -2.20 17.54
C THR B 828 -23.71 -2.53 16.07
N ALA B 829 -24.78 -3.23 15.74
CA ALA B 829 -25.02 -3.58 14.34
C ALA B 829 -25.19 -2.32 13.49
N LEU B 830 -26.02 -1.39 13.97
CA LEU B 830 -26.21 -0.16 13.22
C LEU B 830 -24.90 0.60 13.03
N ASN B 831 -24.08 0.64 14.08
CA ASN B 831 -22.80 1.30 13.96
C ASN B 831 -21.92 0.60 12.95
N LYS B 832 -22.08 -0.71 12.81
CA LYS B 832 -21.21 -1.45 11.92
C LYS B 832 -21.64 -1.19 10.49
N ILE B 833 -22.94 -1.02 10.29
CA ILE B 833 -23.45 -0.79 8.94
C ILE B 833 -22.99 0.57 8.44
N GLN B 834 -23.16 1.59 9.28
CA GLN B 834 -22.71 2.91 8.84
C GLN B 834 -21.20 2.93 8.69
N ASP B 835 -20.50 2.07 9.43
CA ASP B 835 -19.06 1.98 9.28
C ASP B 835 -18.71 1.45 7.90
N VAL B 836 -19.31 0.34 7.50
CA VAL B 836 -18.93 -0.23 6.22
C VAL B 836 -19.32 0.71 5.09
N VAL B 837 -20.42 1.45 5.24
CA VAL B 837 -20.81 2.33 4.14
C VAL B 837 -19.84 3.50 3.99
N ASN B 838 -19.39 4.06 5.12
CA ASN B 838 -18.38 5.12 5.03
C ASN B 838 -17.08 4.56 4.47
N GLN B 839 -16.72 3.36 4.88
CA GLN B 839 -15.49 2.73 4.44
C GLN B 839 -15.52 2.48 2.95
N GLN B 840 -16.70 2.23 2.39
CA GLN B 840 -16.78 2.01 0.97
C GLN B 840 -16.71 3.33 0.21
N GLY B 841 -17.41 4.36 0.67
CA GLY B 841 -17.45 5.60 -0.09
C GLY B 841 -16.11 6.32 -0.14
N ASN B 842 -15.44 6.43 1.00
CA ASN B 842 -14.28 7.31 0.95
C ASN B 842 -13.10 6.70 0.21
N SER B 843 -13.20 5.48 -0.31
CA SER B 843 -12.14 4.94 -1.14
C SER B 843 -12.07 5.69 -2.46
N LEU B 844 -13.18 5.70 -3.20
CA LEU B 844 -13.12 6.42 -4.45
C LEU B 844 -13.23 7.92 -4.23
N ASN B 845 -13.77 8.35 -3.08
CA ASN B 845 -13.68 9.76 -2.78
C ASN B 845 -12.22 10.20 -2.63
N HIS B 846 -11.35 9.30 -2.19
CA HIS B 846 -9.93 9.60 -2.22
C HIS B 846 -9.32 9.43 -3.60
N LEU B 847 -9.80 8.44 -4.36
CA LEU B 847 -9.20 8.22 -5.67
C LEU B 847 -9.40 9.43 -6.57
N THR B 848 -10.65 9.82 -6.76
CA THR B 848 -10.95 10.79 -7.80
C THR B 848 -10.36 12.15 -7.51
N SER B 849 -9.84 12.37 -6.31
CA SER B 849 -9.24 13.66 -5.98
C SER B 849 -7.81 13.79 -6.45
N GLN B 850 -7.10 12.69 -6.66
CA GLN B 850 -5.66 12.80 -6.89
C GLN B 850 -5.30 13.32 -8.27
N LEU B 851 -6.18 13.23 -9.24
CA LEU B 851 -5.82 13.77 -10.55
C LEU B 851 -5.92 15.28 -10.60
N ARG B 852 -6.54 15.91 -9.61
CA ARG B 852 -6.59 17.36 -9.58
C ARG B 852 -5.24 17.98 -9.30
N GLN B 853 -4.29 17.22 -8.79
CA GLN B 853 -2.96 17.74 -8.47
C GLN B 853 -1.95 17.19 -9.46
N ASN B 854 -1.05 18.05 -9.90
CA ASN B 854 -0.03 17.69 -10.87
C ASN B 854 1.27 17.42 -10.16
N PHE B 855 1.82 16.22 -10.34
CA PHE B 855 2.98 15.82 -9.56
C PHE B 855 4.16 16.76 -9.80
N GLN B 856 4.54 16.93 -11.05
CA GLN B 856 5.64 17.83 -11.33
C GLN B 856 5.39 18.73 -12.54
N ALA B 857 4.35 18.47 -13.31
CA ALA B 857 4.08 19.19 -14.54
C ALA B 857 3.63 20.62 -14.24
N ILE B 858 3.73 21.47 -15.26
CA ILE B 858 3.33 22.86 -15.13
C ILE B 858 1.87 22.94 -14.70
N SER B 859 0.99 22.17 -15.35
CA SER B 859 -0.41 22.16 -14.99
C SER B 859 -1.01 20.79 -15.27
N SER B 860 -2.14 20.52 -14.62
CA SER B 860 -2.82 19.25 -14.82
C SER B 860 -3.35 19.08 -16.23
N SER B 861 -3.88 20.14 -16.82
CA SER B 861 -4.56 20.02 -18.11
C SER B 861 -3.59 19.63 -19.21
N ILE B 862 -3.78 18.42 -19.75
CA ILE B 862 -2.91 17.97 -20.84
C ILE B 862 -3.12 18.86 -22.06
N GLN B 863 -4.37 19.24 -22.32
CA GLN B 863 -4.65 20.09 -23.46
C GLN B 863 -3.93 21.42 -23.32
N ALA B 864 -3.95 21.98 -22.12
CA ALA B 864 -3.22 23.22 -21.89
C ALA B 864 -1.72 23.00 -22.06
N ILE B 865 -1.21 21.86 -21.60
CA ILE B 865 0.21 21.59 -21.74
C ILE B 865 0.60 21.60 -23.20
N TYR B 866 -0.23 20.99 -24.05
CA TYR B 866 0.05 21.01 -25.47
C TYR B 866 -0.02 22.42 -26.03
N ASP B 867 -0.95 23.22 -25.53
CA ASP B 867 -1.04 24.60 -26.01
C ASP B 867 0.20 25.39 -25.66
N ARG B 868 0.76 25.17 -24.47
CA ARG B 868 1.86 25.97 -23.98
C ARG B 868 3.22 25.57 -24.51
N LEU B 869 3.32 24.50 -25.30
CA LEU B 869 4.63 23.99 -25.69
C LEU B 869 4.60 23.41 -27.09
N ASP B 870 5.79 23.32 -27.69
CA ASP B 870 5.98 22.74 -29.05
C ASP B 870 6.11 21.22 -28.93
N ILE B 871 6.24 20.46 -30.04
CA ILE B 871 6.31 18.99 -29.95
C ILE B 871 7.49 18.43 -29.13
N ILE B 872 8.71 18.99 -29.26
CA ILE B 872 9.88 18.47 -28.52
C ILE B 872 9.84 18.52 -26.98
N GLN B 873 9.31 19.61 -26.39
CA GLN B 873 9.34 19.75 -24.90
C GLN B 873 7.95 19.59 -24.26
N ALA B 874 6.94 19.14 -25.02
CA ALA B 874 5.61 18.98 -24.44
C ALA B 874 5.42 17.57 -23.92
N ASP B 875 5.71 16.57 -24.76
CA ASP B 875 5.59 15.20 -24.32
C ASP B 875 6.53 14.91 -23.16
N GLN B 876 7.66 15.60 -23.14
CA GLN B 876 8.64 15.38 -22.09
C GLN B 876 8.09 15.81 -20.74
N GLN B 877 7.36 16.91 -20.69
CA GLN B 877 6.73 17.26 -19.43
C GLN B 877 5.37 16.61 -19.25
N VAL B 878 4.83 16.00 -20.30
CA VAL B 878 3.57 15.28 -20.17
C VAL B 878 3.78 14.00 -19.39
N ASP B 879 4.71 13.16 -19.86
CA ASP B 879 4.75 11.78 -19.43
C ASP B 879 4.91 11.62 -17.92
N ARG B 880 5.47 12.62 -17.24
CA ARG B 880 5.62 12.49 -15.80
C ARG B 880 4.29 12.59 -15.07
N LEU B 881 3.24 13.11 -15.73
CA LEU B 881 1.90 12.96 -15.18
C LEU B 881 1.51 11.50 -15.12
N ILE B 882 1.54 10.83 -16.28
CA ILE B 882 1.01 9.49 -16.33
C ILE B 882 1.88 8.57 -15.49
N THR B 883 3.16 8.89 -15.36
CA THR B 883 4.03 8.08 -14.53
C THR B 883 3.58 8.07 -13.08
N GLY B 884 2.91 9.11 -12.63
CA GLY B 884 2.38 9.14 -11.28
C GLY B 884 0.99 8.53 -11.21
N ARG B 885 0.20 8.85 -12.22
CA ARG B 885 -1.18 8.39 -12.22
C ARG B 885 -1.26 6.88 -12.24
N LEU B 886 -0.40 6.23 -13.03
CA LEU B 886 -0.39 4.78 -13.05
C LEU B 886 -0.05 4.21 -11.68
N ALA B 887 0.85 4.85 -10.96
CA ALA B 887 1.19 4.37 -9.63
C ALA B 887 -0.01 4.45 -8.71
N ALA B 888 -0.71 5.59 -8.73
CA ALA B 888 -1.89 5.72 -7.89
C ALA B 888 -2.93 4.66 -8.24
N LEU B 889 -3.05 4.36 -9.52
CA LEU B 889 -4.03 3.38 -9.95
C LEU B 889 -3.65 1.99 -9.45
N ASN B 890 -2.37 1.67 -9.52
CA ASN B 890 -1.91 0.38 -9.05
C ASN B 890 -2.10 0.25 -7.54
N VAL B 891 -2.00 1.35 -6.82
CA VAL B 891 -2.29 1.31 -5.40
C VAL B 891 -3.76 0.97 -5.18
N PHE B 892 -4.63 1.63 -5.92
CA PHE B 892 -6.06 1.39 -5.75
C PHE B 892 -6.41 -0.07 -6.03
N VAL B 893 -5.87 -0.63 -7.11
CA VAL B 893 -6.24 -2.02 -7.43
C VAL B 893 -5.69 -2.96 -6.36
N SER B 894 -4.46 -2.69 -5.90
CA SER B 894 -3.88 -3.58 -4.90
C SER B 894 -4.63 -3.51 -3.59
N HIS B 895 -5.36 -2.43 -3.33
CA HIS B 895 -6.17 -2.41 -2.13
C HIS B 895 -7.56 -2.99 -2.35
N THR B 896 -8.05 -2.99 -3.59
CA THR B 896 -9.34 -3.61 -3.80
C THR B 896 -9.23 -5.12 -3.72
N LEU B 897 -8.16 -5.69 -4.27
CA LEU B 897 -7.98 -7.12 -4.13
C LEU B 897 -7.88 -7.51 -2.67
N THR B 898 -7.28 -6.66 -1.85
CA THR B 898 -7.18 -6.95 -0.42
C THR B 898 -8.51 -6.77 0.28
N LYS B 899 -9.46 -6.08 -0.35
CA LYS B 899 -10.79 -6.10 0.25
C LYS B 899 -11.53 -7.37 -0.09
N TYR B 900 -11.42 -7.83 -1.34
CA TYR B 900 -12.14 -9.04 -1.74
C TYR B 900 -11.62 -10.26 -1.00
N THR B 901 -10.30 -10.41 -0.94
CA THR B 901 -9.76 -11.64 -0.39
C THR B 901 -10.08 -11.77 1.09
N GLU B 902 -10.37 -10.66 1.76
CA GLU B 902 -10.74 -10.75 3.16
C GLU B 902 -12.24 -10.90 3.35
N VAL B 903 -13.06 -10.22 2.54
CA VAL B 903 -14.50 -10.40 2.70
C VAL B 903 -14.91 -11.82 2.40
N ARG B 904 -14.12 -12.53 1.58
CA ARG B 904 -14.43 -13.93 1.30
C ARG B 904 -14.55 -14.77 2.57
N ALA B 905 -13.79 -14.44 3.60
CA ALA B 905 -13.91 -15.18 4.86
C ALA B 905 -15.26 -14.95 5.51
N SER B 906 -15.72 -13.70 5.53
CA SER B 906 -17.01 -13.42 6.12
C SER B 906 -18.10 -14.12 5.33
N ARG B 907 -17.93 -14.20 4.01
CA ARG B 907 -18.90 -14.96 3.22
C ARG B 907 -18.92 -16.41 3.65
N GLN B 908 -17.74 -17.00 3.85
CA GLN B 908 -17.68 -18.39 4.29
C GLN B 908 -18.42 -18.57 5.60
N LEU B 909 -18.16 -17.69 6.57
CA LEU B 909 -18.82 -17.83 7.86
C LEU B 909 -20.32 -17.67 7.74
N ALA B 910 -20.75 -16.70 6.96
CA ALA B 910 -22.18 -16.46 6.80
C ALA B 910 -22.88 -17.67 6.21
N GLN B 911 -22.34 -18.19 5.12
CA GLN B 911 -22.93 -19.39 4.55
C GLN B 911 -22.84 -20.57 5.49
N GLN B 912 -21.85 -20.55 6.39
CA GLN B 912 -21.68 -21.68 7.27
C GLN B 912 -22.67 -21.65 8.42
N LYS B 913 -23.15 -20.47 8.79
CA LYS B 913 -24.09 -20.41 9.89
C LYS B 913 -25.53 -20.25 9.45
N VAL B 914 -25.78 -19.70 8.26
CA VAL B 914 -27.17 -19.58 7.84
C VAL B 914 -27.77 -20.95 7.63
N ASN B 915 -27.02 -21.86 7.02
CA ASN B 915 -27.50 -23.21 6.80
C ASN B 915 -27.46 -24.05 8.06
N GLU B 916 -26.78 -23.58 9.10
CA GLU B 916 -26.77 -24.33 10.36
C GLU B 916 -27.89 -23.85 11.27
N CYS B 917 -27.82 -22.59 11.71
CA CYS B 917 -28.84 -22.08 12.61
C CYS B 917 -30.19 -21.97 11.92
N VAL B 918 -30.21 -21.48 10.68
CA VAL B 918 -31.47 -21.23 10.00
C VAL B 918 -32.22 -22.53 9.75
N LYS B 919 -31.51 -23.61 9.48
CA LYS B 919 -32.19 -24.85 9.11
C LYS B 919 -32.39 -25.80 10.28
N SER B 920 -31.32 -26.14 11.00
CA SER B 920 -31.41 -27.17 12.04
C SER B 920 -30.74 -26.69 13.32
N GLN B 921 -31.49 -26.71 14.42
CA GLN B 921 -30.97 -26.31 15.72
C GLN B 921 -29.59 -26.87 15.98
N SER B 922 -28.69 -26.02 16.44
CA SER B 922 -27.35 -26.42 16.79
C SER B 922 -27.28 -26.92 18.23
N LYS B 923 -26.42 -27.90 18.45
CA LYS B 923 -26.06 -28.30 19.80
C LYS B 923 -24.75 -27.67 20.24
N ARG B 924 -24.25 -26.69 19.50
CA ARG B 924 -22.98 -26.07 19.84
C ARG B 924 -23.24 -24.84 20.70
N TYR B 925 -22.56 -24.78 21.83
CA TYR B 925 -22.75 -23.67 22.75
C TYR B 925 -22.17 -22.39 22.18
N GLY B 926 -22.93 -21.30 22.30
CA GLY B 926 -22.43 -20.01 21.92
C GLY B 926 -22.37 -19.73 20.44
N PHE B 927 -22.87 -20.64 19.60
CA PHE B 927 -22.88 -20.36 18.18
C PHE B 927 -24.16 -19.71 17.69
N CYS B 928 -25.27 -19.93 18.39
CA CYS B 928 -26.54 -19.41 17.93
C CYS B 928 -27.16 -18.40 18.89
N GLY B 929 -26.68 -18.33 20.12
CA GLY B 929 -27.17 -17.35 21.08
C GLY B 929 -26.55 -17.62 22.43
N ASN B 930 -26.99 -16.86 23.44
CA ASN B 930 -26.36 -17.02 24.74
C ASN B 930 -26.63 -18.41 25.29
N GLY B 931 -27.86 -18.89 25.14
CA GLY B 931 -28.27 -20.16 25.68
C GLY B 931 -28.82 -21.14 24.67
N THR B 932 -29.67 -22.07 25.11
CA THR B 932 -30.25 -23.02 24.18
C THR B 932 -31.03 -22.31 23.09
N HIS B 933 -30.91 -22.84 21.88
CA HIS B 933 -31.40 -22.21 20.67
C HIS B 933 -32.62 -22.95 20.15
N ILE B 934 -33.62 -22.20 19.69
CA ILE B 934 -34.84 -22.78 19.16
C ILE B 934 -34.93 -22.57 17.65
N PHE B 935 -34.87 -21.33 17.19
CA PHE B 935 -34.94 -21.05 15.77
C PHE B 935 -34.43 -19.64 15.53
N SER B 936 -34.19 -19.34 14.26
CA SER B 936 -33.59 -18.08 13.88
C SER B 936 -34.20 -17.58 12.58
N LEU B 937 -34.48 -16.29 12.53
CA LEU B 937 -34.94 -15.64 11.32
C LEU B 937 -33.80 -14.90 10.64
N VAL B 938 -33.99 -14.58 9.37
CA VAL B 938 -32.98 -13.89 8.58
C VAL B 938 -33.64 -12.84 7.71
N ASN B 939 -33.00 -11.68 7.58
CA ASN B 939 -33.39 -10.71 6.57
C ASN B 939 -32.15 -10.12 5.92
N ALA B 940 -32.39 -9.38 4.86
CA ALA B 940 -31.32 -8.73 4.10
C ALA B 940 -31.01 -7.36 4.68
N ALA B 941 -29.95 -6.77 4.17
CA ALA B 941 -29.44 -5.50 4.66
C ALA B 941 -28.35 -5.06 3.70
N PRO B 942 -27.91 -3.80 3.72
CA PRO B 942 -26.94 -3.35 2.73
C PRO B 942 -25.68 -4.19 2.74
N GLU B 943 -25.48 -4.93 1.66
CA GLU B 943 -24.30 -5.77 1.48
C GLU B 943 -24.16 -6.79 2.61
N GLY B 944 -25.28 -7.22 3.18
CA GLY B 944 -25.16 -8.12 4.31
C GLY B 944 -26.49 -8.66 4.74
N LEU B 945 -26.45 -9.49 5.78
CA LEU B 945 -27.64 -10.08 6.35
C LEU B 945 -27.78 -9.65 7.81
N VAL B 946 -28.93 -9.98 8.37
CA VAL B 946 -29.21 -9.75 9.78
C VAL B 946 -30.01 -10.93 10.29
N PHE B 947 -29.67 -11.39 11.48
CA PHE B 947 -30.31 -12.57 12.06
C PHE B 947 -31.12 -12.22 13.29
N LEU B 948 -32.03 -13.14 13.63
CA LEU B 948 -32.92 -13.01 14.77
C LEU B 948 -32.92 -14.36 15.48
N HIS B 949 -31.99 -14.54 16.40
CA HIS B 949 -31.79 -15.78 17.14
C HIS B 949 -32.71 -15.83 18.36
N THR B 950 -33.84 -16.53 18.26
CA THR B 950 -34.69 -16.69 19.43
C THR B 950 -34.12 -17.79 20.31
N VAL B 951 -34.06 -17.53 21.63
CA VAL B 951 -33.35 -18.39 22.58
C VAL B 951 -34.22 -18.56 23.82
N LEU B 952 -33.69 -19.26 24.81
CA LEU B 952 -34.41 -19.56 26.05
C LEU B 952 -33.54 -19.25 27.24
N LEU B 953 -34.08 -18.62 28.26
CA LEU B 953 -33.24 -18.22 29.42
C LEU B 953 -33.99 -18.64 30.67
N PRO B 954 -33.34 -19.28 31.66
CA PRO B 954 -34.08 -19.80 32.80
C PRO B 954 -34.63 -18.74 33.78
N THR B 955 -35.96 -18.72 33.94
CA THR B 955 -36.59 -17.77 34.89
C THR B 955 -36.28 -18.15 36.33
N GLN B 956 -36.40 -19.44 36.66
CA GLN B 956 -36.20 -19.88 38.06
C GLN B 956 -35.72 -21.32 38.06
N TYR B 957 -35.16 -21.77 39.19
CA TYR B 957 -34.60 -23.13 39.25
C TYR B 957 -35.38 -23.93 40.30
N LYS B 958 -35.58 -25.21 40.07
CA LYS B 958 -36.27 -26.04 41.11
C LYS B 958 -35.25 -27.00 41.73
N ASP B 959 -35.15 -27.00 43.06
CA ASP B 959 -34.17 -27.87 43.75
C ASP B 959 -34.72 -29.28 43.89
N VAL B 960 -33.86 -30.27 44.12
CA VAL B 960 -34.30 -31.66 44.20
C VAL B 960 -33.16 -32.49 44.77
N GLU B 961 -33.52 -33.63 45.38
CA GLU B 961 -32.59 -34.49 46.12
C GLU B 961 -32.43 -35.81 45.38
N ALA B 962 -31.21 -36.11 44.96
CA ALA B 962 -30.94 -37.18 44.01
C ALA B 962 -30.16 -38.33 44.63
N TRP B 963 -29.89 -39.33 43.79
CA TRP B 963 -29.12 -40.52 44.14
C TRP B 963 -28.26 -40.83 42.92
N SER B 964 -26.97 -41.07 43.14
CA SER B 964 -26.06 -41.29 42.02
C SER B 964 -26.17 -42.65 41.39
N GLY B 965 -26.88 -43.59 42.00
CA GLY B 965 -27.09 -44.88 41.38
C GLY B 965 -28.01 -45.73 42.21
N LEU B 966 -28.03 -47.03 41.93
CA LEU B 966 -28.90 -47.93 42.66
C LEU B 966 -28.13 -49.20 42.96
N CYS B 967 -28.44 -49.81 44.10
CA CYS B 967 -27.89 -51.10 44.47
C CYS B 967 -29.03 -52.03 44.83
N VAL B 968 -29.08 -53.19 44.20
CA VAL B 968 -30.10 -54.17 44.52
C VAL B 968 -29.65 -54.92 45.77
N ASP B 969 -30.53 -55.72 46.35
CA ASP B 969 -30.12 -56.54 47.48
C ASP B 969 -28.96 -57.44 47.11
N GLY B 970 -28.97 -57.94 45.89
CA GLY B 970 -27.83 -58.64 45.37
C GLY B 970 -26.70 -57.68 45.08
N ARG B 971 -25.53 -58.25 44.84
CA ARG B 971 -24.33 -57.45 44.61
C ARG B 971 -24.55 -56.45 43.49
N ASN B 972 -25.35 -56.81 42.50
CA ASN B 972 -25.52 -55.97 41.32
C ASN B 972 -26.03 -54.57 41.66
N GLY B 973 -25.36 -53.58 41.11
CA GLY B 973 -25.77 -52.20 41.17
C GLY B 973 -26.21 -51.76 39.78
N TYR B 974 -27.28 -51.00 39.72
CA TYR B 974 -27.81 -50.48 38.47
C TYR B 974 -27.49 -49.01 38.32
N VAL B 975 -27.30 -48.61 37.06
CA VAL B 975 -27.07 -47.23 36.69
C VAL B 975 -27.92 -46.93 35.46
N LEU B 976 -27.80 -45.71 34.96
CA LEU B 976 -28.65 -45.23 33.88
C LEU B 976 -27.96 -45.41 32.54
N ARG B 977 -28.76 -45.54 31.49
CA ARG B 977 -28.21 -45.89 30.20
C ARG B 977 -27.47 -44.72 29.56
N GLN B 978 -27.82 -43.50 29.92
CA GLN B 978 -27.14 -42.33 29.41
C GLN B 978 -27.07 -41.30 30.52
N PRO B 979 -26.10 -40.38 30.47
CA PRO B 979 -25.86 -39.53 31.63
C PRO B 979 -26.92 -38.48 31.84
N ASN B 980 -27.61 -38.04 30.79
CA ASN B 980 -28.43 -36.84 30.86
C ASN B 980 -29.63 -36.99 31.77
N LEU B 981 -29.82 -38.13 32.40
CA LEU B 981 -30.95 -38.34 33.30
C LEU B 981 -30.45 -38.32 34.73
N ALA B 982 -31.41 -38.24 35.66
CA ALA B 982 -31.04 -38.22 37.07
C ALA B 982 -32.25 -38.62 37.90
N LEU B 983 -32.04 -39.56 38.80
CA LEU B 983 -33.08 -39.96 39.73
C LEU B 983 -33.28 -38.87 40.78
N TYR B 984 -34.41 -38.93 41.47
CA TYR B 984 -34.62 -38.15 42.68
C TYR B 984 -35.83 -38.70 43.39
N LYS B 985 -35.89 -38.44 44.68
CA LYS B 985 -37.01 -38.85 45.52
C LYS B 985 -37.99 -37.69 45.57
N GLU B 986 -38.95 -37.69 44.67
CA GLU B 986 -39.96 -36.63 44.66
C GLU B 986 -40.85 -36.70 45.89
N GLY B 987 -41.31 -37.90 46.21
CA GLY B 987 -42.16 -38.11 47.37
C GLY B 987 -41.85 -39.47 47.91
N ASN B 988 -42.89 -40.22 48.25
CA ASN B 988 -42.67 -41.61 48.61
C ASN B 988 -42.06 -42.36 47.43
N TYR B 989 -42.61 -42.14 46.23
CA TYR B 989 -42.09 -42.75 45.03
C TYR B 989 -40.90 -41.96 44.49
N TYR B 990 -40.15 -42.62 43.60
CA TYR B 990 -38.96 -42.05 42.97
C TYR B 990 -39.27 -41.66 41.53
N ARG B 991 -38.81 -40.48 41.13
CA ARG B 991 -39.01 -40.01 39.78
C ARG B 991 -37.66 -39.66 39.18
N ILE B 992 -37.47 -39.98 37.91
CA ILE B 992 -36.24 -39.70 37.18
C ILE B 992 -36.52 -38.61 36.15
N THR B 993 -35.78 -37.51 36.25
CA THR B 993 -35.99 -36.38 35.35
C THR B 993 -34.81 -36.17 34.44
N SER B 994 -35.05 -35.36 33.41
CA SER B 994 -33.98 -34.85 32.56
C SER B 994 -33.06 -33.93 33.32
N ARG B 995 -31.83 -33.84 32.85
CA ARG B 995 -30.87 -32.94 33.48
C ARG B 995 -31.04 -31.51 33.03
N ILE B 996 -31.72 -31.26 31.91
CA ILE B 996 -31.80 -29.92 31.34
C ILE B 996 -33.18 -29.33 31.45
N MET B 997 -34.20 -30.10 31.78
CA MET B 997 -35.55 -29.58 31.96
C MET B 997 -36.18 -30.33 33.12
N PHE B 998 -37.20 -29.74 33.71
CA PHE B 998 -37.84 -30.35 34.86
C PHE B 998 -38.91 -31.35 34.46
N GLU B 999 -39.07 -31.62 33.19
CA GLU B 999 -40.07 -32.61 32.79
C GLU B 999 -39.78 -33.93 33.48
N PRO B 1000 -40.76 -34.54 34.11
CA PRO B 1000 -40.52 -35.82 34.79
C PRO B 1000 -40.97 -37.01 33.97
N ARG B 1001 -40.27 -38.13 34.06
CA ARG B 1001 -40.65 -39.34 33.35
C ARG B 1001 -40.79 -40.50 34.32
N ILE B 1002 -41.71 -41.40 34.00
CA ILE B 1002 -42.02 -42.57 34.82
C ILE B 1002 -40.80 -43.47 34.91
N PRO B 1003 -40.57 -44.13 36.04
CA PRO B 1003 -39.53 -45.17 36.10
C PRO B 1003 -39.95 -46.46 35.42
N THR B 1004 -38.96 -47.16 34.89
CA THR B 1004 -39.17 -48.46 34.26
C THR B 1004 -37.87 -49.23 34.34
N ILE B 1005 -37.95 -50.53 34.09
CA ILE B 1005 -36.75 -51.35 34.21
C ILE B 1005 -35.86 -51.19 33.00
N ALA B 1006 -36.43 -50.85 31.84
CA ALA B 1006 -35.65 -50.78 30.62
C ALA B 1006 -34.64 -49.65 30.66
N ASP B 1007 -34.79 -48.70 31.56
CA ASP B 1007 -33.91 -47.55 31.63
C ASP B 1007 -32.66 -47.78 32.46
N PHE B 1008 -32.42 -49.00 32.95
CA PHE B 1008 -31.27 -49.26 33.79
C PHE B 1008 -30.28 -50.20 33.12
N VAL B 1009 -29.14 -50.36 33.77
CA VAL B 1009 -28.08 -51.25 33.28
C VAL B 1009 -27.32 -51.78 34.49
N GLN B 1010 -26.78 -52.98 34.33
CA GLN B 1010 -26.23 -53.77 35.43
C GLN B 1010 -24.70 -53.70 35.49
N ILE B 1011 -24.17 -53.60 36.71
CA ILE B 1011 -22.73 -53.68 36.98
C ILE B 1011 -22.56 -54.42 38.30
N GLU B 1012 -21.69 -55.43 38.32
CA GLU B 1012 -21.62 -56.33 39.47
C GLU B 1012 -21.28 -55.58 40.75
N ASN B 1013 -20.13 -54.92 40.77
CA ASN B 1013 -19.62 -54.31 41.98
C ASN B 1013 -20.55 -53.23 42.51
N CYS B 1014 -21.05 -53.41 43.72
CA CYS B 1014 -21.97 -52.45 44.34
C CYS B 1014 -21.19 -51.36 45.05
N ASN B 1015 -21.42 -50.09 44.67
CA ASN B 1015 -20.96 -48.98 45.48
C ASN B 1015 -22.01 -48.62 46.53
N VAL B 1016 -21.57 -48.52 47.79
CA VAL B 1016 -22.47 -48.22 48.89
C VAL B 1016 -23.08 -46.83 48.75
N THR B 1017 -22.42 -45.93 48.02
CA THR B 1017 -22.85 -44.54 47.95
C THR B 1017 -24.16 -44.32 47.20
N PHE B 1018 -24.81 -45.37 46.70
CA PHE B 1018 -26.00 -45.23 45.88
C PHE B 1018 -27.24 -45.52 46.70
N VAL B 1019 -28.40 -45.53 46.05
CA VAL B 1019 -29.60 -45.91 46.77
C VAL B 1019 -29.42 -47.37 47.16
N ASN B 1020 -29.86 -47.71 48.33
CA ASN B 1020 -29.74 -49.08 48.82
C ASN B 1020 -31.15 -49.68 48.90
N ILE B 1021 -31.46 -50.57 47.98
CA ILE B 1021 -32.83 -51.10 47.89
C ILE B 1021 -32.76 -52.58 47.57
N SER B 1022 -33.64 -53.35 48.20
CA SER B 1022 -33.63 -54.79 48.03
C SER B 1022 -34.60 -55.19 46.92
N ARG B 1023 -34.74 -56.50 46.71
CA ARG B 1023 -35.65 -56.96 45.67
C ARG B 1023 -37.10 -56.75 46.07
N SER B 1024 -37.39 -56.70 47.36
CA SER B 1024 -38.77 -56.52 47.79
C SER B 1024 -39.26 -55.14 47.38
N GLU B 1025 -38.62 -54.09 47.88
CA GLU B 1025 -39.04 -52.75 47.51
C GLU B 1025 -38.71 -52.45 46.05
N LEU B 1026 -37.88 -53.28 45.42
CA LEU B 1026 -37.72 -53.17 43.98
C LEU B 1026 -39.05 -53.37 43.28
N GLN B 1027 -39.84 -54.35 43.72
CA GLN B 1027 -41.17 -54.52 43.14
C GLN B 1027 -42.03 -53.30 43.39
N THR B 1028 -41.75 -52.54 44.45
CA THR B 1028 -42.51 -51.34 44.72
C THR B 1028 -42.10 -50.19 43.82
N ILE B 1029 -40.89 -50.21 43.27
CA ILE B 1029 -40.43 -49.18 42.36
C ILE B 1029 -40.62 -49.59 40.91
N VAL B 1030 -40.09 -50.75 40.52
CA VAL B 1030 -40.27 -51.29 39.18
C VAL B 1030 -40.98 -52.63 39.33
N PRO B 1031 -42.01 -52.92 38.53
CA PRO B 1031 -42.75 -54.18 38.68
C PRO B 1031 -41.99 -55.36 38.07
N GLU B 1032 -40.92 -55.77 38.75
CA GLU B 1032 -40.10 -56.88 38.26
C GLU B 1032 -40.87 -58.19 38.27
N TYR B 1033 -41.58 -58.47 39.36
CA TYR B 1033 -42.21 -59.77 39.54
C TYR B 1033 -43.37 -59.70 40.51
N ILE C 48 -1.68 -7.95 -46.76
CA ILE C 48 -0.77 -9.07 -47.00
C ILE C 48 -1.48 -10.39 -46.73
N PRO C 49 -1.38 -11.31 -47.68
CA PRO C 49 -2.07 -12.60 -47.54
C PRO C 49 -1.54 -13.39 -46.36
N SER C 50 -2.44 -14.10 -45.70
CA SER C 50 -2.05 -14.95 -44.58
C SER C 50 -1.28 -16.16 -45.06
N ASP C 51 -0.51 -16.74 -44.15
CA ASP C 51 0.29 -17.96 -44.31
C ASP C 51 1.61 -17.67 -45.01
N PHE C 52 1.92 -16.39 -45.24
CA PHE C 52 3.19 -16.05 -45.87
C PHE C 52 4.34 -16.35 -44.93
N ALA C 53 5.35 -17.07 -45.43
CA ALA C 53 6.48 -17.45 -44.60
C ALA C 53 7.30 -16.26 -44.16
N PHE C 54 7.65 -15.38 -45.12
CA PHE C 54 8.42 -14.16 -44.90
C PHE C 54 9.67 -14.40 -44.05
N ASN C 55 10.39 -15.47 -44.39
CA ASN C 55 11.59 -15.83 -43.65
C ASN C 55 12.63 -14.71 -43.72
N ASN C 56 12.82 -14.14 -44.91
CA ASN C 56 13.78 -13.06 -45.05
C ASN C 56 13.34 -11.81 -44.31
N TRP C 57 12.06 -11.48 -44.44
CA TRP C 57 11.45 -10.31 -43.83
C TRP C 57 11.86 -10.17 -42.37
N PHE C 58 12.20 -8.95 -41.94
CA PHE C 58 12.69 -8.69 -40.60
C PHE C 58 11.94 -7.56 -39.93
N LEU C 59 12.09 -7.48 -38.61
CA LEU C 59 11.65 -6.33 -37.83
C LEU C 59 12.61 -5.15 -38.02
N LEU C 60 12.20 -3.99 -37.51
CA LEU C 60 13.05 -2.80 -37.46
C LEU C 60 13.05 -2.26 -36.05
N THR C 61 14.24 -2.09 -35.48
CA THR C 61 14.35 -1.58 -34.12
C THR C 61 15.60 -0.73 -33.97
N ASN C 62 15.44 0.48 -33.45
CA ASN C 62 16.62 1.27 -33.11
C ASN C 62 17.35 0.67 -31.92
N THR C 63 16.62 0.26 -30.90
CA THR C 63 17.17 -0.29 -29.68
C THR C 63 17.26 -1.82 -29.77
N SER C 64 17.69 -2.43 -28.67
CA SER C 64 17.90 -3.86 -28.62
C SER C 64 16.63 -4.62 -28.99
N SER C 65 16.80 -5.65 -29.80
CA SER C 65 15.68 -6.45 -30.28
C SER C 65 15.15 -7.38 -29.20
N VAL C 66 13.82 -7.51 -29.14
CA VAL C 66 13.21 -8.51 -28.30
C VAL C 66 13.27 -9.88 -28.98
N VAL C 67 13.12 -10.92 -28.18
CA VAL C 67 13.15 -12.29 -28.67
C VAL C 67 11.92 -13.02 -28.15
N ASP C 68 11.25 -13.75 -29.04
CA ASP C 68 10.15 -14.67 -28.72
C ASP C 68 9.06 -14.03 -27.85
N GLY C 69 8.56 -12.87 -28.32
CA GLY C 69 7.54 -12.14 -27.61
C GLY C 69 6.41 -11.70 -28.53
N VAL C 70 5.35 -11.21 -27.91
CA VAL C 70 4.21 -10.66 -28.63
C VAL C 70 4.26 -9.14 -28.47
N VAL C 71 4.34 -8.42 -29.58
CA VAL C 71 4.50 -6.96 -29.50
C VAL C 71 3.70 -6.29 -30.61
N ARG C 72 2.92 -5.28 -30.26
CA ARG C 72 2.27 -4.41 -31.23
C ARG C 72 3.13 -3.18 -31.49
N SER C 73 3.29 -2.81 -32.75
CA SER C 73 4.15 -1.69 -33.12
C SER C 73 3.79 -1.16 -34.50
N PHE C 74 4.49 -0.10 -34.90
CA PHE C 74 4.38 0.52 -36.21
C PHE C 74 5.42 -0.05 -37.17
N GLN C 75 4.97 -0.61 -38.27
CA GLN C 75 5.89 -1.15 -39.25
C GLN C 75 5.50 -0.72 -40.65
N PRO C 76 6.45 -0.67 -41.57
CA PRO C 76 6.18 -0.34 -42.98
C PRO C 76 5.73 -1.58 -43.75
N LEU C 77 4.45 -1.91 -43.63
CA LEU C 77 3.98 -3.19 -44.15
C LEU C 77 2.93 -3.12 -45.25
N LEU C 78 2.77 -1.94 -45.85
CA LEU C 78 1.79 -1.72 -46.94
C LEU C 78 2.23 -2.56 -48.15
N LEU C 79 1.31 -3.35 -48.71
CA LEU C 79 1.66 -4.20 -49.87
C LEU C 79 2.11 -3.31 -51.04
N ASN C 80 1.36 -2.23 -51.31
CA ASN C 80 1.71 -1.30 -52.42
C ASN C 80 1.87 -2.11 -53.71
N CYS C 81 2.99 -1.90 -54.42
CA CYS C 81 3.27 -2.69 -55.65
C CYS C 81 3.60 -4.12 -55.20
N LEU C 82 2.96 -5.13 -55.79
CA LEU C 82 3.16 -6.55 -55.39
C LEU C 82 4.65 -6.89 -55.32
N TRP C 83 5.33 -6.83 -56.48
CA TRP C 83 6.75 -7.12 -56.60
C TRP C 83 7.55 -5.86 -56.94
N SER C 84 7.37 -5.38 -58.16
CA SER C 84 7.94 -4.18 -58.73
C SER C 84 9.40 -4.40 -59.10
N VAL C 85 9.94 -5.60 -58.95
CA VAL C 85 11.35 -5.82 -59.23
C VAL C 85 11.59 -7.13 -59.99
N SER C 86 10.53 -7.77 -60.46
CA SER C 86 10.70 -9.07 -61.10
C SER C 86 11.70 -9.02 -62.25
N GLY C 87 12.66 -9.93 -62.24
CA GLY C 87 13.72 -9.97 -63.23
C GLY C 87 14.77 -8.89 -63.09
N LEU C 88 14.95 -8.37 -61.88
CA LEU C 88 15.92 -7.32 -61.57
C LEU C 88 17.29 -7.51 -62.24
N ARG C 89 17.76 -6.46 -62.90
CA ARG C 89 19.02 -6.40 -63.62
C ARG C 89 19.79 -5.19 -63.12
N PHE C 90 21.03 -5.02 -63.59
CA PHE C 90 21.86 -3.93 -63.08
C PHE C 90 21.23 -2.56 -63.38
N THR C 91 20.57 -2.42 -64.53
CA THR C 91 19.94 -1.14 -64.87
C THR C 91 18.54 -1.12 -64.24
N THR C 92 18.52 -1.05 -62.92
CA THR C 92 17.26 -1.04 -62.18
C THR C 92 16.51 0.28 -62.30
N GLY C 93 17.22 1.34 -62.69
CA GLY C 93 16.59 2.66 -62.86
C GLY C 93 16.39 3.38 -61.54
N PHE C 94 15.83 4.59 -61.59
CA PHE C 94 15.61 5.38 -60.36
C PHE C 94 14.13 5.41 -60.03
N VAL C 95 13.77 4.97 -58.82
CA VAL C 95 12.33 5.05 -58.39
C VAL C 95 12.28 6.06 -57.26
N TYR C 96 11.35 7.00 -57.30
CA TYR C 96 11.34 8.05 -56.25
C TYR C 96 9.99 8.05 -55.54
N PHE C 97 9.76 7.10 -54.64
CA PHE C 97 8.50 7.12 -53.87
C PHE C 97 7.34 7.41 -54.82
N ASN C 98 7.28 6.72 -55.95
CA ASN C 98 6.18 6.88 -56.92
C ASN C 98 5.72 5.49 -57.35
N GLY C 99 4.67 5.43 -58.15
CA GLY C 99 4.19 4.14 -58.67
C GLY C 99 5.04 3.73 -59.85
N THR C 100 6.11 4.49 -60.12
CA THR C 100 6.95 4.22 -61.30
C THR C 100 7.87 3.05 -61.00
N GLY C 101 7.28 1.87 -60.73
CA GLY C 101 8.07 0.65 -60.49
C GLY C 101 7.73 -0.37 -61.55
N ARG C 102 8.75 -0.90 -62.23
CA ARG C 102 8.48 -1.84 -63.36
C ARG C 102 8.12 -3.20 -62.80
N GLY C 103 6.89 -3.33 -62.31
CA GLY C 103 6.44 -4.57 -61.72
C GLY C 103 4.94 -4.69 -61.66
N ASP C 104 4.50 -5.88 -61.25
CA ASP C 104 3.08 -6.18 -61.11
C ASP C 104 2.63 -5.70 -59.73
N CYS C 105 1.99 -4.53 -59.70
CA CYS C 105 1.46 -3.99 -58.46
C CYS C 105 0.32 -4.84 -57.91
N LYS C 106 -0.46 -5.47 -58.79
CA LYS C 106 -1.61 -6.35 -58.54
C LYS C 106 -2.89 -5.52 -58.33
N GLY C 107 -2.81 -4.19 -58.44
CA GLY C 107 -3.99 -3.36 -58.35
C GLY C 107 -4.52 -3.11 -56.97
N PHE C 108 -3.93 -3.72 -55.95
CA PHE C 108 -4.29 -3.43 -54.58
C PHE C 108 -3.49 -2.23 -54.10
N SER C 109 -2.52 -1.80 -54.92
CA SER C 109 -1.64 -0.66 -54.59
C SER C 109 -2.28 0.67 -54.98
N SER C 110 -2.42 1.57 -54.00
CA SER C 110 -3.02 2.92 -54.24
C SER C 110 -2.14 3.69 -55.22
N ASP C 111 -0.81 3.59 -55.04
CA ASP C 111 0.26 4.23 -55.87
C ASP C 111 0.40 5.73 -55.53
N VAL C 112 -0.20 6.17 -54.42
CA VAL C 112 -0.14 7.61 -54.00
C VAL C 112 1.30 7.94 -53.60
N LEU C 113 1.82 7.27 -52.56
CA LEU C 113 3.17 7.52 -52.07
C LEU C 113 3.59 6.30 -51.25
N SER C 114 4.90 6.12 -51.13
CA SER C 114 5.45 5.06 -50.29
C SER C 114 6.43 5.69 -49.31
N ASP C 115 6.19 5.49 -48.02
CA ASP C 115 7.10 6.05 -47.02
C ASP C 115 8.49 5.41 -47.09
N VAL C 116 8.57 4.09 -47.35
CA VAL C 116 9.86 3.41 -47.30
C VAL C 116 10.03 2.41 -48.43
N ILE C 117 11.29 2.06 -48.69
CA ILE C 117 11.68 1.09 -49.72
C ILE C 117 12.36 -0.10 -49.05
N ARG C 118 11.87 -1.30 -49.34
CA ARG C 118 12.43 -2.53 -48.80
C ARG C 118 12.95 -3.45 -49.89
N TYR C 119 14.16 -3.94 -49.73
CA TYR C 119 14.79 -4.87 -50.66
C TYR C 119 14.94 -6.21 -49.98
N ASN C 120 14.39 -7.24 -50.60
CA ASN C 120 14.46 -8.62 -50.14
C ASN C 120 15.30 -9.38 -51.16
N LEU C 121 16.32 -10.05 -50.65
CA LEU C 121 17.31 -10.73 -51.48
C LEU C 121 17.18 -12.24 -51.35
N ASN C 122 17.11 -12.89 -52.50
CA ASN C 122 16.98 -14.33 -52.66
C ASN C 122 18.07 -14.81 -53.60
N PHE C 123 19.27 -14.90 -53.08
CA PHE C 123 20.43 -15.32 -53.84
C PHE C 123 21.17 -16.36 -53.01
N GLU C 124 22.04 -17.12 -53.66
CA GLU C 124 22.81 -18.07 -52.89
C GLU C 124 23.84 -17.29 -52.08
N GLU C 125 24.42 -17.91 -51.07
CA GLU C 125 25.32 -17.14 -50.21
C GLU C 125 26.66 -16.98 -50.92
N ASN C 126 26.66 -16.08 -51.89
CA ASN C 126 27.83 -15.72 -52.67
C ASN C 126 27.92 -14.19 -52.77
N LEU C 127 29.13 -13.71 -53.05
CA LEU C 127 29.39 -12.29 -53.17
C LEU C 127 29.31 -11.91 -54.63
N ARG C 128 28.47 -10.95 -54.96
CA ARG C 128 28.32 -10.47 -56.33
C ARG C 128 28.46 -8.96 -56.31
N ARG C 129 29.21 -8.44 -57.29
CA ARG C 129 29.51 -7.03 -57.35
C ARG C 129 28.24 -6.20 -57.50
N GLY C 130 28.14 -5.17 -56.67
CA GLY C 130 26.99 -4.28 -56.68
C GLY C 130 27.39 -2.91 -56.17
N THR C 131 26.56 -1.93 -56.51
CA THR C 131 26.75 -0.57 -56.07
C THR C 131 25.39 0.00 -55.71
N ILE C 132 25.39 0.99 -54.82
CA ILE C 132 24.15 1.63 -54.40
C ILE C 132 24.25 3.11 -54.68
N LEU C 133 23.25 3.67 -55.32
CA LEU C 133 23.26 5.09 -55.65
C LEU C 133 22.06 5.77 -55.01
N PHE C 134 22.33 6.86 -54.29
CA PHE C 134 21.31 7.68 -53.66
C PHE C 134 21.38 9.06 -54.27
N LYS C 135 20.24 9.56 -54.72
CA LYS C 135 20.17 10.86 -55.36
C LYS C 135 19.40 11.80 -54.45
N THR C 136 20.01 12.94 -54.12
CA THR C 136 19.38 13.96 -53.31
C THR C 136 19.70 15.30 -53.94
N SER C 137 18.82 16.28 -53.70
CA SER C 137 19.01 17.58 -54.31
C SER C 137 20.34 18.18 -53.92
N TYR C 138 20.69 18.10 -52.63
CA TYR C 138 21.98 18.59 -52.20
C TYR C 138 23.11 17.77 -52.80
N GLY C 139 22.98 16.45 -52.81
CA GLY C 139 24.10 15.67 -53.33
C GLY C 139 23.76 14.26 -53.74
N VAL C 140 24.68 13.66 -54.47
CA VAL C 140 24.57 12.28 -54.92
C VAL C 140 25.60 11.48 -54.15
N VAL C 141 25.17 10.42 -53.49
CA VAL C 141 26.03 9.60 -52.66
C VAL C 141 26.01 8.18 -53.21
N VAL C 142 27.18 7.57 -53.35
CA VAL C 142 27.24 6.22 -53.87
C VAL C 142 28.01 5.34 -52.90
N PHE C 143 27.64 4.06 -52.89
CA PHE C 143 28.23 3.03 -52.05
C PHE C 143 28.87 2.02 -52.99
N TYR C 144 30.16 1.76 -52.79
CA TYR C 144 30.91 0.81 -53.60
C TYR C 144 31.76 -0.07 -52.70
N CYS C 145 31.94 -1.32 -53.10
CA CYS C 145 32.85 -2.21 -52.40
C CYS C 145 33.71 -2.99 -53.38
N THR C 146 34.99 -3.11 -53.05
CA THR C 146 35.97 -3.81 -53.87
C THR C 146 36.44 -5.05 -53.09
N ASN C 147 36.30 -6.21 -53.74
CA ASN C 147 36.77 -7.47 -53.16
C ASN C 147 38.28 -7.48 -53.01
N ASN C 148 38.98 -6.96 -54.00
CA ASN C 148 40.43 -7.00 -53.97
C ASN C 148 40.99 -6.03 -52.93
N THR C 149 42.22 -6.30 -52.50
CA THR C 149 42.89 -5.49 -51.48
C THR C 149 43.07 -4.04 -51.91
N LEU C 150 43.38 -3.81 -53.18
CA LEU C 150 43.58 -2.45 -53.68
C LEU C 150 42.33 -1.61 -53.50
N VAL C 151 42.51 -0.32 -53.20
CA VAL C 151 41.35 0.54 -52.96
C VAL C 151 40.45 0.54 -54.19
N SER C 152 41.05 0.63 -55.38
CA SER C 152 40.26 0.50 -56.59
C SER C 152 39.68 -0.91 -56.68
N GLY C 153 40.50 -1.91 -56.36
CA GLY C 153 40.08 -3.30 -56.32
C GLY C 153 39.49 -3.78 -57.63
N ASP C 154 38.33 -4.43 -57.52
CA ASP C 154 37.62 -4.98 -58.67
C ASP C 154 36.25 -4.33 -58.78
N ALA C 155 35.91 -3.88 -59.99
CA ALA C 155 34.62 -3.25 -60.24
C ALA C 155 33.56 -4.29 -60.56
N ASN C 165 40.55 -9.91 -48.02
CA ASN C 165 40.51 -8.50 -47.61
C ASN C 165 39.61 -7.72 -48.56
N PHE C 166 38.47 -7.26 -48.04
CA PHE C 166 37.47 -6.52 -48.81
C PHE C 166 37.36 -5.11 -48.25
N TYR C 167 37.46 -4.12 -49.14
CA TYR C 167 37.36 -2.73 -48.73
C TYR C 167 36.18 -2.08 -49.43
N CYS C 168 35.30 -1.44 -48.66
CA CYS C 168 34.15 -0.75 -49.25
C CYS C 168 34.26 0.74 -48.95
N PHE C 169 34.11 1.55 -49.98
CA PHE C 169 34.13 3.00 -49.86
C PHE C 169 32.83 3.58 -50.40
N VAL C 170 32.18 4.42 -49.61
CA VAL C 170 30.99 5.13 -50.07
C VAL C 170 31.42 6.57 -50.20
N ASN C 171 31.30 7.13 -51.40
CA ASN C 171 31.68 8.52 -51.63
C ASN C 171 30.47 9.35 -52.01
N THR C 172 30.28 10.46 -51.30
CA THR C 172 29.17 11.39 -51.49
C THR C 172 29.69 12.72 -52.01
N THR C 173 29.12 13.19 -53.11
CA THR C 173 29.52 14.44 -53.74
C THR C 173 28.32 15.38 -53.79
N ILE C 174 28.55 16.61 -53.32
CA ILE C 174 27.54 17.67 -53.30
C ILE C 174 27.97 18.73 -54.29
N GLY C 175 27.10 19.04 -55.25
CA GLY C 175 27.41 20.00 -56.28
C GLY C 175 28.62 19.54 -57.06
N ASN C 176 29.60 20.44 -57.21
CA ASN C 176 30.84 20.09 -57.91
C ASN C 176 31.92 19.55 -56.99
N GLU C 177 31.65 19.44 -55.70
CA GLU C 177 32.63 18.96 -54.74
C GLU C 177 32.40 17.48 -54.50
N THR C 178 33.48 16.69 -54.56
CA THR C 178 33.44 15.26 -54.34
C THR C 178 34.15 14.93 -53.04
N THR C 179 33.50 14.12 -52.21
CA THR C 179 34.05 13.74 -50.91
C THR C 179 34.09 12.23 -50.79
N SER C 180 34.97 11.74 -49.92
CA SER C 180 35.18 10.32 -49.71
C SER C 180 34.83 9.96 -48.28
N ALA C 181 34.09 8.85 -48.12
CA ALA C 181 33.65 8.39 -46.82
C ALA C 181 34.12 6.96 -46.59
N PHE C 182 34.13 6.57 -45.33
CA PHE C 182 34.66 5.28 -44.89
C PHE C 182 33.55 4.32 -44.48
N VAL C 183 33.52 3.15 -45.12
CA VAL C 183 32.54 2.13 -44.77
C VAL C 183 32.79 1.54 -43.40
N GLY C 184 34.06 1.36 -43.04
CA GLY C 184 34.36 0.70 -41.79
C GLY C 184 33.94 -0.76 -41.81
N ALA C 185 33.11 -1.15 -40.84
CA ALA C 185 32.68 -2.54 -40.70
C ALA C 185 31.94 -3.01 -41.94
N LEU C 186 32.24 -4.25 -42.36
CA LEU C 186 31.57 -4.81 -43.51
C LEU C 186 30.89 -6.11 -43.12
N PRO C 187 29.60 -6.25 -43.37
CA PRO C 187 28.88 -7.47 -42.99
C PRO C 187 29.32 -8.69 -43.78
N LYS C 188 29.39 -9.83 -43.08
CA LYS C 188 29.70 -11.09 -43.74
C LYS C 188 28.62 -11.46 -44.74
N THR C 189 27.36 -11.36 -44.32
CA THR C 189 26.24 -11.62 -45.22
C THR C 189 25.07 -10.74 -44.80
N VAL C 190 24.37 -10.18 -45.78
CA VAL C 190 23.20 -9.34 -45.54
C VAL C 190 22.01 -9.99 -46.24
N ARG C 191 20.99 -10.32 -45.47
CA ARG C 191 19.81 -10.93 -46.07
C ARG C 191 18.69 -9.93 -46.39
N GLU C 192 18.73 -8.71 -45.88
CA GLU C 192 17.65 -7.77 -46.18
C GLU C 192 18.19 -6.35 -46.16
N PHE C 193 17.54 -5.47 -46.91
CA PHE C 193 17.97 -4.08 -47.03
C PHE C 193 16.79 -3.13 -46.84
N VAL C 194 16.93 -2.09 -46.00
CA VAL C 194 15.84 -1.14 -45.82
C VAL C 194 16.33 0.30 -45.99
N ILE C 195 15.48 1.14 -46.57
CA ILE C 195 15.75 2.56 -46.81
C ILE C 195 14.46 3.34 -46.63
N SER C 196 14.59 4.65 -46.43
CA SER C 196 13.41 5.47 -46.21
C SER C 196 13.61 6.87 -46.79
N ARG C 197 12.48 7.56 -46.99
CA ARG C 197 12.53 8.93 -47.48
C ARG C 197 13.22 9.83 -46.49
N THR C 198 13.00 9.61 -45.20
CA THR C 198 13.69 10.40 -44.19
C THR C 198 15.19 10.20 -44.30
N GLY C 199 15.61 9.05 -44.82
CA GLY C 199 17.01 8.73 -44.96
C GLY C 199 17.55 7.74 -43.95
N HIS C 200 16.70 7.18 -43.10
CA HIS C 200 17.17 6.14 -42.19
C HIS C 200 17.62 4.93 -42.99
N PHE C 201 18.75 4.35 -42.60
CA PHE C 201 19.30 3.19 -43.30
C PHE C 201 19.33 1.99 -42.36
N TYR C 202 18.65 0.92 -42.76
CA TYR C 202 18.54 -0.28 -41.93
C TYR C 202 19.07 -1.51 -42.64
N ILE C 203 19.96 -2.24 -41.98
CA ILE C 203 20.44 -3.51 -42.50
C ILE C 203 20.10 -4.57 -41.45
N ASN C 204 19.31 -5.56 -41.85
CA ASN C 204 18.89 -6.62 -40.95
C ASN C 204 18.26 -6.06 -39.69
N GLY C 205 17.34 -5.12 -39.88
CA GLY C 205 16.65 -4.47 -38.79
C GLY C 205 17.30 -3.30 -38.11
N TYR C 206 18.52 -3.44 -37.59
CA TYR C 206 19.12 -2.28 -36.94
C TYR C 206 19.47 -1.22 -37.98
N ARG C 207 19.56 0.01 -37.52
CA ARG C 207 19.82 1.16 -38.37
C ARG C 207 21.25 1.63 -38.13
N TYR C 208 22.08 1.53 -39.17
CA TYR C 208 23.46 1.98 -39.00
C TYR C 208 23.56 3.49 -38.89
N PHE C 209 22.92 4.21 -39.82
CA PHE C 209 22.99 5.65 -39.89
C PHE C 209 21.84 6.17 -40.73
N THR C 210 21.57 7.47 -40.60
CA THR C 210 20.47 8.08 -41.35
C THR C 210 20.98 9.23 -42.20
N LEU C 211 20.71 9.16 -43.50
CA LEU C 211 21.02 10.22 -44.44
C LEU C 211 20.00 11.35 -44.29
N GLY C 212 20.43 12.57 -44.66
CA GLY C 212 19.54 13.71 -44.51
C GLY C 212 18.26 13.61 -45.32
N ASN C 213 18.37 13.28 -46.60
CA ASN C 213 17.19 13.11 -47.44
C ASN C 213 17.55 12.36 -48.71
N VAL C 214 16.56 11.70 -49.30
CA VAL C 214 16.73 11.01 -50.56
C VAL C 214 15.58 11.33 -51.51
N GLU C 215 15.88 12.02 -52.61
CA GLU C 215 14.87 12.29 -53.62
C GLU C 215 14.50 11.02 -54.37
N ALA C 216 15.49 10.23 -54.77
CA ALA C 216 15.28 9.02 -55.54
C ALA C 216 16.34 8.00 -55.20
N VAL C 217 16.03 6.74 -55.45
CA VAL C 217 16.93 5.62 -55.15
C VAL C 217 17.16 4.77 -56.40
N ASN C 218 18.41 4.46 -56.69
CA ASN C 218 18.77 3.60 -57.81
C ASN C 218 19.60 2.46 -57.25
N PHE C 219 19.24 1.24 -57.63
CA PHE C 219 19.90 0.02 -57.16
C PHE C 219 20.77 -0.61 -58.24
N ASN C 220 22.09 -0.53 -58.06
CA ASN C 220 23.07 -1.10 -58.99
C ASN C 220 23.51 -2.49 -58.55
N VAL C 221 22.64 -3.47 -58.79
CA VAL C 221 22.91 -4.85 -58.45
C VAL C 221 22.85 -5.64 -59.75
N THR C 222 23.89 -6.43 -60.02
CA THR C 222 23.95 -7.23 -61.23
C THR C 222 24.14 -8.69 -60.85
N THR C 223 23.25 -9.54 -61.34
CA THR C 223 23.28 -10.97 -61.05
C THR C 223 23.20 -11.75 -62.36
N ALA C 224 24.25 -12.54 -62.65
CA ALA C 224 24.20 -13.43 -63.80
C ALA C 224 23.03 -14.41 -63.71
N GLU C 225 22.69 -14.84 -62.49
CA GLU C 225 21.62 -15.80 -62.30
C GLU C 225 20.27 -15.27 -62.78
N THR C 226 19.57 -16.08 -63.58
CA THR C 226 18.24 -15.71 -64.03
C THR C 226 17.27 -15.57 -62.87
N THR C 227 17.33 -16.50 -61.92
CA THR C 227 16.55 -16.41 -60.68
C THR C 227 17.33 -15.52 -59.72
N ASP C 228 17.40 -14.25 -60.12
CA ASP C 228 18.26 -13.28 -59.48
C ASP C 228 17.88 -13.00 -58.03
N PHE C 229 16.62 -12.66 -57.76
CA PHE C 229 16.24 -12.24 -56.41
C PHE C 229 14.73 -12.33 -56.27
N CYS C 230 14.25 -12.13 -55.05
CA CYS C 230 12.80 -12.17 -54.82
C CYS C 230 12.10 -10.82 -54.85
N THR C 231 12.68 -9.72 -54.36
CA THR C 231 11.78 -8.57 -54.34
C THR C 231 12.52 -7.30 -54.01
N VAL C 232 12.06 -6.20 -54.60
CA VAL C 232 12.47 -4.86 -54.19
C VAL C 232 11.19 -4.05 -54.35
N ALA C 233 10.60 -3.64 -53.24
CA ALA C 233 9.26 -3.09 -53.24
C ALA C 233 9.23 -1.81 -52.43
N LEU C 234 8.11 -1.11 -52.56
CA LEU C 234 7.81 0.08 -51.81
C LEU C 234 6.72 -0.23 -50.80
N ALA C 235 6.57 0.64 -49.80
CA ALA C 235 5.64 0.34 -48.72
C ALA C 235 5.44 1.57 -47.86
N SER C 236 4.49 1.47 -46.93
CA SER C 236 4.13 2.56 -46.07
C SER C 236 3.87 2.05 -44.66
N TYR C 237 3.90 2.99 -43.71
CA TYR C 237 3.69 2.69 -42.31
C TYR C 237 2.29 2.16 -42.05
N ALA C 238 2.17 1.43 -40.94
CA ALA C 238 0.89 0.92 -40.47
C ALA C 238 1.10 0.45 -39.04
N ASP C 239 0.00 0.16 -38.37
CA ASP C 239 -0.04 -0.29 -36.99
C ASP C 239 -0.47 -1.74 -36.97
N VAL C 240 0.39 -2.63 -36.46
CA VAL C 240 0.12 -4.05 -36.48
C VAL C 240 0.65 -4.68 -35.20
N LEU C 241 0.41 -5.97 -35.06
CA LEU C 241 0.89 -6.78 -33.96
C LEU C 241 1.67 -7.96 -34.53
N VAL C 242 2.62 -8.49 -33.76
CA VAL C 242 3.47 -9.55 -34.26
C VAL C 242 3.81 -10.51 -33.14
N ASN C 243 4.02 -11.76 -33.54
CA ASN C 243 4.47 -12.87 -32.71
C ASN C 243 5.86 -13.26 -33.16
N VAL C 244 6.82 -13.23 -32.24
CA VAL C 244 8.23 -13.39 -32.56
C VAL C 244 8.77 -14.59 -31.81
N SER C 245 9.44 -15.48 -32.53
CA SER C 245 10.08 -16.66 -31.96
C SER C 245 11.56 -16.63 -32.31
N GLN C 246 12.41 -16.68 -31.30
CA GLN C 246 13.86 -16.61 -31.50
C GLN C 246 14.22 -15.35 -32.29
N THR C 247 13.51 -14.26 -31.99
CA THR C 247 13.71 -12.95 -32.59
C THR C 247 13.29 -12.91 -34.04
N SER C 248 12.61 -13.94 -34.54
CA SER C 248 12.18 -14.03 -35.92
C SER C 248 10.66 -14.06 -36.02
N ILE C 249 10.12 -13.33 -36.98
CA ILE C 249 8.67 -13.16 -37.10
C ILE C 249 7.99 -14.48 -37.42
N ALA C 250 6.78 -14.66 -36.91
CA ALA C 250 5.94 -15.80 -37.23
C ALA C 250 4.66 -15.42 -37.97
N ASN C 251 3.99 -14.36 -37.54
CA ASN C 251 2.73 -13.93 -38.14
C ASN C 251 2.35 -12.57 -37.57
N ILE C 252 1.36 -11.93 -38.20
CA ILE C 252 0.97 -10.57 -37.84
C ILE C 252 -0.56 -10.45 -37.95
N ILE C 253 -1.08 -9.35 -37.41
CA ILE C 253 -2.52 -9.08 -37.36
C ILE C 253 -2.75 -7.60 -37.60
N TYR C 254 -3.36 -7.26 -38.72
CA TYR C 254 -3.65 -5.87 -39.02
C TYR C 254 -4.71 -5.33 -38.06
N CYS C 255 -4.47 -4.13 -37.52
CA CYS C 255 -5.38 -3.51 -36.56
C CYS C 255 -6.36 -2.57 -37.28
N ASN C 256 -7.22 -3.16 -38.10
CA ASN C 256 -8.21 -2.38 -38.83
C ASN C 256 -9.63 -2.54 -38.31
N SER C 257 -10.14 -3.76 -38.18
CA SER C 257 -11.50 -3.97 -37.74
C SER C 257 -11.62 -3.71 -36.23
N VAL C 258 -12.86 -3.52 -35.79
CA VAL C 258 -13.09 -3.27 -34.36
C VAL C 258 -12.64 -4.47 -33.54
N ILE C 259 -13.02 -5.67 -33.98
CA ILE C 259 -12.66 -6.87 -33.24
C ILE C 259 -11.16 -7.04 -33.22
N ASN C 260 -10.51 -6.81 -34.35
CA ASN C 260 -9.05 -6.88 -34.39
C ASN C 260 -8.43 -5.82 -33.50
N ARG C 261 -9.05 -4.64 -33.45
CA ARG C 261 -8.56 -3.58 -32.59
C ARG C 261 -8.54 -4.04 -31.14
N LEU C 262 -9.65 -4.64 -30.71
CA LEU C 262 -9.69 -5.12 -29.33
C LEU C 262 -8.67 -6.23 -29.13
N ARG C 263 -8.55 -7.12 -30.11
CA ARG C 263 -7.63 -8.24 -29.97
C ARG C 263 -6.20 -7.75 -29.84
N CYS C 264 -5.80 -6.80 -30.68
CA CYS C 264 -4.46 -6.25 -30.57
C CYS C 264 -4.27 -5.55 -29.24
N ASP C 265 -5.30 -4.82 -28.80
CA ASP C 265 -5.21 -4.17 -27.50
C ASP C 265 -4.97 -5.20 -26.41
N GLN C 266 -5.48 -6.41 -26.59
CA GLN C 266 -5.31 -7.45 -25.57
C GLN C 266 -3.91 -8.02 -25.53
N LEU C 267 -3.01 -7.58 -26.42
CA LEU C 267 -1.65 -8.13 -26.46
C LEU C 267 -1.67 -9.64 -26.54
N SER C 268 -2.71 -10.19 -27.19
CA SER C 268 -2.83 -11.66 -27.30
C SER C 268 -3.70 -12.06 -28.49
N PHE C 269 -3.93 -13.33 -28.70
CA PHE C 269 -4.97 -13.65 -29.69
C PHE C 269 -6.08 -14.41 -28.94
N ASP C 270 -7.22 -14.60 -29.59
CA ASP C 270 -8.33 -15.41 -29.01
C ASP C 270 -8.70 -14.99 -27.59
N VAL C 271 -9.07 -13.74 -27.38
CA VAL C 271 -9.47 -13.32 -26.02
C VAL C 271 -10.66 -14.17 -25.59
N PRO C 272 -10.74 -14.62 -24.34
CA PRO C 272 -11.85 -15.47 -23.90
C PRO C 272 -13.16 -14.70 -23.98
N ASP C 273 -14.26 -15.37 -24.34
CA ASP C 273 -15.59 -14.74 -24.40
C ASP C 273 -15.86 -13.97 -23.11
N GLY C 274 -16.31 -12.72 -23.21
CA GLY C 274 -16.64 -11.95 -22.00
C GLY C 274 -17.04 -10.52 -22.26
N PHE C 275 -16.65 -9.60 -21.37
CA PHE C 275 -17.01 -8.20 -21.43
C PHE C 275 -15.76 -7.33 -21.52
N TYR C 276 -15.76 -6.39 -22.46
CA TYR C 276 -14.65 -5.45 -22.56
C TYR C 276 -15.21 -4.06 -22.80
N SER C 277 -14.37 -3.05 -22.62
CA SER C 277 -14.76 -1.67 -22.76
C SER C 277 -13.97 -1.01 -23.89
N THR C 278 -14.63 -0.12 -24.62
CA THR C 278 -13.99 0.50 -25.76
C THR C 278 -14.46 1.94 -25.90
N SER C 279 -13.62 2.75 -26.53
CA SER C 279 -13.93 4.16 -26.78
C SER C 279 -13.67 4.49 -28.24
N PRO C 280 -14.68 4.65 -29.05
CA PRO C 280 -14.46 5.03 -30.45
C PRO C 280 -14.39 6.53 -30.57
N ILE C 281 -13.34 7.06 -31.18
CA ILE C 281 -13.07 8.49 -31.14
C ILE C 281 -12.93 9.05 -32.54
N GLN C 282 -13.56 10.20 -32.77
CA GLN C 282 -13.37 10.93 -34.00
C GLN C 282 -11.96 11.49 -34.07
N SER C 283 -11.36 11.47 -35.25
CA SER C 283 -9.98 11.91 -35.45
C SER C 283 -9.89 12.89 -36.62
N VAL C 284 -10.67 13.96 -36.56
CA VAL C 284 -10.64 14.98 -37.60
C VAL C 284 -10.79 16.35 -36.95
N GLU C 285 -10.46 17.37 -37.74
CA GLU C 285 -10.61 18.74 -37.26
C GLU C 285 -12.06 19.03 -36.94
N LEU C 286 -12.27 19.80 -35.88
CA LEU C 286 -13.60 20.16 -35.44
C LEU C 286 -13.70 21.67 -35.36
N PRO C 287 -14.90 22.22 -35.47
CA PRO C 287 -15.06 23.67 -35.34
C PRO C 287 -14.55 24.14 -33.99
N VAL C 288 -13.99 25.35 -33.98
CA VAL C 288 -13.38 25.91 -32.78
C VAL C 288 -14.30 27.01 -32.26
N SER C 289 -14.55 26.98 -30.96
CA SER C 289 -15.43 27.95 -30.33
C SER C 289 -14.68 28.66 -29.22
N ILE C 290 -14.92 29.97 -29.08
CA ILE C 290 -14.24 30.75 -28.07
C ILE C 290 -15.29 31.57 -27.33
N VAL C 291 -15.00 31.86 -26.07
CA VAL C 291 -15.83 32.74 -25.26
C VAL C 291 -14.94 33.40 -24.23
N SER C 292 -15.08 34.71 -24.09
CA SER C 292 -14.29 35.49 -23.16
C SER C 292 -15.18 36.56 -22.57
N LEU C 293 -14.70 37.21 -21.52
CA LEU C 293 -15.47 38.32 -20.97
C LEU C 293 -15.40 39.48 -21.94
N PRO C 294 -16.55 40.07 -22.30
CA PRO C 294 -16.54 41.21 -23.24
C PRO C 294 -15.89 42.44 -22.62
N VAL C 295 -14.78 42.86 -23.21
CA VAL C 295 -14.14 44.13 -22.90
C VAL C 295 -13.60 44.70 -24.20
N TYR C 296 -13.89 45.98 -24.47
CA TYR C 296 -13.57 46.57 -25.76
C TYR C 296 -12.08 46.52 -26.02
N HIS C 297 -11.69 45.72 -27.00
CA HIS C 297 -10.30 45.33 -27.22
C HIS C 297 -9.42 46.51 -27.56
N LYS C 298 -8.36 46.71 -26.77
CA LYS C 298 -7.29 47.64 -27.11
C LYS C 298 -6.02 46.86 -27.40
N HIS C 299 -5.51 46.96 -28.63
CA HIS C 299 -4.53 46.02 -29.14
C HIS C 299 -3.10 46.43 -28.80
N THR C 300 -2.20 45.45 -28.89
CA THR C 300 -0.77 45.70 -28.97
C THR C 300 -0.13 44.69 -29.92
N PHE C 301 0.56 45.20 -30.95
CA PHE C 301 1.22 44.35 -31.96
C PHE C 301 2.73 44.28 -31.72
N ILE C 302 3.23 43.10 -31.40
CA ILE C 302 4.67 42.86 -31.38
C ILE C 302 5.06 42.00 -32.59
N VAL C 303 5.95 42.57 -33.41
CA VAL C 303 6.36 42.11 -34.73
C VAL C 303 7.88 42.16 -34.79
N LEU C 304 8.52 41.21 -35.46
CA LEU C 304 9.98 41.23 -35.56
C LEU C 304 10.42 41.00 -37.00
N TYR C 305 11.49 41.67 -37.40
CA TYR C 305 11.91 41.71 -38.81
C TYR C 305 13.26 41.04 -39.03
N VAL C 306 13.29 39.72 -38.95
CA VAL C 306 14.50 38.98 -39.29
C VAL C 306 14.69 39.08 -40.80
N ASP C 307 15.86 39.55 -41.25
CA ASP C 307 16.15 39.68 -42.68
C ASP C 307 17.53 39.07 -42.92
N PHE C 308 17.58 37.74 -42.95
CA PHE C 308 18.86 37.02 -43.00
C PHE C 308 19.67 37.40 -44.25
N LYS C 309 19.03 37.37 -45.41
CA LYS C 309 19.54 37.76 -46.73
C LYS C 309 21.05 37.59 -46.95
N PRO C 310 21.59 36.38 -46.90
CA PRO C 310 23.02 36.19 -47.16
C PRO C 310 23.27 36.07 -48.66
N GLN C 311 24.55 36.10 -49.02
CA GLN C 311 24.93 35.96 -50.43
C GLN C 311 25.01 34.47 -50.76
N SER C 312 23.82 33.87 -50.83
CA SER C 312 23.58 32.46 -51.14
C SER C 312 24.05 31.53 -50.03
N GLY C 313 25.36 31.48 -49.78
CA GLY C 313 25.91 30.62 -48.75
C GLY C 313 26.31 29.23 -49.19
N GLY C 314 26.06 28.85 -50.44
CA GLY C 314 26.44 27.54 -50.91
C GLY C 314 27.82 27.45 -51.50
N GLY C 315 28.48 28.60 -51.69
CA GLY C 315 29.79 28.64 -52.28
C GLY C 315 30.93 28.67 -51.29
N LYS C 316 30.63 29.11 -50.07
CA LYS C 316 31.69 29.18 -49.03
C LYS C 316 31.10 28.70 -47.70
N CYS C 317 29.97 29.30 -47.30
CA CYS C 317 29.38 29.00 -46.00
C CYS C 317 28.02 29.66 -45.84
N PHE C 318 27.06 28.92 -45.33
CA PHE C 318 25.75 29.47 -45.00
C PHE C 318 25.66 29.85 -43.53
N ASN C 319 26.28 29.05 -42.66
CA ASN C 319 26.25 29.28 -41.22
C ASN C 319 27.29 30.30 -40.76
N CYS C 320 27.87 31.07 -41.67
CA CYS C 320 28.84 32.10 -41.34
C CYS C 320 28.19 33.45 -41.06
N TYR C 321 26.86 33.51 -41.10
CA TYR C 321 26.08 34.72 -40.80
C TYR C 321 26.44 35.90 -41.71
N PRO C 322 26.48 35.70 -43.04
CA PRO C 322 26.79 36.80 -43.95
C PRO C 322 25.50 37.58 -44.19
N ALA C 323 25.60 38.92 -44.11
CA ALA C 323 24.45 39.83 -44.30
C ALA C 323 23.27 39.40 -43.42
N GLY C 324 23.65 38.57 -42.46
CA GLY C 324 22.79 38.08 -41.40
C GLY C 324 22.23 39.18 -40.54
N VAL C 325 23.09 40.15 -40.20
CA VAL C 325 22.90 41.40 -39.46
C VAL C 325 21.49 41.81 -39.04
N ASN C 326 21.21 43.11 -39.02
CA ASN C 326 19.99 43.62 -38.39
C ASN C 326 18.75 42.77 -38.61
N ILE C 327 18.19 42.41 -37.45
CA ILE C 327 16.95 41.71 -37.16
C ILE C 327 16.44 42.47 -35.94
N THR C 328 15.40 43.26 -36.11
CA THR C 328 14.94 44.06 -34.98
C THR C 328 13.47 44.44 -35.16
N LEU C 329 12.88 44.83 -34.04
CA LEU C 329 11.49 45.21 -33.95
C LEU C 329 11.35 46.59 -33.34
N ALA C 330 10.52 47.43 -33.96
CA ALA C 330 10.34 48.80 -33.52
C ALA C 330 9.57 48.83 -32.21
N ASN C 331 10.30 49.12 -31.13
CA ASN C 331 9.81 49.16 -29.77
C ASN C 331 11.01 49.42 -28.88
N PHE C 332 12.20 49.33 -29.47
CA PHE C 332 13.43 49.56 -28.73
C PHE C 332 13.50 51.03 -28.35
N ASN C 333 14.01 51.30 -27.16
CA ASN C 333 14.09 52.67 -26.67
C ASN C 333 15.55 53.06 -26.60
N GLU C 334 15.84 54.33 -26.86
CA GLU C 334 17.20 54.81 -26.64
C GLU C 334 17.68 54.47 -25.24
N THR C 335 16.84 54.68 -24.23
CA THR C 335 17.15 54.20 -22.88
C THR C 335 17.12 52.69 -22.83
N LYS C 336 16.29 52.08 -23.69
CA LYS C 336 16.20 50.63 -23.84
C LYS C 336 15.78 49.93 -22.56
N GLY C 337 14.84 50.54 -21.85
CA GLY C 337 14.17 49.87 -20.77
C GLY C 337 13.36 48.73 -21.33
N PRO C 338 13.33 47.60 -20.64
CA PRO C 338 12.58 46.44 -21.13
C PRO C 338 11.13 46.81 -21.45
N LEU C 339 10.69 46.37 -22.63
CA LEU C 339 9.38 46.78 -23.14
C LEU C 339 8.33 45.78 -22.69
N CYS C 340 7.54 46.14 -21.69
CA CYS C 340 6.45 45.31 -21.21
C CYS C 340 5.13 45.96 -21.59
N VAL C 341 4.24 45.18 -22.18
CA VAL C 341 2.98 45.76 -22.64
C VAL C 341 2.10 46.09 -21.45
N ASP C 342 1.20 47.05 -21.65
CA ASP C 342 0.25 47.47 -20.63
C ASP C 342 -1.18 47.09 -20.97
N THR C 343 -1.61 47.35 -22.21
CA THR C 343 -2.92 46.90 -22.64
C THR C 343 -2.97 45.38 -22.60
N SER C 344 -4.05 44.85 -22.04
CA SER C 344 -4.13 43.40 -21.84
C SER C 344 -4.08 42.64 -23.16
N HIS C 345 -4.78 43.12 -24.18
CA HIS C 345 -4.90 42.41 -25.43
C HIS C 345 -3.75 42.71 -26.38
N PHE C 346 -3.01 41.68 -26.75
CA PHE C 346 -1.92 41.84 -27.69
C PHE C 346 -1.79 40.59 -28.54
N THR C 347 -1.44 40.78 -29.80
CA THR C 347 -1.24 39.67 -30.72
C THR C 347 0.22 39.59 -31.13
N THR C 348 0.96 38.64 -30.57
CA THR C 348 2.32 38.42 -31.02
C THR C 348 2.31 37.75 -32.38
N LYS C 349 3.16 38.21 -33.29
CA LYS C 349 3.21 37.54 -34.58
C LYS C 349 4.66 37.43 -34.99
N TYR C 350 4.97 36.43 -35.83
CA TYR C 350 6.37 36.30 -36.18
C TYR C 350 6.81 37.44 -37.06
N VAL C 351 5.93 37.88 -37.96
CA VAL C 351 6.14 38.99 -38.89
C VAL C 351 6.53 38.43 -40.24
N ALA C 352 6.87 39.31 -41.16
CA ALA C 352 7.25 38.90 -42.51
C ALA C 352 8.64 38.27 -42.44
N VAL C 353 9.00 37.56 -43.50
CA VAL C 353 10.29 36.91 -43.60
C VAL C 353 11.06 37.50 -44.77
N TYR C 354 12.38 37.31 -44.74
CA TYR C 354 13.26 37.85 -45.76
C TYR C 354 13.03 37.11 -47.06
N ALA C 355 13.44 37.73 -48.17
CA ALA C 355 13.36 37.04 -49.45
C ALA C 355 14.06 35.70 -49.33
N ASN C 356 13.35 34.64 -49.70
CA ASN C 356 13.82 33.27 -49.50
C ASN C 356 14.34 32.70 -50.81
N VAL C 357 15.55 32.12 -50.75
CA VAL C 357 16.10 31.45 -51.91
C VAL C 357 15.99 29.93 -51.72
N GLY C 358 16.38 29.19 -52.76
CA GLY C 358 16.16 27.75 -52.75
C GLY C 358 16.89 27.01 -51.64
N ARG C 359 16.20 26.01 -51.10
CA ARG C 359 16.69 25.02 -50.14
C ARG C 359 17.14 25.51 -48.78
N TRP C 360 17.14 26.80 -48.50
CA TRP C 360 17.64 27.24 -47.20
C TRP C 360 16.67 28.23 -46.56
N SER C 361 16.74 28.31 -45.24
CA SER C 361 15.78 29.11 -44.50
C SER C 361 16.34 29.39 -43.10
N ALA C 362 15.62 30.23 -42.36
CA ALA C 362 15.92 30.48 -40.95
C ALA C 362 14.59 30.58 -40.22
N SER C 363 14.61 30.23 -38.93
CA SER C 363 13.38 30.26 -38.14
C SER C 363 13.72 30.26 -36.66
N ILE C 364 12.69 30.56 -35.86
CA ILE C 364 12.78 30.57 -34.41
C ILE C 364 12.68 29.15 -33.87
N ASN C 365 13.31 28.93 -32.72
CA ASN C 365 13.29 27.64 -32.05
C ASN C 365 12.76 27.80 -30.64
N THR C 366 12.16 26.74 -30.13
CA THR C 366 11.70 26.72 -28.74
C THR C 366 12.90 26.82 -27.81
N GLY C 367 12.76 27.66 -26.79
CA GLY C 367 13.81 27.85 -25.82
C GLY C 367 13.56 27.05 -24.56
N ASN C 368 13.97 27.60 -23.42
CA ASN C 368 13.78 26.96 -22.13
C ASN C 368 12.63 27.57 -21.35
N CYS C 369 11.90 28.50 -21.94
CA CYS C 369 10.78 29.11 -21.23
C CYS C 369 9.59 28.17 -21.22
N PRO C 370 8.64 28.39 -20.33
CA PRO C 370 7.46 27.52 -20.29
C PRO C 370 6.62 27.60 -21.55
N PHE C 371 6.52 28.78 -22.14
CA PHE C 371 5.62 29.04 -23.25
C PHE C 371 6.41 29.17 -24.54
N SER C 372 6.00 28.43 -25.57
CA SER C 372 6.65 28.50 -26.86
C SER C 372 6.19 29.74 -27.62
N PHE C 373 7.15 30.51 -28.13
CA PHE C 373 6.80 31.70 -28.89
C PHE C 373 6.04 31.34 -30.14
N GLY C 374 4.98 32.10 -30.41
CA GLY C 374 4.15 31.85 -31.56
C GLY C 374 2.86 31.22 -31.13
N LYS C 375 2.94 30.39 -30.10
CA LYS C 375 1.74 29.88 -29.46
C LYS C 375 1.30 30.77 -28.32
N VAL C 376 2.12 31.75 -27.93
CA VAL C 376 1.79 32.61 -26.80
C VAL C 376 0.45 33.32 -27.04
N ASN C 377 0.20 33.71 -28.28
CA ASN C 377 -1.03 34.42 -28.59
C ASN C 377 -2.27 33.56 -28.37
N ASN C 378 -2.11 32.24 -28.29
CA ASN C 378 -3.22 31.32 -28.14
C ASN C 378 -3.68 31.27 -26.68
N PHE C 379 -4.39 32.32 -26.26
CA PHE C 379 -5.05 32.34 -24.95
C PHE C 379 -4.10 31.98 -23.81
N VAL C 380 -3.14 32.86 -23.59
CA VAL C 380 -2.17 32.76 -22.53
C VAL C 380 -2.35 33.93 -21.58
N LYS C 381 -1.76 33.79 -20.39
CA LYS C 381 -1.87 34.75 -19.31
C LYS C 381 -0.46 35.16 -18.93
N PHE C 382 -0.33 36.38 -18.39
CA PHE C 382 1.01 36.81 -18.04
C PHE C 382 0.88 37.99 -17.10
N GLY C 383 1.82 38.15 -16.18
CA GLY C 383 1.71 39.30 -15.31
C GLY C 383 2.46 40.51 -15.80
N SER C 384 3.54 40.25 -16.54
CA SER C 384 4.38 41.30 -17.11
C SER C 384 5.27 40.63 -18.15
N VAL C 385 5.04 40.94 -19.42
CA VAL C 385 5.82 40.37 -20.56
C VAL C 385 7.28 40.84 -20.47
N CYS C 386 7.50 42.16 -20.58
CA CYS C 386 8.86 42.78 -20.49
C CYS C 386 9.82 42.16 -21.50
N PHE C 387 9.36 41.94 -22.74
CA PHE C 387 10.21 41.36 -23.82
C PHE C 387 11.33 42.34 -24.16
N SER C 388 12.57 41.83 -24.22
CA SER C 388 13.74 42.64 -24.52
C SER C 388 14.66 41.97 -25.54
N LEU C 389 15.33 42.82 -26.32
CA LEU C 389 16.22 42.37 -27.39
C LEU C 389 17.57 41.97 -26.82
N LYS C 390 18.04 42.69 -25.81
CA LYS C 390 19.31 42.39 -25.16
C LYS C 390 19.02 41.41 -24.04
N ASP C 391 20.03 41.11 -23.22
CA ASP C 391 19.81 40.18 -22.12
C ASP C 391 19.00 40.84 -21.01
N ILE C 392 18.21 40.02 -20.33
CA ILE C 392 17.44 40.44 -19.16
C ILE C 392 17.90 39.57 -18.00
N PRO C 393 18.20 40.15 -16.84
CA PRO C 393 18.66 39.33 -15.72
C PRO C 393 17.60 38.33 -15.28
N GLY C 394 18.05 37.10 -15.03
CA GLY C 394 17.16 36.04 -14.59
C GLY C 394 15.99 35.77 -15.51
N GLY C 395 16.24 35.69 -16.81
CA GLY C 395 15.18 35.46 -17.77
C GLY C 395 15.56 34.47 -18.85
N CYS C 396 14.54 33.84 -19.40
CA CYS C 396 14.67 32.86 -20.47
C CYS C 396 15.03 33.55 -21.79
N ALA C 397 15.64 32.79 -22.69
CA ALA C 397 16.00 33.34 -23.99
C ALA C 397 15.77 32.28 -25.06
N MET C 398 15.57 32.74 -26.29
CA MET C 398 15.30 31.81 -27.38
C MET C 398 16.29 32.00 -28.51
N PRO C 399 16.57 30.95 -29.26
CA PRO C 399 17.50 31.07 -30.38
C PRO C 399 16.90 30.92 -31.77
N ILE C 400 17.28 31.79 -32.71
CA ILE C 400 16.88 31.66 -34.10
C ILE C 400 18.04 31.01 -34.84
N VAL C 401 17.74 30.04 -35.69
CA VAL C 401 18.79 29.33 -36.41
C VAL C 401 18.45 29.28 -37.88
N ALA C 402 19.48 29.04 -38.69
CA ALA C 402 19.34 28.96 -40.12
C ALA C 402 19.87 27.62 -40.62
N ASN C 403 19.21 27.09 -41.63
CA ASN C 403 19.52 25.80 -42.22
C ASN C 403 19.82 25.99 -43.69
N TRP C 404 20.88 25.35 -44.17
CA TRP C 404 21.21 25.27 -45.57
C TRP C 404 20.88 23.84 -45.98
N ALA C 405 19.71 23.64 -46.56
CA ALA C 405 19.25 22.31 -46.96
C ALA C 405 19.34 21.34 -45.79
N TYR C 406 18.96 21.83 -44.60
CA TYR C 406 18.94 21.03 -43.38
C TYR C 406 20.29 20.36 -43.13
N SER C 407 21.36 21.08 -43.41
CA SER C 407 22.70 20.56 -43.23
C SER C 407 23.60 21.41 -42.35
N LYS C 408 23.33 22.69 -42.18
CA LYS C 408 24.12 23.57 -41.33
C LYS C 408 23.18 24.26 -40.34
N TYR C 409 23.55 24.26 -39.08
CA TYR C 409 22.76 24.87 -38.02
C TYR C 409 23.61 25.94 -37.35
N TYR C 410 23.17 27.19 -37.45
CA TYR C 410 23.88 28.30 -36.83
C TYR C 410 22.89 29.18 -36.09
N THR C 411 23.08 29.33 -34.78
CA THR C 411 22.12 30.05 -33.95
C THR C 411 22.54 31.49 -33.77
N ILE C 412 21.59 32.29 -33.27
CA ILE C 412 21.79 33.71 -33.00
C ILE C 412 21.10 34.05 -31.69
N GLY C 413 21.79 34.76 -30.81
CA GLY C 413 21.18 35.21 -29.57
C GLY C 413 20.01 36.13 -29.86
N SER C 414 18.87 35.70 -29.33
CA SER C 414 17.60 36.34 -29.71
C SER C 414 16.53 36.21 -28.61
N LEU C 415 15.75 37.27 -28.49
CA LEU C 415 14.54 37.36 -27.64
C LEU C 415 14.74 37.03 -26.16
N TYR C 416 15.52 37.84 -25.45
CA TYR C 416 15.51 37.63 -24.04
C TYR C 416 14.14 38.01 -23.51
N VAL C 417 13.53 37.11 -22.77
CA VAL C 417 12.20 37.36 -22.22
C VAL C 417 12.19 36.86 -20.79
N SER C 418 11.58 37.64 -19.92
CA SER C 418 11.38 37.29 -18.53
C SER C 418 9.94 37.63 -18.28
N TRP C 419 9.31 36.98 -17.31
CA TRP C 419 7.91 37.28 -17.19
C TRP C 419 7.43 37.09 -15.78
N SER C 420 6.38 37.82 -15.45
CA SER C 420 5.69 37.59 -14.19
C SER C 420 4.37 36.94 -14.53
N ASP C 421 3.80 36.18 -13.60
CA ASP C 421 2.53 35.58 -13.90
C ASP C 421 1.41 36.50 -13.45
N GLY C 422 0.32 36.48 -14.19
CA GLY C 422 -0.77 37.39 -13.91
C GLY C 422 -1.94 37.14 -14.84
N ASP C 423 -3.04 37.81 -14.51
CA ASP C 423 -4.32 37.63 -15.17
C ASP C 423 -4.69 38.84 -16.00
N GLY C 424 -3.91 39.90 -15.95
CA GLY C 424 -4.24 41.09 -16.70
C GLY C 424 -3.87 40.91 -18.16
N ILE C 425 -2.64 40.57 -18.45
CA ILE C 425 -2.20 40.46 -19.83
C ILE C 425 -2.63 39.12 -20.38
N THR C 426 -3.14 39.11 -21.62
CA THR C 426 -3.52 37.86 -22.25
C THR C 426 -3.35 37.94 -23.76
N GLY C 427 -2.63 36.97 -24.31
CA GLY C 427 -2.42 36.92 -25.74
C GLY C 427 -3.68 36.44 -26.45
N VAL C 428 -4.05 37.14 -27.52
CA VAL C 428 -5.25 36.82 -28.29
C VAL C 428 -4.81 36.49 -29.71
N PRO C 429 -5.26 35.37 -30.29
CA PRO C 429 -4.84 35.04 -31.65
C PRO C 429 -5.38 36.00 -32.70
N GLN C 430 -6.63 36.40 -32.56
CA GLN C 430 -7.26 37.21 -33.61
C GLN C 430 -6.58 38.57 -33.71
N PRO C 431 -6.05 38.93 -34.88
CA PRO C 431 -5.36 40.22 -34.97
C PRO C 431 -6.29 41.40 -34.70
N VAL C 432 -7.49 41.40 -35.26
CA VAL C 432 -8.38 42.54 -35.07
C VAL C 432 -8.73 42.65 -33.59
N GLU C 433 -8.53 43.83 -33.03
CA GLU C 433 -8.95 44.13 -31.66
C GLU C 433 -9.59 45.51 -31.63
N GLY C 434 -10.85 45.61 -31.18
CA GLY C 434 -11.55 46.92 -31.18
C GLY C 434 -12.90 46.89 -30.48
N VAL C 435 -13.75 47.90 -30.72
CA VAL C 435 -15.12 47.96 -30.12
C VAL C 435 -16.05 47.16 -31.02
N SER C 436 -16.17 45.84 -30.77
CA SER C 436 -16.98 44.95 -31.65
C SER C 436 -17.71 43.89 -30.84
N SER C 437 -18.69 43.21 -31.44
CA SER C 437 -19.42 42.11 -30.73
C SER C 437 -19.10 40.75 -31.36
N PHE C 438 -18.50 39.83 -30.59
CA PHE C 438 -18.25 38.45 -31.10
C PHE C 438 -18.27 37.41 -29.97
N MET C 439 -18.93 36.27 -30.18
CA MET C 439 -18.90 35.14 -29.21
C MET C 439 -19.28 33.87 -29.98
N ASN C 440 -18.42 33.39 -30.87
CA ASN C 440 -18.81 32.22 -31.69
C ASN C 440 -19.07 31.04 -30.76
N VAL C 441 -20.13 30.28 -31.01
CA VAL C 441 -20.48 29.15 -30.10
C VAL C 441 -21.22 28.07 -30.88
N THR C 442 -20.50 27.10 -31.45
CA THR C 442 -21.21 26.00 -32.10
C THR C 442 -21.90 25.18 -31.02
N LEU C 443 -23.13 24.76 -31.28
CA LEU C 443 -23.92 24.22 -30.19
C LEU C 443 -23.78 22.71 -30.03
N ASP C 444 -24.18 21.95 -31.04
CA ASP C 444 -24.48 20.54 -30.84
C ASP C 444 -23.54 19.63 -31.61
N LYS C 445 -22.28 20.01 -31.74
CA LYS C 445 -21.28 19.17 -32.36
C LYS C 445 -20.04 19.10 -31.48
N CYS C 446 -19.18 18.13 -31.77
CA CYS C 446 -17.91 18.05 -31.08
C CYS C 446 -17.08 19.27 -31.48
N THR C 447 -16.48 19.92 -30.49
CA THR C 447 -15.71 21.12 -30.80
C THR C 447 -14.60 21.28 -29.78
N LYS C 448 -13.62 22.11 -30.14
CA LYS C 448 -12.72 22.66 -29.16
C LYS C 448 -13.36 23.86 -28.51
N TYR C 449 -12.76 24.33 -27.42
CA TYR C 449 -13.31 25.51 -26.79
C TYR C 449 -12.32 26.12 -25.82
N ASN C 450 -12.47 27.44 -25.67
CA ASN C 450 -11.78 28.23 -24.65
C ASN C 450 -12.82 29.13 -24.02
N ILE C 451 -13.14 28.87 -22.77
CA ILE C 451 -14.13 29.64 -22.03
C ILE C 451 -13.43 30.20 -20.82
N TYR C 452 -13.29 31.52 -20.77
CA TYR C 452 -12.74 32.21 -19.62
C TYR C 452 -11.43 31.54 -19.19
N ASP C 453 -10.55 31.35 -20.17
CA ASP C 453 -9.19 30.88 -19.97
C ASP C 453 -9.11 29.40 -19.61
N VAL C 454 -10.19 28.65 -19.80
CA VAL C 454 -10.19 27.21 -19.58
C VAL C 454 -10.45 26.56 -20.93
N SER C 455 -9.62 25.59 -21.30
CA SER C 455 -9.70 24.98 -22.62
C SER C 455 -10.15 23.54 -22.54
N GLY C 456 -10.63 23.03 -23.67
CA GLY C 456 -11.02 21.63 -23.72
C GLY C 456 -11.79 21.32 -24.99
N VAL C 457 -12.45 20.17 -24.97
CA VAL C 457 -13.16 19.64 -26.14
C VAL C 457 -14.44 18.97 -25.65
N GLY C 458 -15.51 19.11 -26.41
CA GLY C 458 -16.77 18.50 -26.02
C GLY C 458 -17.95 19.04 -26.81
N VAL C 459 -19.15 18.90 -26.23
CA VAL C 459 -20.39 19.38 -26.82
C VAL C 459 -21.20 20.17 -25.80
N ILE C 460 -21.91 21.18 -26.28
CA ILE C 460 -22.59 22.17 -25.43
C ILE C 460 -24.08 21.92 -25.46
N ARG C 461 -24.70 21.89 -24.29
CA ARG C 461 -26.15 21.68 -24.15
C ARG C 461 -26.79 22.86 -23.41
N VAL C 462 -27.89 23.39 -23.97
CA VAL C 462 -28.67 24.39 -23.26
C VAL C 462 -29.41 23.76 -22.09
N SER C 463 -29.47 24.46 -20.96
CA SER C 463 -30.12 24.01 -19.74
C SER C 463 -31.03 25.12 -19.20
N ASN C 464 -31.81 24.79 -18.16
CA ASN C 464 -32.73 25.76 -17.56
C ASN C 464 -32.44 25.80 -16.06
N ASP C 465 -31.51 26.64 -15.64
CA ASP C 465 -31.23 26.71 -14.22
C ASP C 465 -30.79 28.12 -13.87
N THR C 466 -31.44 28.71 -12.88
CA THR C 466 -31.23 30.12 -12.60
C THR C 466 -29.78 30.37 -12.23
N PHE C 467 -29.33 29.80 -11.13
CA PHE C 467 -27.93 29.80 -10.71
C PHE C 467 -27.25 31.13 -11.02
N LEU C 468 -27.75 32.18 -10.38
CA LEU C 468 -27.23 33.52 -10.61
C LEU C 468 -26.13 33.86 -9.63
N ASN C 469 -25.70 32.88 -8.86
CA ASN C 469 -24.66 33.10 -7.86
C ASN C 469 -23.32 33.45 -8.48
N GLY C 470 -22.95 32.78 -9.58
CA GLY C 470 -21.63 33.00 -10.15
C GLY C 470 -21.55 32.86 -11.66
N ILE C 471 -20.35 32.60 -12.18
CA ILE C 471 -20.14 32.57 -13.61
C ILE C 471 -19.55 31.27 -14.13
N THR C 472 -18.97 30.43 -13.28
CA THR C 472 -18.39 29.17 -13.74
C THR C 472 -18.65 28.07 -12.72
N TYR C 473 -18.88 26.87 -13.23
CA TYR C 473 -19.16 25.71 -12.39
C TYR C 473 -18.22 24.58 -12.77
N THR C 474 -17.50 24.06 -11.78
CA THR C 474 -16.51 23.01 -12.00
C THR C 474 -16.81 21.82 -11.10
N SER C 475 -16.50 20.63 -11.61
CA SER C 475 -16.68 19.39 -10.88
C SER C 475 -15.58 19.22 -9.84
N THR C 476 -15.74 18.21 -8.99
CA THR C 476 -14.72 17.92 -7.99
C THR C 476 -13.40 17.56 -8.64
N SER C 477 -13.44 16.91 -9.79
CA SER C 477 -12.21 16.54 -10.48
C SER C 477 -11.44 17.74 -10.99
N GLY C 478 -12.11 18.87 -11.20
CA GLY C 478 -11.48 20.01 -11.82
C GLY C 478 -11.94 20.28 -13.23
N ASN C 479 -12.78 19.43 -13.81
CA ASN C 479 -13.29 19.64 -15.15
C ASN C 479 -14.58 20.44 -15.08
N LEU C 480 -14.66 21.51 -15.86
CA LEU C 480 -15.83 22.37 -15.82
C LEU C 480 -17.04 21.62 -16.32
N LEU C 481 -18.19 21.89 -15.71
CA LEU C 481 -19.44 21.26 -16.11
C LEU C 481 -20.33 22.19 -16.92
N GLY C 482 -20.49 23.44 -16.48
CA GLY C 482 -21.33 24.36 -17.21
C GLY C 482 -20.95 25.80 -16.94
N PHE C 483 -21.39 26.67 -17.85
CA PHE C 483 -21.11 28.09 -17.74
C PHE C 483 -22.35 28.89 -18.08
N LYS C 484 -22.38 30.12 -17.59
CA LYS C 484 -23.49 31.04 -17.83
C LYS C 484 -23.02 32.20 -18.68
N ASP C 485 -23.84 32.57 -19.67
CA ASP C 485 -23.52 33.72 -20.50
C ASP C 485 -23.60 35.01 -19.70
N VAL C 486 -22.68 35.93 -19.98
CA VAL C 486 -22.75 37.23 -19.33
C VAL C 486 -23.94 38.02 -19.85
N THR C 487 -24.34 37.78 -21.09
CA THR C 487 -25.34 38.62 -21.74
C THR C 487 -26.68 38.51 -21.02
N LYS C 488 -27.25 37.31 -20.99
CA LYS C 488 -28.64 37.13 -20.60
C LYS C 488 -28.80 36.36 -19.30
N GLY C 489 -28.20 35.18 -19.18
CA GLY C 489 -28.40 34.38 -18.00
C GLY C 489 -28.56 32.91 -18.27
N THR C 490 -28.73 32.54 -19.54
CA THR C 490 -28.79 31.13 -19.88
C THR C 490 -27.49 30.45 -19.50
N ILE C 491 -27.56 29.16 -19.25
CA ILE C 491 -26.37 28.39 -18.90
C ILE C 491 -26.35 27.12 -19.73
N TYR C 492 -25.14 26.63 -19.98
CA TYR C 492 -24.92 25.49 -20.86
C TYR C 492 -23.97 24.51 -20.20
N SER C 493 -24.29 23.22 -20.32
CA SER C 493 -23.44 22.12 -19.88
C SER C 493 -22.48 21.72 -21.00
N ILE C 494 -21.45 20.96 -20.60
CA ILE C 494 -20.37 20.56 -21.50
C ILE C 494 -20.22 19.04 -21.41
N THR C 495 -20.97 18.33 -22.20
CA THR C 495 -20.86 16.87 -22.18
C THR C 495 -19.64 16.42 -22.97
N PRO C 496 -18.95 15.38 -22.50
CA PRO C 496 -17.79 14.87 -23.25
C PRO C 496 -18.23 14.16 -24.51
N CYS C 497 -17.35 14.18 -25.51
CA CYS C 497 -17.73 13.71 -26.84
C CYS C 497 -17.95 12.20 -26.89
N ASN C 498 -17.05 11.42 -26.29
CA ASN C 498 -17.06 9.97 -26.48
C ASN C 498 -16.98 9.24 -25.14
N PRO C 499 -18.11 9.07 -24.47
CA PRO C 499 -18.11 8.29 -23.24
C PRO C 499 -17.84 6.83 -23.53
N PRO C 500 -17.20 6.11 -22.62
CA PRO C 500 -16.85 4.71 -22.89
C PRO C 500 -18.10 3.85 -23.06
N ASP C 501 -17.99 2.89 -23.98
CA ASP C 501 -19.07 1.95 -24.28
C ASP C 501 -18.66 0.55 -23.88
N GLN C 502 -19.64 -0.26 -23.46
CA GLN C 502 -19.36 -1.59 -22.94
C GLN C 502 -19.80 -2.59 -24.00
N LEU C 503 -18.88 -3.43 -24.46
CA LEU C 503 -19.24 -4.40 -25.48
C LEU C 503 -18.92 -5.81 -25.02
N VAL C 504 -19.50 -6.78 -25.72
CA VAL C 504 -19.44 -8.18 -25.33
C VAL C 504 -18.91 -8.97 -26.51
N VAL C 505 -18.13 -10.02 -26.22
CA VAL C 505 -17.59 -10.88 -27.25
C VAL C 505 -17.80 -12.34 -26.85
N TYR C 506 -18.03 -13.17 -27.85
CA TYR C 506 -18.28 -14.59 -27.65
C TYR C 506 -17.88 -15.39 -28.87
N GLN C 507 -17.13 -16.46 -28.64
CA GLN C 507 -16.59 -17.30 -29.71
C GLN C 507 -15.78 -16.47 -30.70
N GLN C 508 -14.95 -15.60 -30.15
CA GLN C 508 -14.01 -14.79 -30.92
C GLN C 508 -14.72 -13.93 -31.96
N ALA C 509 -15.95 -13.53 -31.66
CA ALA C 509 -16.61 -12.50 -32.43
C ALA C 509 -17.40 -11.62 -31.48
N VAL C 510 -17.59 -10.37 -31.86
CA VAL C 510 -18.33 -9.44 -31.01
C VAL C 510 -19.81 -9.68 -31.21
N VAL C 511 -20.56 -9.60 -30.12
CA VAL C 511 -22.01 -9.73 -30.19
C VAL C 511 -22.61 -8.87 -29.09
N GLY C 512 -23.66 -8.13 -29.41
CA GLY C 512 -24.35 -7.32 -28.44
C GLY C 512 -23.54 -6.14 -27.96
N ALA C 513 -24.20 -5.16 -27.34
CA ALA C 513 -23.45 -4.00 -26.83
C ALA C 513 -24.26 -3.12 -25.89
N MET C 514 -23.69 -2.81 -24.73
CA MET C 514 -24.28 -1.86 -23.78
C MET C 514 -23.81 -0.46 -24.15
N LEU C 515 -24.77 0.43 -24.35
CA LEU C 515 -24.49 1.80 -24.78
C LEU C 515 -25.14 2.83 -23.88
N SER C 516 -25.11 4.09 -24.32
CA SER C 516 -25.73 5.19 -23.64
C SER C 516 -26.73 5.96 -24.50
N GLU C 517 -26.65 5.83 -25.81
CA GLU C 517 -27.47 6.60 -26.73
C GLU C 517 -28.49 5.70 -27.41
N ASN C 518 -29.69 6.22 -27.63
CA ASN C 518 -30.75 5.47 -28.29
C ASN C 518 -30.47 5.52 -29.80
N PHE C 519 -29.43 4.79 -30.19
CA PHE C 519 -29.04 4.75 -31.58
C PHE C 519 -28.27 3.47 -31.84
N THR C 520 -28.30 3.03 -33.11
CA THR C 520 -27.58 1.82 -33.52
C THR C 520 -26.23 2.26 -34.06
N SER C 521 -25.24 2.31 -33.18
CA SER C 521 -23.90 2.73 -33.61
C SER C 521 -23.28 1.72 -34.55
N TYR C 522 -23.36 0.44 -34.22
CA TYR C 522 -22.74 -0.58 -35.02
C TYR C 522 -23.77 -1.15 -35.99
N GLY C 523 -23.42 -2.22 -36.69
CA GLY C 523 -24.38 -2.79 -37.62
C GLY C 523 -25.48 -3.57 -36.98
N PHE C 524 -25.62 -3.48 -35.66
CA PHE C 524 -26.68 -4.18 -34.96
C PHE C 524 -28.03 -3.63 -35.40
N SER C 525 -28.99 -4.53 -35.58
CA SER C 525 -30.31 -4.18 -36.09
C SER C 525 -31.33 -3.81 -35.02
N ASN C 526 -31.00 -3.88 -33.74
CA ASN C 526 -31.99 -3.53 -32.74
C ASN C 526 -31.30 -2.91 -31.53
N VAL C 527 -31.95 -1.89 -30.96
CA VAL C 527 -31.43 -1.24 -29.77
C VAL C 527 -32.48 -1.21 -28.67
N VAL C 528 -32.64 -2.34 -27.99
CA VAL C 528 -33.64 -2.53 -26.96
C VAL C 528 -33.32 -1.65 -25.75
N GLU C 529 -34.20 -0.68 -25.49
CA GLU C 529 -34.09 0.18 -24.32
C GLU C 529 -34.26 -0.68 -23.08
N LEU C 530 -33.42 -0.49 -22.07
CA LEU C 530 -33.54 -1.30 -20.87
C LEU C 530 -33.29 -0.38 -19.68
N PRO C 531 -33.73 -0.76 -18.49
CA PRO C 531 -33.45 0.09 -17.34
C PRO C 531 -31.97 0.30 -17.17
N LYS C 532 -31.62 1.51 -16.76
CA LYS C 532 -30.26 1.94 -16.55
C LYS C 532 -29.35 1.87 -17.78
N PHE C 533 -29.80 1.32 -18.92
CA PHE C 533 -28.93 1.40 -20.09
C PHE C 533 -29.66 0.96 -21.36
N PHE C 534 -29.03 1.22 -22.49
CA PHE C 534 -29.53 0.75 -23.77
C PHE C 534 -28.68 -0.42 -24.24
N TYR C 535 -29.22 -1.19 -25.18
CA TYR C 535 -28.51 -2.39 -25.58
C TYR C 535 -28.81 -2.69 -27.04
N ALA C 536 -27.76 -2.86 -27.81
CA ALA C 536 -27.89 -3.24 -29.20
C ALA C 536 -27.61 -4.73 -29.36
N SER C 537 -28.24 -5.29 -30.39
CA SER C 537 -28.12 -6.70 -30.73
C SER C 537 -28.52 -6.84 -32.19
N ASN C 538 -28.05 -7.92 -32.79
CA ASN C 538 -28.28 -8.16 -34.20
C ASN C 538 -29.14 -9.38 -34.43
N GLY C 539 -29.77 -9.91 -33.38
CA GLY C 539 -30.51 -11.14 -33.48
C GLY C 539 -31.86 -11.01 -32.78
N THR C 540 -32.76 -11.89 -33.18
CA THR C 540 -34.11 -11.89 -32.61
C THR C 540 -34.08 -12.47 -31.20
N TYR C 541 -35.19 -12.32 -30.51
CA TYR C 541 -35.30 -12.79 -29.14
C TYR C 541 -36.10 -14.09 -29.18
N ASN C 542 -35.46 -15.17 -28.75
CA ASN C 542 -36.14 -16.44 -28.66
C ASN C 542 -35.98 -17.08 -27.29
N CYS C 543 -35.12 -16.52 -26.43
CA CYS C 543 -34.96 -16.92 -25.02
C CYS C 543 -34.70 -18.41 -24.83
N THR C 544 -33.91 -19.00 -25.73
CA THR C 544 -33.65 -20.43 -25.61
C THR C 544 -32.84 -20.74 -24.36
N ASP C 545 -31.72 -20.07 -24.17
CA ASP C 545 -30.81 -20.36 -23.06
C ASP C 545 -29.78 -19.25 -22.97
N ALA C 546 -28.93 -19.33 -21.95
CA ALA C 546 -27.87 -18.37 -21.70
C ALA C 546 -26.51 -19.02 -21.83
N VAL C 547 -25.62 -18.40 -22.60
CA VAL C 547 -24.25 -18.89 -22.76
C VAL C 547 -23.27 -18.04 -22.00
N LEU C 548 -23.75 -16.98 -21.35
CA LEU C 548 -22.94 -16.15 -20.47
C LEU C 548 -23.90 -15.57 -19.46
N THR C 549 -23.37 -15.21 -18.29
CA THR C 549 -24.25 -14.71 -17.25
C THR C 549 -23.55 -13.74 -16.32
N TYR C 550 -24.34 -12.78 -15.84
CA TYR C 550 -23.99 -11.85 -14.81
C TYR C 550 -25.18 -11.84 -13.84
N SER C 551 -24.93 -11.33 -12.64
CA SER C 551 -25.92 -11.45 -11.57
C SER C 551 -27.30 -10.99 -12.01
N SER C 552 -27.39 -9.82 -12.63
CA SER C 552 -28.70 -9.34 -13.05
C SER C 552 -29.27 -10.15 -14.21
N PHE C 553 -28.44 -10.50 -15.20
CA PHE C 553 -29.01 -11.10 -16.40
C PHE C 553 -27.96 -11.88 -17.19
N GLY C 554 -28.44 -12.68 -18.14
CA GLY C 554 -27.57 -13.47 -18.97
C GLY C 554 -27.85 -13.21 -20.44
N VAL C 555 -26.91 -13.61 -21.29
CA VAL C 555 -27.08 -13.37 -22.72
C VAL C 555 -27.28 -14.68 -23.45
N CYS C 556 -28.10 -14.62 -24.51
CA CYS C 556 -28.36 -15.74 -25.39
C CYS C 556 -27.21 -15.96 -26.36
N ALA C 557 -27.29 -17.07 -27.09
CA ALA C 557 -26.24 -17.40 -28.05
C ALA C 557 -26.14 -16.35 -29.13
N ASP C 558 -27.27 -15.83 -29.60
CA ASP C 558 -27.29 -14.83 -30.65
C ASP C 558 -27.20 -13.41 -30.11
N GLY C 559 -27.04 -13.24 -28.80
CA GLY C 559 -26.98 -11.92 -28.20
C GLY C 559 -28.27 -11.45 -27.57
N SER C 560 -29.34 -12.23 -27.63
CA SER C 560 -30.57 -11.85 -26.95
C SER C 560 -30.37 -11.87 -25.45
N ILE C 561 -30.93 -10.90 -24.78
CA ILE C 561 -30.76 -10.77 -23.33
C ILE C 561 -31.91 -11.48 -22.62
N ILE C 562 -31.62 -12.02 -21.44
CA ILE C 562 -32.56 -12.84 -20.69
C ILE C 562 -32.40 -12.53 -19.21
N ALA C 563 -33.51 -12.55 -18.49
CA ALA C 563 -33.49 -12.44 -17.03
C ALA C 563 -33.31 -13.82 -16.40
N VAL C 564 -32.40 -13.91 -15.44
CA VAL C 564 -32.05 -15.20 -14.87
C VAL C 564 -33.13 -15.65 -13.89
N GLN C 565 -33.44 -16.93 -13.92
CA GLN C 565 -34.27 -17.57 -12.90
C GLN C 565 -33.35 -18.32 -11.96
N PRO C 566 -33.27 -17.95 -10.69
CA PRO C 566 -32.32 -18.62 -9.78
C PRO C 566 -32.53 -20.13 -9.76
N ARG C 567 -31.56 -20.79 -9.16
CA ARG C 567 -31.43 -22.24 -9.17
C ARG C 567 -32.59 -22.97 -8.51
N ASN C 568 -33.43 -23.64 -9.29
CA ASN C 568 -34.52 -24.43 -8.74
C ASN C 568 -33.96 -25.58 -7.92
N VAL C 569 -34.25 -25.57 -6.62
CA VAL C 569 -33.76 -26.62 -5.73
C VAL C 569 -34.92 -27.02 -4.84
N SER C 570 -34.66 -27.90 -3.87
CA SER C 570 -35.64 -28.20 -2.84
C SER C 570 -34.92 -28.83 -1.66
N TYR C 571 -35.46 -28.61 -0.48
CA TYR C 571 -34.87 -29.14 0.73
C TYR C 571 -35.96 -29.65 1.65
N ASP C 572 -35.53 -30.12 2.82
CA ASP C 572 -36.35 -30.77 3.82
C ASP C 572 -36.25 -30.02 5.14
N SER C 573 -36.96 -30.55 6.14
CA SER C 573 -36.99 -29.93 7.46
C SER C 573 -37.52 -30.95 8.46
N VAL C 574 -37.67 -30.49 9.71
CA VAL C 574 -38.12 -31.37 10.77
C VAL C 574 -39.48 -31.95 10.43
N SER C 575 -39.70 -33.17 10.88
CA SER C 575 -40.91 -33.91 10.59
C SER C 575 -41.70 -33.95 11.89
N ALA C 576 -42.52 -32.93 12.11
CA ALA C 576 -43.28 -32.85 13.34
C ALA C 576 -44.24 -34.02 13.47
N ILE C 577 -44.23 -34.69 14.62
CA ILE C 577 -45.18 -35.76 14.84
C ILE C 577 -46.58 -35.16 14.81
N VAL C 578 -47.44 -35.68 13.94
CA VAL C 578 -48.75 -35.09 13.79
C VAL C 578 -49.84 -36.15 13.66
N THR C 579 -49.47 -37.42 13.76
CA THR C 579 -50.43 -38.51 13.63
C THR C 579 -51.22 -38.37 12.34
N ALA C 580 -50.50 -38.25 11.23
CA ALA C 580 -51.11 -38.11 9.92
C ALA C 580 -50.13 -38.56 8.84
N ASN C 581 -50.58 -38.46 7.59
CA ASN C 581 -49.82 -38.95 6.44
C ASN C 581 -48.50 -38.21 6.28
N LEU C 582 -47.43 -38.95 6.02
CA LEU C 582 -46.13 -38.34 5.78
C LEU C 582 -45.28 -39.28 4.95
N SER C 583 -44.20 -38.74 4.38
CA SER C 583 -43.37 -39.48 3.43
C SER C 583 -41.92 -39.47 3.87
N ILE C 584 -41.27 -40.64 3.78
CA ILE C 584 -39.86 -40.79 4.12
C ILE C 584 -39.06 -41.08 2.85
N PRO C 585 -37.81 -40.65 2.77
CA PRO C 585 -37.01 -40.93 1.57
C PRO C 585 -36.66 -42.40 1.41
N SER C 586 -36.75 -42.88 0.16
CA SER C 586 -36.37 -44.21 -0.25
C SER C 586 -34.93 -44.18 -0.78
N ASN C 587 -34.47 -45.31 -1.29
CA ASN C 587 -33.14 -45.47 -1.87
C ASN C 587 -32.68 -44.26 -2.70
N TRP C 588 -31.44 -43.85 -2.43
CA TRP C 588 -30.76 -42.68 -2.97
C TRP C 588 -29.90 -43.00 -4.18
N THR C 589 -29.23 -41.98 -4.69
CA THR C 589 -28.27 -42.09 -5.76
C THR C 589 -27.02 -41.29 -5.38
N THR C 590 -25.88 -41.72 -5.88
CA THR C 590 -24.62 -41.07 -5.51
C THR C 590 -24.37 -39.82 -6.34
N SER C 591 -23.42 -39.01 -5.86
CA SER C 591 -22.95 -37.83 -6.56
C SER C 591 -21.59 -37.43 -5.99
N VAL C 592 -20.88 -36.59 -6.72
CA VAL C 592 -19.56 -36.12 -6.32
C VAL C 592 -19.51 -34.61 -6.46
N GLN C 593 -19.00 -33.94 -5.44
CA GLN C 593 -18.79 -32.50 -5.43
C GLN C 593 -17.31 -32.21 -5.25
N VAL C 594 -16.81 -31.17 -5.90
CA VAL C 594 -15.40 -30.83 -5.87
C VAL C 594 -15.21 -29.45 -5.27
N GLU C 595 -14.22 -29.32 -4.39
CA GLU C 595 -13.82 -28.05 -3.80
C GLU C 595 -12.32 -27.87 -3.94
N TYR C 596 -11.86 -26.65 -3.75
CA TYR C 596 -10.45 -26.33 -3.81
C TYR C 596 -10.12 -25.33 -2.74
N LEU C 597 -9.00 -25.55 -2.04
CA LEU C 597 -8.56 -24.66 -0.98
C LEU C 597 -7.10 -24.27 -1.17
N GLN C 598 -6.84 -22.97 -1.10
CA GLN C 598 -5.47 -22.47 -1.07
C GLN C 598 -4.79 -22.95 0.20
N ILE C 599 -3.56 -23.43 0.09
CA ILE C 599 -2.89 -23.98 1.27
C ILE C 599 -1.54 -23.34 1.54
N THR C 600 -0.84 -22.89 0.51
CA THR C 600 0.51 -22.38 0.72
C THR C 600 0.82 -21.32 -0.31
N SER C 601 1.86 -20.53 -0.01
CA SER C 601 2.36 -19.51 -0.93
C SER C 601 3.85 -19.70 -1.14
N THR C 602 4.28 -19.64 -2.40
CA THR C 602 5.69 -19.78 -2.74
C THR C 602 6.48 -18.63 -2.13
N PRO C 603 7.34 -18.91 -1.17
CA PRO C 603 8.11 -17.83 -0.53
C PRO C 603 9.14 -17.24 -1.48
N ILE C 604 9.43 -15.96 -1.26
CA ILE C 604 10.41 -15.22 -2.05
C ILE C 604 11.36 -14.51 -1.10
N VAL C 605 12.63 -14.44 -1.47
CA VAL C 605 13.62 -13.76 -0.65
C VAL C 605 14.37 -12.78 -1.54
N VAL C 606 14.87 -11.70 -0.94
CA VAL C 606 15.49 -10.59 -1.65
C VAL C 606 16.77 -10.20 -0.96
N ASP C 607 17.79 -9.87 -1.74
CA ASP C 607 19.05 -9.32 -1.23
C ASP C 607 19.08 -7.81 -1.44
N CYS C 608 18.88 -7.06 -0.35
CA CYS C 608 18.91 -5.61 -0.37
C CYS C 608 20.03 -5.05 -1.22
N SER C 609 21.27 -5.45 -0.90
CA SER C 609 22.41 -4.74 -1.46
C SER C 609 22.60 -5.09 -2.92
N THR C 610 22.32 -6.33 -3.32
CA THR C 610 22.37 -6.63 -4.74
C THR C 610 21.31 -5.83 -5.46
N TYR C 611 20.07 -5.90 -4.96
CA TYR C 611 18.96 -5.31 -5.66
C TYR C 611 19.17 -3.84 -5.96
N VAL C 612 19.67 -3.07 -4.99
CA VAL C 612 19.79 -1.64 -5.20
C VAL C 612 21.17 -1.24 -5.68
N CYS C 613 22.22 -1.77 -5.07
CA CYS C 613 23.57 -1.38 -5.44
C CYS C 613 23.91 -1.83 -6.85
N ASN C 614 23.61 -3.08 -7.19
CA ASN C 614 23.93 -3.65 -8.49
C ASN C 614 25.44 -3.66 -8.72
N GLY C 615 26.20 -3.89 -7.66
CA GLY C 615 27.62 -4.15 -7.80
C GLY C 615 28.55 -2.97 -7.83
N ASN C 616 28.07 -1.75 -7.61
CA ASN C 616 28.96 -0.59 -7.58
C ASN C 616 29.44 -0.37 -6.17
N VAL C 617 30.77 -0.36 -5.99
CA VAL C 617 31.33 -0.27 -4.65
C VAL C 617 30.98 1.06 -4.02
N ARG C 618 31.00 2.13 -4.80
CA ARG C 618 30.67 3.44 -4.25
C ARG C 618 29.21 3.51 -3.86
N CYS C 619 28.33 2.92 -4.67
CA CYS C 619 26.94 2.83 -4.27
C CYS C 619 26.80 2.05 -2.96
N VAL C 620 27.56 0.97 -2.83
CA VAL C 620 27.51 0.19 -1.59
C VAL C 620 27.94 1.03 -0.41
N GLU C 621 28.89 1.93 -0.63
CA GLU C 621 29.39 2.69 0.49
C GLU C 621 28.42 3.80 0.88
N LEU C 622 27.82 4.46 -0.10
CA LEU C 622 26.75 5.40 0.21
C LEU C 622 25.58 4.69 0.89
N LEU C 623 25.32 3.44 0.54
CA LEU C 623 24.25 2.73 1.21
C LEU C 623 24.63 2.37 2.63
N LYS C 624 25.93 2.27 2.89
CA LYS C 624 26.40 1.73 4.17
C LYS C 624 25.83 2.49 5.36
N GLN C 625 25.49 3.76 5.18
CA GLN C 625 24.90 4.54 6.26
C GLN C 625 23.41 4.30 6.41
N TYR C 626 22.78 3.52 5.54
CA TYR C 626 21.36 3.25 5.64
C TYR C 626 21.06 1.84 6.10
N THR C 627 22.05 1.11 6.63
CA THR C 627 21.81 -0.27 7.01
C THR C 627 20.76 -0.36 8.10
N SER C 628 20.61 0.70 8.88
CA SER C 628 19.50 0.79 9.82
C SER C 628 18.16 0.61 9.13
N ALA C 629 18.04 1.09 7.88
CA ALA C 629 16.75 1.02 7.21
C ALA C 629 16.48 -0.36 6.63
N CYS C 630 17.31 -0.79 5.68
CA CYS C 630 16.88 -1.91 4.85
C CYS C 630 17.06 -3.26 5.54
N LYS C 631 17.64 -3.28 6.73
CA LYS C 631 17.74 -4.53 7.46
C LYS C 631 16.36 -5.09 7.77
N THR C 632 15.40 -4.21 8.04
CA THR C 632 14.09 -4.67 8.47
C THR C 632 13.41 -5.47 7.37
N ILE C 633 13.69 -5.12 6.12
CA ILE C 633 13.00 -5.76 5.00
C ILE C 633 13.34 -7.24 4.95
N GLU C 634 14.63 -7.54 4.79
CA GLU C 634 15.02 -8.93 4.69
C GLU C 634 14.80 -9.67 5.98
N ASP C 635 14.88 -8.98 7.12
CA ASP C 635 14.62 -9.67 8.38
C ASP C 635 13.17 -10.13 8.43
N ALA C 636 12.24 -9.28 7.98
CA ALA C 636 10.84 -9.66 8.01
C ALA C 636 10.58 -10.81 7.05
N LEU C 637 11.10 -10.70 5.83
CA LEU C 637 10.81 -11.73 4.84
C LEU C 637 11.36 -13.07 5.29
N ARG C 638 12.56 -13.07 5.87
CA ARG C 638 13.17 -14.34 6.25
C ARG C 638 12.46 -14.95 7.43
N ASN C 639 12.11 -14.14 8.43
CA ASN C 639 11.45 -14.71 9.58
C ASN C 639 10.07 -15.24 9.23
N SER C 640 9.38 -14.57 8.31
CA SER C 640 8.06 -15.03 7.92
C SER C 640 8.17 -16.32 7.14
N ALA C 641 9.17 -16.42 6.27
CA ALA C 641 9.33 -17.63 5.48
C ALA C 641 9.60 -18.82 6.38
N MET C 642 10.56 -18.70 7.29
CA MET C 642 10.86 -19.84 8.14
C MET C 642 9.68 -20.18 9.05
N LEU C 643 8.91 -19.20 9.46
CA LEU C 643 7.75 -19.50 10.30
C LEU C 643 6.72 -20.33 9.54
N GLU C 644 6.32 -19.85 8.36
CA GLU C 644 5.28 -20.57 7.64
C GLU C 644 5.76 -21.95 7.22
N SER C 645 7.04 -22.07 6.86
CA SER C 645 7.53 -23.38 6.49
C SER C 645 7.54 -24.33 7.68
N ALA C 646 7.79 -23.80 8.88
CA ALA C 646 7.70 -24.66 10.04
C ALA C 646 6.28 -25.13 10.26
N ASP C 647 5.30 -24.25 10.05
CA ASP C 647 3.92 -24.64 10.23
C ASP C 647 3.51 -25.73 9.23
N VAL C 648 3.77 -25.50 7.94
CA VAL C 648 3.33 -26.45 6.95
C VAL C 648 4.06 -27.77 7.11
N SER C 649 5.29 -27.74 7.64
CA SER C 649 5.96 -28.99 7.93
C SER C 649 5.43 -29.65 9.18
N GLU C 650 4.84 -28.89 10.09
CA GLU C 650 4.22 -29.49 11.25
C GLU C 650 2.88 -30.13 10.93
N MET C 651 2.27 -29.77 9.82
CA MET C 651 0.93 -30.29 9.58
C MET C 651 0.91 -31.66 8.93
N LEU C 652 2.00 -32.10 8.30
CA LEU C 652 1.99 -33.27 7.42
C LEU C 652 2.42 -34.55 8.16
N THR C 653 1.45 -35.40 8.48
CA THR C 653 1.73 -36.64 9.20
C THR C 653 1.95 -37.79 8.21
N PHE C 654 2.14 -39.01 8.72
CA PHE C 654 2.41 -40.17 7.88
C PHE C 654 2.17 -41.46 8.64
N ASP C 655 1.68 -42.49 7.92
CA ASP C 655 1.48 -43.82 8.48
C ASP C 655 1.99 -44.88 7.51
N LYS C 656 3.08 -45.55 7.87
CA LYS C 656 3.57 -46.63 7.03
C LYS C 656 2.64 -47.84 7.08
N LYS C 657 1.96 -48.04 8.21
CA LYS C 657 1.00 -49.14 8.30
C LYS C 657 -0.07 -49.02 7.22
N ALA C 658 -0.53 -47.81 6.96
CA ALA C 658 -1.64 -47.60 6.06
C ALA C 658 -1.21 -47.27 4.63
N PHE C 659 -0.02 -46.72 4.44
CA PHE C 659 0.42 -46.40 3.10
C PHE C 659 0.43 -47.62 2.21
N THR C 660 0.81 -48.77 2.75
CA THR C 660 0.84 -49.99 1.96
C THR C 660 -0.57 -50.39 1.52
N LEU C 661 -1.58 -50.00 2.27
CA LEU C 661 -2.95 -50.37 1.97
C LEU C 661 -3.50 -49.69 0.72
N ALA C 662 -2.79 -48.71 0.17
CA ALA C 662 -3.28 -47.96 -0.99
C ALA C 662 -3.31 -48.79 -2.27
N ASN C 663 -2.98 -50.07 -2.20
CA ASN C 663 -3.02 -50.94 -3.37
C ASN C 663 -4.45 -51.11 -3.87
N VAL C 664 -4.64 -50.92 -5.17
CA VAL C 664 -5.99 -50.82 -5.70
C VAL C 664 -6.72 -52.13 -5.52
N SER C 665 -5.98 -53.24 -5.40
CA SER C 665 -6.60 -54.54 -5.26
C SER C 665 -7.47 -54.59 -4.01
N SER C 666 -7.20 -53.73 -3.03
CA SER C 666 -7.94 -53.77 -1.79
C SER C 666 -9.34 -53.21 -1.93
N PHE C 667 -9.54 -52.36 -2.93
CA PHE C 667 -10.84 -51.67 -2.98
C PHE C 667 -11.94 -52.59 -3.51
N GLY C 668 -12.13 -52.65 -4.82
CA GLY C 668 -13.26 -53.44 -5.34
C GLY C 668 -13.87 -52.80 -6.55
N ASP C 669 -15.20 -52.82 -6.65
CA ASP C 669 -15.88 -52.31 -7.88
C ASP C 669 -15.62 -50.83 -8.07
N TYR C 670 -15.24 -50.11 -7.02
CA TYR C 670 -15.12 -48.64 -7.13
C TYR C 670 -14.07 -48.21 -8.17
N ASN C 671 -12.95 -48.92 -8.27
CA ASN C 671 -11.98 -48.59 -9.36
C ASN C 671 -11.62 -47.11 -9.30
N LEU C 672 -11.23 -46.63 -8.12
CA LEU C 672 -10.75 -45.23 -8.00
C LEU C 672 -9.32 -45.17 -8.49
N SER C 673 -9.05 -45.70 -9.69
CA SER C 673 -7.66 -45.81 -10.14
C SER C 673 -6.96 -44.47 -10.11
N SER C 674 -7.67 -43.39 -10.45
CA SER C 674 -7.02 -42.10 -10.60
C SER C 674 -6.36 -41.63 -9.31
N VAL C 675 -7.06 -41.79 -8.20
CA VAL C 675 -6.61 -41.21 -6.94
C VAL C 675 -5.36 -41.90 -6.43
N ILE C 676 -5.29 -43.22 -6.57
CA ILE C 676 -4.21 -43.95 -5.88
C ILE C 676 -2.86 -43.50 -6.42
N PRO C 677 -1.84 -43.41 -5.59
CA PRO C 677 -0.53 -42.95 -6.06
C PRO C 677 0.14 -43.99 -6.96
N SER C 678 0.92 -43.49 -7.91
CA SER C 678 1.60 -44.37 -8.84
C SER C 678 2.83 -44.99 -8.21
N LEU C 679 3.16 -46.19 -8.67
CA LEU C 679 4.33 -46.90 -8.18
C LEU C 679 5.60 -46.26 -8.71
N PRO C 680 6.74 -46.48 -8.06
CA PRO C 680 8.00 -45.92 -8.56
C PRO C 680 8.34 -46.46 -9.94
N ARG C 681 8.83 -45.58 -10.81
CA ARG C 681 9.18 -45.97 -12.17
C ARG C 681 10.62 -46.49 -12.19
N SER C 682 10.78 -47.71 -11.66
CA SER C 682 12.08 -48.36 -11.57
C SER C 682 13.11 -47.47 -10.89
N GLY C 683 12.67 -46.78 -9.84
CA GLY C 683 13.54 -45.88 -9.11
C GLY C 683 13.31 -46.02 -7.61
N SER C 684 14.27 -45.54 -6.85
CA SER C 684 14.18 -45.56 -5.39
C SER C 684 13.49 -44.28 -4.92
N ARG C 685 12.22 -44.18 -5.28
CA ARG C 685 11.36 -43.07 -4.90
C ARG C 685 10.18 -43.66 -4.15
N VAL C 686 9.83 -43.06 -3.02
CA VAL C 686 8.80 -43.65 -2.17
C VAL C 686 7.45 -43.67 -2.90
N ALA C 687 7.18 -42.59 -3.62
CA ALA C 687 5.85 -42.51 -4.26
C ALA C 687 5.85 -41.66 -5.53
N GLY C 688 4.77 -41.75 -6.31
CA GLY C 688 4.66 -40.97 -7.55
C GLY C 688 3.31 -40.30 -7.66
N ARG C 689 3.22 -39.20 -8.39
CA ARG C 689 1.97 -38.41 -8.45
C ARG C 689 0.85 -39.24 -9.09
N SER C 690 -0.39 -39.02 -8.65
CA SER C 690 -1.55 -39.76 -9.18
C SER C 690 -2.04 -39.18 -10.51
N ALA C 691 -2.98 -39.83 -11.15
CA ALA C 691 -3.40 -39.39 -12.49
C ALA C 691 -4.00 -37.99 -12.43
N ILE C 692 -4.89 -37.75 -11.49
CA ILE C 692 -5.53 -36.42 -11.54
C ILE C 692 -4.44 -35.39 -11.26
N GLU C 693 -3.26 -35.86 -10.85
CA GLU C 693 -2.27 -34.87 -10.46
C GLU C 693 -1.55 -34.33 -11.68
N ASP C 694 -1.05 -35.22 -12.53
CA ASP C 694 -0.29 -34.75 -13.67
C ASP C 694 -1.21 -34.14 -14.72
N ILE C 695 -2.47 -34.57 -14.76
CA ILE C 695 -3.41 -33.90 -15.65
C ILE C 695 -3.56 -32.45 -15.26
N LEU C 696 -3.67 -32.20 -13.96
CA LEU C 696 -3.81 -30.84 -13.49
C LEU C 696 -2.56 -30.03 -13.77
N PHE C 697 -1.39 -30.63 -13.52
CA PHE C 697 -0.15 -29.91 -13.75
C PHE C 697 0.06 -29.64 -15.24
N SER C 698 -0.23 -30.63 -16.07
CA SER C 698 -0.12 -30.48 -17.52
C SER C 698 -0.97 -29.32 -18.00
N LYS C 699 -2.25 -29.30 -17.62
CA LYS C 699 -3.12 -28.23 -18.06
C LYS C 699 -2.58 -26.88 -17.58
N LEU C 700 -2.05 -26.83 -16.37
CA LEU C 700 -1.45 -25.59 -15.87
C LEU C 700 -0.43 -25.03 -16.86
N ALA C 710 14.70 -21.89 -12.27
CA ALA C 710 15.51 -23.05 -12.71
C ALA C 710 16.77 -23.15 -11.85
N ASP C 711 17.58 -24.19 -12.09
CA ASP C 711 18.84 -24.39 -11.32
C ASP C 711 19.80 -23.23 -11.60
N TYR C 712 20.44 -22.66 -10.57
CA TYR C 712 21.40 -21.56 -10.78
C TYR C 712 22.73 -22.17 -11.23
N LYS C 713 22.85 -23.46 -10.93
CA LYS C 713 23.97 -24.38 -11.21
C LYS C 713 24.34 -24.15 -12.67
N LYS C 714 23.34 -23.84 -13.48
CA LYS C 714 23.52 -23.60 -14.93
C LYS C 714 23.47 -22.10 -15.17
N CYS C 715 23.52 -21.29 -14.12
CA CYS C 715 23.43 -19.85 -14.45
C CYS C 715 24.71 -19.10 -14.14
N THR C 716 25.82 -19.80 -14.10
CA THR C 716 27.10 -19.11 -13.90
C THR C 716 28.05 -19.86 -14.81
N LYS C 717 27.52 -20.97 -15.31
CA LYS C 717 28.26 -21.89 -16.16
C LYS C 717 27.35 -22.19 -17.33
N GLY C 718 27.89 -22.94 -18.30
CA GLY C 718 27.10 -23.36 -19.47
C GLY C 718 27.41 -22.55 -20.70
N LEU C 719 26.71 -22.85 -21.81
CA LEU C 719 26.94 -22.13 -23.09
C LEU C 719 25.62 -21.49 -23.57
N SER C 720 24.51 -21.68 -22.83
CA SER C 720 23.27 -21.08 -23.28
C SER C 720 23.15 -19.64 -22.82
N ILE C 721 22.30 -18.89 -23.53
CA ILE C 721 21.91 -17.56 -23.05
C ILE C 721 20.99 -17.71 -21.85
N ALA C 722 21.11 -16.79 -20.91
CA ALA C 722 20.39 -16.89 -19.65
C ALA C 722 18.88 -16.89 -19.84
N ASP C 723 18.14 -17.64 -19.03
CA ASP C 723 16.66 -17.66 -19.13
C ASP C 723 16.04 -16.52 -18.31
N LEU C 724 14.73 -16.32 -18.42
CA LEU C 724 14.08 -15.20 -17.70
C LEU C 724 14.25 -15.41 -16.20
N ALA C 725 14.01 -16.63 -15.74
CA ALA C 725 14.10 -16.87 -14.28
C ALA C 725 15.55 -16.64 -13.89
N CYS C 726 16.44 -17.09 -14.74
CA CYS C 726 17.87 -16.99 -14.41
C CYS C 726 18.17 -15.51 -14.25
N ALA C 727 17.58 -14.69 -15.08
CA ALA C 727 17.90 -13.26 -15.03
C ALA C 727 17.51 -12.74 -13.66
N GLN C 728 16.38 -13.19 -13.16
CA GLN C 728 15.92 -12.59 -11.89
C GLN C 728 17.01 -12.82 -10.85
N TYR C 729 17.63 -13.98 -10.86
CA TYR C 729 18.63 -14.25 -9.79
C TYR C 729 19.68 -13.18 -9.92
N TYR C 730 20.03 -12.84 -11.14
CA TYR C 730 21.13 -11.87 -11.30
C TYR C 730 20.71 -10.58 -10.62
N ASN C 731 19.48 -10.18 -10.83
CA ASN C 731 19.00 -8.92 -10.23
C ASN C 731 18.96 -9.05 -8.72
N GLY C 732 18.56 -10.20 -8.20
CA GLY C 732 18.61 -10.37 -6.73
C GLY C 732 17.36 -10.99 -6.13
N ILE C 733 16.29 -11.12 -6.89
CA ILE C 733 15.12 -11.84 -6.34
C ILE C 733 15.51 -13.30 -6.33
N MET C 734 14.91 -14.12 -5.47
CA MET C 734 15.33 -15.53 -5.35
C MET C 734 14.14 -16.35 -4.84
N VAL C 735 13.56 -17.21 -5.68
CA VAL C 735 12.33 -17.94 -5.26
C VAL C 735 12.77 -19.23 -4.60
N LEU C 736 12.40 -19.42 -3.34
CA LEU C 736 12.88 -20.59 -2.59
C LEU C 736 12.17 -21.85 -3.09
N PRO C 737 12.74 -23.07 -2.95
CA PRO C 737 12.01 -24.25 -3.37
C PRO C 737 10.73 -24.34 -2.55
N GLY C 738 9.63 -24.77 -3.16
CA GLY C 738 8.32 -24.79 -2.48
C GLY C 738 8.27 -25.73 -1.30
N VAL C 739 7.50 -25.36 -0.28
CA VAL C 739 7.39 -26.20 0.95
C VAL C 739 6.75 -27.55 0.62
N ALA C 740 5.75 -27.58 -0.26
CA ALA C 740 5.04 -28.84 -0.52
C ALA C 740 5.72 -29.67 -1.61
N ASP C 741 6.80 -30.37 -1.28
CA ASP C 741 7.48 -31.25 -2.21
C ASP C 741 6.68 -32.53 -2.45
N ALA C 742 6.91 -33.10 -3.64
CA ALA C 742 6.05 -34.17 -4.11
C ALA C 742 6.20 -35.45 -3.31
N GLU C 743 7.38 -35.72 -2.77
CA GLU C 743 7.59 -37.00 -2.09
C GLU C 743 6.71 -37.12 -0.86
N ARG C 744 6.91 -36.23 0.10
CA ARG C 744 6.13 -36.32 1.31
C ARG C 744 4.70 -35.88 1.07
N MET C 745 4.46 -35.04 0.05
CA MET C 745 3.08 -34.70 -0.28
C MET C 745 2.32 -35.95 -0.70
N ALA C 746 2.92 -36.74 -1.58
CA ALA C 746 2.26 -37.94 -2.08
C ALA C 746 2.15 -38.97 -0.97
N MET C 747 3.14 -39.06 -0.10
CA MET C 747 3.02 -39.99 1.02
C MET C 747 1.85 -39.60 1.90
N TYR C 748 1.70 -38.31 2.18
CA TYR C 748 0.59 -37.85 3.01
C TYR C 748 -0.75 -38.17 2.35
N THR C 749 -0.89 -37.81 1.08
CA THR C 749 -2.15 -38.08 0.40
C THR C 749 -2.45 -39.57 0.34
N GLY C 750 -1.45 -40.38 0.05
CA GLY C 750 -1.68 -41.81 -0.02
C GLY C 750 -2.04 -42.40 1.32
N SER C 751 -1.45 -41.88 2.40
CA SER C 751 -1.77 -42.39 3.71
C SER C 751 -3.20 -42.04 4.08
N LEU C 752 -3.62 -40.83 3.76
CA LEU C 752 -5.00 -40.45 4.01
C LEU C 752 -5.95 -41.33 3.23
N ILE C 753 -5.63 -41.60 1.96
CA ILE C 753 -6.51 -42.44 1.16
C ILE C 753 -6.57 -43.84 1.72
N GLY C 754 -5.44 -44.33 2.21
CA GLY C 754 -5.44 -45.65 2.80
C GLY C 754 -6.05 -45.73 4.17
N GLY C 755 -6.30 -44.59 4.80
CA GLY C 755 -6.98 -44.66 6.07
C GLY C 755 -8.45 -44.97 5.98
N ILE C 756 -8.98 -45.18 4.79
CA ILE C 756 -10.40 -45.44 4.63
C ILE C 756 -10.70 -46.92 4.74
N ALA C 757 -9.83 -47.76 4.19
CA ALA C 757 -10.04 -49.20 4.16
C ALA C 757 -9.48 -49.90 5.39
N LEU C 758 -8.94 -49.16 6.35
CA LEU C 758 -8.35 -49.74 7.54
C LEU C 758 -9.28 -49.54 8.71
N GLY C 759 -9.63 -50.63 9.38
CA GLY C 759 -10.45 -50.57 10.56
C GLY C 759 -9.77 -51.32 11.69
N GLY C 760 -10.21 -51.02 12.91
CA GLY C 760 -9.58 -51.64 14.06
C GLY C 760 -9.73 -53.15 14.08
N LEU C 761 -8.62 -53.85 13.97
CA LEU C 761 -8.61 -55.30 13.93
C LEU C 761 -7.48 -55.80 14.82
N THR C 762 -7.65 -56.99 15.40
CA THR C 762 -6.56 -57.56 16.16
C THR C 762 -5.36 -57.80 15.26
N SER C 763 -5.59 -58.34 14.07
CA SER C 763 -4.55 -58.48 13.08
C SER C 763 -4.41 -57.17 12.31
N ALA C 764 -3.38 -57.10 11.48
CA ALA C 764 -3.15 -55.94 10.64
C ALA C 764 -3.77 -56.05 9.26
N ALA C 765 -4.46 -57.15 8.97
CA ALA C 765 -4.98 -57.35 7.64
C ALA C 765 -6.23 -56.51 7.40
N SER C 766 -6.54 -56.29 6.13
CA SER C 766 -7.69 -55.50 5.73
C SER C 766 -8.95 -56.36 5.70
N ILE C 767 -10.08 -55.67 5.43
CA ILE C 767 -11.40 -56.33 5.31
C ILE C 767 -12.02 -55.82 4.01
N PRO C 768 -13.06 -56.46 3.43
CA PRO C 768 -13.61 -56.02 2.16
C PRO C 768 -14.15 -54.59 2.24
N PHE C 769 -13.93 -53.79 1.20
CA PHE C 769 -14.35 -52.37 1.22
C PHE C 769 -15.86 -52.30 1.38
N SER C 770 -16.57 -53.29 0.88
CA SER C 770 -18.05 -53.22 0.93
C SER C 770 -18.50 -53.11 2.37
N LEU C 771 -17.91 -53.89 3.27
CA LEU C 771 -18.41 -53.87 4.66
C LEU C 771 -18.22 -52.46 5.18
N ALA C 772 -17.12 -51.84 4.80
CA ALA C 772 -16.82 -50.52 5.40
C ALA C 772 -17.93 -49.54 5.09
N ILE C 773 -18.40 -49.52 3.85
CA ILE C 773 -19.39 -48.45 3.57
C ILE C 773 -20.58 -48.71 4.48
N GLN C 774 -20.93 -49.96 4.68
CA GLN C 774 -22.16 -50.22 5.46
C GLN C 774 -21.96 -49.62 6.84
N SER C 775 -20.77 -49.77 7.40
CA SER C 775 -20.59 -49.28 8.79
C SER C 775 -20.79 -47.78 8.81
N ARG C 776 -20.25 -47.09 7.83
CA ARG C 776 -20.35 -45.62 7.83
C ARG C 776 -21.83 -45.25 7.75
N LEU C 777 -22.60 -46.00 6.98
CA LEU C 777 -24.05 -45.73 6.83
C LEU C 777 -24.71 -45.89 8.19
N ASN C 778 -24.24 -46.87 8.96
CA ASN C 778 -24.92 -47.13 10.24
C ASN C 778 -24.89 -45.84 11.02
N TYR C 779 -23.85 -45.04 10.85
CA TYR C 779 -23.74 -43.82 11.68
C TYR C 779 -24.99 -43.00 11.46
N VAL C 780 -25.43 -42.82 10.22
CA VAL C 780 -26.61 -41.95 10.04
C VAL C 780 -27.80 -42.66 10.66
N ALA C 781 -27.89 -43.97 10.46
CA ALA C 781 -28.97 -44.75 11.10
C ALA C 781 -28.68 -46.25 11.03
N LEU C 782 -29.36 -47.03 11.85
CA LEU C 782 -29.07 -48.49 11.94
C LEU C 782 -29.52 -49.22 10.68
N GLN C 783 -28.72 -49.21 9.62
CA GLN C 783 -29.14 -50.01 8.48
C GLN C 783 -29.50 -51.41 8.95
N THR C 784 -30.70 -51.87 8.60
CA THR C 784 -31.27 -53.09 9.17
C THR C 784 -31.52 -54.19 8.15
N ASP C 785 -31.00 -54.07 6.92
CA ASP C 785 -31.28 -55.06 5.89
C ASP C 785 -30.20 -56.13 5.85
N VAL C 786 -30.62 -57.35 5.48
CA VAL C 786 -29.70 -58.47 5.39
C VAL C 786 -29.12 -58.64 3.98
N LEU C 787 -29.85 -58.25 2.95
CA LEU C 787 -29.38 -58.35 1.57
C LEU C 787 -29.21 -56.92 1.07
N GLN C 788 -27.96 -56.49 0.99
CA GLN C 788 -27.63 -55.07 0.96
C GLN C 788 -27.57 -54.61 -0.50
N GLU C 789 -28.70 -54.11 -0.99
CA GLU C 789 -28.77 -53.68 -2.38
C GLU C 789 -28.00 -52.38 -2.61
N ASN C 790 -27.87 -51.55 -1.58
CA ASN C 790 -27.22 -50.26 -1.75
C ASN C 790 -25.76 -50.42 -2.15
N GLN C 791 -25.05 -51.29 -1.43
CA GLN C 791 -23.64 -51.52 -1.71
C GLN C 791 -23.40 -51.81 -3.17
N LYS C 792 -24.31 -52.56 -3.80
CA LYS C 792 -24.12 -53.01 -5.16
C LYS C 792 -24.68 -52.02 -6.17
N ILE C 793 -25.67 -51.22 -5.79
CA ILE C 793 -26.26 -50.31 -6.77
C ILE C 793 -25.45 -49.03 -6.86
N LEU C 794 -25.07 -48.45 -5.72
CA LEU C 794 -24.49 -47.12 -5.76
C LEU C 794 -23.13 -47.09 -6.45
N ALA C 795 -22.42 -48.22 -6.48
CA ALA C 795 -21.08 -48.23 -7.09
C ALA C 795 -21.17 -47.99 -8.59
N ALA C 796 -22.19 -48.54 -9.25
CA ALA C 796 -22.34 -48.33 -10.67
C ALA C 796 -22.57 -46.86 -11.00
N SER C 797 -23.26 -46.14 -10.13
CA SER C 797 -23.39 -44.71 -10.34
C SER C 797 -22.10 -43.99 -9.96
N PHE C 798 -21.38 -44.54 -8.99
CA PHE C 798 -20.21 -43.86 -8.44
C PHE C 798 -19.08 -43.83 -9.47
N ASN C 799 -18.69 -45.00 -9.95
CA ASN C 799 -17.60 -45.05 -10.92
C ASN C 799 -17.95 -44.32 -12.20
N LYS C 800 -19.24 -44.33 -12.57
CA LYS C 800 -19.64 -43.59 -13.75
C LYS C 800 -19.51 -42.10 -13.52
N ALA C 801 -19.92 -41.61 -12.36
CA ALA C 801 -19.75 -40.19 -12.06
C ALA C 801 -18.29 -39.82 -12.06
N MET C 802 -17.44 -40.71 -11.56
CA MET C 802 -16.01 -40.40 -11.52
C MET C 802 -15.44 -40.32 -12.92
N THR C 803 -15.80 -41.25 -13.79
CA THR C 803 -15.31 -41.18 -15.16
C THR C 803 -15.83 -39.92 -15.84
N ASN C 804 -17.06 -39.53 -15.51
CA ASN C 804 -17.62 -38.32 -16.08
C ASN C 804 -16.82 -37.09 -15.64
N ILE C 805 -16.42 -37.06 -14.37
CA ILE C 805 -15.77 -35.85 -13.90
C ILE C 805 -14.31 -35.81 -14.33
N VAL C 806 -13.65 -36.95 -14.43
CA VAL C 806 -12.28 -36.90 -14.95
C VAL C 806 -12.31 -36.52 -16.42
N ASP C 807 -13.37 -36.92 -17.14
CA ASP C 807 -13.53 -36.42 -18.50
C ASP C 807 -13.76 -34.93 -18.51
N ALA C 808 -14.52 -34.43 -17.53
CA ALA C 808 -14.74 -32.99 -17.44
C ALA C 808 -13.42 -32.27 -17.26
N PHE C 809 -12.54 -32.81 -16.43
CA PHE C 809 -11.18 -32.29 -16.35
C PHE C 809 -10.52 -32.30 -17.72
N THR C 810 -10.53 -33.45 -18.38
CA THR C 810 -9.80 -33.58 -19.63
C THR C 810 -10.74 -33.46 -20.82
N SER C 820 -25.75 -30.34 -15.23
CA SER C 820 -25.00 -30.97 -14.16
C SER C 820 -24.13 -29.95 -13.43
N GLN C 821 -24.60 -29.55 -12.25
CA GLN C 821 -23.92 -28.52 -11.47
C GLN C 821 -22.48 -28.90 -11.16
N ALA C 822 -22.23 -30.19 -10.87
CA ALA C 822 -20.87 -30.64 -10.61
C ALA C 822 -19.89 -30.10 -11.64
N LEU C 823 -20.33 -30.05 -12.90
CA LEU C 823 -19.49 -29.53 -13.98
C LEU C 823 -19.12 -28.07 -13.75
N GLN C 824 -20.11 -27.24 -13.41
CA GLN C 824 -19.80 -25.84 -13.13
C GLN C 824 -18.92 -25.71 -11.90
N THR C 825 -19.07 -26.63 -10.94
CA THR C 825 -18.20 -26.61 -9.77
C THR C 825 -16.76 -26.83 -10.19
N VAL C 826 -16.55 -27.81 -11.06
CA VAL C 826 -15.20 -28.09 -11.55
C VAL C 826 -14.66 -26.90 -12.33
N ALA C 827 -15.52 -26.27 -13.13
CA ALA C 827 -15.10 -25.08 -13.84
C ALA C 827 -14.70 -23.97 -12.89
N THR C 828 -15.39 -23.88 -11.75
CA THR C 828 -15.08 -22.83 -10.79
C THR C 828 -13.72 -23.09 -10.16
N ALA C 829 -13.47 -24.34 -9.81
CA ALA C 829 -12.19 -24.68 -9.21
C ALA C 829 -11.05 -24.38 -10.18
N LEU C 830 -11.19 -24.83 -11.43
CA LEU C 830 -10.15 -24.57 -12.42
C LEU C 830 -9.92 -23.08 -12.60
N ASN C 831 -11.00 -22.29 -12.62
CA ASN C 831 -10.85 -20.85 -12.76
C ASN C 831 -10.13 -20.28 -11.56
N LYS C 832 -10.30 -20.91 -10.40
CA LYS C 832 -9.72 -20.35 -9.20
C LYS C 832 -8.22 -20.64 -9.20
N ILE C 833 -7.85 -21.80 -9.75
CA ILE C 833 -6.45 -22.19 -9.77
C ILE C 833 -5.69 -21.28 -10.71
N GLN C 834 -6.22 -21.07 -11.92
CA GLN C 834 -5.53 -20.17 -12.83
C GLN C 834 -5.54 -18.75 -12.30
N ASP C 835 -6.52 -18.41 -11.47
CA ASP C 835 -6.54 -17.10 -10.86
C ASP C 835 -5.36 -16.95 -9.90
N VAL C 836 -5.20 -17.90 -8.99
CA VAL C 836 -4.13 -17.75 -8.02
C VAL C 836 -2.78 -17.76 -8.70
N VAL C 837 -2.63 -18.53 -9.78
CA VAL C 837 -1.32 -18.58 -10.43
C VAL C 837 -0.99 -17.25 -11.11
N ASN C 838 -1.98 -16.64 -11.76
CA ASN C 838 -1.74 -15.32 -12.34
C ASN C 838 -1.46 -14.30 -11.26
N GLN C 839 -2.20 -14.40 -10.15
CA GLN C 839 -2.04 -13.47 -9.04
C GLN C 839 -0.66 -13.58 -8.43
N GLN C 840 -0.07 -14.76 -8.48
CA GLN C 840 1.26 -14.91 -7.94
C GLN C 840 2.31 -14.36 -8.89
N GLY C 841 2.18 -14.66 -10.18
CA GLY C 841 3.22 -14.25 -11.11
C GLY C 841 3.31 -12.74 -11.29
N ASN C 842 2.17 -12.08 -11.47
CA ASN C 842 2.31 -10.68 -11.83
C ASN C 842 2.77 -9.78 -10.70
N SER C 843 2.98 -10.33 -9.50
CA SER C 843 3.54 -9.51 -8.43
C SER C 843 5.00 -9.18 -8.73
N LEU C 844 5.82 -10.20 -8.92
CA LEU C 844 7.20 -9.89 -9.23
C LEU C 844 7.36 -9.45 -10.67
N ASN C 845 6.41 -9.81 -11.55
CA ASN C 845 6.46 -9.21 -12.87
C ASN C 845 6.28 -7.71 -12.81
N HIS C 846 5.54 -7.22 -11.81
CA HIS C 846 5.50 -5.78 -11.60
C HIS C 846 6.73 -5.26 -10.87
N LEU C 847 7.27 -6.06 -9.94
CA LEU C 847 8.42 -5.57 -9.19
C LEU C 847 9.61 -5.32 -10.11
N THR C 848 10.01 -6.35 -10.85
CA THR C 848 11.28 -6.28 -11.55
C THR C 848 11.27 -5.24 -12.66
N SER C 849 10.12 -4.68 -13.00
CA SER C 849 10.05 -3.67 -14.02
C SER C 849 10.39 -2.27 -13.53
N GLN C 850 10.27 -2.01 -12.24
CA GLN C 850 10.37 -0.63 -11.79
C GLN C 850 11.79 -0.09 -11.78
N LEU C 851 12.80 -0.94 -11.74
CA LEU C 851 14.14 -0.40 -11.76
C LEU C 851 14.57 0.04 -13.14
N ARG C 852 13.83 -0.32 -14.18
CA ARG C 852 14.15 0.14 -15.52
C ARG C 852 13.91 1.64 -15.69
N GLN C 853 13.13 2.25 -14.80
CA GLN C 853 12.82 3.67 -14.90
C GLN C 853 13.55 4.42 -13.80
N ASN C 854 14.08 5.58 -14.15
CA ASN C 854 14.83 6.40 -13.22
C ASN C 854 13.94 7.52 -12.73
N PHE C 855 13.79 7.61 -11.40
CA PHE C 855 12.82 8.55 -10.84
C PHE C 855 13.16 9.98 -11.24
N GLN C 856 14.38 10.40 -10.93
CA GLN C 856 14.75 11.76 -11.29
C GLN C 856 16.16 11.85 -11.87
N ALA C 857 16.94 10.79 -11.79
CA ALA C 857 18.34 10.81 -12.21
C ALA C 857 18.44 10.89 -13.73
N ILE C 858 19.62 11.29 -14.19
CA ILE C 858 19.86 11.42 -15.63
C ILE C 858 19.63 10.07 -16.31
N SER C 859 20.15 8.99 -15.74
CA SER C 859 19.93 7.67 -16.31
C SER C 859 19.93 6.62 -15.20
N SER C 860 19.36 5.46 -15.52
CA SER C 860 19.29 4.38 -14.55
C SER C 860 20.67 3.84 -14.21
N SER C 861 21.56 3.72 -15.20
CA SER C 861 22.83 3.04 -15.00
C SER C 861 23.71 3.83 -14.01
N ILE C 862 23.95 3.23 -12.84
CA ILE C 862 24.82 3.87 -11.86
C ILE C 862 26.22 4.01 -12.40
N GLN C 863 26.69 2.97 -13.11
CA GLN C 863 28.02 3.02 -13.67
C GLN C 863 28.14 4.17 -14.66
N ALA C 864 27.12 4.35 -15.50
CA ALA C 864 27.12 5.48 -16.42
C ALA C 864 27.09 6.80 -15.67
N ILE C 865 26.33 6.86 -14.58
CA ILE C 865 26.25 8.09 -13.81
C ILE C 865 27.63 8.46 -13.31
N TYR C 866 28.37 7.48 -12.81
CA TYR C 866 29.72 7.75 -12.36
C TYR C 866 30.61 8.20 -13.51
N ASP C 867 30.42 7.60 -14.69
CA ASP C 867 31.22 8.01 -15.83
C ASP C 867 30.95 9.46 -16.22
N ARG C 868 29.70 9.89 -16.14
CA ARG C 868 29.31 11.21 -16.62
C ARG C 868 29.59 12.34 -15.64
N LEU C 869 30.08 12.06 -14.44
CA LEU C 869 30.20 13.10 -13.43
C LEU C 869 31.42 12.87 -12.54
N ASP C 870 31.86 13.96 -11.90
CA ASP C 870 33.01 13.93 -10.97
C ASP C 870 32.50 13.52 -9.57
N ILE C 871 33.38 13.37 -8.55
CA ILE C 871 32.93 12.91 -7.22
C ILE C 871 31.90 13.81 -6.53
N ILE C 872 32.02 15.15 -6.57
CA ILE C 872 31.07 16.06 -5.91
C ILE C 872 29.60 16.03 -6.37
N GLN C 873 29.34 15.91 -7.68
CA GLN C 873 27.95 15.97 -8.20
C GLN C 873 27.42 14.62 -8.69
N ALA C 874 28.15 13.52 -8.44
CA ALA C 874 27.69 12.22 -8.89
C ALA C 874 26.86 11.53 -7.82
N ASP C 875 27.40 11.46 -6.61
CA ASP C 875 26.64 10.85 -5.53
C ASP C 875 25.37 11.62 -5.24
N GLN C 876 25.39 12.92 -5.48
CA GLN C 876 24.24 13.75 -5.22
C GLN C 876 23.10 13.38 -6.15
N GLN C 877 23.39 13.10 -7.42
CA GLN C 877 22.32 12.62 -8.28
C GLN C 877 22.12 11.12 -8.20
N VAL C 878 23.04 10.40 -7.57
CA VAL C 878 22.87 8.96 -7.38
C VAL C 878 21.78 8.71 -6.35
N ASP C 879 21.94 9.29 -5.16
CA ASP C 879 21.19 8.82 -4.00
C ASP C 879 19.68 8.89 -4.20
N ARG C 880 19.21 9.77 -5.09
CA ARG C 880 17.77 9.85 -5.31
C ARG C 880 17.23 8.65 -6.05
N LEU C 881 18.09 7.86 -6.70
CA LEU C 881 17.66 6.55 -7.16
C LEU C 881 17.29 5.66 -6.00
N ILE C 882 18.23 5.46 -5.08
CA ILE C 882 18.01 4.49 -4.03
C ILE C 882 16.88 4.96 -3.13
N THR C 883 16.72 6.28 -3.02
CA THR C 883 15.63 6.80 -2.20
C THR C 883 14.28 6.36 -2.72
N GLY C 884 14.16 6.11 -4.02
CA GLY C 884 12.92 5.61 -4.57
C GLY C 884 12.84 4.09 -4.53
N ARG C 885 13.97 3.47 -4.82
CA ARG C 885 14.01 2.02 -4.88
C ARG C 885 13.65 1.41 -3.53
N LEU C 886 14.18 1.98 -2.45
CA LEU C 886 13.84 1.48 -1.12
C LEU C 886 12.35 1.57 -0.86
N ALA C 887 11.71 2.65 -1.32
CA ALA C 887 10.28 2.78 -1.12
C ALA C 887 9.53 1.69 -1.85
N ALA C 888 9.89 1.44 -3.10
CA ALA C 888 9.22 0.38 -3.85
C ALA C 888 9.41 -0.96 -3.15
N LEU C 889 10.59 -1.18 -2.60
CA LEU C 889 10.87 -2.44 -1.93
C LEU C 889 10.01 -2.59 -0.68
N ASN C 890 9.87 -1.50 0.07
CA ASN C 890 9.06 -1.54 1.27
C ASN C 890 7.60 -1.78 0.93
N VAL C 891 7.16 -1.29 -0.23
CA VAL C 891 5.80 -1.58 -0.66
C VAL C 891 5.65 -3.08 -0.91
N PHE C 892 6.61 -3.65 -1.62
CA PHE C 892 6.55 -5.07 -1.92
C PHE C 892 6.48 -5.92 -0.67
N VAL C 893 7.33 -5.62 0.31
CA VAL C 893 7.34 -6.44 1.52
C VAL C 893 6.03 -6.27 2.29
N SER C 894 5.53 -5.04 2.34
CA SER C 894 4.30 -4.82 3.08
C SER C 894 3.11 -5.50 2.41
N HIS C 895 3.20 -5.79 1.12
CA HIS C 895 2.13 -6.56 0.52
C HIS C 895 2.34 -8.06 0.61
N THR C 896 3.58 -8.50 0.78
CA THR C 896 3.77 -9.94 0.94
C THR C 896 3.30 -10.36 2.33
N LEU C 897 3.60 -9.57 3.35
CA LEU C 897 3.10 -9.92 4.66
C LEU C 897 1.58 -9.97 4.67
N THR C 898 0.93 -9.11 3.89
CA THR C 898 -0.51 -9.12 3.82
C THR C 898 -1.02 -10.31 3.01
N LYS C 899 -0.16 -10.95 2.22
CA LYS C 899 -0.60 -12.20 1.62
C LYS C 899 -0.51 -13.35 2.62
N TYR C 900 0.58 -13.40 3.39
CA TYR C 900 0.74 -14.50 4.34
C TYR C 900 -0.32 -14.46 5.42
N THR C 901 -0.54 -13.27 6.00
CA THR C 901 -1.43 -13.21 7.15
C THR C 901 -2.86 -13.57 6.77
N GLU C 902 -3.20 -13.45 5.49
CA GLU C 902 -4.54 -13.83 5.08
C GLU C 902 -4.62 -15.28 4.65
N VAL C 903 -3.59 -15.81 3.98
CA VAL C 903 -3.64 -17.22 3.59
C VAL C 903 -3.66 -18.11 4.82
N ARG C 904 -3.11 -17.61 5.94
CA ARG C 904 -3.16 -18.40 7.17
C ARG C 904 -4.57 -18.83 7.55
N ALA C 905 -5.57 -18.00 7.24
CA ALA C 905 -6.94 -18.38 7.54
C ALA C 905 -7.38 -19.57 6.70
N SER C 906 -7.05 -19.54 5.41
CA SER C 906 -7.43 -20.66 4.56
C SER C 906 -6.74 -21.92 5.02
N ARG C 907 -5.50 -21.79 5.50
CA ARG C 907 -4.82 -22.95 6.06
C ARG C 907 -5.59 -23.50 7.26
N GLN C 908 -6.04 -22.61 8.13
CA GLN C 908 -6.81 -23.04 9.29
C GLN C 908 -8.04 -23.81 8.87
N LEU C 909 -8.78 -23.27 7.90
CA LEU C 909 -10.00 -23.93 7.47
C LEU C 909 -9.70 -25.28 6.84
N ALA C 910 -8.66 -25.34 6.01
CA ALA C 910 -8.32 -26.58 5.35
C ALA C 910 -7.97 -27.65 6.36
N GLN C 911 -7.10 -27.34 7.31
CA GLN C 911 -6.78 -28.31 8.33
C GLN C 911 -7.99 -28.64 9.17
N GLN C 912 -8.94 -27.73 9.26
CA GLN C 912 -10.09 -27.98 10.11
C GLN C 912 -11.09 -28.90 9.44
N LYS C 913 -11.11 -28.91 8.12
CA LYS C 913 -12.07 -29.79 7.45
C LYS C 913 -11.46 -31.07 6.93
N VAL C 914 -10.15 -31.11 6.65
CA VAL C 914 -9.57 -32.36 6.18
C VAL C 914 -9.65 -33.41 7.27
N ASN C 915 -9.35 -33.03 8.51
CA ASN C 915 -9.43 -33.96 9.62
C ASN C 915 -10.85 -34.22 10.06
N GLU C 916 -11.80 -33.44 9.59
CA GLU C 916 -13.20 -33.69 9.94
C GLU C 916 -13.85 -34.58 8.89
N CYS C 917 -13.99 -34.07 7.67
CA CYS C 917 -14.63 -34.84 6.60
C CYS C 917 -13.80 -36.06 6.24
N VAL C 918 -12.48 -35.89 6.11
CA VAL C 918 -11.64 -36.98 5.63
C VAL C 918 -11.64 -38.15 6.61
N LYS C 919 -11.70 -37.86 7.91
CA LYS C 919 -11.59 -38.93 8.88
C LYS C 919 -12.92 -39.46 9.36
N SER C 920 -13.81 -38.60 9.86
CA SER C 920 -15.05 -39.06 10.48
C SER C 920 -16.24 -38.27 9.94
N GLN C 921 -17.23 -38.98 9.41
CA GLN C 921 -18.44 -38.36 8.89
C GLN C 921 -18.96 -37.27 9.80
N SER C 922 -19.29 -36.13 9.21
CA SER C 922 -19.87 -35.02 9.95
C SER C 922 -21.38 -35.15 10.05
N LYS C 923 -21.92 -34.68 11.17
CA LYS C 923 -23.35 -34.50 11.31
C LYS C 923 -23.75 -33.06 11.07
N ARG C 924 -22.85 -32.24 10.54
CA ARG C 924 -23.14 -30.84 10.33
C ARG C 924 -23.66 -30.64 8.91
N TYR C 925 -24.79 -29.99 8.79
CA TYR C 925 -25.40 -29.78 7.48
C TYR C 925 -24.60 -28.78 6.67
N GLY C 926 -24.37 -29.11 5.40
CA GLY C 926 -23.75 -28.17 4.51
C GLY C 926 -22.25 -28.01 4.67
N PHE C 927 -21.61 -28.79 5.53
CA PHE C 927 -20.17 -28.68 5.64
C PHE C 927 -19.42 -29.65 4.75
N CYS C 928 -20.03 -30.77 4.39
CA CYS C 928 -19.34 -31.77 3.60
C CYS C 928 -19.96 -32.00 2.23
N GLY C 929 -21.18 -31.53 2.00
CA GLY C 929 -21.82 -31.65 0.70
C GLY C 929 -23.25 -31.18 0.80
N ASN C 930 -23.99 -31.32 -0.30
CA ASN C 930 -25.35 -30.79 -0.28
C ASN C 930 -26.19 -31.55 0.75
N GLY C 931 -26.04 -32.87 0.79
CA GLY C 931 -26.83 -33.71 1.66
C GLY C 931 -26.03 -34.56 2.62
N THR C 932 -26.60 -35.69 3.04
CA THR C 932 -25.89 -36.56 3.95
C THR C 932 -24.58 -37.04 3.33
N HIS C 933 -23.55 -37.10 4.16
CA HIS C 933 -22.18 -37.32 3.74
C HIS C 933 -21.73 -38.72 4.12
N ILE C 934 -21.01 -39.39 3.23
CA ILE C 934 -20.52 -40.74 3.48
C ILE C 934 -19.01 -40.74 3.65
N PHE C 935 -18.28 -40.24 2.67
CA PHE C 935 -16.83 -40.19 2.76
C PHE C 935 -16.30 -39.21 1.73
N SER C 936 -15.03 -38.87 1.88
CA SER C 936 -14.41 -37.86 1.05
C SER C 936 -12.98 -38.24 0.73
N LEU C 937 -12.59 -38.04 -0.52
CA LEU C 937 -11.21 -38.24 -0.95
C LEU C 937 -10.49 -36.90 -1.04
N VAL C 938 -9.17 -36.96 -1.07
CA VAL C 938 -8.34 -35.76 -1.13
C VAL C 938 -7.17 -36.00 -2.08
N ASN C 939 -6.83 -34.99 -2.87
CA ASN C 939 -5.59 -35.00 -3.62
C ASN C 939 -4.94 -33.63 -3.56
N ALA C 940 -3.71 -33.58 -4.03
CA ALA C 940 -2.94 -32.35 -4.04
C ALA C 940 -3.18 -31.57 -5.33
N ALA C 941 -2.66 -30.36 -5.36
CA ALA C 941 -2.86 -29.44 -6.46
C ALA C 941 -1.95 -28.25 -6.23
N PRO C 942 -1.71 -27.40 -7.22
CA PRO C 942 -0.73 -26.32 -7.04
C PRO C 942 -1.08 -25.45 -5.85
N GLU C 943 -0.23 -25.51 -4.83
CA GLU C 943 -0.38 -24.71 -3.62
C GLU C 943 -1.72 -24.96 -2.95
N GLY C 944 -2.27 -26.16 -3.08
CA GLY C 944 -3.59 -26.37 -2.54
C GLY C 944 -4.01 -27.82 -2.63
N LEU C 945 -5.21 -28.07 -2.13
CA LEU C 945 -5.80 -29.40 -2.16
C LEU C 945 -7.07 -29.39 -2.98
N VAL C 946 -7.59 -30.59 -3.22
CA VAL C 946 -8.86 -30.77 -3.89
C VAL C 946 -9.56 -31.94 -3.24
N PHE C 947 -10.86 -31.80 -3.02
CA PHE C 947 -11.64 -32.81 -2.32
C PHE C 947 -12.66 -33.47 -3.23
N LEU C 948 -13.11 -34.64 -2.81
CA LEU C 948 -14.11 -35.42 -3.53
C LEU C 948 -15.12 -35.92 -2.50
N HIS C 949 -16.14 -35.12 -2.26
CA HIS C 949 -17.18 -35.38 -1.26
C HIS C 949 -18.27 -36.26 -1.85
N THR C 950 -18.23 -37.56 -1.58
CA THR C 950 -19.31 -38.42 -2.04
C THR C 950 -20.50 -38.29 -1.08
N VAL C 951 -21.71 -38.14 -1.64
CA VAL C 951 -22.90 -37.80 -0.88
C VAL C 951 -24.06 -38.68 -1.34
N LEU C 952 -25.23 -38.44 -0.78
CA LEU C 952 -26.42 -39.22 -1.09
C LEU C 952 -27.59 -38.30 -1.38
N LEU C 953 -28.37 -38.60 -2.41
CA LEU C 953 -29.47 -37.68 -2.78
C LEU C 953 -30.71 -38.54 -2.99
N PRO C 954 -31.89 -38.16 -2.45
CA PRO C 954 -33.04 -39.05 -2.53
C PRO C 954 -33.67 -39.19 -3.93
N THR C 955 -33.69 -40.41 -4.45
CA THR C 955 -34.31 -40.67 -5.77
C THR C 955 -35.83 -40.53 -5.69
N GLN C 956 -36.44 -41.10 -4.66
CA GLN C 956 -37.92 -41.08 -4.57
C GLN C 956 -38.33 -41.15 -3.10
N TYR C 957 -39.58 -40.80 -2.79
CA TYR C 957 -40.02 -40.76 -1.39
C TYR C 957 -41.15 -41.78 -1.22
N LYS C 958 -41.22 -42.42 -0.07
CA LYS C 958 -42.35 -43.36 0.17
C LYS C 958 -43.28 -42.76 1.23
N ASP C 959 -44.57 -42.68 0.91
CA ASP C 959 -45.56 -42.07 1.85
C ASP C 959 -45.97 -43.10 2.89
N VAL C 960 -46.53 -42.65 4.02
CA VAL C 960 -46.90 -43.56 5.11
C VAL C 960 -47.76 -42.80 6.10
N GLU C 961 -48.59 -43.53 6.84
CA GLU C 961 -49.59 -42.98 7.73
C GLU C 961 -49.23 -43.30 9.18
N ALA C 962 -49.01 -42.26 9.99
CA ALA C 962 -48.39 -42.38 11.29
C ALA C 962 -49.34 -42.07 12.43
N TRP C 963 -48.81 -42.17 13.64
CA TRP C 963 -49.49 -41.87 14.89
C TRP C 963 -48.49 -41.18 15.78
N SER C 964 -48.88 -40.06 16.39
CA SER C 964 -47.94 -39.27 17.19
C SER C 964 -47.65 -39.86 18.55
N GLY C 965 -48.40 -40.87 18.99
CA GLY C 965 -48.09 -41.52 20.24
C GLY C 965 -49.02 -42.68 20.47
N LEU C 966 -49.06 -43.16 21.72
CA LEU C 966 -49.89 -44.30 22.04
C LEU C 966 -50.56 -44.05 23.37
N CYS C 967 -51.78 -44.55 23.51
CA CYS C 967 -52.51 -44.50 24.77
C CYS C 967 -52.97 -45.89 25.12
N VAL C 968 -52.64 -46.36 26.33
CA VAL C 968 -53.08 -47.67 26.77
C VAL C 968 -54.51 -47.52 27.27
N ASP C 969 -55.19 -48.63 27.54
CA ASP C 969 -56.52 -48.55 28.12
C ASP C 969 -56.49 -47.78 29.43
N GLY C 970 -55.43 -47.97 30.20
CA GLY C 970 -55.22 -47.13 31.36
C GLY C 970 -54.81 -45.74 30.95
N ARG C 971 -54.84 -44.85 31.93
CA ARG C 971 -54.54 -43.44 31.68
C ARG C 971 -53.19 -43.28 30.99
N ASN C 972 -52.24 -44.15 31.31
CA ASN C 972 -50.88 -44.01 30.80
C ASN C 972 -50.83 -43.99 29.28
N GLY C 973 -50.11 -43.00 28.76
CA GLY C 973 -49.80 -42.90 27.35
C GLY C 973 -48.31 -43.14 27.17
N TYR C 974 -47.97 -43.87 26.13
CA TYR C 974 -46.58 -44.18 25.82
C TYR C 974 -46.10 -43.35 24.63
N VAL C 975 -44.81 -43.02 24.66
CA VAL C 975 -44.14 -42.31 23.60
C VAL C 975 -42.80 -42.99 23.35
N LEU C 976 -42.03 -42.43 22.43
CA LEU C 976 -40.79 -43.05 21.99
C LEU C 976 -39.61 -42.47 22.75
N ARG C 977 -38.55 -43.26 22.85
CA ARG C 977 -37.43 -42.86 23.70
C ARG C 977 -36.61 -41.75 23.06
N GLN C 978 -36.63 -41.64 21.75
CA GLN C 978 -35.93 -40.57 21.06
C GLN C 978 -36.76 -40.15 19.86
N PRO C 979 -36.57 -38.93 19.39
CA PRO C 979 -37.50 -38.39 18.39
C PRO C 979 -37.36 -39.02 17.03
N ASN C 980 -36.17 -39.49 16.67
CA ASN C 980 -35.86 -39.83 15.29
C ASN C 980 -36.66 -41.01 14.77
N LEU C 981 -37.53 -41.60 15.58
CA LEU C 981 -38.33 -42.73 15.15
C LEU C 981 -39.76 -42.28 14.92
N ALA C 982 -40.54 -43.14 14.27
CA ALA C 982 -41.93 -42.80 14.00
C ALA C 982 -42.71 -44.08 13.73
N LEU C 983 -43.83 -44.23 14.43
CA LEU C 983 -44.71 -45.35 14.19
C LEU C 983 -45.45 -45.15 12.86
N TYR C 984 -46.01 -46.23 12.34
CA TYR C 984 -46.97 -46.16 11.26
C TYR C 984 -47.67 -47.49 11.14
N LYS C 985 -48.86 -47.46 10.55
CA LYS C 985 -49.65 -48.66 10.32
C LYS C 985 -49.31 -49.16 8.92
N GLU C 986 -48.35 -50.06 8.83
CA GLU C 986 -47.98 -50.61 7.53
C GLU C 986 -49.10 -51.48 6.97
N GLY C 987 -49.65 -52.34 7.80
CA GLY C 987 -50.74 -53.21 7.40
C GLY C 987 -51.63 -53.42 8.59
N ASN C 988 -52.03 -54.65 8.82
CA ASN C 988 -52.74 -54.95 10.06
C ASN C 988 -51.84 -54.64 11.25
N TYR C 989 -50.59 -55.07 11.18
CA TYR C 989 -49.61 -54.79 12.23
C TYR C 989 -49.02 -53.40 12.06
N TYR C 990 -48.40 -52.92 13.14
CA TYR C 990 -47.77 -51.61 13.19
C TYR C 990 -46.25 -51.74 13.12
N ARG C 991 -45.63 -50.90 12.32
CA ARG C 991 -44.19 -50.89 12.17
C ARG C 991 -43.65 -49.51 12.49
N ILE C 992 -42.52 -49.44 13.18
CA ILE C 992 -41.88 -48.18 13.54
C ILE C 992 -40.60 -48.05 12.72
N THR C 993 -40.49 -46.98 11.96
CA THR C 993 -39.34 -46.77 11.10
C THR C 993 -38.51 -45.57 11.56
N SER C 994 -37.31 -45.51 11.01
CA SER C 994 -36.47 -44.33 11.15
C SER C 994 -37.08 -43.14 10.43
N ARG C 995 -36.72 -41.95 10.90
CA ARG C 995 -37.20 -40.74 10.25
C ARG C 995 -36.40 -40.38 9.02
N ILE C 996 -35.19 -40.92 8.85
CA ILE C 996 -34.31 -40.52 7.77
C ILE C 996 -34.13 -41.59 6.72
N MET C 997 -34.55 -42.83 6.99
CA MET C 997 -34.46 -43.89 6.02
C MET C 997 -35.70 -44.76 6.17
N PHE C 998 -36.02 -45.50 5.12
CA PHE C 998 -37.22 -46.33 5.16
C PHE C 998 -36.97 -47.69 5.79
N GLU C 999 -35.78 -47.93 6.32
CA GLU C 999 -35.54 -49.21 6.97
C GLU C 999 -36.55 -49.42 8.09
N PRO C 1000 -37.22 -50.55 8.14
CA PRO C 1000 -38.21 -50.78 9.19
C PRO C 1000 -37.66 -51.63 10.33
N ARG C 1001 -38.09 -51.37 11.56
CA ARG C 1001 -37.66 -52.15 12.70
C ARG C 1001 -38.86 -52.71 13.44
N ILE C 1002 -38.68 -53.89 14.02
CA ILE C 1002 -39.73 -54.59 14.75
C ILE C 1002 -40.16 -53.78 15.96
N PRO C 1003 -41.43 -53.81 16.34
CA PRO C 1003 -41.84 -53.21 17.62
C PRO C 1003 -41.45 -54.06 18.81
N THR C 1004 -41.22 -53.38 19.93
CA THR C 1004 -40.90 -54.03 21.19
C THR C 1004 -41.29 -53.10 22.31
N ILE C 1005 -41.35 -53.63 23.53
CA ILE C 1005 -41.78 -52.81 24.64
C ILE C 1005 -40.67 -51.92 25.13
N ALA C 1006 -39.42 -52.32 24.93
CA ALA C 1006 -38.30 -51.55 25.45
C ALA C 1006 -38.16 -50.20 24.77
N ASP C 1007 -38.79 -50.02 23.62
CA ASP C 1007 -38.66 -48.78 22.87
C ASP C 1007 -39.64 -47.71 23.29
N PHE C 1008 -40.43 -47.92 24.34
CA PHE C 1008 -41.43 -46.95 24.75
C PHE C 1008 -41.10 -46.35 26.11
N VAL C 1009 -41.88 -45.34 26.48
CA VAL C 1009 -41.73 -44.66 27.77
C VAL C 1009 -43.10 -44.15 28.19
N GLN C 1010 -43.30 -44.08 29.50
CA GLN C 1010 -44.60 -43.85 30.11
C GLN C 1010 -44.79 -42.40 30.56
N ILE C 1011 -45.99 -41.87 30.33
CA ILE C 1011 -46.42 -40.58 30.82
C ILE C 1011 -47.90 -40.68 31.21
N GLU C 1012 -48.24 -40.23 32.41
CA GLU C 1012 -49.57 -40.49 32.95
C GLU C 1012 -50.66 -39.91 32.05
N ASN C 1013 -50.63 -38.60 31.84
CA ASN C 1013 -51.71 -37.91 31.16
C ASN C 1013 -51.86 -38.40 29.71
N CYS C 1014 -53.03 -38.94 29.39
CA CYS C 1014 -53.30 -39.45 28.05
C CYS C 1014 -53.79 -38.34 27.14
N ASN C 1015 -53.10 -38.10 26.04
CA ASN C 1015 -53.65 -37.29 24.96
C ASN C 1015 -54.48 -38.13 24.01
N VAL C 1016 -55.71 -37.69 23.75
CA VAL C 1016 -56.61 -38.44 22.88
C VAL C 1016 -56.08 -38.52 21.45
N THR C 1017 -55.22 -37.58 21.05
CA THR C 1017 -54.78 -37.47 19.66
C THR C 1017 -53.87 -38.62 19.22
N PHE C 1018 -53.57 -39.60 20.07
CA PHE C 1018 -52.63 -40.65 19.76
C PHE C 1018 -53.37 -41.92 19.36
N VAL C 1019 -52.62 -43.01 19.14
CA VAL C 1019 -53.30 -44.26 18.90
C VAL C 1019 -54.04 -44.62 20.16
N ASN C 1020 -55.23 -45.16 20.03
CA ASN C 1020 -56.03 -45.54 21.17
C ASN C 1020 -56.12 -47.06 21.21
N ILE C 1021 -55.41 -47.68 22.15
CA ILE C 1021 -55.32 -49.13 22.18
C ILE C 1021 -55.37 -49.60 23.63
N SER C 1022 -56.08 -50.70 23.86
CA SER C 1022 -56.27 -51.21 25.20
C SER C 1022 -55.21 -52.25 25.51
N ARG C 1023 -55.31 -52.85 26.70
CA ARG C 1023 -54.32 -53.84 27.07
C ARG C 1023 -54.50 -55.13 26.29
N SER C 1024 -55.72 -55.39 25.80
CA SER C 1024 -55.94 -56.62 25.05
C SER C 1024 -55.17 -56.60 23.75
N GLU C 1025 -55.46 -55.62 22.89
CA GLU C 1025 -54.73 -55.54 21.63
C GLU C 1025 -53.29 -55.10 21.85
N LEU C 1026 -52.97 -54.61 23.05
CA LEU C 1026 -51.57 -54.41 23.40
C LEU C 1026 -50.80 -55.73 23.30
N GLN C 1027 -51.39 -56.81 23.81
CA GLN C 1027 -50.74 -58.11 23.64
C GLN C 1027 -50.61 -58.49 22.18
N THR C 1028 -51.46 -57.96 21.33
CA THR C 1028 -51.36 -58.24 19.90
C THR C 1028 -50.25 -57.45 19.24
N ILE C 1029 -49.86 -56.33 19.82
CA ILE C 1029 -48.77 -55.51 19.29
C ILE C 1029 -47.45 -55.84 19.97
N VAL C 1030 -47.40 -55.75 21.30
CA VAL C 1030 -46.23 -56.11 22.09
C VAL C 1030 -46.62 -57.25 23.02
N PRO C 1031 -45.82 -58.30 23.13
CA PRO C 1031 -46.21 -59.45 23.98
C PRO C 1031 -45.97 -59.16 25.46
N GLU C 1032 -46.84 -58.30 26.01
CA GLU C 1032 -46.71 -57.94 27.42
C GLU C 1032 -46.97 -59.13 28.34
N TYR C 1033 -48.02 -59.89 28.06
CA TYR C 1033 -48.43 -60.95 28.98
C TYR C 1033 -49.25 -62.01 28.26
C1 NAG D . 33.45 14.73 9.87
C2 NAG D . 33.73 13.24 9.71
C3 NAG D . 35.06 13.06 8.99
C4 NAG D . 35.01 13.76 7.64
C5 NAG D . 34.61 15.20 7.84
C6 NAG D . 34.37 15.95 6.53
C7 NAG D . 32.71 11.95 11.46
C8 NAG D . 32.61 10.51 11.07
N2 NAG D . 33.78 12.58 10.99
O3 NAG D . 35.31 11.66 8.83
O4 NAG D . 36.31 13.67 7.04
O5 NAG D . 33.38 15.26 8.55
O6 NAG D . 35.61 16.19 5.87
O7 NAG D . 31.89 12.50 12.15
C1 NAG D . 36.28 12.88 5.83
C2 NAG D . 37.57 13.14 5.07
C3 NAG D . 37.68 12.28 3.82
C4 NAG D . 37.45 10.83 4.20
C5 NAG D . 36.09 10.73 4.88
C6 NAG D . 35.71 9.29 5.23
C7 NAG D . 38.77 15.17 4.45
C8 NAG D . 38.64 16.38 3.57
N2 NAG D . 37.63 14.55 4.72
O3 NAG D . 38.97 12.40 3.22
O4 NAG D . 37.52 10.02 3.02
O5 NAG D . 36.14 11.49 6.09
O6 NAG D . 36.68 8.76 6.14
O7 NAG D . 39.85 14.78 4.86
C1 BMA D . 38.62 9.10 3.15
C2 BMA D . 38.59 8.09 2.03
C3 BMA D . 39.54 6.96 2.42
C4 BMA D . 40.91 7.52 2.78
C5 BMA D . 40.93 8.85 3.51
C6 BMA D . 42.23 9.55 3.12
O2 BMA D . 39.04 8.69 0.81
O3 BMA D . 39.75 6.14 1.28
O4 BMA D . 41.58 6.54 3.58
O5 BMA D . 39.88 9.73 3.11
O6 BMA D . 42.20 9.72 1.70
C1 MAN D . 38.78 5.08 1.23
C2 MAN D . 39.50 3.79 0.86
C3 MAN D . 40.18 4.02 -0.48
C4 MAN D . 39.14 4.38 -1.52
C5 MAN D . 38.36 5.59 -1.04
C6 MAN D . 37.25 5.96 -2.03
O2 MAN D . 38.52 2.75 0.74
O3 MAN D . 40.90 2.84 -0.89
O4 MAN D . 39.78 4.68 -2.77
O5 MAN D . 37.79 5.32 0.23
O6 MAN D . 36.38 4.83 -2.17
C1 MAN D . 38.90 1.58 1.50
C2 MAN D . 38.55 1.72 2.97
C3 MAN D . 38.68 0.37 3.62
C4 MAN D . 40.04 -0.24 3.26
C5 MAN D . 40.88 0.81 2.56
C6 MAN D . 42.29 0.30 2.27
O2 MAN D . 37.22 2.21 3.12
O3 MAN D . 37.64 -0.49 3.13
O4 MAN D . 40.68 -0.70 4.44
O5 MAN D . 40.25 1.16 1.33
O6 MAN D . 43.06 0.24 3.48
C1 MAN D . 43.49 9.45 1.14
C2 MAN D . 43.43 9.65 -0.37
C3 MAN D . 44.77 9.21 -0.95
C4 MAN D . 44.79 7.71 -0.84
C5 MAN D . 43.79 7.27 0.23
C6 MAN D . 44.03 5.81 0.60
O2 MAN D . 43.15 11.01 -0.69
O3 MAN D . 45.84 9.78 -0.20
O4 MAN D . 44.42 7.15 -2.10
O5 MAN D . 43.93 8.10 1.38
O6 MAN D . 42.96 5.35 1.43
C1 MAN D . 42.19 11.12 -1.78
C2 MAN D . 42.41 12.27 -2.75
C3 MAN D . 41.70 11.89 -4.04
C4 MAN D . 41.20 10.45 -3.92
C5 MAN D . 40.22 10.31 -2.75
C6 MAN D . 39.83 8.85 -2.55
O2 MAN D . 43.81 12.41 -2.99
O3 MAN D . 42.61 11.97 -5.14
O4 MAN D . 40.56 10.07 -5.14
O5 MAN D . 40.81 10.82 -1.55
O6 MAN D . 40.97 8.06 -2.20
C1 NAG E . 26.03 -2.81 25.59
C2 NAG E . 26.18 -4.21 26.13
C3 NAG E . 25.28 -4.34 27.33
C4 NAG E . 25.74 -3.35 28.38
C5 NAG E . 25.78 -1.93 27.82
C6 NAG E . 26.48 -0.96 28.72
C7 NAG E . 26.73 -5.71 24.28
C8 NAG E . 26.21 -6.71 23.30
N2 NAG E . 25.83 -5.19 25.12
O3 NAG E . 25.37 -5.66 27.83
O4 NAG E . 24.87 -3.39 29.50
O5 NAG E . 26.50 -1.90 26.56
O6 NAG E . 27.59 -1.57 29.37
O7 NAG E . 27.91 -5.37 24.31
C1 NAG E . 25.44 -3.55 30.75
C2 NAG E . 24.32 -3.24 31.75
C3 NAG E . 24.68 -3.79 33.14
C4 NAG E . 25.19 -5.22 33.08
C5 NAG E . 26.28 -5.34 32.03
C6 NAG E . 26.77 -6.75 31.83
C7 NAG E . 23.34 -1.17 30.89
C8 NAG E . 23.17 0.30 31.11
N2 NAG E . 24.06 -1.82 31.81
O3 NAG E . 23.53 -3.71 33.98
O4 NAG E . 25.71 -5.60 34.35
O5 NAG E . 25.74 -4.92 30.77
O6 NAG E . 27.44 -6.89 30.59
O7 NAG E . 22.87 -1.75 29.92
C1 BMA E . 24.87 -6.51 34.94
C2 BMA E . 25.91 -6.99 35.96
C3 BMA E . 25.21 -7.74 37.09
C4 BMA E . 24.15 -6.85 37.72
C5 BMA E . 23.14 -6.48 36.62
C6 BMA E . 21.99 -5.60 37.10
O2 BMA E . 26.56 -5.89 36.56
O3 BMA E . 26.11 -8.19 38.08
O4 BMA E . 23.47 -7.56 38.75
O5 BMA E . 23.83 -5.78 35.55
O6 BMA E . 22.55 -4.35 37.52
C1 NAG F . 37.59 -26.35 8.00
C2 NAG F . 37.98 -25.99 9.42
C3 NAG F . 39.37 -25.40 9.41
C4 NAG F . 40.34 -26.39 8.78
C5 NAG F . 39.85 -26.80 7.39
C6 NAG F . 40.68 -27.90 6.76
C7 NAG F . 35.83 -25.43 10.46
C8 NAG F . 34.98 -24.34 11.04
N2 NAG F . 37.04 -25.06 10.01
O3 NAG F . 39.77 -25.11 10.73
O4 NAG F . 41.63 -25.80 8.65
O5 NAG F . 38.50 -27.30 7.48
O6 NAG F . 39.85 -28.92 6.25
O7 NAG F . 35.44 -26.59 10.37
C1 NAG F . 42.72 -25.67 9.47
C2 NAG F . 43.86 -25.50 8.49
C3 NAG F . 45.10 -25.10 9.25
C4 NAG F . 44.84 -23.80 10.00
C5 NAG F . 43.61 -23.95 10.91
C6 NAG F . 43.19 -22.64 11.53
C7 NAG F . 44.02 -26.77 6.40
C8 NAG F . 44.29 -28.11 5.78
N2 NAG F . 44.09 -26.72 7.73
O3 NAG F . 46.18 -24.91 8.34
O4 NAG F . 45.97 -23.46 10.79
O5 NAG F . 42.49 -24.43 10.14
O6 NAG F . 43.14 -21.59 10.57
O7 NAG F . 43.77 -25.79 5.73
C1 NAG G . -0.99 -37.32 19.09
C2 NAG G . -0.93 -38.76 18.69
C3 NAG G . -0.01 -39.48 19.62
C4 NAG G . 1.37 -38.87 19.47
C5 NAG G . 1.33 -37.36 19.70
C6 NAG G . 2.62 -36.67 19.32
C7 NAG G . -2.91 -39.72 17.61
C8 NAG G . -4.27 -40.31 17.81
N2 NAG G . -2.26 -39.36 18.72
O3 NAG G . 0.00 -40.86 19.28
O4 NAG G . 2.28 -39.48 20.39
O5 NAG G . 0.29 -36.74 18.91
O6 NAG G . 2.75 -36.56 17.91
O7 NAG G . -2.44 -39.55 16.50
C1 NAG G . 2.97 -40.60 19.99
C2 NAG G . 4.06 -41.14 20.93
C3 NAG G . 4.92 -42.19 20.22
C4 NAG G . 4.07 -43.22 19.48
C5 NAG G . 3.05 -42.50 18.60
C6 NAG G . 2.10 -43.45 17.91
C7 NAG G . 4.55 -39.33 22.50
C8 NAG G . 5.51 -38.25 22.89
N2 NAG G . 4.89 -40.06 21.44
O3 NAG G . 5.74 -42.85 21.18
O4 NAG G . 4.89 -44.03 18.65
O5 NAG G . 2.24 -41.67 19.45
O6 NAG G . 1.57 -42.88 16.72
O7 NAG G . 3.51 -39.52 23.13
C1 BMA G . 5.53 -45.20 18.96
C2 BMA G . 6.39 -45.74 17.80
C3 BMA G . 6.87 -47.15 18.13
C4 BMA G . 7.65 -47.13 19.44
C5 BMA G . 6.70 -46.62 20.54
C6 BMA G . 7.33 -46.56 21.92
O2 BMA G . 7.55 -44.95 17.62
O3 BMA G . 7.67 -47.69 17.09
O4 BMA G . 8.07 -48.44 19.76
O5 BMA G . 6.23 -45.30 20.20
O6 BMA G . 8.39 -45.60 21.89
C1 NAG H . -9.09 36.44 -4.14
C2 NAG H . -9.31 36.17 -2.66
C3 NAG H . -8.78 37.35 -1.86
C4 NAG H . -7.31 37.56 -2.14
C5 NAG H . -7.12 37.71 -3.65
C6 NAG H . -5.65 37.75 -4.05
C7 NAG H . -11.22 34.76 -2.30
C8 NAG H . -11.18 34.13 -0.94
N2 NAG H . -10.71 35.98 -2.39
O3 NAG H . -8.99 37.08 -0.47
O4 NAG H . -6.88 38.75 -1.46
O5 NAG H . -7.68 36.57 -4.30
O6 NAG H . -5.08 39.01 -3.67
O7 NAG H . -11.67 34.17 -3.27
C1 NAG H . -5.90 38.45 -0.44
C2 NAG H . -5.23 39.75 -0.04
C3 NAG H . -4.25 39.53 1.11
C4 NAG H . -4.94 38.81 2.23
C5 NAG H . -5.50 37.50 1.67
C6 NAG H . -6.13 36.63 2.76
C7 NAG H . -4.25 41.59 -1.29
C8 NAG H . -3.10 41.91 -2.19
N2 NAG H . -4.56 40.30 -1.19
O3 NAG H . -3.77 40.78 1.60
O4 NAG H . -4.00 38.57 3.29
O5 NAG H . -6.47 37.81 0.69
O6 NAG H . -7.24 37.33 3.33
O7 NAG H . -4.86 42.45 -0.68
C1 BMA H . -4.46 39.27 4.47
C2 BMA H . -3.63 38.88 5.67
C3 BMA H . -4.36 39.37 6.91
C4 BMA H . -4.71 40.84 6.78
C5 BMA H . -5.10 41.34 5.39
C6 BMA H . -4.68 42.80 5.32
O2 BMA H . -2.35 39.53 5.59
O3 BMA H . -3.48 39.28 8.02
O4 BMA H . -5.79 41.12 7.69
O5 BMA H . -4.40 40.68 4.34
O6 BMA H . -3.25 42.84 5.52
C1 MAN H . -3.60 37.99 8.65
C2 MAN H . -3.62 38.20 10.16
C3 MAN H . -2.34 38.93 10.55
C4 MAN H . -1.15 38.08 10.12
C5 MAN H . -1.24 37.79 8.63
C6 MAN H . -0.09 36.89 8.19
O2 MAN H . -3.66 36.92 10.79
O3 MAN H . -2.31 39.18 11.95
O4 MAN H . 0.07 38.79 10.41
O5 MAN H . -2.49 37.15 8.35
O6 MAN H . -0.14 35.68 8.93
C1 MAN H . -4.71 36.84 11.78
C2 MAN H . -6.06 36.56 11.14
C3 MAN H . -7.04 36.20 12.24
C4 MAN H . -6.97 37.24 13.34
C5 MAN H . -6.12 38.42 12.88
C6 MAN H . -6.10 39.55 13.90
O2 MAN H . -5.97 35.50 10.20
O3 MAN H . -6.67 34.92 12.78
O4 MAN H . -8.29 37.68 13.68
O5 MAN H . -4.78 37.96 12.66
O6 MAN H . -7.35 40.24 13.90
C1 MAN H . -2.92 43.96 6.36
C2 MAN H . -1.40 43.98 6.55
C3 MAN H . -1.07 45.07 7.56
C4 MAN H . -1.55 44.56 8.90
C5 MAN H . -2.58 43.46 8.67
C6 MAN H . -3.33 43.15 9.97
O2 MAN H . -0.74 44.21 5.31
O3 MAN H . -1.77 46.28 7.22
O4 MAN H . -0.42 44.01 9.60
O5 MAN H . -3.52 43.87 7.66
O6 MAN H . -4.13 41.99 9.81
C1 MAN H . 0.44 43.36 5.17
C2 MAN H . 1.64 43.98 4.46
C3 MAN H . 2.85 43.17 4.90
C4 MAN H . 2.43 42.20 5.99
C5 MAN H . 1.38 41.23 5.47
C6 MAN H . 0.86 40.34 6.60
O2 MAN H . 1.76 45.33 4.89
O3 MAN H . 3.85 44.06 5.42
O4 MAN H . 3.58 41.46 6.44
O5 MAN H . 0.29 41.96 4.91
O6 MAN H . 0.22 41.12 7.62
C1 NAG I . -27.78 23.16 5.00
C2 NAG I . -28.65 22.80 6.17
C3 NAG I . -29.75 21.90 5.67
C4 NAG I . -30.59 22.69 4.66
C5 NAG I . -29.69 23.23 3.53
C6 NAG I . -30.40 24.23 2.66
C7 NAG I . -27.28 22.78 8.19
C8 NAG I . -26.53 21.94 9.18
N2 NAG I . -27.88 22.12 7.19
O3 NAG I . -30.58 21.52 6.76
O4 NAG I . -31.59 21.85 4.10
O5 NAG I . -28.54 23.92 4.07
O6 NAG I . -31.28 25.04 3.43
O7 NAG I . -27.34 24.01 8.29
C1 NAG I . -32.88 22.32 4.11
C2 NAG I . -33.67 21.39 3.19
C3 NAG I . -35.18 21.53 3.44
C4 NAG I . -35.51 21.48 4.91
C5 NAG I . -34.63 22.46 5.68
C6 NAG I . -34.84 22.41 7.18
C7 NAG I . -32.23 21.22 1.21
C8 NAG I . -32.07 21.58 -0.24
N2 NAG I . -33.36 21.65 1.80
O3 NAG I . -35.85 20.47 2.75
O4 NAG I . -36.88 21.83 5.11
O5 NAG I . -33.26 22.11 5.44
O6 NAG I . -33.73 22.99 7.87
O7 NAG I . -31.39 20.57 1.82
C1 BMA I . -37.59 20.71 5.50
C2 BMA I . -38.80 21.50 6.01
C3 BMA I . -39.99 20.57 6.15
C4 BMA I . -40.29 19.89 4.82
C5 BMA I . -39.04 19.10 4.42
C6 BMA I . -39.17 18.35 3.11
O2 BMA I . -39.18 22.50 5.08
O3 BMA I . -41.14 21.26 6.61
O4 BMA I . -41.38 19.01 4.96
O5 BMA I . -37.90 19.99 4.31
O6 BMA I . -39.34 19.30 2.07
C1 NAG J . -17.63 25.57 34.79
C2 NAG J . -18.95 26.06 34.25
C3 NAG J . -18.93 27.58 34.19
C4 NAG J . -18.66 28.13 35.58
C5 NAG J . -17.37 27.52 36.14
C6 NAG J . -17.12 27.90 37.58
C7 NAG J . -19.61 24.25 32.72
C8 NAG J . -19.82 23.85 31.30
N2 NAG J . -19.20 25.51 32.93
O3 NAG J . -20.19 28.05 33.72
O4 NAG J . -18.52 29.54 35.54
O5 NAG J . -17.44 26.09 36.11
O6 NAG J . -16.79 26.76 38.36
O7 NAG J . -19.77 23.47 33.66
C1 NAG J . -19.38 30.60 35.58
C2 NAG J . -18.51 31.73 36.07
C3 NAG J . -19.26 33.03 35.94
C4 NAG J . -19.65 33.24 34.48
C5 NAG J . -20.43 32.05 33.96
C6 NAG J . -20.68 32.11 32.47
C7 NAG J . -16.82 31.43 37.83
C8 NAG J . -16.59 31.21 39.28
N2 NAG J . -18.10 31.50 37.45
O3 NAG J . -18.45 34.10 36.39
O4 NAG J . -20.44 34.42 34.36
O5 NAG J . -19.72 30.82 34.21
O6 NAG J . -19.50 32.44 31.76
O7 NAG J . -15.90 31.55 37.02
C1 NAG K . -27.25 -14.41 28.47
C2 NAG K . -27.20 -14.88 29.89
C3 NAG K . -28.37 -14.28 30.61
C4 NAG K . -28.21 -12.77 30.59
C5 NAG K . -28.05 -12.27 29.14
C6 NAG K . -27.65 -10.82 29.07
C7 NAG K . -26.20 -17.07 30.34
C8 NAG K . -26.41 -18.54 30.37
N2 NAG K . -27.25 -16.33 29.96
O3 NAG K . -28.38 -14.76 31.94
O4 NAG K . -29.33 -12.14 31.20
O5 NAG K . -27.05 -13.02 28.44
O6 NAG K . -26.27 -10.66 29.38
O7 NAG K . -25.14 -16.56 30.65
C1 NAG K . -29.30 -11.90 32.55
C2 NAG K . -30.43 -11.09 33.17
C3 NAG K . -30.09 -10.66 34.60
C4 NAG K . -29.53 -11.82 35.42
C5 NAG K . -28.42 -12.52 34.66
C6 NAG K . -27.88 -13.74 35.37
C7 NAG K . -31.55 -9.99 31.30
C8 NAG K . -31.76 -8.70 30.56
N2 NAG K . -30.74 -9.92 32.35
O3 NAG K . -31.25 -10.14 35.23
O4 NAG K . -29.01 -11.33 36.66
O5 NAG K . -28.94 -12.96 33.40
O6 NAG K . -26.54 -14.02 34.99
O7 NAG K . -32.09 -11.03 30.96
C1 BMA K . -29.65 -11.16 37.86
C2 BMA K . -28.75 -10.56 38.95
C3 BMA K . -29.46 -10.61 40.28
C4 BMA K . -30.80 -9.88 40.20
C5 BMA K . -31.64 -10.58 39.13
C6 BMA K . -33.02 -9.98 38.93
O2 BMA K . -28.50 -9.18 38.67
O3 BMA K . -28.67 -10.05 41.32
O4 BMA K . -31.46 -9.95 41.44
O5 BMA K . -30.94 -10.54 37.86
O6 BMA K . -32.85 -8.65 38.44
C1 NAG L . 13.79 4.60 -35.01
C2 NAG L . 12.32 4.28 -35.23
C3 NAG L . 11.77 5.18 -36.32
C4 NAG L . 11.95 6.65 -35.93
C5 NAG L . 13.43 6.89 -35.61
C6 NAG L . 13.69 8.27 -35.04
C7 NAG L . 11.82 2.00 -34.70
C8 NAG L . 10.34 1.80 -34.48
N2 NAG L . 12.15 2.90 -35.61
O3 NAG L . 10.40 4.89 -36.52
O4 NAG L . 11.55 7.47 -37.03
O5 NAG L . 13.84 5.96 -34.60
O6 NAG L . 13.56 9.25 -36.08
O7 NAG L . 12.66 1.37 -34.08
C1 NAG L . 10.40 8.26 -36.69
C2 NAG L . 10.25 9.36 -37.74
C3 NAG L . 9.00 10.19 -37.52
C4 NAG L . 7.80 9.27 -37.39
C5 NAG L . 8.07 8.30 -36.25
C6 NAG L . 6.89 7.38 -35.96
C7 NAG L . 11.81 10.93 -38.75
C8 NAG L . 12.64 12.13 -38.40
N2 NAG L . 11.44 10.18 -37.72
O3 NAG L . 8.78 11.08 -38.60
O4 NAG L . 6.63 10.05 -37.14
O5 NAG L . 9.20 7.50 -36.61
O6 NAG L . 6.62 6.60 -37.13
O7 NAG L . 11.49 10.67 -39.89
C1 BMA L . 5.71 9.88 -38.23
C2 BMA L . 4.38 10.51 -37.91
C3 BMA L . 3.37 9.99 -38.93
C4 BMA L . 3.88 10.19 -40.34
C5 BMA L . 5.38 10.01 -40.57
C6 BMA L . 5.77 10.94 -41.72
O2 BMA L . 4.48 11.94 -38.03
O3 BMA L . 2.18 10.77 -38.84
O4 BMA L . 3.19 9.27 -41.19
O5 BMA L . 6.16 10.44 -39.45
O6 BMA L . 5.44 12.27 -41.32
C1 MAN L . 1.29 10.20 -37.88
C2 MAN L . -0.12 10.24 -38.47
C3 MAN L . -0.45 11.70 -38.79
C4 MAN L . -0.36 12.51 -37.51
C5 MAN L . 1.02 12.33 -36.89
C6 MAN L . 1.11 13.08 -35.57
O2 MAN L . -1.04 9.74 -37.49
O3 MAN L . -1.75 11.81 -39.36
O4 MAN L . -0.58 13.89 -37.80
O5 MAN L . 1.26 10.94 -36.67
O6 MAN L . 0.10 12.61 -34.67
C1 MAN L . -1.91 8.73 -38.05
C2 MAN L . -1.23 7.37 -38.09
C3 MAN L . -2.28 6.32 -38.38
C4 MAN L . -3.10 6.75 -39.59
C5 MAN L . -2.45 7.97 -40.24
C6 MAN L . -3.16 8.38 -41.52
O2 MAN L . -0.59 7.09 -36.84
O3 MAN L . -3.14 6.21 -37.25
O4 MAN L . -3.19 5.67 -40.52
O5 MAN L . -2.48 9.05 -39.31
O6 MAN L . -2.87 7.46 -42.56
C1 MAN L . 4.86 12.98 -42.42
C2 MAN L . 4.54 14.40 -41.98
C3 MAN L . 3.80 15.09 -43.11
C4 MAN L . 2.43 14.45 -43.17
C5 MAN L . 2.49 13.10 -42.47
C6 MAN L . 1.23 12.29 -42.79
O2 MAN L . 5.73 15.11 -41.63
O3 MAN L . 4.48 14.88 -44.35
O4 MAN L . 1.51 15.31 -42.47
O5 MAN L . 3.65 12.38 -42.90
O6 MAN L . 1.19 11.12 -41.97
C1 MAN L . 5.53 15.90 -40.42
C2 MAN L . 6.24 17.25 -40.38
C3 MAN L . 5.52 18.09 -39.37
C4 MAN L . 4.27 17.35 -38.91
C5 MAN L . 4.65 16.02 -38.26
C6 MAN L . 3.39 15.22 -37.93
O2 MAN L . 6.17 17.85 -41.68
O3 MAN L . 5.13 19.34 -39.96
O4 MAN L . 3.55 18.16 -37.97
O5 MAN L . 5.47 15.27 -39.15
O6 MAN L . 2.66 14.90 -39.12
C1 NAG M . 3.59 -17.67 -31.83
C2 NAG M . 2.47 -18.61 -32.11
C3 NAG M . 2.85 -19.96 -31.55
C4 NAG M . 4.09 -20.44 -32.28
C5 NAG M . 5.22 -19.41 -32.17
C6 NAG M . 6.38 -19.71 -33.09
C7 NAG M . 0.38 -17.35 -32.16
C8 NAG M . -0.85 -16.95 -31.40
N2 NAG M . 1.24 -18.13 -31.51
O3 NAG M . 1.77 -20.87 -31.77
O4 NAG M . 4.53 -21.68 -31.73
O5 NAG M . 4.74 -18.10 -32.53
O6 NAG M . 5.91 -20.24 -34.33
O7 NAG M . 0.58 -16.97 -33.31
C1 NAG M . 4.76 -22.72 -32.59
C2 NAG M . 5.50 -23.78 -31.78
C3 NAG M . 5.44 -25.14 -32.48
C4 NAG M . 4.03 -25.48 -32.95
C5 NAG M . 3.45 -24.32 -33.73
C6 NAG M . 2.01 -24.53 -34.15
C7 NAG M . 7.23 -22.49 -30.62
C8 NAG M . 8.70 -22.21 -30.50
N2 NAG M . 6.88 -23.39 -31.54
O3 NAG M . 5.92 -26.15 -31.59
O4 NAG M . 4.06 -26.64 -33.78
O5 NAG M . 3.46 -23.16 -32.88
O6 NAG M . 1.38 -23.30 -34.48
O7 NAG M . 6.40 -21.94 -29.91
C1 BMA M . 3.49 -27.70 -33.12
C2 BMA M . 3.31 -28.55 -34.39
C3 BMA M . 3.07 -30.00 -33.99
C4 BMA M . 4.22 -30.50 -33.13
C5 BMA M . 4.29 -29.62 -31.88
C6 BMA M . 5.38 -30.01 -30.91
O2 BMA M . 4.48 -28.53 -35.17
O3 BMA M . 2.90 -30.83 -35.12
O4 BMA M . 3.98 -31.84 -32.75
O5 BMA M . 4.50 -28.24 -32.27
O6 BMA M . 6.63 -29.81 -31.55
C1 NAG N . -25.58 -7.50 -38.33
C2 NAG N . -24.80 -8.56 -39.09
C3 NAG N . -24.38 -8.00 -40.43
C4 NAG N . -25.62 -7.56 -41.20
C5 NAG N . -26.43 -6.57 -40.36
C6 NAG N . -27.75 -6.21 -40.99
C7 NAG N . -23.71 -9.81 -37.28
C8 NAG N . -22.40 -10.14 -36.62
N2 NAG N . -23.63 -8.99 -38.33
O3 NAG N . -23.68 -9.00 -41.17
O4 NAG N . -25.24 -6.92 -42.41
O5 NAG N . -26.74 -7.15 -39.08
O6 NAG N . -28.81 -6.31 -40.06
O7 NAG N . -24.78 -10.25 -36.88
C1 NAG N . -24.93 -7.35 -43.69
C2 NAG N . -25.22 -6.13 -44.52
C3 NAG N . -24.71 -6.37 -45.93
C4 NAG N . -23.21 -6.64 -45.87
C5 NAG N . -22.92 -7.81 -44.92
C6 NAG N . -21.43 -8.00 -44.67
C7 NAG N . -27.16 -4.67 -44.14
C8 NAG N . -28.64 -4.53 -44.24
N2 NAG N . -26.65 -5.84 -44.55
O3 NAG N . -24.97 -5.23 -46.73
O4 NAG N . -22.73 -6.97 -47.17
O5 NAG N . -23.52 -7.57 -43.63
O6 NAG N . -20.79 -6.77 -44.39
O7 NAG N . -26.45 -3.77 -43.72
C1 NAG O . -28.22 -30.70 -3.91
C2 NAG O . -29.71 -30.85 -3.84
C3 NAG O . -30.15 -31.73 -4.98
C4 NAG O . -29.77 -31.04 -6.27
C5 NAG O . -28.27 -30.70 -6.30
C6 NAG O . -27.89 -29.81 -7.45
C7 NAG O . -30.78 -30.70 -1.65
C8 NAG O . -31.14 -31.42 -0.39
N2 NAG O . -30.13 -31.41 -2.57
O3 NAG O . -31.56 -31.92 -4.89
O4 NAG O . -30.11 -31.87 -7.39
O5 NAG O . -27.87 -30.03 -5.09
O6 NAG O . -28.29 -28.47 -7.20
O7 NAG O . -31.06 -29.51 -1.82
C1 NAG O . -31.36 -31.75 -7.95
C2 NAG O . -31.64 -32.52 -9.24
C3 NAG O . -32.95 -32.06 -9.88
C4 NAG O . -34.08 -31.95 -8.85
C5 NAG O . -33.62 -31.16 -7.64
C6 NAG O . -34.66 -31.10 -6.54
C7 NAG O . -29.46 -33.17 -10.11
C8 NAG O . -28.41 -32.91 -11.16
N2 NAG O . -30.53 -32.40 -10.17
O3 NAG O . -33.32 -32.97 -10.91
O4 NAG O . -35.20 -31.32 -9.44
O5 NAG O . -32.47 -31.82 -7.09
O6 NAG O . -34.48 -29.95 -5.74
O7 NAG O . -29.33 -34.05 -9.28
C1 BMA O . -36.26 -31.86 -10.13
C2 BMA O . -37.24 -30.81 -10.65
C3 BMA O . -38.49 -31.49 -11.20
C4 BMA O . -38.09 -32.48 -12.29
C5 BMA O . -37.15 -33.51 -11.66
C6 BMA O . -36.67 -34.59 -12.63
O2 BMA O . -36.68 -30.07 -11.72
O3 BMA O . -39.43 -30.56 -11.70
O4 BMA O . -39.25 -33.14 -12.78
O5 BMA O . -35.98 -32.84 -11.13
O6 BMA O . -35.90 -33.96 -13.64
C1 NAG P . 58.95 10.25 7.52
C2 NAG P . 59.79 11.49 7.36
C3 NAG P . 59.82 11.87 5.88
C4 NAG P . 60.26 10.68 5.02
C5 NAG P . 59.50 9.41 5.38
C6 NAG P . 60.10 8.17 4.75
C7 NAG P . 59.86 13.78 8.26
C8 NAG P . 59.15 14.81 9.07
N2 NAG P . 59.25 12.59 8.14
O3 NAG P . 60.71 12.96 5.66
O4 NAG P . 60.04 10.98 3.65
O5 NAG P . 59.53 9.19 6.80
O6 NAG P . 61.46 8.01 5.14
O7 NAG P . 60.96 14.00 7.74
C1 NAG Q . 46.83 6.83 35.00
C2 NAG Q . 47.64 5.57 34.65
C3 NAG Q . 48.29 4.94 35.89
C4 NAG Q . 48.97 5.99 36.75
C5 NAG Q . 48.02 7.14 37.02
C6 NAG Q . 48.66 8.27 37.80
C7 NAG Q . 46.88 4.36 32.64
C8 NAG Q . 47.87 5.19 31.87
N2 NAG Q . 46.82 4.59 33.96
O3 NAG Q . 49.23 3.96 35.48
O4 NAG Q . 49.40 5.41 37.98
O5 NAG Q . 47.62 7.70 35.78
O6 NAG Q . 49.48 7.78 38.85
O7 NAG Q . 46.17 3.52 32.09
C1 NAG R . 50.78 36.21 19.41
C2 NAG R . 51.87 35.52 20.23
C3 NAG R . 52.93 36.54 20.62
C4 NAG R . 53.43 37.31 19.40
C5 NAG R . 52.26 37.91 18.63
C6 NAG R . 52.67 38.58 17.35
C7 NAG R . 51.64 33.67 21.83
C8 NAG R . 52.66 32.95 21.00
N2 NAG R . 51.30 34.89 21.42
O3 NAG R . 54.02 35.87 21.25
O4 NAG R . 54.25 38.39 19.83
O5 NAG R . 51.36 36.85 18.27
O6 NAG R . 53.24 37.66 16.44
O7 NAG R . 51.14 33.17 22.83
C1 NAG S . 57.36 25.01 25.36
C2 NAG S . 58.80 25.13 24.87
C3 NAG S . 59.68 25.67 26.00
C4 NAG S . 59.11 26.96 26.56
C5 NAG S . 57.64 26.76 26.94
C6 NAG S . 56.97 28.05 27.38
C7 NAG S . 60.06 23.72 23.31
C8 NAG S . 60.48 22.32 22.97
N2 NAG S . 59.29 23.85 24.40
O3 NAG S . 60.99 25.90 25.49
O4 NAG S . 59.84 27.35 27.71
O5 NAG S . 56.91 26.27 25.82
O6 NAG S . 55.57 27.86 27.55
O7 NAG S . 60.39 24.69 22.64
C1 NAG T . 48.12 32.78 -25.08
C2 NAG T . 48.83 33.09 -26.39
C3 NAG T . 50.26 32.60 -26.31
C4 NAG T . 50.96 33.24 -25.13
C5 NAG T . 50.15 33.11 -23.82
C6 NAG T . 50.66 33.98 -22.71
C7 NAG T . 47.98 31.19 -27.73
C8 NAG T . 47.25 30.81 -28.98
N2 NAG T . 48.14 32.50 -27.52
O3 NAG T . 50.94 32.93 -27.52
O4 NAG T . 52.25 32.65 -24.94
O5 NAG T . 48.76 33.45 -24.02
O6 NAG T . 49.86 35.14 -22.56
O7 NAG T . 48.42 30.34 -26.95
C1 NAG U . 32.74 -31.12 -9.65
C2 NAG U . 32.94 -31.73 -11.03
C3 NAG U . 33.43 -33.17 -10.91
C4 NAG U . 34.67 -33.23 -10.02
C5 NAG U . 34.38 -32.56 -8.69
C6 NAG U . 35.60 -32.49 -7.79
C7 NAG U . 31.45 -30.65 -12.64
C8 NAG U . 30.15 -30.73 -13.38
N2 NAG U . 31.72 -31.66 -11.82
O3 NAG U . 33.73 -33.68 -12.19
O4 NAG U . 35.03 -34.59 -9.80
O5 NAG U . 33.95 -31.20 -8.91
O6 NAG U . 36.46 -33.60 -8.03
O7 NAG U . 32.22 -29.71 -12.79
C1 NAG V . 44.42 -3.63 -26.13
C2 NAG V . 45.22 -3.17 -24.92
C3 NAG V . 46.59 -2.70 -25.37
C4 NAG V . 47.31 -3.84 -26.07
C5 NAG V . 46.48 -4.40 -27.22
C6 NAG V . 47.05 -5.66 -27.81
C7 NAG V . 44.16 -2.19 -22.95
C8 NAG V . 43.44 -0.99 -22.38
N2 NAG V . 44.52 -2.10 -24.23
O3 NAG V . 47.33 -2.27 -24.23
O4 NAG V . 48.56 -3.39 -26.57
O5 NAG V . 45.13 -4.68 -26.81
O6 NAG V . 47.39 -6.58 -26.78
O7 NAG V . 44.39 -3.18 -22.27
C1 NAG W . 24.69 -25.72 -28.68
C2 NAG W . 25.41 -26.63 -27.69
C3 NAG W . 24.43 -27.66 -27.13
C4 NAG W . 23.25 -26.94 -26.50
C5 NAG W . 22.60 -26.00 -27.50
C6 NAG W . 21.52 -25.14 -26.89
C7 NAG W . 26.48 -28.10 -29.36
C8 NAG W . 27.79 -28.66 -29.84
N2 NAG W . 26.56 -27.29 -28.30
O3 NAG W . 25.10 -28.46 -26.15
O4 NAG W . 22.28 -27.90 -26.07
O5 NAG W . 23.58 -25.08 -28.03
O6 NAG W . 21.93 -23.79 -26.79
O7 NAG W . 25.41 -28.37 -29.91
C1 NAG X . -8.75 -20.93 50.91
C2 NAG X . -8.53 -19.52 51.40
C3 NAG X . -7.98 -19.56 52.81
C4 NAG X . -8.88 -20.40 53.70
C5 NAG X . -9.22 -21.75 53.06
C6 NAG X . -10.31 -22.50 53.79
C7 NAG X . -7.83 -17.56 50.11
C8 NAG X . -6.80 -16.97 49.20
N2 NAG X . -7.62 -18.81 50.51
O3 NAG X . -7.88 -18.24 53.32
O4 NAG X . -8.25 -20.63 54.96
O5 NAG X . -9.70 -21.54 51.72
O6 NAG X . -11.24 -23.06 52.88
O7 NAG X . -8.82 -16.92 50.46
C1 NAG Y . 29.17 -41.99 13.55
C2 NAG Y . 28.11 -43.08 13.76
C3 NAG Y . 28.74 -44.39 14.23
C4 NAG Y . 29.90 -44.80 13.33
C5 NAG Y . 30.88 -43.65 13.19
C6 NAG Y . 32.00 -43.95 12.22
C7 NAG Y . 26.11 -41.81 14.41
C8 NAG Y . 25.18 -41.45 15.53
N2 NAG Y . 27.11 -42.63 14.72
O3 NAG Y . 27.76 -45.41 14.25
O4 NAG Y . 30.58 -45.92 13.88
O5 NAG Y . 30.20 -42.50 12.68
O6 NAG Y . 31.57 -43.81 10.88
O7 NAG Y . 25.96 -41.36 13.28
C1 NAG Z . 10.24 -42.83 11.58
C2 NAG Z . 10.80 -44.13 12.28
C3 NAG Z . 11.57 -45.14 11.39
C4 NAG Z . 11.20 -45.13 9.91
C5 NAG Z . 10.92 -43.76 9.38
C6 NAG Z . 10.38 -43.78 7.96
C7 NAG Z . 11.09 -43.46 14.62
C8 NAG Z . 12.06 -43.13 15.71
N2 NAG Z . 11.62 -43.77 13.44
O3 NAG Z . 11.36 -46.45 11.91
O4 NAG Z . 12.26 -45.71 9.16
O5 NAG Z . 9.97 -43.06 10.17
O6 NAG Z . 10.79 -44.96 7.28
O7 NAG Z . 9.87 -43.45 14.81
C1 NAG AA . -8.92 -64.95 15.91
C2 NAG AA . -8.51 -65.50 17.28
C3 NAG AA . -8.33 -67.00 17.20
C4 NAG AA . -9.58 -67.66 16.62
C5 NAG AA . -9.93 -67.01 15.28
C6 NAG AA . -11.21 -67.54 14.69
C7 NAG AA . -7.11 -64.54 19.04
C8 NAG AA . -5.80 -63.88 19.37
N2 NAG AA . -7.30 -64.85 17.75
O3 NAG AA . -8.08 -67.51 18.51
O4 NAG AA . -9.34 -69.05 16.42
O5 NAG AA . -10.11 -65.60 15.47
O6 NAG AA . -11.03 -67.92 13.34
O7 NAG AA . -7.94 -64.77 19.90
C1 NAG BA . -2.84 -50.03 32.75
C2 NAG BA . -1.60 -49.43 33.39
C3 NAG BA . -0.59 -50.53 33.70
C4 NAG BA . -1.24 -51.56 34.61
C5 NAG BA . -2.48 -52.13 33.94
C6 NAG BA . -3.26 -53.06 34.83
C7 NAG BA . -1.14 -47.12 32.72
C8 NAG BA . -0.45 -46.24 31.72
N2 NAG BA . -0.99 -48.43 32.52
O3 NAG BA . 0.54 -49.96 34.35
O4 NAG BA . -0.32 -52.62 34.86
O5 NAG BA . -3.38 -51.06 33.60
O6 NAG BA . -4.03 -52.34 35.77
O7 NAG BA . -1.78 -46.67 33.66
C1 NAG CA . 2.53 -28.02 45.17
C2 NAG CA . 3.64 -27.63 44.19
C3 NAG CA . 4.77 -26.92 44.93
C4 NAG CA . 4.23 -25.72 45.66
C5 NAG CA . 3.12 -26.15 46.61
C6 NAG CA . 2.45 -24.98 47.31
C7 NAG CA . 3.84 -28.98 42.17
C8 NAG CA . 4.42 -30.23 41.57
N2 NAG CA . 4.13 -28.78 43.46
O3 NAG CA . 5.76 -26.51 43.99
O4 NAG CA . 5.27 -25.09 46.40
O5 NAG CA . 2.09 -26.85 45.90
O6 NAG CA . 3.17 -23.78 47.07
O7 NAG CA . 3.15 -28.20 41.53
C1 NAG DA . -24.31 -61.60 6.20
C2 NAG DA . -23.20 -60.54 6.20
C3 NAG DA . -22.25 -60.72 5.00
C4 NAG DA . -21.82 -62.17 4.85
C5 NAG DA . -23.03 -63.09 4.87
C6 NAG DA . -22.67 -64.56 4.79
C7 NAG DA . -23.84 -58.44 7.30
C8 NAG DA . -23.27 -59.04 8.54
N2 NAG DA . -23.77 -59.20 6.19
O3 NAG DA . -21.12 -59.88 5.15
O4 NAG DA . -21.12 -62.36 3.62
O5 NAG DA . -23.73 -62.91 6.10
O6 NAG DA . -22.06 -64.85 3.54
O7 NAG DA . -24.32 -57.32 7.27
C1 NAG EA . -25.18 -71.17 12.60
C2 NAG EA . -26.56 -71.76 12.33
C3 NAG EA . -26.46 -73.13 11.64
C4 NAG EA . -25.48 -73.09 10.48
C5 NAG EA . -24.16 -72.49 10.93
C6 NAG EA . -23.17 -72.35 9.80
C7 NAG EA . -28.38 -71.08 13.84
C8 NAG EA . -28.72 -70.06 12.81
N2 NAG EA . -27.33 -71.87 13.56
O3 NAG EA . -27.74 -73.52 11.18
O4 NAG EA . -25.27 -74.40 9.98
O5 NAG EA . -24.41 -71.18 11.42
O6 NAG EA . -23.81 -72.01 8.59
O7 NAG EA . -29.00 -71.19 14.89
C1 NAG FA . -10.38 58.65 9.32
C2 NAG FA . -10.00 59.88 8.53
C3 NAG FA . -8.49 60.05 8.59
C4 NAG FA . -8.00 60.04 10.03
C5 NAG FA . -8.59 58.87 10.83
C6 NAG FA . -8.32 58.99 12.31
C7 NAG FA . -10.33 60.76 6.27
C8 NAG FA . -10.80 60.46 4.87
N2 NAG FA . -10.44 59.77 7.15
O3 NAG FA . -8.10 61.27 7.97
O4 NAG FA . -6.58 59.94 10.05
O5 NAG FA . -10.00 58.82 10.66
O6 NAG FA . -8.87 60.20 12.83
O7 NAG FA . -9.88 61.87 6.57
C1 NAG GA . -36.56 46.00 1.04
C2 NAG GA . -36.60 46.30 2.54
C3 NAG GA . -38.02 46.67 3.01
C4 NAG GA . -38.66 47.70 2.07
C5 NAG GA . -38.56 47.21 0.63
C6 NAG GA . -39.09 48.20 -0.36
C7 NAG GA . -34.89 45.16 3.89
C8 NAG GA . -34.04 46.40 3.69
N2 NAG GA . -36.09 45.19 3.32
O3 NAG GA . -37.95 47.20 4.32
O4 NAG GA . -40.03 47.88 2.41
O5 NAG GA . -37.17 47.03 0.31
O6 NAG GA . -40.30 48.79 0.08
O7 NAG GA . -34.49 44.21 4.54
C1 NAG HA . -14.77 60.29 -20.02
C2 NAG HA . -15.84 61.05 -19.23
C3 NAG HA . -16.07 62.41 -19.88
C4 NAG HA . -14.76 63.15 -20.09
C5 NAG HA . -13.76 62.28 -20.82
C6 NAG HA . -12.40 62.91 -20.96
C7 NAG HA . -17.82 60.17 -18.05
C8 NAG HA . -17.29 60.87 -16.83
N2 NAG HA . -17.07 60.29 -19.16
O3 NAG HA . -16.95 63.19 -19.07
O4 NAG HA . -15.00 64.31 -20.88
O5 NAG HA . -13.57 61.06 -20.08
O6 NAG HA . -11.80 63.12 -19.69
O7 NAG HA . -18.85 59.53 -18.03
C1 NAG IA . -23.87 62.39 -9.20
C2 NAG IA . -23.51 63.77 -8.68
C3 NAG IA . -24.55 64.80 -9.15
C4 NAG IA . -24.73 64.71 -10.66
C5 NAG IA . -25.00 63.27 -11.09
C6 NAG IA . -25.05 63.11 -12.60
C7 NAG IA . -22.47 64.45 -6.56
C8 NAG IA . -22.52 64.34 -5.07
N2 NAG IA . -23.42 63.78 -7.23
O3 NAG IA . -24.14 66.11 -8.78
O4 NAG IA . -25.82 65.53 -11.07
O5 NAG IA . -23.96 62.42 -10.61
O6 NAG IA . -25.12 61.74 -12.95
O7 NAG IA . -21.62 65.11 -7.14
C1 NAG JA . 27.60 56.76 -6.22
C2 NAG JA . 28.86 57.54 -5.91
C3 NAG JA . 28.54 58.69 -4.99
C4 NAG JA . 27.48 59.58 -5.64
C5 NAG JA . 26.27 58.77 -6.14
C6 NAG JA . 25.36 59.56 -7.04
C7 NAG JA . 29.78 56.07 -4.14
C8 NAG JA . 30.97 55.26 -3.72
N2 NAG JA . 29.89 56.68 -5.33
O3 NAG JA . 29.72 59.45 -4.74
O4 NAG JA . 27.03 60.56 -4.71
O5 NAG JA . 26.68 57.61 -6.89
O6 NAG JA . 25.57 59.21 -8.41
O7 NAG JA . 28.78 56.18 -3.44
C1 NAG KA . -1.28 19.40 42.04
C2 NAG KA . -0.11 19.38 43.02
C3 NAG KA . -0.63 19.32 44.45
C4 NAG KA . -1.61 20.45 44.70
C5 NAG KA . -2.72 20.42 43.64
C6 NAG KA . -3.69 21.57 43.77
C7 NAG KA . 1.85 18.38 41.95
C8 NAG KA . 2.66 17.14 41.77
N2 NAG KA . 0.77 18.27 42.74
O3 NAG KA . 0.47 19.42 45.34
O4 NAG KA . -2.20 20.30 45.98
O5 NAG KA . -2.14 20.51 42.33
O6 NAG KA . -3.81 21.98 45.13
O7 NAG KA . 2.14 19.44 41.40
C1 NAG LA . 20.16 40.25 25.59
C2 NAG LA . 19.02 41.15 25.13
C3 NAG LA . 19.43 42.59 25.31
C4 NAG LA . 19.75 42.86 26.76
C5 NAG LA . 20.82 41.90 27.28
C6 NAG LA . 21.02 41.97 28.77
C7 NAG LA . 17.45 40.50 23.37
C8 NAG LA . 17.26 40.26 21.90
N2 NAG LA . 18.67 40.88 23.75
O3 NAG LA . 18.37 43.45 24.88
O4 NAG LA . 20.23 44.20 26.91
O5 NAG LA . 20.48 40.53 26.97
O6 NAG LA . 19.78 41.96 29.45
O7 NAG LA . 16.54 40.36 24.18
C1 NAG MA . 19.18 13.90 39.36
C2 NAG MA . 17.94 14.25 40.17
C3 NAG MA . 17.24 12.97 40.61
C4 NAG MA . 16.91 12.11 39.39
C5 NAG MA . 18.18 11.86 38.57
C6 NAG MA . 17.91 11.15 37.28
C7 NAG MA . 19.09 14.73 42.30
C8 NAG MA . 19.29 15.75 43.38
N2 NAG MA . 18.26 15.09 41.32
O3 NAG MA . 16.04 13.29 41.30
O4 NAG MA . 16.37 10.86 39.81
O5 NAG MA . 18.81 13.11 38.23
O6 NAG MA . 18.10 12.02 36.17
O7 NAG MA . 19.66 13.64 42.32
C1 NAG NA . -53.23 -15.91 2.70
C2 NAG NA . -53.37 -15.19 1.38
C3 NAG NA . -54.80 -14.70 1.23
C4 NAG NA . -55.78 -15.85 1.45
C5 NAG NA . -55.44 -16.66 2.71
C6 NAG NA . -56.23 -17.94 2.82
C7 NAG NA . -51.72 -13.84 0.18
C8 NAG NA . -50.80 -12.66 0.25
N2 NAG NA . -52.43 -14.09 1.28
O3 NAG NA . -54.97 -14.14 -0.05
O4 NAG NA . -57.11 -15.36 1.54
O5 NAG NA . -54.06 -17.02 2.71
O6 NAG NA . -55.40 -19.01 3.25
O7 NAG NA . -51.81 -14.54 -0.82
C1 NAG OA . -25.96 12.08 44.55
C2 NAG OA . -26.33 10.69 45.10
C3 NAG OA . -27.16 10.81 46.38
C4 NAG OA . -26.50 11.75 47.39
C5 NAG OA . -26.18 13.09 46.72
C6 NAG OA . -25.42 14.02 47.63
C7 NAG OA . -26.45 9.28 43.09
C8 NAG OA . -27.35 8.54 42.16
N2 NAG OA . -27.04 9.92 44.11
O3 NAG OA . -27.32 9.52 46.96
O4 NAG OA . -27.38 11.98 48.48
O5 NAG OA . -25.35 12.86 45.58
O6 NAG OA . -24.06 13.68 47.70
O7 NAG OA . -25.23 9.31 42.94
C1 NAG PA . -22.41 -5.88 39.27
C2 NAG PA . -23.46 -5.82 40.46
C3 NAG PA . -22.92 -5.48 41.86
C4 NAG PA . -21.46 -5.80 42.12
C5 NAG PA . -20.57 -5.57 40.91
C6 NAG PA . -19.17 -6.09 41.13
C7 NAG PA . -25.59 -5.34 39.34
C8 NAG PA . -26.65 -4.31 39.09
N2 NAG PA . -24.57 -4.94 40.11
O3 NAG PA . -23.72 -6.13 42.84
O4 NAG PA . -20.98 -5.02 43.20
O5 NAG PA . -21.08 -6.20 39.75
O6 NAG PA . -18.84 -6.12 42.50
O7 NAG PA . -25.64 -6.47 38.87
C1 NAG QA . -30.09 -31.73 51.45
C2 NAG QA . -31.58 -31.55 51.73
C3 NAG QA . -31.89 -31.92 53.18
C4 NAG QA . -31.37 -33.31 53.49
C5 NAG QA . -29.88 -33.41 53.13
C6 NAG QA . -29.32 -34.79 53.33
C7 NAG QA . -33.18 -29.90 50.90
C8 NAG QA . -33.47 -28.44 50.67
N2 NAG QA . -32.00 -30.19 51.45
O3 NAG QA . -33.30 -31.87 53.39
O4 NAG QA . -31.53 -33.59 54.88
O5 NAG QA . -29.70 -33.07 51.75
O6 NAG QA . -28.12 -34.75 54.09
O7 NAG QA . -33.99 -30.77 50.59
C1 NAG RA . -43.33 -20.77 35.72
C2 NAG RA . -43.92 -19.39 35.44
C3 NAG RA . -44.58 -18.85 36.69
C4 NAG RA . -45.64 -19.83 37.16
C5 NAG RA . -45.01 -21.18 37.42
C6 NAG RA . -46.02 -22.25 37.77
C7 NAG RA . -42.75 -18.12 33.70
C8 NAG RA . -41.64 -17.17 33.39
N2 NAG RA . -42.90 -18.47 34.98
O3 NAG RA . -45.18 -17.59 36.39
O4 NAG RA . -46.23 -19.36 38.37
O5 NAG RA . -44.35 -21.64 36.23
O6 NAG RA . -46.67 -22.72 36.60
O7 NAG RA . -43.48 -18.58 32.82
C1 NAG SA . -50.50 -7.90 14.48
C2 NAG SA . -49.57 -6.72 14.77
C3 NAG SA . -50.22 -5.42 14.34
C4 NAG SA . -50.59 -5.49 12.87
C5 NAG SA . -51.50 -6.69 12.63
C6 NAG SA . -51.82 -6.90 11.17
C7 NAG SA . -47.97 -7.01 16.59
C8 NAG SA . -47.74 -6.92 18.07
N2 NAG SA . -49.19 -6.68 16.17
O3 NAG SA . -49.30 -4.35 14.55
O4 NAG SA . -51.25 -4.30 12.48
O5 NAG SA . -50.88 -7.90 13.09
O6 NAG SA . -51.37 -5.79 10.39
O7 NAG SA . -47.09 -7.38 15.82
C1 NAG TA . -18.40 -44.84 45.66
C2 NAG TA . -18.25 -43.43 45.09
C3 NAG TA . -17.23 -42.61 45.90
C4 NAG TA . -17.49 -42.72 47.39
C5 NAG TA . -17.61 -44.18 47.79
C6 NAG TA . -17.91 -44.37 49.25
C7 NAG TA . -18.74 -43.27 42.69
C8 NAG TA . -20.15 -42.98 43.10
N2 NAG TA . -17.88 -43.48 43.68
O3 NAG TA . -17.28 -41.25 45.49
O4 NAG TA . -16.42 -42.12 48.11
O5 NAG TA . -18.69 -44.77 47.06
O6 NAG TA . -16.84 -43.91 50.07
O7 NAG TA . -18.40 -43.32 41.51
C1 NAG UA . -26.83 -49.12 52.31
C2 NAG UA . -26.57 -50.63 52.44
C3 NAG UA . -26.25 -51.02 53.89
C4 NAG UA . -25.20 -50.08 54.50
C5 NAG UA . -25.63 -48.64 54.29
C6 NAG UA . -24.59 -47.65 54.80
C7 NAG UA . -27.69 -52.07 50.80
C8 NAG UA . -26.40 -52.04 50.03
N2 NAG UA . -27.70 -51.38 51.95
O3 NAG UA . -25.77 -52.35 53.92
O4 NAG UA . -25.06 -50.35 55.88
O5 NAG UA . -25.76 -48.39 52.89
O6 NAG UA . -23.28 -48.12 54.59
O7 NAG UA . -28.66 -52.71 50.42
C1 NAG VA . 6.32 11.23 -59.01
C2 NAG VA . 7.34 12.03 -59.79
C3 NAG VA . 7.18 13.50 -59.44
C4 NAG VA . 5.74 13.95 -59.64
C5 NAG VA . 4.74 12.98 -58.99
C6 NAG VA . 3.31 13.26 -59.40
C7 NAG VA . 9.78 12.05 -60.11
C8 NAG VA . 11.09 11.51 -59.63
N2 NAG VA . 8.69 11.59 -59.47
O3 NAG VA . 8.03 14.30 -60.24
O4 NAG VA . 5.55 15.25 -59.07
O5 NAG VA . 5.04 11.64 -59.39
O6 NAG VA . 3.16 13.18 -60.81
O7 NAG VA . 9.71 12.86 -61.03
C1 NAG WA . 13.83 -17.69 -54.40
C2 NAG WA . 12.46 -17.62 -55.09
C3 NAG WA . 12.24 -18.82 -56.02
C4 NAG WA . 13.45 -19.05 -56.93
C5 NAG WA . 14.71 -19.11 -56.08
C6 NAG WA . 15.97 -19.25 -56.90
C7 NAG WA . 10.71 -16.43 -53.84
C8 NAG WA . 11.11 -15.21 -54.60
N2 NAG WA . 11.39 -17.56 -54.11
O3 NAG WA . 11.09 -18.58 -56.83
O4 NAG WA . 13.30 -20.26 -57.65
O5 NAG WA . 14.84 -17.89 -55.37
O6 NAG WA . 15.81 -20.18 -57.97
O7 NAG WA . 9.82 -16.41 -53.00
C1 NAG XA . 35.46 7.89 -54.31
C2 NAG XA . 34.99 7.17 -55.57
C3 NAG XA . 35.98 7.44 -56.70
C4 NAG XA . 36.22 8.93 -56.87
C5 NAG XA . 36.62 9.55 -55.54
C6 NAG XA . 36.78 11.06 -55.62
C7 NAG XA . 33.84 5.00 -55.76
C8 NAG XA . 32.78 5.73 -56.52
N2 NAG XA . 34.86 5.74 -55.33
O3 NAG XA . 35.47 6.89 -57.92
O4 NAG XA . 37.30 9.12 -57.78
O5 NAG XA . 35.60 9.29 -54.58
O6 NAG XA . 35.54 11.69 -55.93
O7 NAG XA . 33.77 3.80 -55.54
C1 NAG YA . 26.43 0.07 -62.17
C2 NAG YA . 26.24 0.90 -63.42
C3 NAG YA . 27.04 0.30 -64.57
C4 NAG YA . 28.49 0.11 -64.17
C5 NAG YA . 28.59 -0.66 -62.85
C6 NAG YA . 30.00 -0.75 -62.32
C7 NAG YA . 24.26 2.10 -64.24
C8 NAG YA . 22.79 2.01 -64.54
N2 NAG YA . 24.83 0.99 -63.77
O3 NAG YA . 26.95 1.16 -65.71
O4 NAG YA . 29.19 -0.61 -65.18
O5 NAG YA . 27.81 0.00 -61.85
O6 NAG YA . 30.03 -1.30 -61.02
O7 NAG YA . 24.89 3.14 -64.39
C1 NAG ZA . 17.09 46.13 -40.21
C2 NAG ZA . 16.86 47.59 -40.55
C3 NAG ZA . 16.30 47.69 -41.96
C4 NAG ZA . 17.23 47.02 -42.95
C5 NAG ZA . 17.63 45.61 -42.50
C6 NAG ZA . 18.79 45.04 -43.29
C7 NAG ZA . 14.70 47.92 -39.38
C8 NAG ZA . 13.98 48.73 -38.35
N2 NAG ZA . 16.00 48.24 -39.59
O3 NAG ZA . 16.12 49.06 -42.29
O4 NAG ZA . 16.62 46.95 -44.23
O5 NAG ZA . 18.03 45.57 -41.11
O6 NAG ZA . 20.00 45.13 -42.55
O7 NAG ZA . 14.15 47.02 -40.00
C1 NAG AB . -35.68 5.53 -29.06
C2 NAG AB . -36.74 6.60 -28.91
C3 NAG AB . -38.10 6.09 -29.40
C4 NAG AB . -37.97 5.57 -30.83
C5 NAG AB . -36.84 4.54 -30.90
C6 NAG AB . -36.59 4.05 -32.30
C7 NAG AB . -36.15 8.09 -27.05
C8 NAG AB . -36.35 8.41 -25.60
N2 NAG AB . -36.84 7.05 -27.52
O3 NAG AB . -39.04 7.15 -29.36
O4 NAG AB . -39.19 4.97 -31.23
O5 NAG AB . -35.61 5.12 -30.43
O6 NAG AB . -37.78 4.06 -33.07
O7 NAG AB . -35.39 8.74 -27.76
C1 NAG BB . -16.87 33.10 -36.21
C2 NAG BB . -16.10 32.35 -37.29
C3 NAG BB . -15.96 33.26 -38.50
C4 NAG BB . -17.33 33.65 -39.01
C5 NAG BB . -18.16 34.30 -37.91
C6 NAG BB . -19.61 34.50 -38.30
C7 NAG BB . -14.40 30.67 -36.78
C8 NAG BB . -13.02 30.42 -36.25
N2 NAG BB . -14.80 31.94 -36.80
O3 NAG BB . -15.23 32.57 -39.52
O4 NAG BB . -17.20 34.56 -40.09
O5 NAG BB . -18.17 33.49 -36.72
O6 NAG BB . -20.15 33.32 -38.90
O7 NAG BB . -15.12 29.76 -37.18
C1 NAG CB . -36.45 22.69 -16.39
C2 NAG CB . -37.03 21.65 -17.34
C3 NAG CB . -37.70 20.54 -16.54
C4 NAG CB . -36.71 19.94 -15.56
C5 NAG CB . -36.10 21.04 -14.68
C6 NAG CB . -34.98 20.53 -13.79
C7 NAG CB . -39.09 22.90 -17.93
C8 NAG CB . -39.91 23.43 -19.06
N2 NAG CB . -37.96 22.25 -18.28
O3 NAG CB . -38.18 19.54 -17.42
O4 NAG CB . -37.35 18.99 -14.72
O5 NAG CB . -35.52 22.07 -15.49
O6 NAG CB . -33.73 21.03 -14.23
O7 NAG CB . -39.43 23.04 -16.76
C1 NAG DB . -1.15 -55.36 -4.71
C2 NAG DB . 0.30 -55.23 -5.06
C3 NAG DB . 0.71 -56.39 -5.96
C4 NAG DB . 0.33 -57.72 -5.31
C5 NAG DB . -1.12 -57.69 -4.81
C6 NAG DB . -1.47 -58.89 -3.94
C7 NAG DB . 1.63 -53.20 -5.40
C8 NAG DB . 1.76 -51.92 -6.17
N2 NAG DB . 0.58 -53.97 -5.71
O3 NAG DB . 2.11 -56.34 -6.18
O4 NAG DB . 0.49 -58.78 -6.24
O5 NAG DB . -1.35 -56.53 -4.00
O6 NAG DB . -2.21 -58.50 -2.80
O7 NAG DB . 2.45 -53.52 -4.54
C1 NAG EB . -37.44 -20.16 -31.57
C2 NAG EB . -38.27 -20.99 -30.60
C3 NAG EB . -39.39 -21.74 -31.33
C4 NAG EB . -40.20 -20.80 -32.21
C5 NAG EB . -39.27 -20.02 -33.14
C6 NAG EB . -39.99 -18.98 -33.96
C7 NAG EB . -36.67 -21.60 -28.85
C8 NAG EB . -35.85 -22.71 -28.23
N2 NAG EB . -37.42 -21.93 -29.89
O3 NAG EB . -40.25 -22.36 -30.37
O4 NAG EB . -41.12 -21.54 -33.00
O5 NAG EB . -38.31 -19.31 -32.34
O6 NAG EB . -40.28 -17.82 -33.19
O7 NAG EB . -36.62 -20.45 -28.41
C1 NAG FB . -37.06 -23.22 -12.78
C2 NAG FB . -38.08 -24.18 -13.50
C3 NAG FB . -39.41 -23.56 -14.00
C4 NAG FB . -39.88 -22.31 -13.26
C5 NAG FB . -38.75 -21.40 -12.86
C6 NAG FB . -39.21 -20.27 -11.96
C7 NAG FB . -36.67 -25.99 -14.38
C8 NAG FB . -36.07 -26.61 -15.60
N2 NAG FB . -37.42 -24.90 -14.58
O3 NAG FB . -40.43 -24.55 -13.93
O4 NAG FB . -40.79 -21.59 -14.10
O5 NAG FB . -37.74 -22.10 -12.15
O6 NAG FB . -40.58 -19.98 -12.19
O7 NAG FB . -36.49 -26.45 -13.25
C1 NAG GB . -54.33 -39.69 4.71
C2 NAG GB . -54.40 -41.02 3.97
C3 NAG GB . -55.86 -41.45 3.81
C4 NAG GB . -56.55 -41.45 5.17
C5 NAG GB . -56.37 -40.10 5.85
C6 NAG GB . -56.95 -40.07 7.25
C7 NAG GB . -53.04 -41.93 2.14
C8 NAG GB . -52.44 -41.67 0.80
N2 NAG GB . -53.76 -40.93 2.66
O3 NAG GB . -55.91 -42.75 3.23
O4 NAG GB . -57.93 -41.72 5.00
O5 NAG GB . -54.98 -39.81 5.97
O6 NAG GB . -57.79 -38.94 7.43
O7 NAG GB . -52.88 -42.99 2.73
C1 NAG HB . -35.17 -48.05 -5.59
C2 NAG HB . -34.51 -48.10 -6.96
C3 NAG HB . -35.52 -48.54 -8.01
C4 NAG HB . -36.11 -49.88 -7.61
C5 NAG HB . -36.75 -49.78 -6.24
C6 NAG HB . -37.24 -51.11 -5.71
C7 NAG HB . -32.63 -46.55 -7.24
C8 NAG HB . -32.21 -45.17 -7.65
N2 NAG HB . -33.94 -46.81 -7.32
O3 NAG HB . -34.87 -48.65 -9.27
O4 NAG HB . -37.10 -50.27 -8.56
O5 NAG HB . -35.78 -49.31 -5.29
O6 NAG HB . -36.16 -51.87 -5.21
O7 NAG HB . -31.82 -47.39 -6.86
C1 NAG IB . -10.84 -50.03 -14.09
C2 NAG IB . -10.93 -48.74 -14.92
C3 NAG IB . -10.13 -48.88 -16.20
C4 NAG IB . -8.70 -49.23 -15.87
C5 NAG IB . -8.66 -50.51 -15.04
C6 NAG IB . -7.27 -50.88 -14.59
C7 NAG IB . -12.92 -47.36 -14.58
C8 NAG IB . -14.34 -47.12 -14.97
N2 NAG IB . -12.30 -48.37 -15.19
O3 NAG IB . -10.16 -47.64 -16.91
O4 NAG IB . -7.95 -49.42 -17.07
O5 NAG IB . -9.46 -50.37 -13.86
O6 NAG IB . -6.29 -50.06 -15.22
O7 NAG IB . -12.34 -46.66 -13.75
C1 NAG JB . -53.08 -33.43 22.07
C2 NAG JB . -52.20 -32.77 20.99
C3 NAG JB . -52.87 -31.53 20.40
C4 NAG JB . -54.32 -31.81 20.01
C5 NAG JB . -55.05 -32.45 21.18
C6 NAG JB . -56.49 -32.81 20.87
C7 NAG JB . -49.80 -33.15 21.32
C8 NAG JB . -49.98 -34.36 20.45
N2 NAG JB . -50.89 -32.43 21.54
O3 NAG JB . -52.15 -31.09 19.25
O4 NAG JB . -54.98 -30.61 19.66
O5 NAG JB . -54.39 -33.67 21.54
O6 NAG JB . -57.26 -31.65 20.60
O7 NAG JB . -48.71 -32.84 21.77
C1 NAG KB . -59.70 -42.84 21.29
C2 NAG KB . -60.22 -43.15 22.70
C3 NAG KB . -61.73 -43.00 22.78
C4 NAG KB . -62.21 -41.69 22.14
C5 NAG KB . -61.62 -41.57 20.75
C6 NAG KB . -61.97 -40.26 20.07
C7 NAG KB . -58.88 -44.70 24.06
C8 NAG KB . -58.25 -43.47 24.67
N2 NAG KB . -59.81 -44.47 23.13
O3 NAG KB . -62.14 -43.03 24.15
O4 NAG KB . -63.62 -41.66 22.07
O5 NAG KB . -60.19 -41.60 20.85
O6 NAG KB . -62.01 -39.19 21.01
O7 NAG KB . -58.56 -45.82 24.40
#